data_2EDI
#
_entry.id   2EDI
#
_entity_poly.entity_id   1
_entity_poly.type   'polypeptide(L)'
_entity_poly.pdbx_seq_one_letter_code
;GSSGSSGSTRRVSVRDKLLVKEVAELEANLPCTCKVHFPDPNKLHCFQLTVTPDEGYYQGGKFQFETEVPDAYNMVPPKV
KCLTKIWHPNITETGEICLSLLREHSIDGTGWAPTRTLKDVVWGLNSLFTDLLNFDDPLNIEAAEHHLRDKEDFRNKVDD
YIKRYARSGPSSG
;
_entity_poly.pdbx_strand_id   A
#
# COMPACT_ATOMS: atom_id res chain seq x y z
N GLY A 1 -24.29 19.80 -6.12
CA GLY A 1 -24.95 19.86 -4.83
C GLY A 1 -25.07 18.49 -4.17
N SER A 2 -26.29 17.99 -4.07
CA SER A 2 -26.53 16.68 -3.45
C SER A 2 -26.88 15.64 -4.51
N SER A 3 -26.22 14.49 -4.43
CA SER A 3 -26.45 13.41 -5.38
C SER A 3 -26.56 12.06 -4.66
N GLY A 4 -27.67 11.38 -4.87
CA GLY A 4 -27.88 10.09 -4.24
C GLY A 4 -29.21 9.46 -4.61
N SER A 5 -29.30 8.14 -4.48
CA SER A 5 -30.52 7.42 -4.81
C SER A 5 -30.73 7.37 -6.32
N SER A 6 -29.68 7.03 -7.06
CA SER A 6 -29.75 6.96 -8.51
C SER A 6 -28.47 6.37 -9.09
N GLY A 7 -28.60 5.67 -10.22
CA GLY A 7 -27.44 5.05 -10.85
C GLY A 7 -26.38 6.08 -11.22
N SER A 8 -25.12 5.67 -11.12
CA SER A 8 -24.01 6.56 -11.44
C SER A 8 -23.12 5.93 -12.52
N THR A 9 -23.41 6.25 -13.78
CA THR A 9 -22.64 5.72 -14.90
C THR A 9 -22.22 6.84 -15.85
N ARG A 10 -21.13 7.52 -15.50
CA ARG A 10 -20.63 8.62 -16.33
C ARG A 10 -19.13 8.46 -16.60
N ARG A 11 -18.78 8.24 -17.86
CA ARG A 11 -17.38 8.07 -18.24
C ARG A 11 -16.47 8.95 -17.39
N VAL A 12 -15.32 8.40 -17.01
CA VAL A 12 -14.36 9.14 -16.19
C VAL A 12 -14.23 10.58 -16.65
N SER A 13 -14.17 11.51 -15.69
CA SER A 13 -14.06 12.92 -15.99
C SER A 13 -12.97 13.57 -15.13
N VAL A 14 -13.28 13.78 -13.86
CA VAL A 14 -12.34 14.39 -12.93
C VAL A 14 -11.20 13.43 -12.59
N ARG A 15 -11.56 12.20 -12.25
CA ARG A 15 -10.58 11.18 -11.90
C ARG A 15 -9.41 11.18 -12.89
N ASP A 16 -9.73 10.95 -14.15
CA ASP A 16 -8.71 10.92 -15.20
C ASP A 16 -7.67 12.02 -14.98
N LYS A 17 -8.11 13.27 -15.06
CA LYS A 17 -7.22 14.41 -14.87
C LYS A 17 -6.61 14.39 -13.47
N LEU A 18 -7.36 13.87 -12.51
CA LEU A 18 -6.90 13.79 -11.13
C LEU A 18 -5.74 12.79 -11.00
N LEU A 19 -5.74 11.78 -11.86
CA LEU A 19 -4.69 10.77 -11.85
C LEU A 19 -3.44 11.27 -12.57
N VAL A 20 -3.56 11.42 -13.89
CA VAL A 20 -2.44 11.89 -14.70
C VAL A 20 -1.68 13.00 -13.98
N LYS A 21 -2.42 13.92 -13.35
CA LYS A 21 -1.81 15.02 -12.64
C LYS A 21 -1.08 14.54 -11.39
N GLU A 22 -1.75 13.72 -10.59
CA GLU A 22 -1.16 13.19 -9.37
C GLU A 22 -0.10 12.14 -9.70
N VAL A 23 -0.51 11.04 -10.32
CA VAL A 23 0.40 9.98 -10.68
C VAL A 23 1.75 10.53 -11.11
N ALA A 24 1.74 11.64 -11.84
CA ALA A 24 2.96 12.28 -12.29
C ALA A 24 3.80 12.77 -11.12
N GLU A 25 3.28 13.74 -10.39
CA GLU A 25 3.98 14.30 -9.24
C GLU A 25 4.36 13.20 -8.25
N LEU A 26 3.60 12.12 -8.25
CA LEU A 26 3.86 11.00 -7.36
C LEU A 26 5.19 10.32 -7.70
N GLU A 27 5.39 10.05 -8.99
CA GLU A 27 6.62 9.41 -9.44
C GLU A 27 7.82 10.30 -9.19
N ALA A 28 7.56 11.58 -8.91
CA ALA A 28 8.62 12.54 -8.65
C ALA A 28 8.80 12.78 -7.16
N ASN A 29 7.71 12.62 -6.42
CA ASN A 29 7.74 12.82 -4.97
C ASN A 29 8.07 11.52 -4.25
N LEU A 30 7.82 10.40 -4.92
CA LEU A 30 8.10 9.08 -4.35
C LEU A 30 9.50 9.02 -3.77
N PRO A 31 9.63 8.38 -2.59
CA PRO A 31 10.92 8.23 -1.91
C PRO A 31 11.86 7.29 -2.65
N CYS A 32 13.05 7.11 -2.10
CA CYS A 32 14.05 6.24 -2.70
C CYS A 32 13.88 4.80 -2.22
N THR A 33 12.71 4.49 -1.69
CA THR A 33 12.42 3.16 -1.19
C THR A 33 11.27 2.52 -1.97
N CYS A 34 10.45 3.36 -2.60
CA CYS A 34 9.31 2.87 -3.37
C CYS A 34 9.53 3.10 -4.86
N LYS A 35 8.92 2.27 -5.69
CA LYS A 35 9.05 2.38 -7.14
C LYS A 35 7.73 2.06 -7.82
N VAL A 36 7.21 3.02 -8.59
CA VAL A 36 5.96 2.84 -9.32
C VAL A 36 6.20 2.63 -10.80
N HIS A 37 5.36 1.82 -11.43
CA HIS A 37 5.48 1.54 -12.85
C HIS A 37 4.12 1.21 -13.46
N PHE A 38 3.77 1.89 -14.54
CA PHE A 38 2.50 1.67 -15.22
C PHE A 38 2.70 0.85 -16.49
N PRO A 39 2.05 -0.32 -16.55
CA PRO A 39 2.13 -1.23 -17.70
C PRO A 39 1.42 -0.66 -18.93
N ASP A 40 0.27 -0.05 -18.69
CA ASP A 40 -0.51 0.53 -19.78
C ASP A 40 -1.06 1.90 -19.39
N PRO A 41 -0.87 2.90 -20.27
CA PRO A 41 -1.34 4.26 -20.03
C PRO A 41 -2.86 4.38 -20.09
N ASN A 42 -3.48 3.64 -21.01
CA ASN A 42 -4.92 3.66 -21.16
C ASN A 42 -5.61 3.58 -19.80
N LYS A 43 -5.06 2.77 -18.91
CA LYS A 43 -5.62 2.60 -17.58
C LYS A 43 -4.66 3.13 -16.52
N LEU A 44 -5.04 4.24 -15.89
CA LEU A 44 -4.21 4.86 -14.86
C LEU A 44 -4.66 4.40 -13.47
N HIS A 45 -5.97 4.36 -13.26
CA HIS A 45 -6.53 3.95 -11.98
C HIS A 45 -5.79 2.73 -11.43
N CYS A 46 -5.68 1.69 -12.24
CA CYS A 46 -5.00 0.48 -11.84
C CYS A 46 -3.53 0.50 -12.27
N PHE A 47 -2.63 0.37 -11.30
CA PHE A 47 -1.20 0.37 -11.57
C PHE A 47 -0.44 -0.53 -10.60
N GLN A 48 0.85 -0.67 -10.81
CA GLN A 48 1.68 -1.51 -9.96
C GLN A 48 2.59 -0.65 -9.08
N LEU A 49 2.54 -0.88 -7.77
CA LEU A 49 3.37 -0.13 -6.83
C LEU A 49 4.36 -1.05 -6.13
N THR A 50 5.58 -0.55 -5.95
CA THR A 50 6.63 -1.33 -5.29
C THR A 50 7.13 -0.61 -4.04
N VAL A 51 7.44 -1.39 -3.01
CA VAL A 51 7.95 -0.83 -1.76
C VAL A 51 9.01 -1.74 -1.14
N THR A 52 10.24 -1.23 -1.08
CA THR A 52 11.35 -1.99 -0.52
C THR A 52 12.10 -1.18 0.53
N PRO A 53 11.74 -1.38 1.81
CA PRO A 53 12.36 -0.68 2.93
C PRO A 53 13.81 -1.12 3.16
N ASP A 54 14.68 -0.15 3.42
CA ASP A 54 16.09 -0.44 3.66
C ASP A 54 16.41 -0.39 5.15
N GLU A 55 15.37 -0.57 5.98
CA GLU A 55 15.54 -0.56 7.42
C GLU A 55 14.57 -1.52 8.09
N GLY A 56 14.81 -1.79 9.37
CA GLY A 56 13.95 -2.70 10.11
C GLY A 56 14.23 -4.15 9.81
N TYR A 57 13.19 -4.97 9.80
CA TYR A 57 13.34 -6.40 9.51
C TYR A 57 13.38 -6.66 8.01
N TYR A 58 12.55 -5.94 7.27
CA TYR A 58 12.49 -6.11 5.83
C TYR A 58 13.50 -5.19 5.14
N GLN A 59 14.66 -5.03 5.76
CA GLN A 59 15.72 -4.19 5.21
C GLN A 59 15.96 -4.50 3.73
N GLY A 60 15.66 -5.75 3.35
CA GLY A 60 15.86 -6.15 1.96
C GLY A 60 14.72 -7.04 1.46
N GLY A 61 13.49 -6.59 1.66
CA GLY A 61 12.34 -7.37 1.21
C GLY A 61 11.51 -6.63 0.19
N LYS A 62 11.55 -7.11 -1.05
CA LYS A 62 10.80 -6.49 -2.14
C LYS A 62 9.35 -6.97 -2.13
N PHE A 63 8.42 -6.04 -2.31
CA PHE A 63 7.00 -6.37 -2.33
C PHE A 63 6.25 -5.47 -3.30
N GLN A 64 5.15 -5.99 -3.84
CA GLN A 64 4.33 -5.24 -4.79
C GLN A 64 2.94 -4.97 -4.21
N PHE A 65 2.30 -3.92 -4.71
CA PHE A 65 0.97 -3.55 -4.25
C PHE A 65 0.12 -3.02 -5.41
N GLU A 66 -1.09 -3.54 -5.54
CA GLU A 66 -1.99 -3.12 -6.60
C GLU A 66 -3.04 -2.14 -6.07
N THR A 67 -3.00 -0.91 -6.58
CA THR A 67 -3.94 0.12 -6.16
C THR A 67 -5.04 0.33 -7.21
N GLU A 68 -6.27 0.45 -6.75
CA GLU A 68 -7.40 0.66 -7.65
C GLU A 68 -8.12 1.97 -7.33
N VAL A 69 -8.36 2.78 -8.35
CA VAL A 69 -9.04 4.06 -8.18
C VAL A 69 -10.41 4.04 -8.82
N PRO A 70 -11.46 4.03 -7.97
CA PRO A 70 -12.85 4.01 -8.44
C PRO A 70 -13.26 5.33 -9.09
N ASP A 71 -14.52 5.41 -9.51
CA ASP A 71 -15.04 6.61 -10.15
C ASP A 71 -15.13 7.77 -9.16
N ALA A 72 -15.62 7.46 -7.96
CA ALA A 72 -15.77 8.47 -6.92
C ALA A 72 -14.50 9.31 -6.79
N TYR A 73 -13.35 8.64 -6.71
CA TYR A 73 -12.07 9.32 -6.59
C TYR A 73 -12.11 10.68 -7.29
N ASN A 74 -11.52 11.68 -6.66
CA ASN A 74 -10.87 11.49 -5.35
C ASN A 74 -11.91 11.48 -4.24
N MET A 75 -13.18 11.32 -4.61
CA MET A 75 -14.26 11.29 -3.64
C MET A 75 -14.06 10.15 -2.64
N VAL A 76 -13.58 9.01 -3.14
CA VAL A 76 -13.34 7.85 -2.30
C VAL A 76 -11.92 7.32 -2.47
N PRO A 77 -11.39 6.70 -1.40
CA PRO A 77 -10.03 6.14 -1.40
C PRO A 77 -9.92 4.92 -2.30
N PRO A 78 -8.79 4.81 -3.01
CA PRO A 78 -8.53 3.69 -3.92
C PRO A 78 -8.29 2.38 -3.17
N LYS A 79 -8.81 1.28 -3.72
CA LYS A 79 -8.65 -0.02 -3.10
C LYS A 79 -7.28 -0.61 -3.41
N VAL A 80 -6.50 -0.85 -2.35
CA VAL A 80 -5.16 -1.42 -2.51
C VAL A 80 -5.06 -2.79 -1.87
N LYS A 81 -4.46 -3.72 -2.59
CA LYS A 81 -4.30 -5.09 -2.10
C LYS A 81 -2.90 -5.61 -2.39
N CYS A 82 -2.31 -6.31 -1.41
CA CYS A 82 -0.97 -6.86 -1.56
C CYS A 82 -0.99 -8.09 -2.47
N LEU A 83 -0.04 -8.14 -3.40
CA LEU A 83 0.05 -9.27 -4.32
C LEU A 83 1.04 -10.32 -3.82
N THR A 84 2.20 -9.86 -3.37
CA THR A 84 3.23 -10.75 -2.86
C THR A 84 2.87 -11.28 -1.48
N LYS A 85 3.55 -12.34 -1.06
CA LYS A 85 3.30 -12.94 0.25
C LYS A 85 4.32 -12.45 1.28
N ILE A 86 3.82 -11.98 2.42
CA ILE A 86 4.68 -11.49 3.48
C ILE A 86 4.16 -11.92 4.85
N TRP A 87 5.08 -12.12 5.79
CA TRP A 87 4.71 -12.52 7.14
C TRP A 87 4.33 -11.32 7.99
N HIS A 88 3.84 -10.26 7.34
CA HIS A 88 3.45 -9.05 8.04
C HIS A 88 2.10 -9.23 8.72
N PRO A 89 1.98 -8.69 9.94
CA PRO A 89 0.74 -8.78 10.73
C PRO A 89 -0.39 -7.94 10.14
N ASN A 90 -0.02 -6.82 9.52
CA ASN A 90 -1.00 -5.93 8.92
C ASN A 90 -1.39 -6.42 7.52
N ILE A 91 -0.40 -6.91 6.78
CA ILE A 91 -0.64 -7.40 5.42
C ILE A 91 -0.64 -8.93 5.40
N THR A 92 -1.84 -9.52 5.42
CA THR A 92 -1.97 -10.96 5.39
C THR A 92 -1.10 -11.58 4.32
N GLU A 93 -1.01 -12.91 4.31
CA GLU A 93 -0.20 -13.63 3.33
C GLU A 93 -0.89 -13.65 1.97
N THR A 94 -2.22 -13.61 1.98
CA THR A 94 -2.99 -13.62 0.75
C THR A 94 -2.82 -12.33 -0.03
N GLY A 95 -3.31 -11.23 0.53
CA GLY A 95 -3.19 -9.94 -0.13
C GLY A 95 -4.18 -8.93 0.41
N GLU A 96 -4.19 -8.75 1.73
CA GLU A 96 -5.11 -7.81 2.36
C GLU A 96 -4.34 -6.69 3.06
N ILE A 97 -4.89 -5.48 3.02
CA ILE A 97 -4.25 -4.33 3.65
C ILE A 97 -5.13 -3.75 4.76
N CYS A 98 -4.49 -3.12 5.75
CA CYS A 98 -5.21 -2.53 6.87
C CYS A 98 -4.79 -1.08 7.08
N LEU A 99 -5.21 -0.20 6.17
CA LEU A 99 -4.87 1.21 6.26
C LEU A 99 -6.09 2.04 6.67
N SER A 100 -5.88 2.97 7.59
CA SER A 100 -6.96 3.83 8.06
C SER A 100 -7.37 4.84 7.00
N LEU A 101 -6.39 5.57 6.48
CA LEU A 101 -6.63 6.58 5.46
C LEU A 101 -7.45 5.99 4.31
N LEU A 102 -7.31 4.69 4.10
CA LEU A 102 -8.04 4.00 3.03
C LEU A 102 -9.40 3.51 3.54
N ARG A 103 -9.93 4.18 4.54
CA ARG A 103 -11.22 3.81 5.11
C ARG A 103 -12.27 4.87 4.79
N GLU A 104 -13.41 4.42 4.27
CA GLU A 104 -14.51 5.33 3.92
C GLU A 104 -15.24 5.80 5.17
N HIS A 105 -15.46 7.11 5.26
CA HIS A 105 -16.15 7.69 6.39
C HIS A 105 -15.80 6.95 7.69
N SER A 106 -14.53 6.59 7.83
CA SER A 106 -14.07 5.87 9.00
C SER A 106 -14.82 6.32 10.25
N ILE A 107 -15.79 5.52 10.68
CA ILE A 107 -16.57 5.83 11.86
C ILE A 107 -15.69 6.32 13.01
N ASP A 108 -14.43 5.87 13.01
CA ASP A 108 -13.49 6.27 14.05
C ASP A 108 -13.14 7.74 13.93
N GLY A 109 -12.69 8.15 12.76
CA GLY A 109 -12.32 9.54 12.54
C GLY A 109 -11.29 9.71 11.43
N THR A 110 -10.15 9.04 11.59
CA THR A 110 -9.08 9.12 10.60
C THR A 110 -9.36 8.21 9.42
N GLY A 111 -9.87 8.80 8.34
CA GLY A 111 -10.17 8.03 7.15
C GLY A 111 -9.64 8.67 5.88
N TRP A 112 -10.46 8.69 4.83
CA TRP A 112 -10.05 9.27 3.56
C TRP A 112 -10.65 10.67 3.40
N ALA A 113 -10.17 11.40 2.40
CA ALA A 113 -10.66 12.74 2.12
C ALA A 113 -10.11 13.28 0.81
N PRO A 114 -10.81 14.24 0.22
CA PRO A 114 -10.42 14.86 -1.05
C PRO A 114 -9.18 15.73 -0.90
N THR A 115 -8.64 15.79 0.31
CA THR A 115 -7.46 16.60 0.60
C THR A 115 -6.18 15.83 0.23
N ARG A 116 -6.16 14.55 0.54
CA ARG A 116 -5.00 13.71 0.26
C ARG A 116 -5.05 13.19 -1.17
N THR A 117 -4.09 12.34 -1.52
CA THR A 117 -4.02 11.77 -2.87
C THR A 117 -3.21 10.48 -2.88
N LEU A 118 -3.12 9.85 -4.04
CA LEU A 118 -2.38 8.62 -4.19
C LEU A 118 -0.95 8.78 -3.69
N LYS A 119 -0.53 10.02 -3.51
CA LYS A 119 0.82 10.32 -3.03
C LYS A 119 0.94 10.04 -1.53
N ASP A 120 -0.12 10.36 -0.79
CA ASP A 120 -0.14 10.15 0.65
C ASP A 120 -0.50 8.71 0.99
N VAL A 121 -1.36 8.11 0.16
CA VAL A 121 -1.79 6.73 0.37
C VAL A 121 -0.62 5.77 0.21
N VAL A 122 0.38 6.17 -0.56
CA VAL A 122 1.55 5.34 -0.79
C VAL A 122 2.59 5.53 0.33
N TRP A 123 2.74 6.77 0.78
CA TRP A 123 3.69 7.08 1.84
C TRP A 123 3.44 6.19 3.07
N GLY A 124 2.17 5.88 3.32
CA GLY A 124 1.84 5.04 4.45
C GLY A 124 2.19 3.59 4.23
N LEU A 125 1.85 3.07 3.07
CA LEU A 125 2.13 1.68 2.73
C LEU A 125 3.62 1.38 2.88
N ASN A 126 4.44 2.42 2.85
CA ASN A 126 5.88 2.27 2.99
C ASN A 126 6.29 2.25 4.45
N SER A 127 5.51 2.92 5.30
CA SER A 127 5.79 2.97 6.72
C SER A 127 5.24 1.74 7.43
N LEU A 128 4.44 0.96 6.72
CA LEU A 128 3.84 -0.25 7.27
C LEU A 128 4.91 -1.19 7.82
N PHE A 129 6.16 -0.94 7.42
CA PHE A 129 7.28 -1.77 7.86
C PHE A 129 8.36 -0.91 8.51
N THR A 130 7.97 0.29 8.95
CA THR A 130 8.90 1.20 9.59
C THR A 130 8.35 1.70 10.93
N ASP A 131 7.25 2.43 10.88
CA ASP A 131 6.62 2.95 12.08
C ASP A 131 5.24 2.34 12.29
N LEU A 132 4.31 2.66 11.40
CA LEU A 132 2.95 2.14 11.49
C LEU A 132 2.94 0.72 12.06
N LEU A 133 3.98 -0.05 11.72
CA LEU A 133 4.09 -1.42 12.19
C LEU A 133 3.54 -1.55 13.61
N ASN A 134 2.26 -1.92 13.70
CA ASN A 134 1.61 -2.08 15.00
C ASN A 134 1.34 -3.56 15.28
N PHE A 135 1.29 -3.91 16.56
CA PHE A 135 1.03 -5.29 16.97
C PHE A 135 -0.08 -5.35 18.01
N ASP A 136 -1.19 -4.67 17.71
CA ASP A 136 -2.33 -4.66 18.61
C ASP A 136 -3.54 -5.33 17.98
N ASP A 137 -4.10 -4.70 16.96
CA ASP A 137 -5.26 -5.24 16.26
C ASP A 137 -4.95 -5.48 14.79
N PRO A 138 -3.85 -6.21 14.53
CA PRO A 138 -3.42 -6.53 13.17
C PRO A 138 -4.36 -7.51 12.47
N LEU A 139 -4.26 -7.58 11.15
CA LEU A 139 -5.11 -8.48 10.36
C LEU A 139 -4.79 -9.93 10.68
N ASN A 140 -3.50 -10.28 10.63
CA ASN A 140 -3.07 -11.64 10.92
C ASN A 140 -2.59 -11.77 12.35
N ILE A 141 -3.13 -12.75 13.07
CA ILE A 141 -2.75 -12.98 14.46
C ILE A 141 -1.38 -13.63 14.56
N GLU A 142 -1.24 -14.79 13.91
CA GLU A 142 0.03 -15.52 13.93
C GLU A 142 1.21 -14.56 13.92
N ALA A 143 1.32 -13.78 12.85
CA ALA A 143 2.40 -12.81 12.71
C ALA A 143 2.67 -12.09 14.03
N ALA A 144 1.59 -11.75 14.74
CA ALA A 144 1.71 -11.05 16.01
C ALA A 144 2.09 -12.02 17.13
N GLU A 145 1.52 -13.21 17.09
CA GLU A 145 1.80 -14.23 18.10
C GLU A 145 3.27 -14.62 18.07
N HIS A 146 3.86 -14.62 16.89
CA HIS A 146 5.27 -14.98 16.72
C HIS A 146 6.17 -13.91 17.32
N HIS A 147 5.66 -12.68 17.41
CA HIS A 147 6.42 -11.56 17.96
C HIS A 147 6.30 -11.53 19.48
N LEU A 148 5.12 -11.84 19.99
CA LEU A 148 4.88 -11.85 21.42
C LEU A 148 5.70 -12.93 22.11
N ARG A 149 5.67 -14.14 21.57
CA ARG A 149 6.43 -15.26 22.12
C ARG A 149 7.92 -15.02 22.00
N ASP A 150 8.34 -14.47 20.86
CA ASP A 150 9.75 -14.19 20.61
C ASP A 150 9.92 -13.13 19.53
N LYS A 151 10.55 -12.03 19.88
CA LYS A 151 10.77 -10.94 18.93
C LYS A 151 11.87 -11.30 17.94
N GLU A 152 12.80 -12.14 18.37
CA GLU A 152 13.91 -12.57 17.52
C GLU A 152 13.42 -13.51 16.44
N ASP A 153 12.78 -14.60 16.85
CA ASP A 153 12.25 -15.59 15.91
C ASP A 153 11.34 -14.93 14.88
N PHE A 154 10.60 -13.92 15.32
CA PHE A 154 9.68 -13.20 14.44
C PHE A 154 10.43 -12.55 13.28
N ARG A 155 11.49 -11.82 13.60
CA ARG A 155 12.29 -11.15 12.58
C ARG A 155 13.10 -12.16 11.77
N ASN A 156 13.59 -13.19 12.45
CA ASN A 156 14.38 -14.22 11.80
C ASN A 156 13.58 -14.92 10.70
N LYS A 157 12.36 -15.32 11.04
CA LYS A 157 11.49 -15.99 10.09
C LYS A 157 11.26 -15.14 8.85
N VAL A 158 11.08 -13.84 9.06
CA VAL A 158 10.86 -12.91 7.95
C VAL A 158 11.87 -13.14 6.84
N ASP A 159 13.16 -13.06 7.18
CA ASP A 159 14.23 -13.26 6.22
C ASP A 159 13.85 -14.34 5.21
N ASP A 160 13.44 -15.50 5.72
CA ASP A 160 13.06 -16.61 4.87
C ASP A 160 11.82 -16.27 4.03
N TYR A 161 10.75 -15.86 4.72
CA TYR A 161 9.51 -15.50 4.05
C TYR A 161 9.77 -14.54 2.89
N ILE A 162 10.93 -13.90 2.92
CA ILE A 162 11.31 -12.96 1.87
C ILE A 162 11.88 -13.69 0.65
N LYS A 163 13.10 -14.19 0.80
CA LYS A 163 13.76 -14.92 -0.28
C LYS A 163 12.85 -15.99 -0.86
N ARG A 164 11.93 -16.48 -0.04
CA ARG A 164 10.99 -17.51 -0.47
C ARG A 164 10.26 -17.08 -1.73
N TYR A 165 9.47 -16.02 -1.62
CA TYR A 165 8.71 -15.50 -2.76
C TYR A 165 9.00 -14.02 -2.97
N ALA A 166 10.20 -13.61 -2.61
CA ALA A 166 10.60 -12.22 -2.77
C ALA A 166 12.13 -12.07 -2.72
N ARG A 167 12.70 -11.46 -3.75
CA ARG A 167 14.14 -11.26 -3.81
C ARG A 167 14.48 -9.88 -4.36
N SER A 168 15.51 -9.26 -3.80
CA SER A 168 15.93 -7.94 -4.23
C SER A 168 17.16 -8.02 -5.15
N GLY A 169 18.14 -8.82 -4.73
CA GLY A 169 19.34 -8.97 -5.53
C GLY A 169 20.60 -8.76 -4.72
N PRO A 170 21.74 -8.61 -5.42
CA PRO A 170 23.04 -8.40 -4.78
C PRO A 170 23.15 -7.03 -4.11
N SER A 171 23.69 -7.00 -2.89
CA SER A 171 23.84 -5.76 -2.16
C SER A 171 24.79 -5.94 -0.98
N SER A 172 25.62 -4.93 -0.74
CA SER A 172 26.59 -4.98 0.36
C SER A 172 25.92 -5.42 1.65
N GLY A 173 26.40 -6.51 2.23
CA GLY A 173 25.84 -7.01 3.47
C GLY A 173 26.72 -6.74 4.66
N GLY A 1 -9.96 22.67 1.06
CA GLY A 1 -10.00 23.25 2.39
C GLY A 1 -10.99 22.55 3.29
N SER A 2 -12.26 22.93 3.18
CA SER A 2 -13.31 22.35 4.00
C SER A 2 -14.00 21.20 3.26
N SER A 3 -13.65 19.98 3.63
CA SER A 3 -14.23 18.79 3.01
C SER A 3 -15.76 18.81 3.10
N GLY A 4 -16.41 18.04 2.25
CA GLY A 4 -17.86 17.99 2.25
C GLY A 4 -18.49 19.34 1.95
N SER A 5 -18.66 19.64 0.66
CA SER A 5 -19.25 20.91 0.24
C SER A 5 -20.58 20.67 -0.47
N SER A 6 -21.41 19.82 0.10
CA SER A 6 -22.71 19.52 -0.48
C SER A 6 -22.59 19.23 -1.97
N GLY A 7 -21.51 18.54 -2.34
CA GLY A 7 -21.29 18.22 -3.74
C GLY A 7 -20.93 16.75 -3.94
N SER A 8 -21.17 16.25 -5.14
CA SER A 8 -20.87 14.86 -5.46
C SER A 8 -20.67 14.67 -6.96
N THR A 9 -19.44 14.39 -7.36
CA THR A 9 -19.12 14.19 -8.77
C THR A 9 -19.51 12.80 -9.23
N ARG A 10 -18.82 11.79 -8.71
CA ARG A 10 -19.09 10.40 -9.08
C ARG A 10 -18.93 10.18 -10.58
N ARG A 11 -17.84 10.71 -11.13
CA ARG A 11 -17.57 10.58 -12.56
C ARG A 11 -16.07 10.51 -12.81
N VAL A 12 -15.69 9.78 -13.86
CA VAL A 12 -14.28 9.63 -14.22
C VAL A 12 -13.68 10.96 -14.65
N SER A 13 -14.51 11.80 -15.28
CA SER A 13 -14.06 13.11 -15.75
C SER A 13 -13.02 13.70 -14.80
N VAL A 14 -13.40 13.87 -13.54
CA VAL A 14 -12.51 14.43 -12.54
C VAL A 14 -11.43 13.42 -12.15
N ARG A 15 -11.74 12.15 -12.31
CA ARG A 15 -10.80 11.08 -11.98
C ARG A 15 -9.56 11.15 -12.87
N ASP A 16 -9.79 11.16 -14.18
CA ASP A 16 -8.69 11.22 -15.14
C ASP A 16 -7.78 12.42 -14.85
N LYS A 17 -8.34 13.61 -14.94
CA LYS A 17 -7.57 14.84 -14.68
C LYS A 17 -6.88 14.76 -13.33
N LEU A 18 -7.53 14.11 -12.37
CA LEU A 18 -6.97 13.97 -11.03
C LEU A 18 -5.87 12.91 -11.00
N LEU A 19 -6.00 11.90 -11.87
CA LEU A 19 -5.02 10.83 -11.94
C LEU A 19 -3.73 11.31 -12.60
N VAL A 20 -3.87 11.99 -13.73
CA VAL A 20 -2.72 12.52 -14.45
C VAL A 20 -1.99 13.58 -13.65
N LYS A 21 -2.76 14.42 -12.95
CA LYS A 21 -2.20 15.48 -12.13
C LYS A 21 -1.49 14.91 -10.90
N GLU A 22 -2.13 13.92 -10.27
CA GLU A 22 -1.57 13.29 -9.08
C GLU A 22 -0.43 12.34 -9.46
N VAL A 23 -0.77 11.31 -10.23
CA VAL A 23 0.21 10.33 -10.66
C VAL A 23 1.55 10.99 -10.98
N ALA A 24 1.51 12.02 -11.81
CA ALA A 24 2.72 12.74 -12.18
C ALA A 24 3.53 13.14 -10.96
N GLU A 25 2.92 13.92 -10.07
CA GLU A 25 3.60 14.37 -8.85
C GLU A 25 3.99 13.18 -7.98
N LEU A 26 3.20 12.11 -8.05
CA LEU A 26 3.47 10.91 -7.28
C LEU A 26 4.78 10.25 -7.70
N GLU A 27 4.86 9.87 -8.97
CA GLU A 27 6.06 9.24 -9.51
C GLU A 27 7.29 10.10 -9.23
N ALA A 28 7.06 11.36 -8.93
CA ALA A 28 8.15 12.29 -8.63
C ALA A 28 8.36 12.44 -7.13
N ASN A 29 7.27 12.36 -6.38
CA ASN A 29 7.32 12.50 -4.93
C ASN A 29 7.61 11.15 -4.26
N LEU A 30 7.80 10.12 -5.09
CA LEU A 30 8.08 8.78 -4.58
C LEU A 30 9.47 8.72 -3.96
N PRO A 31 9.57 8.07 -2.79
CA PRO A 31 10.84 7.92 -2.07
C PRO A 31 11.80 6.97 -2.79
N CYS A 32 13.05 6.99 -2.38
CA CYS A 32 14.07 6.13 -2.97
C CYS A 32 13.88 4.68 -2.54
N THR A 33 12.92 4.46 -1.65
CA THR A 33 12.64 3.12 -1.15
C THR A 33 11.45 2.49 -1.88
N CYS A 34 10.71 3.32 -2.59
CA CYS A 34 9.54 2.86 -3.34
C CYS A 34 9.79 2.93 -4.84
N LYS A 35 8.95 2.24 -5.61
CA LYS A 35 9.08 2.22 -7.06
C LYS A 35 7.76 1.86 -7.71
N VAL A 36 7.27 2.76 -8.57
CA VAL A 36 6.01 2.54 -9.27
C VAL A 36 6.24 2.23 -10.75
N HIS A 37 5.43 1.33 -11.29
CA HIS A 37 5.55 0.94 -12.69
C HIS A 37 4.19 0.90 -13.36
N PHE A 38 4.06 1.61 -14.47
CA PHE A 38 2.80 1.65 -15.22
C PHE A 38 2.89 0.83 -16.50
N PRO A 39 2.09 -0.25 -16.57
CA PRO A 39 2.06 -1.14 -17.73
C PRO A 39 1.44 -0.48 -18.96
N ASP A 40 0.54 0.47 -18.71
CA ASP A 40 -0.13 1.19 -19.79
C ASP A 40 -0.37 2.65 -19.42
N PRO A 41 0.09 3.56 -20.29
CA PRO A 41 -0.05 5.00 -20.07
C PRO A 41 -1.50 5.46 -20.20
N ASN A 42 -2.26 4.78 -21.03
CA ASN A 42 -3.66 5.11 -21.24
C ASN A 42 -4.49 4.85 -19.99
N LYS A 43 -4.05 3.86 -19.20
CA LYS A 43 -4.74 3.51 -17.97
C LYS A 43 -4.01 4.08 -16.75
N LEU A 44 -4.66 5.00 -16.07
CA LEU A 44 -4.08 5.63 -14.88
C LEU A 44 -4.79 5.16 -13.62
N HIS A 45 -5.95 4.53 -13.79
CA HIS A 45 -6.73 4.04 -12.67
C HIS A 45 -6.11 2.76 -12.10
N CYS A 46 -5.37 2.04 -12.94
CA CYS A 46 -4.72 0.81 -12.53
C CYS A 46 -3.21 0.88 -12.72
N PHE A 47 -2.46 0.35 -11.76
CA PHE A 47 -1.00 0.37 -11.83
C PHE A 47 -0.40 -0.49 -10.72
N GLN A 48 0.92 -0.58 -10.72
CA GLN A 48 1.63 -1.38 -9.71
C GLN A 48 2.50 -0.49 -8.85
N LEU A 49 2.62 -0.84 -7.56
CA LEU A 49 3.43 -0.08 -6.63
C LEU A 49 4.40 -0.99 -5.90
N THR A 50 5.66 -0.97 -6.34
CA THR A 50 6.70 -1.79 -5.71
C THR A 50 7.41 -1.03 -4.61
N VAL A 51 7.24 -1.48 -3.37
CA VAL A 51 7.88 -0.86 -2.23
C VAL A 51 8.91 -1.78 -1.58
N THR A 52 10.05 -1.21 -1.21
CA THR A 52 11.11 -1.98 -0.59
C THR A 52 11.82 -1.17 0.49
N PRO A 53 11.53 -1.50 1.77
CA PRO A 53 12.13 -0.82 2.91
C PRO A 53 13.61 -1.13 3.07
N ASP A 54 14.43 -0.09 3.09
CA ASP A 54 15.87 -0.24 3.25
C ASP A 54 16.25 -0.39 4.71
N GLU A 55 15.26 -0.64 5.56
CA GLU A 55 15.50 -0.79 6.99
C GLU A 55 14.54 -1.83 7.59
N GLY A 56 14.70 -2.10 8.88
CA GLY A 56 13.85 -3.06 9.55
C GLY A 56 14.17 -4.48 9.15
N TYR A 57 13.19 -5.38 9.33
CA TYR A 57 13.39 -6.78 9.00
C TYR A 57 13.32 -6.99 7.48
N TYR A 58 12.52 -6.18 6.81
CA TYR A 58 12.37 -6.27 5.36
C TYR A 58 13.38 -5.39 4.64
N GLN A 59 14.47 -5.07 5.35
CA GLN A 59 15.52 -4.23 4.77
C GLN A 59 15.79 -4.59 3.32
N GLY A 60 15.70 -5.89 3.01
CA GLY A 60 15.93 -6.35 1.66
C GLY A 60 14.81 -7.23 1.14
N GLY A 61 13.57 -6.83 1.44
CA GLY A 61 12.42 -7.61 1.00
C GLY A 61 11.57 -6.86 -0.01
N LYS A 62 11.49 -7.37 -1.23
CA LYS A 62 10.71 -6.74 -2.29
C LYS A 62 9.24 -7.13 -2.17
N PHE A 63 8.36 -6.14 -2.35
CA PHE A 63 6.93 -6.37 -2.27
C PHE A 63 6.18 -5.58 -3.33
N GLN A 64 5.10 -6.15 -3.85
CA GLN A 64 4.30 -5.49 -4.87
C GLN A 64 2.89 -5.21 -4.37
N PHE A 65 2.41 -3.99 -4.60
CA PHE A 65 1.07 -3.59 -4.18
C PHE A 65 0.23 -3.16 -5.37
N GLU A 66 -0.96 -3.74 -5.49
CA GLU A 66 -1.86 -3.41 -6.58
C GLU A 66 -2.94 -2.43 -6.12
N THR A 67 -2.95 -1.24 -6.72
CA THR A 67 -3.92 -0.22 -6.37
C THR A 67 -5.01 -0.10 -7.43
N GLU A 68 -6.25 0.09 -6.99
CA GLU A 68 -7.38 0.21 -7.90
C GLU A 68 -8.16 1.50 -7.63
N VAL A 69 -8.29 2.33 -8.66
CA VAL A 69 -9.02 3.59 -8.54
C VAL A 69 -10.41 3.49 -9.15
N PRO A 70 -11.44 3.58 -8.30
CA PRO A 70 -12.84 3.49 -8.73
C PRO A 70 -13.26 4.72 -9.53
N ASP A 71 -14.58 4.88 -9.70
CA ASP A 71 -15.12 6.01 -10.44
C ASP A 71 -15.34 7.21 -9.53
N ALA A 72 -15.63 6.94 -8.27
CA ALA A 72 -15.87 8.00 -7.28
C ALA A 72 -14.62 8.85 -7.10
N TYR A 73 -13.47 8.19 -6.98
CA TYR A 73 -12.20 8.89 -6.80
C TYR A 73 -12.23 10.27 -7.45
N ASN A 74 -11.68 11.26 -6.76
CA ASN A 74 -11.09 11.04 -5.45
C ASN A 74 -12.17 10.89 -4.38
N MET A 75 -13.43 11.03 -4.79
CA MET A 75 -14.56 10.90 -3.87
C MET A 75 -14.33 9.75 -2.90
N VAL A 76 -13.71 8.69 -3.40
CA VAL A 76 -13.44 7.52 -2.57
C VAL A 76 -11.98 7.09 -2.67
N PRO A 77 -11.45 6.48 -1.59
CA PRO A 77 -10.07 6.01 -1.54
C PRO A 77 -9.82 4.82 -2.46
N PRO A 78 -8.62 4.78 -3.07
CA PRO A 78 -8.23 3.71 -3.99
C PRO A 78 -8.01 2.39 -3.26
N LYS A 79 -8.74 1.36 -3.68
CA LYS A 79 -8.62 0.03 -3.08
C LYS A 79 -7.32 -0.64 -3.49
N VAL A 80 -6.39 -0.75 -2.55
CA VAL A 80 -5.10 -1.38 -2.82
C VAL A 80 -4.97 -2.71 -2.07
N LYS A 81 -4.46 -3.72 -2.74
CA LYS A 81 -4.27 -5.03 -2.13
C LYS A 81 -2.86 -5.55 -2.39
N CYS A 82 -2.21 -6.03 -1.32
CA CYS A 82 -0.86 -6.56 -1.43
C CYS A 82 -0.84 -7.87 -2.19
N LEU A 83 -0.08 -7.91 -3.28
CA LEU A 83 0.03 -9.11 -4.10
C LEU A 83 0.96 -10.13 -3.47
N THR A 84 2.24 -9.77 -3.37
CA THR A 84 3.24 -10.66 -2.79
C THR A 84 2.79 -11.16 -1.42
N LYS A 85 3.49 -12.18 -0.92
CA LYS A 85 3.16 -12.75 0.39
C LYS A 85 4.13 -12.26 1.46
N ILE A 86 3.58 -11.83 2.59
CA ILE A 86 4.39 -11.35 3.69
C ILE A 86 3.81 -11.77 5.03
N TRP A 87 4.69 -11.97 6.02
CA TRP A 87 4.26 -12.38 7.35
C TRP A 87 3.85 -11.17 8.18
N HIS A 88 3.43 -10.10 7.51
CA HIS A 88 3.01 -8.89 8.19
C HIS A 88 1.65 -9.07 8.86
N PRO A 89 1.50 -8.52 10.07
CA PRO A 89 0.26 -8.62 10.84
C PRO A 89 -0.86 -7.80 10.22
N ASN A 90 -0.52 -6.63 9.68
CA ASN A 90 -1.50 -5.76 9.06
C ASN A 90 -1.80 -6.20 7.63
N ILE A 91 -0.78 -6.68 6.94
CA ILE A 91 -0.94 -7.15 5.57
C ILE A 91 -1.04 -8.68 5.51
N THR A 92 -2.26 -9.19 5.42
CA THR A 92 -2.49 -10.62 5.37
C THR A 92 -1.91 -11.22 4.09
N GLU A 93 -1.28 -12.38 4.22
CA GLU A 93 -0.68 -13.05 3.07
C GLU A 93 -1.60 -12.96 1.85
N THR A 94 -2.90 -13.04 2.08
CA THR A 94 -3.87 -12.96 1.01
C THR A 94 -3.68 -11.70 0.18
N GLY A 95 -3.63 -10.56 0.85
CA GLY A 95 -3.45 -9.30 0.16
C GLY A 95 -4.41 -8.22 0.66
N GLU A 96 -4.36 -7.96 1.96
CA GLU A 96 -5.22 -6.95 2.56
C GLU A 96 -4.48 -6.14 3.62
N ILE A 97 -4.38 -4.83 3.42
CA ILE A 97 -3.69 -3.96 4.35
C ILE A 97 -4.68 -3.15 5.18
N CYS A 98 -4.43 -3.07 6.49
CA CYS A 98 -5.30 -2.33 7.38
C CYS A 98 -4.74 -0.94 7.66
N LEU A 99 -4.83 -0.06 6.66
CA LEU A 99 -4.33 1.30 6.79
C LEU A 99 -5.39 2.22 7.37
N SER A 100 -5.01 3.46 7.65
CA SER A 100 -5.94 4.43 8.21
C SER A 100 -6.45 5.39 7.14
N LEU A 101 -5.52 5.95 6.37
CA LEU A 101 -5.87 6.87 5.29
C LEU A 101 -6.81 6.23 4.29
N LEU A 102 -6.76 4.90 4.21
CA LEU A 102 -7.61 4.15 3.29
C LEU A 102 -9.03 4.06 3.81
N ARG A 103 -9.24 4.57 5.03
CA ARG A 103 -10.57 4.55 5.64
C ARG A 103 -11.53 5.46 4.88
N GLU A 104 -12.66 4.91 4.48
CA GLU A 104 -13.67 5.66 3.74
C GLU A 104 -14.37 6.66 4.65
N HIS A 105 -14.99 6.14 5.71
CA HIS A 105 -15.70 7.00 6.67
C HIS A 105 -14.73 7.64 7.64
N SER A 106 -14.67 8.98 7.61
CA SER A 106 -13.78 9.72 8.50
C SER A 106 -14.50 10.90 9.13
N ILE A 107 -14.21 11.14 10.41
CA ILE A 107 -14.83 12.24 11.14
C ILE A 107 -13.80 13.26 11.58
N ASP A 108 -12.55 12.83 11.65
CA ASP A 108 -11.45 13.71 12.06
C ASP A 108 -10.60 14.11 10.87
N GLY A 109 -10.18 13.12 10.09
CA GLY A 109 -9.35 13.38 8.92
C GLY A 109 -8.42 12.23 8.60
N THR A 110 -7.81 11.65 9.64
CA THR A 110 -6.89 10.54 9.46
C THR A 110 -7.31 9.66 8.29
N GLY A 111 -8.61 9.37 8.20
CA GLY A 111 -9.12 8.54 7.13
C GLY A 111 -8.82 9.12 5.76
N TRP A 112 -9.71 8.85 4.80
CA TRP A 112 -9.53 9.35 3.44
C TRP A 112 -10.28 10.66 3.25
N ALA A 113 -9.90 11.42 2.22
CA ALA A 113 -10.54 12.69 1.93
C ALA A 113 -10.13 13.20 0.55
N PRO A 114 -10.98 14.05 -0.04
CA PRO A 114 -10.72 14.63 -1.37
C PRO A 114 -9.58 15.63 -1.36
N THR A 115 -8.99 15.84 -0.18
CA THR A 115 -7.89 16.77 -0.03
C THR A 115 -6.55 16.08 -0.26
N ARG A 116 -6.45 14.83 0.18
CA ARG A 116 -5.23 14.06 0.02
C ARG A 116 -5.15 13.44 -1.37
N THR A 117 -4.07 12.71 -1.63
CA THR A 117 -3.88 12.06 -2.92
C THR A 117 -3.13 10.74 -2.77
N LEU A 118 -3.05 9.99 -3.86
CA LEU A 118 -2.37 8.69 -3.85
C LEU A 118 -1.01 8.80 -3.16
N LYS A 119 -0.36 9.96 -3.32
CA LYS A 119 0.94 10.20 -2.72
C LYS A 119 0.97 9.72 -1.28
N ASP A 120 -0.14 9.93 -0.57
CA ASP A 120 -0.24 9.52 0.83
C ASP A 120 -0.56 8.04 0.94
N VAL A 121 -1.15 7.49 -0.12
CA VAL A 121 -1.53 6.08 -0.14
C VAL A 121 -0.28 5.20 -0.23
N VAL A 122 0.72 5.65 -0.99
CA VAL A 122 1.95 4.90 -1.16
C VAL A 122 2.94 5.22 -0.04
N TRP A 123 2.77 6.37 0.60
CA TRP A 123 3.64 6.78 1.68
C TRP A 123 3.41 5.91 2.92
N GLY A 124 2.15 5.67 3.24
CA GLY A 124 1.83 4.85 4.40
C GLY A 124 2.29 3.41 4.24
N LEU A 125 2.02 2.83 3.09
CA LEU A 125 2.41 1.45 2.82
C LEU A 125 3.92 1.28 2.93
N ASN A 126 4.64 2.39 2.79
CA ASN A 126 6.10 2.37 2.87
C ASN A 126 6.56 2.41 4.32
N SER A 127 5.85 3.16 5.15
CA SER A 127 6.19 3.29 6.56
C SER A 127 5.62 2.12 7.36
N LEU A 128 4.77 1.32 6.72
CA LEU A 128 4.16 0.17 7.37
C LEU A 128 5.22 -0.74 7.98
N PHE A 129 6.40 -0.76 7.37
CA PHE A 129 7.50 -1.58 7.85
C PHE A 129 8.66 -0.72 8.34
N THR A 130 8.32 0.46 8.84
CA THR A 130 9.33 1.39 9.35
C THR A 130 8.93 1.94 10.72
N ASP A 131 7.80 2.63 10.76
CA ASP A 131 7.32 3.21 12.01
C ASP A 131 5.90 2.73 12.31
N LEU A 132 5.07 2.66 11.27
CA LEU A 132 3.69 2.22 11.43
C LEU A 132 3.62 0.71 11.60
N LEU A 133 4.46 0.19 12.48
CA LEU A 133 4.50 -1.25 12.75
C LEU A 133 4.03 -1.55 14.17
N ASN A 134 2.72 -1.45 14.40
CA ASN A 134 2.14 -1.71 15.71
C ASN A 134 1.75 -3.18 15.85
N PHE A 135 1.75 -3.67 17.08
CA PHE A 135 1.40 -5.06 17.37
C PHE A 135 0.42 -5.15 18.54
N ASP A 136 -0.73 -4.51 18.39
CA ASP A 136 -1.74 -4.52 19.43
C ASP A 136 -3.08 -5.04 18.89
N ASP A 137 -3.57 -4.40 17.84
CA ASP A 137 -4.84 -4.79 17.23
C ASP A 137 -4.67 -5.02 15.73
N PRO A 138 -3.70 -5.89 15.37
CA PRO A 138 -3.42 -6.21 13.97
C PRO A 138 -4.53 -7.03 13.33
N LEU A 139 -4.29 -7.50 12.10
CA LEU A 139 -5.27 -8.30 11.38
C LEU A 139 -5.00 -9.79 11.56
N ASN A 140 -3.72 -10.14 11.67
CA ASN A 140 -3.33 -11.53 11.85
C ASN A 140 -2.85 -11.79 13.27
N ILE A 141 -3.50 -12.73 13.95
CA ILE A 141 -3.14 -13.08 15.32
C ILE A 141 -1.74 -13.69 15.39
N GLU A 142 -1.58 -14.85 14.77
CA GLU A 142 -0.30 -15.54 14.75
C GLU A 142 0.83 -14.58 14.43
N ALA A 143 0.65 -13.80 13.36
CA ALA A 143 1.65 -12.84 12.94
C ALA A 143 2.09 -11.95 14.10
N ALA A 144 1.18 -11.74 15.05
CA ALA A 144 1.47 -10.91 16.21
C ALA A 144 2.11 -11.73 17.32
N GLU A 145 1.48 -12.83 17.69
CA GLU A 145 1.98 -13.71 18.74
C GLU A 145 3.39 -14.19 18.41
N HIS A 146 3.77 -14.07 17.13
CA HIS A 146 5.09 -14.50 16.68
C HIS A 146 6.17 -13.55 17.20
N HIS A 147 5.78 -12.30 17.47
CA HIS A 147 6.72 -11.31 17.97
C HIS A 147 6.77 -11.33 19.49
N LEU A 148 5.71 -11.82 20.12
CA LEU A 148 5.64 -11.90 21.57
C LEU A 148 6.38 -13.13 22.08
N ARG A 149 6.13 -14.27 21.44
CA ARG A 149 6.77 -15.52 21.84
C ARG A 149 8.29 -15.41 21.72
N ASP A 150 8.76 -14.91 20.57
CA ASP A 150 10.18 -14.75 20.33
C ASP A 150 10.47 -13.51 19.50
N LYS A 151 11.39 -12.69 19.97
CA LYS A 151 11.75 -11.46 19.26
C LYS A 151 12.69 -11.75 18.10
N GLU A 152 13.43 -12.84 18.20
CA GLU A 152 14.36 -13.24 17.17
C GLU A 152 13.67 -14.09 16.09
N ASP A 153 12.90 -15.06 16.53
CA ASP A 153 12.17 -15.94 15.62
C ASP A 153 11.24 -15.13 14.72
N PHE A 154 10.95 -13.91 15.13
CA PHE A 154 10.07 -13.04 14.36
C PHE A 154 10.83 -12.39 13.20
N ARG A 155 12.09 -12.04 13.43
CA ARG A 155 12.92 -11.42 12.40
C ARG A 155 13.54 -12.47 11.50
N ASN A 156 13.88 -13.62 12.08
CA ASN A 156 14.50 -14.71 11.34
C ASN A 156 13.57 -15.20 10.24
N LYS A 157 12.35 -15.60 10.62
CA LYS A 157 11.37 -16.09 9.67
C LYS A 157 11.09 -15.04 8.59
N VAL A 158 10.67 -13.86 9.02
CA VAL A 158 10.37 -12.77 8.10
C VAL A 158 11.44 -12.63 7.03
N ASP A 159 12.66 -13.06 7.37
CA ASP A 159 13.78 -13.00 6.44
C ASP A 159 13.66 -14.06 5.36
N ASP A 160 13.17 -15.24 5.75
CA ASP A 160 13.00 -16.34 4.81
C ASP A 160 11.76 -16.13 3.94
N TYR A 161 10.61 -15.98 4.58
CA TYR A 161 9.36 -15.78 3.87
C TYR A 161 9.57 -14.91 2.63
N ILE A 162 10.51 -13.98 2.72
CA ILE A 162 10.82 -13.09 1.60
C ILE A 162 11.51 -13.85 0.47
N LYS A 163 12.72 -14.34 0.75
CA LYS A 163 13.48 -15.09 -0.25
C LYS A 163 12.64 -16.22 -0.85
N ARG A 164 11.66 -16.69 -0.08
CA ARG A 164 10.79 -17.76 -0.54
C ARG A 164 10.10 -17.40 -1.85
N TYR A 165 9.28 -16.37 -1.81
CA TYR A 165 8.57 -15.91 -3.00
C TYR A 165 8.83 -14.43 -3.27
N ALA A 166 10.03 -13.97 -2.89
CA ALA A 166 10.41 -12.58 -3.10
C ALA A 166 11.93 -12.41 -3.00
N ARG A 167 12.52 -11.84 -4.05
CA ARG A 167 13.96 -11.62 -4.07
C ARG A 167 14.29 -10.32 -4.79
N SER A 168 14.73 -9.32 -4.02
CA SER A 168 15.07 -8.02 -4.58
C SER A 168 15.97 -8.18 -5.81
N GLY A 169 16.86 -9.17 -5.75
CA GLY A 169 17.77 -9.41 -6.86
C GLY A 169 17.02 -9.65 -8.18
N PRO A 170 17.78 -10.01 -9.22
CA PRO A 170 17.21 -10.28 -10.54
C PRO A 170 16.37 -11.56 -10.57
N SER A 171 16.86 -12.59 -9.90
CA SER A 171 16.14 -13.86 -9.85
C SER A 171 14.70 -13.67 -9.39
N SER A 172 13.83 -14.60 -9.79
CA SER A 172 12.42 -14.52 -9.43
C SER A 172 12.07 -15.62 -8.43
N GLY A 173 11.01 -15.38 -7.65
CA GLY A 173 10.58 -16.36 -6.67
C GLY A 173 11.70 -16.78 -5.75
N GLY A 1 -10.98 20.05 14.26
CA GLY A 1 -11.68 21.31 14.43
C GLY A 1 -12.34 21.77 13.13
N SER A 2 -11.51 22.04 12.12
CA SER A 2 -12.02 22.50 10.83
C SER A 2 -13.07 21.54 10.28
N SER A 3 -13.79 21.97 9.26
CA SER A 3 -14.82 21.14 8.65
C SER A 3 -14.89 21.38 7.14
N GLY A 4 -15.47 20.42 6.42
CA GLY A 4 -15.57 20.53 4.98
C GLY A 4 -16.39 19.41 4.37
N SER A 5 -17.66 19.34 4.72
CA SER A 5 -18.55 18.31 4.20
C SER A 5 -19.29 18.80 2.95
N SER A 6 -19.49 17.90 2.00
CA SER A 6 -20.17 18.23 0.76
C SER A 6 -20.66 16.97 0.05
N GLY A 7 -21.38 17.16 -1.05
CA GLY A 7 -21.90 16.04 -1.80
C GLY A 7 -21.92 16.29 -3.29
N SER A 8 -21.34 15.37 -4.06
CA SER A 8 -21.29 15.50 -5.51
C SER A 8 -21.60 14.17 -6.19
N THR A 9 -21.63 14.19 -7.52
CA THR A 9 -21.90 12.99 -8.29
C THR A 9 -20.63 12.39 -8.87
N ARG A 10 -20.54 11.07 -8.89
CA ARG A 10 -19.37 10.38 -9.42
C ARG A 10 -19.17 10.71 -10.90
N ARG A 11 -17.92 10.70 -11.34
CA ARG A 11 -17.60 10.99 -12.74
C ARG A 11 -16.12 10.72 -13.01
N VAL A 12 -15.82 10.39 -14.27
CA VAL A 12 -14.45 10.10 -14.67
C VAL A 12 -13.67 11.38 -14.94
N SER A 13 -14.36 12.38 -15.48
CA SER A 13 -13.73 13.67 -15.79
C SER A 13 -12.65 14.01 -14.76
N VAL A 14 -13.07 14.21 -13.52
CA VAL A 14 -12.14 14.54 -12.44
C VAL A 14 -11.27 13.33 -12.08
N ARG A 15 -11.87 12.15 -12.12
CA ARG A 15 -11.15 10.93 -11.79
C ARG A 15 -10.00 10.69 -12.77
N ASP A 16 -10.07 11.35 -13.92
CA ASP A 16 -9.03 11.22 -14.94
C ASP A 16 -7.94 12.26 -14.74
N LYS A 17 -8.35 13.53 -14.71
CA LYS A 17 -7.41 14.63 -14.53
C LYS A 17 -6.74 14.55 -13.16
N LEU A 18 -7.50 14.12 -12.15
CA LEU A 18 -6.98 14.00 -10.80
C LEU A 18 -5.92 12.91 -10.71
N LEU A 19 -5.89 12.05 -11.72
CA LEU A 19 -4.91 10.96 -11.77
C LEU A 19 -3.66 11.38 -12.51
N VAL A 20 -3.81 11.68 -13.80
CA VAL A 20 -2.69 12.11 -14.63
C VAL A 20 -1.84 13.15 -13.91
N LYS A 21 -2.51 14.01 -13.14
CA LYS A 21 -1.81 15.06 -12.40
C LYS A 21 -1.09 14.48 -11.18
N GLU A 22 -1.80 13.67 -10.41
CA GLU A 22 -1.22 13.06 -9.21
C GLU A 22 -0.19 12.01 -9.60
N VAL A 23 -0.63 10.98 -10.31
CA VAL A 23 0.26 9.90 -10.73
C VAL A 23 1.64 10.44 -11.08
N ALA A 24 1.67 11.56 -11.80
CA ALA A 24 2.93 12.18 -12.20
C ALA A 24 3.73 12.63 -10.98
N GLU A 25 3.18 13.57 -10.23
CA GLU A 25 3.84 14.09 -9.04
C GLU A 25 4.18 12.96 -8.07
N LEU A 26 3.42 11.87 -8.16
CA LEU A 26 3.65 10.71 -7.29
C LEU A 26 4.96 10.03 -7.63
N GLU A 27 5.13 9.68 -8.90
CA GLU A 27 6.35 9.01 -9.35
C GLU A 27 7.58 9.88 -9.09
N ALA A 28 7.34 11.16 -8.83
CA ALA A 28 8.43 12.09 -8.57
C ALA A 28 8.65 12.27 -7.06
N ASN A 29 7.56 12.22 -6.30
CA ASN A 29 7.63 12.37 -4.85
C ASN A 29 7.89 11.02 -4.18
N LEU A 30 7.68 9.94 -4.93
CA LEU A 30 7.90 8.60 -4.41
C LEU A 30 9.33 8.43 -3.91
N PRO A 31 9.46 7.90 -2.67
CA PRO A 31 10.78 7.68 -2.05
C PRO A 31 11.55 6.55 -2.72
N CYS A 32 12.87 6.64 -2.69
CA CYS A 32 13.72 5.63 -3.29
C CYS A 32 13.33 4.23 -2.82
N THR A 33 12.69 4.16 -1.65
CA THR A 33 12.26 2.89 -1.09
C THR A 33 11.15 2.27 -1.93
N CYS A 34 10.25 3.11 -2.42
CA CYS A 34 9.13 2.64 -3.23
C CYS A 34 9.33 3.01 -4.69
N LYS A 35 8.68 2.27 -5.59
CA LYS A 35 8.79 2.53 -7.02
C LYS A 35 7.55 2.02 -7.75
N VAL A 36 6.90 2.93 -8.49
CA VAL A 36 5.70 2.56 -9.24
C VAL A 36 6.04 2.21 -10.67
N HIS A 37 5.38 1.19 -11.20
CA HIS A 37 5.62 0.74 -12.57
C HIS A 37 4.31 0.72 -13.37
N PHE A 38 4.22 1.58 -14.37
CA PHE A 38 3.02 1.65 -15.20
C PHE A 38 3.21 0.86 -16.50
N PRO A 39 2.42 -0.22 -16.65
CA PRO A 39 2.47 -1.08 -17.83
C PRO A 39 1.95 -0.39 -19.08
N ASP A 40 1.11 0.63 -18.88
CA ASP A 40 0.54 1.38 -19.99
C ASP A 40 0.35 2.84 -19.63
N PRO A 41 0.79 3.74 -20.53
CA PRO A 41 0.70 5.19 -20.32
C PRO A 41 -0.75 5.68 -20.39
N ASN A 42 -1.54 5.05 -21.25
CA ASN A 42 -2.94 5.42 -21.42
C ASN A 42 -3.75 5.07 -20.17
N LYS A 43 -3.32 4.04 -19.45
CA LYS A 43 -4.00 3.61 -18.25
C LYS A 43 -3.40 4.28 -17.01
N LEU A 44 -4.18 5.12 -16.36
CA LEU A 44 -3.72 5.82 -15.17
C LEU A 44 -4.52 5.39 -13.94
N HIS A 45 -5.55 4.58 -14.17
CA HIS A 45 -6.39 4.09 -13.08
C HIS A 45 -5.76 2.87 -12.41
N CYS A 46 -5.40 1.88 -13.22
CA CYS A 46 -4.79 0.66 -12.71
C CYS A 46 -3.29 0.67 -12.92
N PHE A 47 -2.53 0.41 -11.86
CA PHE A 47 -1.08 0.39 -11.93
C PHE A 47 -0.48 -0.50 -10.83
N GLN A 48 0.84 -0.53 -10.76
CA GLN A 48 1.53 -1.34 -9.76
C GLN A 48 2.44 -0.48 -8.90
N LEU A 49 2.57 -0.86 -7.63
CA LEU A 49 3.40 -0.11 -6.69
C LEU A 49 4.38 -1.05 -5.98
N THR A 50 5.68 -0.79 -6.15
CA THR A 50 6.71 -1.61 -5.52
C THR A 50 7.22 -0.95 -4.23
N VAL A 51 6.83 -1.52 -3.09
CA VAL A 51 7.25 -0.99 -1.80
C VAL A 51 8.34 -1.87 -1.18
N THR A 52 9.51 -1.27 -0.95
CA THR A 52 10.64 -1.99 -0.36
C THR A 52 11.38 -1.12 0.64
N PRO A 53 11.16 -1.41 1.94
CA PRO A 53 11.81 -0.67 3.03
C PRO A 53 13.31 -0.93 3.11
N ASP A 54 14.08 0.13 3.27
CA ASP A 54 15.53 0.01 3.37
C ASP A 54 15.99 0.01 4.83
N GLU A 55 15.06 -0.31 5.73
CA GLU A 55 15.37 -0.35 7.15
C GLU A 55 14.36 -1.22 7.90
N GLY A 56 14.70 -1.59 9.12
CA GLY A 56 13.82 -2.42 9.93
C GLY A 56 14.09 -3.90 9.76
N TYR A 57 13.03 -4.69 9.60
CA TYR A 57 13.16 -6.13 9.43
C TYR A 57 13.25 -6.50 7.95
N TYR A 58 12.37 -5.91 7.15
CA TYR A 58 12.35 -6.17 5.72
C TYR A 58 13.26 -5.21 4.97
N GLN A 59 14.36 -4.84 5.61
CA GLN A 59 15.33 -3.92 5.00
C GLN A 59 15.59 -4.30 3.55
N GLY A 60 15.43 -5.58 3.23
CA GLY A 60 15.66 -6.05 1.88
C GLY A 60 14.51 -6.89 1.36
N GLY A 61 13.29 -6.53 1.73
CA GLY A 61 12.13 -7.27 1.28
C GLY A 61 11.25 -6.48 0.34
N LYS A 62 11.27 -6.83 -0.94
CA LYS A 62 10.48 -6.15 -1.95
C LYS A 62 9.06 -6.69 -1.98
N PHE A 63 8.09 -5.81 -2.22
CA PHE A 63 6.70 -6.22 -2.29
C PHE A 63 5.92 -5.34 -3.27
N GLN A 64 5.00 -5.95 -4.01
CA GLN A 64 4.20 -5.23 -4.98
C GLN A 64 2.82 -4.89 -4.41
N PHE A 65 2.14 -3.94 -5.03
CA PHE A 65 0.82 -3.52 -4.59
C PHE A 65 -0.06 -3.14 -5.78
N GLU A 66 -1.27 -3.67 -5.80
CA GLU A 66 -2.21 -3.38 -6.89
C GLU A 66 -3.28 -2.39 -6.43
N THR A 67 -3.13 -1.14 -6.86
CA THR A 67 -4.09 -0.10 -6.50
C THR A 67 -5.09 0.15 -7.62
N GLU A 68 -6.37 0.12 -7.28
CA GLU A 68 -7.43 0.35 -8.26
C GLU A 68 -8.25 1.58 -7.91
N VAL A 69 -8.22 2.58 -8.78
CA VAL A 69 -8.96 3.81 -8.57
C VAL A 69 -10.35 3.75 -9.19
N PRO A 70 -11.39 3.79 -8.34
CA PRO A 70 -12.78 3.74 -8.80
C PRO A 70 -13.20 4.99 -9.55
N ASP A 71 -14.47 5.07 -9.91
CA ASP A 71 -15.00 6.22 -10.62
C ASP A 71 -15.28 7.38 -9.67
N ALA A 72 -15.78 7.05 -8.48
CA ALA A 72 -16.09 8.06 -7.48
C ALA A 72 -14.85 8.89 -7.14
N TYR A 73 -13.71 8.23 -7.03
CA TYR A 73 -12.46 8.91 -6.72
C TYR A 73 -12.45 10.33 -7.29
N ASN A 74 -11.93 11.26 -6.51
CA ASN A 74 -11.38 10.95 -5.19
C ASN A 74 -12.50 10.78 -4.17
N MET A 75 -13.74 10.92 -4.64
CA MET A 75 -14.91 10.78 -3.77
C MET A 75 -14.75 9.59 -2.83
N VAL A 76 -14.11 8.53 -3.33
CA VAL A 76 -13.88 7.33 -2.53
C VAL A 76 -12.42 6.92 -2.55
N PRO A 77 -11.98 6.27 -1.47
CA PRO A 77 -10.58 5.80 -1.34
C PRO A 77 -10.27 4.65 -2.29
N PRO A 78 -9.05 4.67 -2.86
CA PRO A 78 -8.60 3.65 -3.80
C PRO A 78 -8.35 2.31 -3.11
N LYS A 79 -9.02 1.27 -3.60
CA LYS A 79 -8.87 -0.07 -3.03
C LYS A 79 -7.57 -0.71 -3.47
N VAL A 80 -6.62 -0.83 -2.53
CA VAL A 80 -5.33 -1.42 -2.82
C VAL A 80 -5.11 -2.69 -2.01
N LYS A 81 -4.43 -3.67 -2.61
CA LYS A 81 -4.16 -4.94 -1.94
C LYS A 81 -2.72 -5.38 -2.19
N CYS A 82 -2.16 -6.11 -1.23
CA CYS A 82 -0.79 -6.59 -1.34
C CYS A 82 -0.74 -7.88 -2.14
N LEU A 83 -0.07 -7.84 -3.29
CA LEU A 83 0.06 -9.01 -4.15
C LEU A 83 1.00 -10.04 -3.55
N THR A 84 2.14 -9.56 -3.06
CA THR A 84 3.14 -10.44 -2.45
C THR A 84 2.71 -10.86 -1.04
N LYS A 85 3.30 -11.95 -0.54
CA LYS A 85 2.98 -12.44 0.79
C LYS A 85 4.06 -12.03 1.79
N ILE A 86 3.62 -11.54 2.95
CA ILE A 86 4.54 -11.11 3.99
C ILE A 86 4.02 -11.47 5.38
N TRP A 87 4.94 -11.72 6.30
CA TRP A 87 4.56 -12.07 7.67
C TRP A 87 4.36 -10.82 8.52
N HIS A 88 3.90 -9.75 7.89
CA HIS A 88 3.66 -8.49 8.59
C HIS A 88 2.46 -8.59 9.51
N PRO A 89 2.57 -8.00 10.71
CA PRO A 89 1.49 -8.03 11.71
C PRO A 89 0.30 -7.17 11.29
N ASN A 90 0.46 -6.42 10.20
CA ASN A 90 -0.60 -5.56 9.69
C ASN A 90 -1.03 -5.99 8.29
N ILE A 91 -0.11 -6.63 7.57
CA ILE A 91 -0.41 -7.10 6.22
C ILE A 91 -0.47 -8.62 6.17
N THR A 92 -1.68 -9.15 6.25
CA THR A 92 -1.89 -10.61 6.22
C THR A 92 -1.19 -11.22 5.01
N GLU A 93 -1.18 -12.55 4.97
CA GLU A 93 -0.55 -13.27 3.86
C GLU A 93 -1.35 -13.11 2.58
N THR A 94 -2.68 -13.18 2.71
CA THR A 94 -3.56 -13.06 1.56
C THR A 94 -3.31 -11.77 0.81
N GLY A 95 -3.46 -10.64 1.49
CA GLY A 95 -3.24 -9.35 0.86
C GLY A 95 -4.08 -8.25 1.48
N GLU A 96 -4.30 -8.32 2.79
CA GLU A 96 -5.09 -7.33 3.50
C GLU A 96 -4.20 -6.26 4.12
N ILE A 97 -4.68 -5.03 4.12
CA ILE A 97 -3.93 -3.91 4.68
C ILE A 97 -4.82 -3.05 5.58
N CYS A 98 -4.30 -2.72 6.77
CA CYS A 98 -5.04 -1.91 7.72
C CYS A 98 -4.48 -0.50 7.76
N LEU A 99 -5.13 0.42 7.03
CA LEU A 99 -4.70 1.80 6.99
C LEU A 99 -5.85 2.75 7.30
N SER A 100 -5.54 3.87 7.94
CA SER A 100 -6.56 4.85 8.30
C SER A 100 -6.96 5.68 7.09
N LEU A 101 -6.02 6.44 6.55
CA LEU A 101 -6.27 7.27 5.39
C LEU A 101 -7.14 6.54 4.36
N LEU A 102 -6.97 5.22 4.30
CA LEU A 102 -7.75 4.41 3.37
C LEU A 102 -9.22 4.36 3.76
N ARG A 103 -9.47 4.30 5.06
CA ARG A 103 -10.83 4.25 5.57
C ARG A 103 -11.78 5.09 4.70
N GLU A 104 -12.96 4.56 4.43
CA GLU A 104 -13.94 5.26 3.61
C GLU A 104 -14.73 6.27 4.45
N HIS A 105 -15.05 5.88 5.68
CA HIS A 105 -15.80 6.76 6.57
C HIS A 105 -14.87 7.62 7.41
N SER A 106 -15.31 8.83 7.74
CA SER A 106 -14.51 9.76 8.52
C SER A 106 -15.34 10.96 8.95
N ILE A 107 -15.31 11.26 10.24
CA ILE A 107 -16.06 12.39 10.79
C ILE A 107 -15.12 13.39 11.46
N ASP A 108 -13.85 13.04 11.56
CA ASP A 108 -12.86 13.91 12.19
C ASP A 108 -11.88 14.43 11.15
N GLY A 109 -11.38 13.54 10.30
CA GLY A 109 -10.43 13.95 9.28
C GLY A 109 -9.15 13.13 9.32
N THR A 110 -9.27 11.84 9.64
CA THR A 110 -8.12 10.97 9.72
C THR A 110 -8.12 9.95 8.58
N GLY A 111 -9.28 9.38 8.31
CA GLY A 111 -9.39 8.40 7.24
C GLY A 111 -9.18 9.01 5.88
N TRP A 112 -9.93 8.53 4.89
CA TRP A 112 -9.81 9.02 3.52
C TRP A 112 -10.51 10.38 3.38
N ALA A 113 -10.22 11.07 2.28
CA ALA A 113 -10.81 12.37 2.02
C ALA A 113 -10.41 12.89 0.64
N PRO A 114 -11.25 13.78 0.08
CA PRO A 114 -11.01 14.38 -1.24
C PRO A 114 -9.82 15.34 -1.23
N THR A 115 -9.16 15.44 -0.09
CA THR A 115 -8.01 16.33 0.05
C THR A 115 -6.71 15.61 -0.27
N ARG A 116 -6.56 14.40 0.27
CA ARG A 116 -5.36 13.60 0.03
C ARG A 116 -5.34 13.06 -1.39
N THR A 117 -4.32 12.26 -1.71
CA THR A 117 -4.18 11.67 -3.03
C THR A 117 -3.39 10.37 -2.98
N LEU A 118 -3.11 9.81 -4.15
CA LEU A 118 -2.37 8.56 -4.24
C LEU A 118 -0.92 8.76 -3.76
N LYS A 119 -0.58 10.00 -3.43
CA LYS A 119 0.76 10.32 -2.95
C LYS A 119 0.89 10.07 -1.46
N ASP A 120 -0.23 10.21 -0.75
CA ASP A 120 -0.24 9.99 0.70
C ASP A 120 -0.58 8.54 1.03
N VAL A 121 -1.33 7.89 0.13
CA VAL A 121 -1.72 6.50 0.32
C VAL A 121 -0.51 5.58 0.29
N VAL A 122 0.43 5.86 -0.62
CA VAL A 122 1.64 5.06 -0.74
C VAL A 122 2.68 5.45 0.30
N TRP A 123 2.60 6.70 0.76
CA TRP A 123 3.53 7.21 1.75
C TRP A 123 3.46 6.38 3.03
N GLY A 124 2.24 6.05 3.45
CA GLY A 124 2.05 5.28 4.66
C GLY A 124 2.37 3.81 4.46
N LEU A 125 1.99 3.28 3.31
CA LEU A 125 2.23 1.88 2.99
C LEU A 125 3.72 1.55 3.07
N ASN A 126 4.55 2.54 2.82
CA ASN A 126 6.00 2.37 2.88
C ASN A 126 6.51 2.45 4.31
N SER A 127 5.75 3.15 5.16
CA SER A 127 6.12 3.31 6.56
C SER A 127 5.67 2.11 7.38
N LEU A 128 4.78 1.30 6.80
CA LEU A 128 4.26 0.13 7.49
C LEU A 128 5.40 -0.77 7.98
N PHE A 129 6.52 -0.73 7.25
CA PHE A 129 7.69 -1.54 7.62
C PHE A 129 8.80 -0.66 8.18
N THR A 130 8.42 0.44 8.82
CA THR A 130 9.39 1.35 9.41
C THR A 130 9.05 1.67 10.85
N ASP A 131 8.00 2.46 11.06
CA ASP A 131 7.56 2.84 12.40
C ASP A 131 6.17 2.29 12.69
N LEU A 132 5.21 2.60 11.82
CA LEU A 132 3.84 2.14 11.99
C LEU A 132 3.81 0.71 12.52
N LEU A 133 4.80 -0.09 12.12
CA LEU A 133 4.88 -1.47 12.56
C LEU A 133 4.57 -1.59 14.05
N ASN A 134 3.31 -1.88 14.36
CA ASN A 134 2.89 -2.02 15.75
C ASN A 134 2.31 -3.41 16.00
N PHE A 135 2.20 -3.79 17.27
CA PHE A 135 1.66 -5.09 17.65
C PHE A 135 0.58 -4.94 18.71
N ASP A 136 -0.31 -3.98 18.51
CA ASP A 136 -1.41 -3.73 19.44
C ASP A 136 -2.74 -4.16 18.85
N ASP A 137 -3.01 -3.70 17.64
CA ASP A 137 -4.27 -4.03 16.95
C ASP A 137 -4.00 -4.52 15.53
N PRO A 138 -3.13 -5.53 15.40
CA PRO A 138 -2.77 -6.11 14.09
C PRO A 138 -3.92 -6.88 13.47
N LEU A 139 -3.75 -7.23 12.20
CA LEU A 139 -4.79 -7.97 11.47
C LEU A 139 -4.62 -9.48 11.68
N ASN A 140 -3.36 -9.93 11.67
CA ASN A 140 -3.06 -11.34 11.85
C ASN A 140 -2.48 -11.60 13.24
N ILE A 141 -3.29 -12.19 14.11
CA ILE A 141 -2.86 -12.49 15.47
C ILE A 141 -1.53 -13.25 15.47
N GLU A 142 -1.50 -14.36 14.74
CA GLU A 142 -0.29 -15.18 14.66
C GLU A 142 0.95 -14.30 14.55
N ALA A 143 1.03 -13.53 13.45
CA ALA A 143 2.16 -12.65 13.22
C ALA A 143 2.58 -11.93 14.50
N ALA A 144 1.59 -11.54 15.30
CA ALA A 144 1.85 -10.84 16.56
C ALA A 144 2.37 -11.81 17.62
N GLU A 145 1.75 -12.98 17.70
CA GLU A 145 2.16 -13.99 18.68
C GLU A 145 3.58 -14.47 18.40
N HIS A 146 3.95 -14.51 17.12
CA HIS A 146 5.28 -14.95 16.73
C HIS A 146 6.35 -14.02 17.29
N HIS A 147 5.96 -12.77 17.57
CA HIS A 147 6.89 -11.79 18.10
C HIS A 147 6.91 -11.84 19.62
N LEU A 148 5.85 -12.37 20.21
CA LEU A 148 5.74 -12.48 21.67
C LEU A 148 6.41 -13.77 22.16
N ARG A 149 6.25 -14.83 21.40
CA ARG A 149 6.84 -16.12 21.76
C ARG A 149 8.30 -16.19 21.33
N ASP A 150 8.58 -15.72 20.12
CA ASP A 150 9.94 -15.73 19.59
C ASP A 150 10.31 -14.36 19.02
N LYS A 151 10.96 -13.54 19.83
CA LYS A 151 11.37 -12.20 19.40
C LYS A 151 12.41 -12.28 18.29
N GLU A 152 13.13 -13.40 18.24
CA GLU A 152 14.16 -13.59 17.23
C GLU A 152 13.58 -14.30 16.00
N ASP A 153 13.00 -15.47 16.21
CA ASP A 153 12.41 -16.23 15.12
C ASP A 153 11.51 -15.35 14.26
N PHE A 154 10.72 -14.51 14.90
CA PHE A 154 9.82 -13.61 14.19
C PHE A 154 10.57 -12.81 13.12
N ARG A 155 11.84 -12.54 13.39
CA ARG A 155 12.68 -11.79 12.46
C ARG A 155 13.37 -12.72 11.48
N ASN A 156 14.04 -13.74 12.00
CA ASN A 156 14.75 -14.70 11.17
C ASN A 156 13.82 -15.27 10.10
N LYS A 157 12.57 -15.52 10.47
CA LYS A 157 11.58 -16.07 9.55
C LYS A 157 11.27 -15.07 8.44
N VAL A 158 11.10 -13.81 8.81
CA VAL A 158 10.80 -12.75 7.85
C VAL A 158 11.71 -12.85 6.63
N ASP A 159 12.97 -13.19 6.86
CA ASP A 159 13.94 -13.32 5.79
C ASP A 159 13.52 -14.40 4.80
N ASP A 160 13.16 -15.57 5.31
CA ASP A 160 12.74 -16.68 4.48
C ASP A 160 11.46 -16.33 3.72
N TYR A 161 10.41 -16.00 4.45
CA TYR A 161 9.14 -15.65 3.85
C TYR A 161 9.33 -14.71 2.66
N ILE A 162 10.47 -14.02 2.65
CA ILE A 162 10.79 -13.08 1.58
C ILE A 162 11.49 -13.79 0.43
N LYS A 163 12.70 -14.28 0.69
CA LYS A 163 13.48 -14.98 -0.33
C LYS A 163 12.68 -16.16 -0.91
N ARG A 164 11.59 -16.51 -0.24
CA ARG A 164 10.75 -17.62 -0.69
C ARG A 164 9.67 -17.12 -1.64
N TYR A 165 9.29 -15.85 -1.50
CA TYR A 165 8.27 -15.26 -2.34
C TYR A 165 8.83 -14.08 -3.14
N ALA A 166 9.43 -13.13 -2.44
CA ALA A 166 10.01 -11.96 -3.08
C ALA A 166 11.53 -11.94 -2.91
N ARG A 167 12.24 -11.86 -4.03
CA ARG A 167 13.70 -11.83 -4.00
C ARG A 167 14.23 -10.50 -4.53
N SER A 168 14.50 -9.57 -3.62
CA SER A 168 15.01 -8.25 -3.99
C SER A 168 16.40 -8.37 -4.62
N GLY A 169 16.92 -7.24 -5.08
CA GLY A 169 18.23 -7.23 -5.70
C GLY A 169 18.17 -7.04 -7.19
N PRO A 170 19.26 -7.40 -7.89
CA PRO A 170 19.35 -7.27 -9.35
C PRO A 170 18.45 -8.26 -10.07
N SER A 171 17.88 -9.20 -9.31
CA SER A 171 17.00 -10.21 -9.89
C SER A 171 15.56 -9.68 -9.98
N SER A 172 15.02 -9.64 -11.19
CA SER A 172 13.66 -9.16 -11.41
C SER A 172 12.99 -9.95 -12.54
N GLY A 173 11.66 -9.94 -12.53
CA GLY A 173 10.91 -10.65 -13.55
C GLY A 173 9.41 -10.55 -13.35
N GLY A 1 -17.59 -0.31 1.16
CA GLY A 1 -18.72 -0.83 0.41
C GLY A 1 -19.70 -1.58 1.28
N SER A 2 -20.54 -0.84 1.99
CA SER A 2 -21.53 -1.45 2.88
C SER A 2 -22.74 -0.54 3.03
N SER A 3 -23.81 -1.09 3.62
CA SER A 3 -25.04 -0.33 3.82
C SER A 3 -25.34 0.57 2.62
N GLY A 4 -25.14 0.02 1.42
CA GLY A 4 -25.39 0.78 0.21
C GLY A 4 -25.20 -0.04 -1.04
N SER A 5 -25.14 0.62 -2.19
CA SER A 5 -24.97 -0.05 -3.46
C SER A 5 -24.61 0.94 -4.57
N SER A 6 -23.44 0.73 -5.18
CA SER A 6 -22.97 1.61 -6.24
C SER A 6 -22.46 0.80 -7.42
N GLY A 7 -23.18 0.87 -8.54
CA GLY A 7 -22.79 0.15 -9.73
C GLY A 7 -21.46 0.60 -10.28
N SER A 8 -21.17 0.23 -11.52
CA SER A 8 -19.91 0.60 -12.16
C SER A 8 -20.13 0.93 -13.63
N THR A 9 -19.35 1.89 -14.15
CA THR A 9 -19.46 2.29 -15.54
C THR A 9 -18.10 2.26 -16.23
N ARG A 10 -18.11 2.39 -17.55
CA ARG A 10 -16.87 2.36 -18.33
C ARG A 10 -16.67 3.70 -19.06
N ARG A 11 -17.01 4.79 -18.39
CA ARG A 11 -16.87 6.12 -18.98
C ARG A 11 -15.87 6.95 -18.18
N VAL A 12 -15.06 7.73 -18.90
CA VAL A 12 -14.07 8.58 -18.26
C VAL A 12 -14.70 9.49 -17.21
N SER A 13 -13.90 9.92 -16.24
CA SER A 13 -14.38 10.79 -15.17
C SER A 13 -13.26 11.69 -14.66
N VAL A 14 -13.58 12.52 -13.67
CA VAL A 14 -12.61 13.43 -13.09
C VAL A 14 -11.38 12.68 -12.58
N ARG A 15 -11.58 11.42 -12.20
CA ARG A 15 -10.49 10.60 -11.70
C ARG A 15 -9.42 10.41 -12.77
N ASP A 16 -9.84 10.37 -14.03
CA ASP A 16 -8.91 10.20 -15.15
C ASP A 16 -7.97 11.40 -15.27
N LYS A 17 -8.53 12.59 -15.12
CA LYS A 17 -7.74 13.81 -15.21
C LYS A 17 -7.11 14.15 -13.87
N LEU A 18 -7.71 13.66 -12.79
CA LEU A 18 -7.22 13.91 -11.45
C LEU A 18 -6.07 12.96 -11.11
N LEU A 19 -5.99 11.86 -11.85
CA LEU A 19 -4.94 10.86 -11.63
C LEU A 19 -3.65 11.27 -12.34
N VAL A 20 -3.77 11.64 -13.61
CA VAL A 20 -2.62 12.05 -14.40
C VAL A 20 -1.86 13.18 -13.72
N LYS A 21 -2.60 14.17 -13.23
CA LYS A 21 -2.00 15.31 -12.56
C LYS A 21 -1.24 14.87 -11.31
N GLU A 22 -1.91 14.10 -10.46
CA GLU A 22 -1.31 13.61 -9.23
C GLU A 22 -0.31 12.50 -9.52
N VAL A 23 -0.81 11.36 -10.01
CA VAL A 23 0.03 10.23 -10.33
C VAL A 23 1.38 10.68 -10.90
N ALA A 24 1.36 11.77 -11.66
CA ALA A 24 2.58 12.30 -12.25
C ALA A 24 3.52 12.85 -11.18
N GLU A 25 3.02 13.79 -10.38
CA GLU A 25 3.81 14.39 -9.33
C GLU A 25 4.27 13.32 -8.33
N LEU A 26 3.51 12.24 -8.23
CA LEU A 26 3.84 11.16 -7.30
C LEU A 26 5.14 10.48 -7.70
N GLU A 27 5.27 10.15 -8.98
CA GLU A 27 6.47 9.49 -9.49
C GLU A 27 7.71 10.33 -9.19
N ALA A 28 7.52 11.64 -9.06
CA ALA A 28 8.61 12.54 -8.77
C ALA A 28 8.85 12.66 -7.27
N ASN A 29 7.84 12.29 -6.48
CA ASN A 29 7.95 12.35 -5.02
C ASN A 29 8.44 11.02 -4.46
N LEU A 30 8.07 9.93 -5.13
CA LEU A 30 8.47 8.59 -4.69
C LEU A 30 9.89 8.61 -4.12
N PRO A 31 10.02 8.14 -2.87
CA PRO A 31 11.31 8.09 -2.18
C PRO A 31 12.25 7.04 -2.78
N CYS A 32 13.40 6.86 -2.16
CA CYS A 32 14.39 5.88 -2.62
C CYS A 32 14.11 4.51 -2.03
N THR A 33 12.88 4.26 -1.63
CA THR A 33 12.50 3.00 -1.03
C THR A 33 11.36 2.34 -1.82
N CYS A 34 10.63 3.15 -2.57
CA CYS A 34 9.51 2.65 -3.37
C CYS A 34 9.82 2.77 -4.85
N LYS A 35 9.00 2.10 -5.67
CA LYS A 35 9.18 2.13 -7.12
C LYS A 35 7.87 1.84 -7.84
N VAL A 36 7.36 2.83 -8.56
CA VAL A 36 6.10 2.68 -9.29
C VAL A 36 6.37 2.27 -10.74
N HIS A 37 5.44 1.51 -11.31
CA HIS A 37 5.57 1.04 -12.69
C HIS A 37 4.20 0.96 -13.36
N PHE A 38 4.05 1.68 -14.47
CA PHE A 38 2.79 1.70 -15.21
C PHE A 38 2.92 0.92 -16.52
N PRO A 39 2.38 -0.30 -16.54
CA PRO A 39 2.42 -1.17 -17.72
C PRO A 39 1.54 -0.64 -18.86
N ASP A 40 0.59 0.21 -18.51
CA ASP A 40 -0.32 0.78 -19.49
C ASP A 40 -0.48 2.28 -19.28
N PRO A 41 -0.11 3.08 -20.30
CA PRO A 41 -0.19 4.53 -20.25
C PRO A 41 -1.64 5.03 -20.27
N ASN A 42 -2.45 4.46 -21.16
CA ASN A 42 -3.84 4.83 -21.28
C ASN A 42 -4.61 4.50 -20.00
N LYS A 43 -4.04 3.62 -19.19
CA LYS A 43 -4.66 3.22 -17.93
C LYS A 43 -3.89 3.77 -16.74
N LEU A 44 -4.51 4.71 -16.01
CA LEU A 44 -3.88 5.31 -14.85
C LEU A 44 -4.55 4.84 -13.56
N HIS A 45 -5.83 4.50 -13.66
CA HIS A 45 -6.59 4.04 -12.51
C HIS A 45 -5.88 2.88 -11.83
N CYS A 46 -5.55 1.85 -12.60
CA CYS A 46 -4.87 0.68 -12.07
C CYS A 46 -3.40 0.67 -12.49
N PHE A 47 -2.51 0.62 -11.50
CA PHE A 47 -1.08 0.61 -11.75
C PHE A 47 -0.35 -0.28 -10.76
N GLN A 48 0.94 -0.49 -10.98
CA GLN A 48 1.75 -1.32 -10.10
C GLN A 48 2.67 -0.47 -9.23
N LEU A 49 2.67 -0.74 -7.93
CA LEU A 49 3.51 0.00 -6.99
C LEU A 49 4.41 -0.94 -6.20
N THR A 50 5.68 -0.57 -6.08
CA THR A 50 6.64 -1.39 -5.34
C THR A 50 7.15 -0.66 -4.10
N VAL A 51 7.38 -1.41 -3.03
CA VAL A 51 7.87 -0.84 -1.79
C VAL A 51 8.89 -1.75 -1.12
N THR A 52 10.05 -1.19 -0.80
CA THR A 52 11.12 -1.95 -0.17
C THR A 52 11.88 -1.10 0.85
N PRO A 53 11.61 -1.34 2.14
CA PRO A 53 12.26 -0.61 3.24
C PRO A 53 13.74 -0.95 3.37
N ASP A 54 14.58 0.08 3.44
CA ASP A 54 16.02 -0.11 3.57
C ASP A 54 16.42 -0.23 5.04
N GLU A 55 15.46 -0.59 5.89
CA GLU A 55 15.73 -0.73 7.31
C GLU A 55 14.67 -1.64 7.96
N GLY A 56 14.96 -2.07 9.19
CA GLY A 56 14.03 -2.92 9.91
C GLY A 56 14.25 -4.39 9.59
N TYR A 57 13.15 -5.13 9.45
CA TYR A 57 13.23 -6.56 9.15
C TYR A 57 13.33 -6.79 7.64
N TYR A 58 12.44 -6.14 6.89
CA TYR A 58 12.44 -6.28 5.44
C TYR A 58 13.42 -5.31 4.80
N GLN A 59 14.56 -5.13 5.45
CA GLN A 59 15.60 -4.24 4.94
C GLN A 59 15.74 -4.37 3.43
N GLY A 60 15.52 -5.58 2.93
CA GLY A 60 15.64 -5.82 1.50
C GLY A 60 14.52 -6.70 0.98
N GLY A 61 13.29 -6.40 1.38
CA GLY A 61 12.15 -7.18 0.93
C GLY A 61 11.34 -6.47 -0.14
N LYS A 62 11.37 -7.01 -1.36
CA LYS A 62 10.64 -6.42 -2.47
C LYS A 62 9.19 -6.91 -2.50
N PHE A 63 8.25 -5.99 -2.60
CA PHE A 63 6.83 -6.32 -2.64
C PHE A 63 6.11 -5.54 -3.72
N GLN A 64 4.87 -5.92 -4.00
CA GLN A 64 4.07 -5.25 -5.01
C GLN A 64 2.69 -4.92 -4.48
N PHE A 65 2.15 -3.78 -4.91
CA PHE A 65 0.82 -3.34 -4.47
C PHE A 65 0.00 -2.84 -5.65
N GLU A 66 -1.19 -3.42 -5.82
CA GLU A 66 -2.08 -3.03 -6.92
C GLU A 66 -3.15 -2.06 -6.43
N THR A 67 -2.95 -0.78 -6.70
CA THR A 67 -3.90 0.24 -6.30
C THR A 67 -4.98 0.45 -7.35
N GLU A 68 -6.23 0.37 -6.94
CA GLU A 68 -7.36 0.54 -7.86
C GLU A 68 -8.05 1.88 -7.60
N VAL A 69 -8.29 2.63 -8.69
CA VAL A 69 -8.95 3.93 -8.58
C VAL A 69 -10.32 3.90 -9.26
N PRO A 70 -11.38 3.90 -8.46
CA PRO A 70 -12.76 3.88 -8.96
C PRO A 70 -13.15 5.19 -9.64
N ASP A 71 -14.39 5.26 -10.10
CA ASP A 71 -14.88 6.46 -10.77
C ASP A 71 -15.05 7.60 -9.78
N ALA A 72 -15.66 7.29 -8.63
CA ALA A 72 -15.88 8.29 -7.60
C ALA A 72 -14.62 9.11 -7.33
N TYR A 73 -13.48 8.42 -7.26
CA TYR A 73 -12.20 9.08 -7.01
C TYR A 73 -12.19 10.48 -7.62
N ASN A 74 -11.61 11.43 -6.89
CA ASN A 74 -11.02 11.14 -5.58
C ASN A 74 -12.10 11.07 -4.51
N MET A 75 -13.36 11.07 -4.94
CA MET A 75 -14.49 11.00 -4.01
C MET A 75 -14.30 9.85 -3.02
N VAL A 76 -13.90 8.69 -3.53
CA VAL A 76 -13.69 7.51 -2.70
C VAL A 76 -12.23 7.07 -2.73
N PRO A 77 -11.78 6.44 -1.64
CA PRO A 77 -10.40 5.95 -1.51
C PRO A 77 -10.12 4.76 -2.43
N PRO A 78 -8.91 4.74 -3.02
CA PRO A 78 -8.51 3.67 -3.92
C PRO A 78 -8.29 2.34 -3.20
N LYS A 79 -8.83 1.26 -3.76
CA LYS A 79 -8.70 -0.06 -3.17
C LYS A 79 -7.40 -0.72 -3.60
N VAL A 80 -6.49 -0.92 -2.66
CA VAL A 80 -5.21 -1.55 -2.95
C VAL A 80 -5.08 -2.89 -2.24
N LYS A 81 -4.50 -3.87 -2.93
CA LYS A 81 -4.31 -5.20 -2.36
C LYS A 81 -2.87 -5.68 -2.53
N CYS A 82 -2.35 -6.36 -1.53
CA CYS A 82 -0.99 -6.88 -1.58
C CYS A 82 -0.91 -8.13 -2.44
N LEU A 83 -0.11 -8.05 -3.50
CA LEU A 83 0.06 -9.18 -4.41
C LEU A 83 1.07 -10.18 -3.86
N THR A 84 2.26 -9.68 -3.52
CA THR A 84 3.31 -10.53 -2.97
C THR A 84 2.90 -11.14 -1.63
N LYS A 85 3.65 -12.14 -1.19
CA LYS A 85 3.37 -12.80 0.07
C LYS A 85 4.33 -12.34 1.16
N ILE A 86 3.78 -11.90 2.29
CA ILE A 86 4.59 -11.43 3.40
C ILE A 86 3.98 -11.83 4.74
N TRP A 87 4.84 -12.14 5.71
CA TRP A 87 4.37 -12.53 7.04
C TRP A 87 4.05 -11.30 7.89
N HIS A 88 3.35 -10.35 7.30
CA HIS A 88 2.98 -9.12 8.01
C HIS A 88 1.70 -9.33 8.82
N PRO A 89 1.68 -8.77 10.04
CA PRO A 89 0.52 -8.89 10.95
C PRO A 89 -0.67 -8.09 10.45
N ASN A 90 -0.48 -7.33 9.38
CA ASN A 90 -1.54 -6.52 8.81
C ASN A 90 -1.82 -6.92 7.36
N ILE A 91 -0.76 -7.21 6.61
CA ILE A 91 -0.89 -7.62 5.22
C ILE A 91 -0.93 -9.13 5.10
N THR A 92 -2.14 -9.68 5.03
CA THR A 92 -2.31 -11.12 4.91
C THR A 92 -1.76 -11.63 3.58
N GLU A 93 -1.31 -12.89 3.57
CA GLU A 93 -0.75 -13.48 2.36
C GLU A 93 -1.66 -13.24 1.16
N THR A 94 -2.97 -13.39 1.37
CA THR A 94 -3.95 -13.19 0.31
C THR A 94 -3.76 -11.82 -0.34
N GLY A 95 -3.95 -10.77 0.44
CA GLY A 95 -3.81 -9.42 -0.09
C GLY A 95 -4.73 -8.43 0.60
N GLU A 96 -4.79 -8.49 1.92
CA GLU A 96 -5.65 -7.60 2.69
C GLU A 96 -4.81 -6.62 3.51
N ILE A 97 -4.93 -5.34 3.18
CA ILE A 97 -4.17 -4.31 3.89
C ILE A 97 -5.09 -3.48 4.79
N CYS A 98 -4.67 -3.27 6.03
CA CYS A 98 -5.46 -2.49 6.98
C CYS A 98 -4.88 -1.09 7.14
N LEU A 99 -5.43 -0.15 6.37
CA LEU A 99 -4.96 1.24 6.43
C LEU A 99 -6.11 2.18 6.79
N SER A 100 -5.89 3.00 7.81
CA SER A 100 -6.90 3.94 8.26
C SER A 100 -7.25 4.94 7.16
N LEU A 101 -6.24 5.69 6.71
CA LEU A 101 -6.44 6.69 5.66
C LEU A 101 -7.10 6.06 4.44
N LEU A 102 -6.95 4.75 4.30
CA LEU A 102 -7.54 4.02 3.17
C LEU A 102 -8.91 3.48 3.53
N ARG A 103 -9.54 4.09 4.54
CA ARG A 103 -10.86 3.66 4.98
C ARG A 103 -11.95 4.59 4.45
N GLU A 104 -12.96 4.02 3.80
CA GLU A 104 -14.05 4.80 3.25
C GLU A 104 -14.86 5.47 4.35
N HIS A 105 -15.34 4.67 5.30
CA HIS A 105 -16.13 5.20 6.41
C HIS A 105 -15.27 6.05 7.33
N SER A 106 -15.70 7.29 7.55
CA SER A 106 -14.96 8.21 8.40
C SER A 106 -15.76 9.50 8.64
N ILE A 107 -15.78 9.96 9.89
CA ILE A 107 -16.51 11.16 10.24
C ILE A 107 -15.58 12.21 10.85
N ASP A 108 -14.47 11.74 11.42
CA ASP A 108 -13.49 12.64 12.03
C ASP A 108 -12.48 13.13 10.99
N GLY A 109 -11.84 12.18 10.30
CA GLY A 109 -10.86 12.54 9.30
C GLY A 109 -9.81 11.47 9.10
N THR A 110 -9.42 10.82 10.20
CA THR A 110 -8.42 9.77 10.14
C THR A 110 -8.57 8.92 8.88
N GLY A 111 -9.82 8.64 8.52
CA GLY A 111 -10.08 7.84 7.34
C GLY A 111 -9.60 8.51 6.07
N TRP A 112 -10.31 8.29 4.97
CA TRP A 112 -9.95 8.88 3.69
C TRP A 112 -10.56 10.27 3.53
N ALA A 113 -10.10 11.00 2.52
CA ALA A 113 -10.59 12.35 2.28
C ALA A 113 -10.00 12.92 0.99
N PRO A 114 -10.76 13.83 0.35
CA PRO A 114 -10.33 14.48 -0.90
C PRO A 114 -9.17 15.44 -0.68
N THR A 115 -8.69 15.53 0.56
CA THR A 115 -7.60 16.42 0.90
C THR A 115 -6.25 15.71 0.76
N ARG A 116 -6.28 14.39 0.84
CA ARG A 116 -5.07 13.59 0.72
C ARG A 116 -4.97 12.95 -0.65
N THR A 117 -3.87 13.24 -1.36
CA THR A 117 -3.66 12.69 -2.70
C THR A 117 -2.97 11.34 -2.63
N LEU A 118 -3.17 10.52 -3.66
CA LEU A 118 -2.58 9.20 -3.72
C LEU A 118 -1.20 9.19 -3.08
N LYS A 119 -0.39 10.19 -3.42
CA LYS A 119 0.97 10.31 -2.87
C LYS A 119 0.99 9.88 -1.41
N ASP A 120 0.15 10.50 -0.60
CA ASP A 120 0.08 10.19 0.83
C ASP A 120 -0.30 8.72 1.04
N VAL A 121 -1.13 8.20 0.16
CA VAL A 121 -1.58 6.81 0.25
C VAL A 121 -0.41 5.85 0.07
N VAL A 122 0.52 6.21 -0.82
CA VAL A 122 1.68 5.39 -1.09
C VAL A 122 2.65 5.40 0.10
N TRP A 123 2.87 6.59 0.66
CA TRP A 123 3.77 6.75 1.79
C TRP A 123 3.34 5.85 2.95
N GLY A 124 2.04 5.77 3.19
CA GLY A 124 1.52 4.94 4.26
C GLY A 124 1.87 3.48 4.09
N LEU A 125 1.74 2.99 2.87
CA LEU A 125 2.04 1.59 2.56
C LEU A 125 3.53 1.32 2.68
N ASN A 126 4.32 2.39 2.66
CA ASN A 126 5.77 2.27 2.76
C ASN A 126 6.21 2.22 4.22
N SER A 127 5.42 2.83 5.09
CA SER A 127 5.73 2.86 6.52
C SER A 127 5.11 1.66 7.24
N LEU A 128 4.26 0.93 6.52
CA LEU A 128 3.60 -0.24 7.09
C LEU A 128 4.62 -1.23 7.65
N PHE A 129 5.88 -1.02 7.29
CA PHE A 129 6.96 -1.89 7.77
C PHE A 129 8.06 -1.07 8.42
N THR A 130 7.71 0.08 8.95
CA THR A 130 8.67 0.97 9.60
C THR A 130 8.13 1.49 10.93
N ASP A 131 7.13 2.37 10.85
CA ASP A 131 6.53 2.93 12.05
C ASP A 131 5.12 2.40 12.25
N LEU A 132 4.38 2.25 11.16
CA LEU A 132 3.02 1.74 11.22
C LEU A 132 3.00 0.22 11.35
N LEU A 133 3.89 -0.30 12.19
CA LEU A 133 3.98 -1.73 12.40
C LEU A 133 3.49 -2.10 13.81
N ASN A 134 2.20 -1.92 14.04
CA ASN A 134 1.61 -2.23 15.34
C ASN A 134 1.64 -3.73 15.60
N PHE A 135 1.75 -4.11 16.87
CA PHE A 135 1.79 -5.51 17.25
C PHE A 135 0.87 -5.79 18.43
N ASP A 136 -0.25 -5.05 18.48
CA ASP A 136 -1.22 -5.21 19.56
C ASP A 136 -2.51 -5.82 19.03
N ASP A 137 -3.18 -5.11 18.14
CA ASP A 137 -4.43 -5.57 17.56
C ASP A 137 -4.31 -5.72 16.04
N PRO A 138 -3.31 -6.49 15.59
CA PRO A 138 -3.06 -6.72 14.17
C PRO A 138 -4.15 -7.58 13.53
N LEU A 139 -4.01 -7.81 12.23
CA LEU A 139 -4.98 -8.63 11.49
C LEU A 139 -4.71 -10.11 11.69
N ASN A 140 -3.44 -10.49 11.65
CA ASN A 140 -3.05 -11.88 11.83
C ASN A 140 -2.53 -12.13 13.25
N ILE A 141 -3.36 -12.74 14.09
CA ILE A 141 -2.98 -13.03 15.46
C ILE A 141 -1.58 -13.64 15.53
N GLU A 142 -1.38 -14.73 14.79
CA GLU A 142 -0.08 -15.40 14.77
C GLU A 142 1.04 -14.41 14.55
N ALA A 143 1.05 -13.78 13.38
CA ALA A 143 2.08 -12.80 13.04
C ALA A 143 2.51 -12.00 14.27
N ALA A 144 1.56 -11.76 15.17
CA ALA A 144 1.84 -11.02 16.39
C ALA A 144 2.41 -11.93 17.47
N GLU A 145 1.69 -13.00 17.78
CA GLU A 145 2.13 -13.94 18.80
C GLU A 145 3.60 -14.34 18.58
N HIS A 146 3.93 -14.62 17.32
CA HIS A 146 5.29 -15.01 16.98
C HIS A 146 6.29 -13.91 17.34
N HIS A 147 5.81 -12.68 17.40
CA HIS A 147 6.65 -11.54 17.74
C HIS A 147 6.80 -11.40 19.25
N LEU A 148 5.77 -11.80 19.98
CA LEU A 148 5.79 -11.72 21.43
C LEU A 148 6.66 -12.82 22.03
N ARG A 149 6.37 -14.06 21.66
CA ARG A 149 7.14 -15.21 22.16
C ARG A 149 8.64 -14.97 21.98
N ASP A 150 9.04 -14.66 20.76
CA ASP A 150 10.44 -14.40 20.45
C ASP A 150 10.59 -13.19 19.52
N LYS A 151 11.33 -12.19 19.99
CA LYS A 151 11.56 -10.99 19.21
C LYS A 151 12.47 -11.26 18.02
N GLU A 152 13.39 -12.21 18.19
CA GLU A 152 14.32 -12.57 17.13
C GLU A 152 13.68 -13.56 16.16
N ASP A 153 13.20 -14.68 16.69
CA ASP A 153 12.56 -15.70 15.87
C ASP A 153 11.69 -15.07 14.79
N PHE A 154 10.77 -14.20 15.20
CA PHE A 154 9.88 -13.52 14.28
C PHE A 154 10.67 -12.83 13.17
N ARG A 155 11.69 -12.08 13.56
CA ARG A 155 12.52 -11.35 12.60
C ARG A 155 13.02 -12.29 11.51
N ASN A 156 13.72 -13.35 11.91
CA ASN A 156 14.25 -14.32 10.96
C ASN A 156 13.16 -14.81 10.02
N LYS A 157 12.05 -15.28 10.59
CA LYS A 157 10.93 -15.77 9.79
C LYS A 157 10.47 -14.74 8.78
N VAL A 158 10.37 -13.49 9.23
CA VAL A 158 9.95 -12.40 8.36
C VAL A 158 10.72 -12.40 7.05
N ASP A 159 12.00 -12.74 7.13
CA ASP A 159 12.85 -12.79 5.94
C ASP A 159 12.45 -13.94 5.03
N ASP A 160 12.37 -15.14 5.60
CA ASP A 160 11.99 -16.32 4.83
C ASP A 160 10.88 -15.99 3.84
N TYR A 161 9.78 -15.46 4.34
CA TYR A 161 8.64 -15.11 3.50
C TYR A 161 9.08 -14.25 2.32
N ILE A 162 10.09 -13.41 2.55
CA ILE A 162 10.61 -12.54 1.50
C ILE A 162 11.30 -13.34 0.42
N LYS A 163 12.47 -13.89 0.74
CA LYS A 163 13.24 -14.69 -0.21
C LYS A 163 12.36 -15.75 -0.86
N ARG A 164 11.33 -16.19 -0.14
CA ARG A 164 10.41 -17.20 -0.64
C ARG A 164 9.87 -16.80 -2.02
N TYR A 165 9.12 -15.71 -2.05
CA TYR A 165 8.54 -15.22 -3.30
C TYR A 165 8.88 -13.75 -3.53
N ALA A 166 10.04 -13.34 -3.03
CA ALA A 166 10.50 -11.96 -3.18
C ALA A 166 11.99 -11.84 -2.94
N ARG A 167 12.70 -11.27 -3.90
CA ARG A 167 14.14 -11.10 -3.80
C ARG A 167 14.58 -9.76 -4.36
N SER A 168 15.29 -8.98 -3.56
CA SER A 168 15.76 -7.65 -3.98
C SER A 168 17.27 -7.62 -4.05
N GLY A 169 17.81 -6.68 -4.82
CA GLY A 169 19.26 -6.55 -4.96
C GLY A 169 19.68 -6.29 -6.39
N PRO A 170 20.96 -6.55 -6.68
CA PRO A 170 21.52 -6.35 -8.03
C PRO A 170 20.97 -7.35 -9.04
N SER A 171 20.66 -8.55 -8.58
CA SER A 171 20.13 -9.59 -9.44
C SER A 171 18.91 -9.10 -10.21
N SER A 172 18.98 -9.20 -11.54
CA SER A 172 17.88 -8.75 -12.39
C SER A 172 17.63 -9.74 -13.52
N GLY A 173 16.36 -10.09 -13.73
CA GLY A 173 16.01 -11.02 -14.79
C GLY A 173 15.34 -12.27 -14.25
N GLY A 1 -21.00 -4.45 -46.35
CA GLY A 1 -21.90 -3.35 -46.53
C GLY A 1 -21.44 -2.09 -45.83
N SER A 2 -21.60 -0.94 -46.49
CA SER A 2 -21.18 0.33 -45.93
C SER A 2 -22.01 0.68 -44.70
N SER A 3 -21.43 0.52 -43.52
CA SER A 3 -22.12 0.82 -42.27
C SER A 3 -21.53 2.05 -41.59
N GLY A 4 -22.27 2.62 -40.66
CA GLY A 4 -21.81 3.79 -39.94
C GLY A 4 -21.74 3.58 -38.45
N SER A 5 -21.40 4.64 -37.71
CA SER A 5 -21.30 4.56 -36.26
C SER A 5 -22.11 5.68 -35.60
N SER A 6 -22.97 5.29 -34.66
CA SER A 6 -23.79 6.26 -33.95
C SER A 6 -23.37 6.37 -32.49
N GLY A 7 -23.72 7.50 -31.87
CA GLY A 7 -23.38 7.70 -30.47
C GLY A 7 -22.96 9.14 -30.19
N SER A 8 -23.25 9.61 -28.99
CA SER A 8 -22.91 10.98 -28.60
C SER A 8 -21.72 10.99 -27.65
N THR A 9 -20.58 11.49 -28.13
CA THR A 9 -19.38 11.55 -27.32
C THR A 9 -19.66 12.15 -25.95
N ARG A 10 -18.65 12.14 -25.08
CA ARG A 10 -18.80 12.69 -23.74
C ARG A 10 -17.47 13.23 -23.23
N ARG A 11 -17.51 13.92 -22.09
CA ARG A 11 -16.31 14.49 -21.49
C ARG A 11 -15.63 13.48 -20.56
N VAL A 12 -14.31 13.58 -20.48
CA VAL A 12 -13.53 12.68 -19.64
C VAL A 12 -13.93 12.82 -18.18
N SER A 13 -13.67 11.78 -17.39
CA SER A 13 -14.01 11.79 -15.97
C SER A 13 -13.02 12.64 -15.19
N VAL A 14 -13.36 12.93 -13.93
CA VAL A 14 -12.50 13.74 -13.08
C VAL A 14 -11.26 12.96 -12.64
N ARG A 15 -11.41 11.64 -12.54
CA ARG A 15 -10.32 10.77 -12.13
C ARG A 15 -9.21 10.77 -13.19
N ASP A 16 -9.60 10.69 -14.45
CA ASP A 16 -8.65 10.67 -15.55
C ASP A 16 -7.68 11.85 -15.44
N LYS A 17 -8.20 12.99 -15.01
CA LYS A 17 -7.37 14.19 -14.86
C LYS A 17 -6.76 14.27 -13.46
N LEU A 18 -7.52 13.81 -12.47
CA LEU A 18 -7.04 13.83 -11.08
C LEU A 18 -5.88 12.85 -10.89
N LEU A 19 -5.84 11.83 -11.74
CA LEU A 19 -4.77 10.82 -11.67
C LEU A 19 -3.53 11.29 -12.42
N VAL A 20 -3.66 11.41 -13.74
CA VAL A 20 -2.54 11.85 -14.57
C VAL A 20 -1.72 12.94 -13.87
N LYS A 21 -2.43 13.82 -13.16
CA LYS A 21 -1.77 14.91 -12.44
C LYS A 21 -1.06 14.39 -11.20
N GLU A 22 -1.75 13.57 -10.43
CA GLU A 22 -1.19 13.00 -9.21
C GLU A 22 -0.11 11.96 -9.53
N VAL A 23 -0.52 10.91 -10.25
CA VAL A 23 0.40 9.85 -10.63
C VAL A 23 1.79 10.41 -10.94
N ALA A 24 1.81 11.50 -11.71
CA ALA A 24 3.07 12.14 -12.09
C ALA A 24 3.86 12.58 -10.85
N GLU A 25 3.31 13.53 -10.11
CA GLU A 25 3.97 14.03 -8.91
C GLU A 25 4.29 12.89 -7.95
N LEU A 26 3.48 11.84 -7.99
CA LEU A 26 3.69 10.68 -7.13
C LEU A 26 4.95 9.91 -7.54
N GLU A 27 5.15 9.78 -8.84
CA GLU A 27 6.32 9.07 -9.36
C GLU A 27 7.57 9.94 -9.25
N ALA A 28 7.40 11.16 -8.76
CA ALA A 28 8.51 12.08 -8.61
C ALA A 28 8.76 12.40 -7.14
N ASN A 29 7.80 12.04 -6.29
CA ASN A 29 7.91 12.30 -4.86
C ASN A 29 8.20 11.01 -4.10
N LEU A 30 7.65 9.90 -4.60
CA LEU A 30 7.85 8.60 -3.97
C LEU A 30 9.29 8.43 -3.49
N PRO A 31 9.47 7.75 -2.36
CA PRO A 31 10.80 7.51 -1.77
C PRO A 31 11.62 6.53 -2.60
N CYS A 32 12.94 6.65 -2.53
CA CYS A 32 13.84 5.78 -3.27
C CYS A 32 13.54 4.32 -2.97
N THR A 33 13.18 4.03 -1.72
CA THR A 33 12.87 2.67 -1.30
C THR A 33 11.70 2.10 -2.09
N CYS A 34 10.86 2.98 -2.62
CA CYS A 34 9.70 2.57 -3.41
C CYS A 34 9.91 2.87 -4.88
N LYS A 35 9.23 2.13 -5.74
CA LYS A 35 9.34 2.31 -7.18
C LYS A 35 8.03 1.96 -7.88
N VAL A 36 7.46 2.93 -8.58
CA VAL A 36 6.21 2.73 -9.31
C VAL A 36 6.46 2.49 -10.78
N HIS A 37 5.68 1.58 -11.37
CA HIS A 37 5.81 1.26 -12.79
C HIS A 37 4.44 1.04 -13.43
N PHE A 38 4.07 1.91 -14.35
CA PHE A 38 2.79 1.80 -15.04
C PHE A 38 2.90 0.88 -16.26
N PRO A 39 2.13 -0.21 -16.25
CA PRO A 39 2.13 -1.18 -17.35
C PRO A 39 1.49 -0.61 -18.62
N ASP A 40 0.37 0.10 -18.44
CA ASP A 40 -0.33 0.70 -19.57
C ASP A 40 -0.52 2.20 -19.36
N PRO A 41 -0.14 2.99 -20.37
CA PRO A 41 -0.26 4.45 -20.33
C PRO A 41 -1.70 4.92 -20.38
N ASN A 42 -2.49 4.28 -21.23
CA ASN A 42 -3.90 4.63 -21.38
C ASN A 42 -4.66 4.39 -20.07
N LYS A 43 -4.16 3.46 -19.27
CA LYS A 43 -4.79 3.14 -17.99
C LYS A 43 -3.99 3.72 -16.83
N LEU A 44 -4.61 4.61 -16.06
CA LEU A 44 -3.95 5.23 -14.92
C LEU A 44 -4.57 4.76 -13.61
N HIS A 45 -5.88 4.48 -13.65
CA HIS A 45 -6.59 4.02 -12.46
C HIS A 45 -5.90 2.80 -11.85
N CYS A 46 -5.19 2.05 -12.70
CA CYS A 46 -4.50 0.85 -12.24
C CYS A 46 -3.00 0.97 -12.52
N PHE A 47 -2.19 0.61 -11.53
CA PHE A 47 -0.74 0.67 -11.66
C PHE A 47 -0.06 -0.19 -10.59
N GLN A 48 1.23 -0.45 -10.80
CA GLN A 48 2.00 -1.25 -9.85
C GLN A 48 2.89 -0.37 -8.99
N LEU A 49 2.78 -0.55 -7.67
CA LEU A 49 3.58 0.24 -6.73
C LEU A 49 4.54 -0.67 -5.96
N THR A 50 5.83 -0.49 -6.18
CA THR A 50 6.85 -1.28 -5.51
C THR A 50 7.30 -0.61 -4.22
N VAL A 51 7.60 -1.42 -3.21
CA VAL A 51 8.06 -0.90 -1.92
C VAL A 51 9.12 -1.80 -1.31
N THR A 52 10.34 -1.28 -1.22
CA THR A 52 11.45 -2.04 -0.65
C THR A 52 12.18 -1.23 0.42
N PRO A 53 11.81 -1.47 1.69
CA PRO A 53 12.41 -0.76 2.83
C PRO A 53 13.86 -1.19 3.07
N ASP A 54 14.74 -0.21 3.22
CA ASP A 54 16.15 -0.49 3.45
C ASP A 54 16.43 -0.64 4.95
N GLU A 55 15.38 -0.62 5.76
CA GLU A 55 15.51 -0.76 7.20
C GLU A 55 14.34 -1.52 7.79
N GLY A 56 14.35 -1.71 9.10
CA GLY A 56 13.28 -2.43 9.77
C GLY A 56 13.52 -3.92 9.78
N TYR A 57 12.64 -4.67 9.12
CA TYR A 57 12.75 -6.13 9.07
C TYR A 57 12.99 -6.61 7.66
N TYR A 58 12.41 -5.90 6.69
CA TYR A 58 12.55 -6.25 5.28
C TYR A 58 13.56 -5.33 4.60
N GLN A 59 14.64 -4.99 5.31
CA GLN A 59 15.67 -4.13 4.76
C GLN A 59 15.95 -4.45 3.30
N GLY A 60 15.79 -5.72 2.95
CA GLY A 60 16.02 -6.14 1.58
C GLY A 60 14.89 -6.98 1.03
N GLY A 61 13.65 -6.56 1.30
CA GLY A 61 12.51 -7.30 0.82
C GLY A 61 11.63 -6.46 -0.09
N LYS A 62 11.58 -6.83 -1.37
CA LYS A 62 10.76 -6.09 -2.34
C LYS A 62 9.34 -6.63 -2.36
N PHE A 63 8.39 -5.76 -2.70
CA PHE A 63 6.99 -6.16 -2.76
C PHE A 63 6.24 -5.32 -3.80
N GLN A 64 5.17 -5.89 -4.34
CA GLN A 64 4.36 -5.20 -5.34
C GLN A 64 2.96 -4.89 -4.81
N PHE A 65 2.45 -3.71 -5.14
CA PHE A 65 1.13 -3.30 -4.70
C PHE A 65 0.27 -2.88 -5.88
N GLU A 66 -0.96 -3.38 -5.91
CA GLU A 66 -1.89 -3.06 -7.00
C GLU A 66 -2.99 -2.12 -6.51
N THR A 67 -2.87 -0.85 -6.89
CA THR A 67 -3.85 0.15 -6.49
C THR A 67 -4.94 0.32 -7.54
N GLU A 68 -6.18 0.43 -7.10
CA GLU A 68 -7.31 0.59 -8.00
C GLU A 68 -8.05 1.89 -7.73
N VAL A 69 -8.37 2.61 -8.81
CA VAL A 69 -9.08 3.88 -8.67
C VAL A 69 -10.50 3.78 -9.23
N PRO A 70 -11.49 3.76 -8.32
CA PRO A 70 -12.90 3.66 -8.70
C PRO A 70 -13.41 4.93 -9.37
N ASP A 71 -14.71 4.95 -9.66
CA ASP A 71 -15.32 6.11 -10.30
C ASP A 71 -15.49 7.25 -9.31
N ALA A 72 -15.87 6.92 -8.08
CA ALA A 72 -16.06 7.93 -7.04
C ALA A 72 -14.83 8.81 -6.89
N TYR A 73 -13.66 8.17 -6.81
CA TYR A 73 -12.41 8.90 -6.65
C TYR A 73 -12.48 10.26 -7.32
N ASN A 74 -11.94 11.28 -6.66
CA ASN A 74 -11.31 11.07 -5.35
C ASN A 74 -12.36 10.92 -4.25
N MET A 75 -13.63 10.92 -4.66
CA MET A 75 -14.73 10.78 -3.70
C MET A 75 -14.47 9.62 -2.75
N VAL A 76 -13.94 8.53 -3.28
CA VAL A 76 -13.63 7.35 -2.47
C VAL A 76 -12.17 6.94 -2.62
N PRO A 77 -11.62 6.31 -1.57
CA PRO A 77 -10.23 5.85 -1.56
C PRO A 77 -10.00 4.67 -2.49
N PRO A 78 -8.83 4.65 -3.14
CA PRO A 78 -8.48 3.58 -4.08
C PRO A 78 -8.22 2.24 -3.36
N LYS A 79 -8.61 1.16 -4.01
CA LYS A 79 -8.43 -0.17 -3.45
C LYS A 79 -7.01 -0.69 -3.70
N VAL A 80 -6.26 -0.89 -2.63
CA VAL A 80 -4.89 -1.38 -2.74
C VAL A 80 -4.75 -2.76 -2.10
N LYS A 81 -4.27 -3.72 -2.89
CA LYS A 81 -4.08 -5.08 -2.41
C LYS A 81 -2.65 -5.55 -2.65
N CYS A 82 -1.93 -5.85 -1.57
CA CYS A 82 -0.56 -6.32 -1.67
C CYS A 82 -0.48 -7.66 -2.40
N LEU A 83 -0.05 -7.62 -3.65
CA LEU A 83 0.07 -8.82 -4.47
C LEU A 83 0.95 -9.86 -3.78
N THR A 84 2.25 -9.57 -3.73
CA THR A 84 3.21 -10.47 -3.10
C THR A 84 2.72 -10.92 -1.72
N LYS A 85 3.29 -12.01 -1.22
CA LYS A 85 2.91 -12.54 0.08
C LYS A 85 3.97 -12.21 1.13
N ILE A 86 3.55 -11.57 2.22
CA ILE A 86 4.46 -11.20 3.29
C ILE A 86 3.90 -11.62 4.64
N TRP A 87 4.81 -11.83 5.60
CA TRP A 87 4.40 -12.23 6.95
C TRP A 87 4.07 -11.01 7.79
N HIS A 88 3.56 -9.96 7.16
CA HIS A 88 3.20 -8.74 7.86
C HIS A 88 1.93 -8.93 8.68
N PRO A 89 1.90 -8.37 9.89
CA PRO A 89 0.76 -8.47 10.79
C PRO A 89 -0.44 -7.66 10.29
N ASN A 90 -0.24 -6.92 9.21
CA ASN A 90 -1.30 -6.11 8.64
C ASN A 90 -1.61 -6.55 7.21
N ILE A 91 -0.58 -6.93 6.49
CA ILE A 91 -0.73 -7.39 5.10
C ILE A 91 -0.81 -8.91 5.02
N THR A 92 -1.99 -9.41 4.67
CA THR A 92 -2.20 -10.84 4.56
C THR A 92 -1.69 -11.37 3.22
N GLU A 93 -1.35 -12.66 3.19
CA GLU A 93 -0.85 -13.29 1.98
C GLU A 93 -1.68 -12.89 0.77
N THR A 94 -2.98 -13.17 0.84
CA THR A 94 -3.89 -12.84 -0.25
C THR A 94 -3.63 -11.43 -0.78
N GLY A 95 -3.66 -10.45 0.12
CA GLY A 95 -3.42 -9.07 -0.27
C GLY A 95 -4.38 -8.11 0.40
N GLU A 96 -4.43 -8.16 1.72
CA GLU A 96 -5.31 -7.29 2.49
C GLU A 96 -4.51 -6.38 3.43
N ILE A 97 -4.56 -5.08 3.18
CA ILE A 97 -3.83 -4.12 4.00
C ILE A 97 -4.79 -3.39 4.94
N CYS A 98 -4.39 -3.29 6.21
CA CYS A 98 -5.20 -2.61 7.21
C CYS A 98 -4.68 -1.20 7.47
N LEU A 99 -5.15 -0.24 6.67
CA LEU A 99 -4.73 1.14 6.82
C LEU A 99 -5.88 2.01 7.32
N SER A 100 -5.54 3.14 7.91
CA SER A 100 -6.55 4.07 8.43
C SER A 100 -6.97 5.08 7.36
N LEU A 101 -6.04 5.94 6.99
CA LEU A 101 -6.31 6.96 5.97
C LEU A 101 -7.13 6.38 4.82
N LEU A 102 -6.92 5.11 4.54
CA LEU A 102 -7.64 4.44 3.46
C LEU A 102 -8.95 3.86 3.97
N ARG A 103 -9.52 4.50 4.99
CA ARG A 103 -10.78 4.05 5.57
C ARG A 103 -11.92 5.01 5.19
N GLU A 104 -12.96 4.45 4.59
CA GLU A 104 -14.12 5.25 4.18
C GLU A 104 -15.00 5.59 5.38
N HIS A 105 -15.22 4.61 6.25
CA HIS A 105 -16.04 4.81 7.43
C HIS A 105 -15.17 5.02 8.67
N SER A 106 -14.49 6.17 8.72
CA SER A 106 -13.62 6.49 9.84
C SER A 106 -14.41 6.60 11.13
N ILE A 107 -14.15 5.70 12.06
CA ILE A 107 -14.85 5.69 13.35
C ILE A 107 -14.09 6.52 14.39
N ASP A 108 -12.84 6.84 14.07
CA ASP A 108 -12.01 7.63 14.98
C ASP A 108 -11.42 8.83 14.26
N GLY A 109 -12.17 9.38 13.32
CA GLY A 109 -11.70 10.53 12.56
C GLY A 109 -10.70 10.16 11.50
N THR A 110 -9.61 9.52 11.91
CA THR A 110 -8.56 9.10 10.98
C THR A 110 -9.14 8.25 9.86
N GLY A 111 -9.28 8.84 8.67
CA GLY A 111 -9.82 8.12 7.53
C GLY A 111 -9.40 8.73 6.21
N TRP A 112 -10.17 8.44 5.16
CA TRP A 112 -9.88 8.97 3.84
C TRP A 112 -10.54 10.32 3.63
N ALA A 113 -10.16 11.01 2.56
CA ALA A 113 -10.72 12.31 2.24
C ALA A 113 -10.22 12.82 0.90
N PRO A 114 -11.00 13.72 0.28
CA PRO A 114 -10.67 14.29 -1.04
C PRO A 114 -9.47 15.24 -0.95
N THR A 115 -9.00 15.48 0.26
CA THR A 115 -7.85 16.37 0.47
C THR A 115 -6.54 15.62 0.32
N ARG A 116 -6.47 14.43 0.89
CA ARG A 116 -5.26 13.61 0.82
C ARG A 116 -5.05 13.08 -0.59
N THR A 117 -3.90 13.41 -1.17
CA THR A 117 -3.58 12.97 -2.52
C THR A 117 -3.07 11.52 -2.52
N LEU A 118 -2.79 11.00 -3.71
CA LEU A 118 -2.30 9.64 -3.85
C LEU A 118 -0.86 9.52 -3.38
N LYS A 119 -0.31 10.63 -2.91
CA LYS A 119 1.07 10.66 -2.43
C LYS A 119 1.16 10.13 -1.00
N ASP A 120 0.37 10.72 -0.10
CA ASP A 120 0.36 10.30 1.29
C ASP A 120 -0.24 8.90 1.43
N VAL A 121 -1.20 8.58 0.59
CA VAL A 121 -1.85 7.28 0.62
C VAL A 121 -0.86 6.16 0.32
N VAL A 122 0.06 6.44 -0.62
CA VAL A 122 1.07 5.45 -0.99
C VAL A 122 2.18 5.36 0.05
N TRP A 123 2.50 6.50 0.66
CA TRP A 123 3.54 6.55 1.67
C TRP A 123 3.18 5.67 2.86
N GLY A 124 1.99 5.85 3.40
CA GLY A 124 1.55 5.06 4.53
C GLY A 124 1.79 3.57 4.32
N LEU A 125 1.41 3.07 3.15
CA LEU A 125 1.59 1.66 2.83
C LEU A 125 3.06 1.27 2.82
N ASN A 126 3.92 2.25 2.53
CA ASN A 126 5.35 2.03 2.49
C ASN A 126 5.97 2.22 3.86
N SER A 127 5.30 2.99 4.71
CA SER A 127 5.79 3.26 6.06
C SER A 127 5.37 2.15 7.03
N LEU A 128 4.47 1.29 6.57
CA LEU A 128 3.98 0.18 7.39
C LEU A 128 5.12 -0.78 7.73
N PHE A 129 6.28 -0.55 7.12
CA PHE A 129 7.44 -1.40 7.35
C PHE A 129 8.56 -0.62 8.05
N THR A 130 8.29 0.66 8.32
CA THR A 130 9.27 1.52 8.99
C THR A 130 8.86 1.81 10.42
N ASP A 131 7.89 2.70 10.58
CA ASP A 131 7.40 3.07 11.91
C ASP A 131 5.95 2.65 12.09
N LEU A 132 5.22 2.54 10.98
CA LEU A 132 3.82 2.15 11.02
C LEU A 132 3.68 0.64 11.15
N LEU A 133 4.52 0.04 11.98
CA LEU A 133 4.49 -1.40 12.19
C LEU A 133 4.11 -1.74 13.62
N ASN A 134 2.83 -1.59 13.95
CA ASN A 134 2.34 -1.87 15.29
C ASN A 134 1.96 -3.34 15.43
N PHE A 135 1.92 -3.83 16.67
CA PHE A 135 1.57 -5.22 16.94
C PHE A 135 0.55 -5.31 18.08
N ASP A 136 -0.43 -4.43 18.06
CA ASP A 136 -1.46 -4.41 19.09
C ASP A 136 -2.76 -5.02 18.57
N ASP A 137 -3.37 -4.36 17.59
CA ASP A 137 -4.62 -4.84 17.00
C ASP A 137 -4.45 -5.12 15.52
N PRO A 138 -3.43 -5.93 15.18
CA PRO A 138 -3.14 -6.30 13.78
C PRO A 138 -4.21 -7.21 13.19
N LEU A 139 -4.04 -7.56 11.92
CA LEU A 139 -4.98 -8.43 11.23
C LEU A 139 -4.64 -9.90 11.46
N ASN A 140 -3.36 -10.22 11.40
CA ASN A 140 -2.89 -11.59 11.61
C ASN A 140 -2.40 -11.78 13.04
N ILE A 141 -3.10 -12.64 13.77
CA ILE A 141 -2.74 -12.93 15.16
C ILE A 141 -1.38 -13.60 15.24
N GLU A 142 -1.24 -14.75 14.58
CA GLU A 142 0.01 -15.49 14.58
C GLU A 142 1.20 -14.55 14.37
N ALA A 143 1.14 -13.75 13.31
CA ALA A 143 2.20 -12.82 12.99
C ALA A 143 2.58 -11.99 14.22
N ALA A 144 1.60 -11.74 15.08
CA ALA A 144 1.84 -10.96 16.29
C ALA A 144 2.39 -11.83 17.40
N GLU A 145 1.63 -12.85 17.79
CA GLU A 145 2.05 -13.76 18.85
C GLU A 145 3.47 -14.24 18.62
N HIS A 146 3.82 -14.51 17.36
CA HIS A 146 5.14 -14.98 17.01
C HIS A 146 6.20 -13.92 17.33
N HIS A 147 5.78 -12.66 17.32
CA HIS A 147 6.68 -11.56 17.61
C HIS A 147 6.74 -11.27 19.12
N LEU A 148 5.63 -11.55 19.80
CA LEU A 148 5.55 -11.33 21.24
C LEU A 148 6.29 -12.43 22.00
N ARG A 149 6.13 -13.66 21.55
CA ARG A 149 6.77 -14.80 22.18
C ARG A 149 8.27 -14.82 21.87
N ASP A 150 8.60 -14.61 20.61
CA ASP A 150 10.00 -14.61 20.17
C ASP A 150 10.28 -13.40 19.28
N LYS A 151 10.94 -12.40 19.84
CA LYS A 151 11.28 -11.19 19.09
C LYS A 151 12.27 -11.51 17.97
N GLU A 152 13.14 -12.49 18.21
CA GLU A 152 14.13 -12.88 17.22
C GLU A 152 13.51 -13.79 16.17
N ASP A 153 12.96 -14.92 16.60
CA ASP A 153 12.34 -15.87 15.69
C ASP A 153 11.52 -15.14 14.61
N PHE A 154 10.58 -14.31 15.05
CA PHE A 154 9.73 -13.56 14.13
C PHE A 154 10.58 -12.81 13.12
N ARG A 155 11.59 -12.10 13.59
CA ARG A 155 12.48 -11.33 12.73
C ARG A 155 12.99 -12.19 11.58
N ASN A 156 13.62 -13.31 11.92
CA ASN A 156 14.16 -14.22 10.93
C ASN A 156 13.06 -14.76 10.01
N LYS A 157 11.98 -15.24 10.62
CA LYS A 157 10.85 -15.78 9.87
C LYS A 157 10.38 -14.78 8.82
N VAL A 158 10.55 -13.50 9.10
CA VAL A 158 10.15 -12.45 8.18
C VAL A 158 11.08 -12.39 6.96
N ASP A 159 12.38 -12.48 7.22
CA ASP A 159 13.37 -12.44 6.15
C ASP A 159 13.23 -13.66 5.24
N ASP A 160 12.49 -14.66 5.69
CA ASP A 160 12.28 -15.87 4.92
C ASP A 160 11.16 -15.68 3.91
N TYR A 161 9.95 -15.45 4.41
CA TYR A 161 8.80 -15.25 3.55
C TYR A 161 9.16 -14.40 2.33
N ILE A 162 10.21 -13.60 2.47
CA ILE A 162 10.66 -12.75 1.38
C ILE A 162 11.10 -13.58 0.18
N LYS A 163 12.22 -14.27 0.32
CA LYS A 163 12.75 -15.10 -0.76
C LYS A 163 11.66 -16.00 -1.33
N ARG A 164 10.80 -16.50 -0.45
CA ARG A 164 9.71 -17.39 -0.87
C ARG A 164 9.04 -16.85 -2.14
N TYR A 165 8.42 -15.68 -2.02
CA TYR A 165 7.73 -15.06 -3.15
C TYR A 165 8.18 -13.61 -3.33
N ALA A 166 9.45 -13.35 -3.02
CA ALA A 166 10.01 -12.01 -3.16
C ALA A 166 11.53 -12.05 -3.17
N ARG A 167 12.12 -11.47 -4.21
CA ARG A 167 13.57 -11.44 -4.35
C ARG A 167 14.03 -10.14 -4.99
N SER A 168 14.92 -9.43 -4.31
CA SER A 168 15.44 -8.16 -4.81
C SER A 168 16.43 -8.38 -5.95
N GLY A 169 17.18 -9.48 -5.86
CA GLY A 169 18.16 -9.79 -6.88
C GLY A 169 19.58 -9.60 -6.41
N PRO A 170 20.50 -9.38 -7.36
CA PRO A 170 21.93 -9.17 -7.06
C PRO A 170 22.18 -7.84 -6.39
N SER A 171 21.24 -6.90 -6.56
CA SER A 171 21.37 -5.58 -5.97
C SER A 171 20.83 -5.56 -4.54
N SER A 172 21.44 -4.74 -3.70
CA SER A 172 21.02 -4.63 -2.29
C SER A 172 19.54 -4.28 -2.20
N GLY A 173 19.11 -3.35 -3.05
CA GLY A 173 17.71 -2.94 -3.05
C GLY A 173 17.38 -1.99 -4.17
N GLY A 1 -16.46 27.73 11.69
CA GLY A 1 -15.51 26.81 11.09
C GLY A 1 -15.44 26.95 9.59
N SER A 2 -14.26 27.29 9.08
CA SER A 2 -14.06 27.46 7.65
C SER A 2 -14.46 26.21 6.89
N SER A 3 -13.84 25.09 7.23
CA SER A 3 -14.13 23.82 6.58
C SER A 3 -15.63 23.61 6.43
N GLY A 4 -16.06 23.18 5.24
CA GLY A 4 -17.47 22.96 4.99
C GLY A 4 -17.75 21.56 4.47
N SER A 5 -19.03 21.23 4.33
CA SER A 5 -19.42 19.92 3.84
C SER A 5 -18.74 19.59 2.52
N SER A 6 -18.70 18.31 2.18
CA SER A 6 -18.07 17.86 0.95
C SER A 6 -18.37 16.39 0.68
N GLY A 7 -18.80 16.08 -0.54
CA GLY A 7 -19.11 14.71 -0.90
C GLY A 7 -20.07 14.62 -2.06
N SER A 8 -19.53 14.60 -3.28
CA SER A 8 -20.36 14.51 -4.47
C SER A 8 -19.65 13.73 -5.57
N THR A 9 -20.22 12.58 -5.95
CA THR A 9 -19.65 11.74 -6.98
C THR A 9 -19.47 12.51 -8.29
N ARG A 10 -18.27 12.44 -8.86
CA ARG A 10 -17.98 13.13 -10.11
C ARG A 10 -17.44 12.16 -11.15
N ARG A 11 -18.14 12.04 -12.27
CA ARG A 11 -17.73 11.15 -13.34
C ARG A 11 -16.22 11.23 -13.57
N VAL A 12 -15.68 10.25 -14.29
CA VAL A 12 -14.25 10.21 -14.58
C VAL A 12 -13.72 11.60 -14.91
N SER A 13 -14.61 12.48 -15.37
CA SER A 13 -14.24 13.84 -15.73
C SER A 13 -13.07 14.33 -14.88
N VAL A 14 -13.22 14.23 -13.56
CA VAL A 14 -12.19 14.66 -12.63
C VAL A 14 -11.20 13.52 -12.35
N ARG A 15 -11.68 12.28 -12.50
CA ARG A 15 -10.83 11.11 -12.27
C ARG A 15 -9.66 11.08 -13.25
N ASP A 16 -9.87 11.65 -14.43
CA ASP A 16 -8.84 11.68 -15.46
C ASP A 16 -7.75 12.69 -15.11
N LYS A 17 -8.17 13.93 -14.88
CA LYS A 17 -7.23 15.00 -14.54
C LYS A 17 -6.63 14.76 -13.16
N LEU A 18 -7.41 14.17 -12.27
CA LEU A 18 -6.95 13.89 -10.91
C LEU A 18 -5.91 12.77 -10.91
N LEU A 19 -5.86 12.02 -12.01
CA LEU A 19 -4.91 10.92 -12.14
C LEU A 19 -3.60 11.40 -12.76
N VAL A 20 -3.68 11.84 -14.01
CA VAL A 20 -2.50 12.34 -14.72
C VAL A 20 -1.75 13.37 -13.89
N LYS A 21 -2.49 14.26 -13.25
CA LYS A 21 -1.90 15.30 -12.41
C LYS A 21 -1.20 14.69 -11.20
N GLU A 22 -1.89 13.76 -10.53
CA GLU A 22 -1.32 13.10 -9.35
C GLU A 22 -0.24 12.11 -9.75
N VAL A 23 -0.65 11.05 -10.45
CA VAL A 23 0.29 10.03 -10.90
C VAL A 23 1.64 10.63 -11.25
N ALA A 24 1.62 11.69 -12.05
CA ALA A 24 2.84 12.37 -12.47
C ALA A 24 3.72 12.69 -11.27
N GLU A 25 3.26 13.62 -10.43
CA GLU A 25 4.00 14.03 -9.25
C GLU A 25 4.34 12.81 -8.38
N LEU A 26 3.43 11.85 -8.34
CA LEU A 26 3.62 10.63 -7.55
C LEU A 26 4.88 9.90 -7.98
N GLU A 27 5.14 9.87 -9.29
CA GLU A 27 6.30 9.20 -9.83
C GLU A 27 7.56 10.07 -9.67
N ALA A 28 7.37 11.27 -9.13
CA ALA A 28 8.48 12.19 -8.92
C ALA A 28 8.59 12.58 -7.45
N ASN A 29 7.62 12.15 -6.65
CA ASN A 29 7.62 12.46 -5.22
C ASN A 29 7.90 11.21 -4.40
N LEU A 30 7.39 10.07 -4.86
CA LEU A 30 7.59 8.80 -4.18
C LEU A 30 9.06 8.60 -3.80
N PRO A 31 9.31 8.06 -2.60
CA PRO A 31 10.66 7.81 -2.11
C PRO A 31 11.35 6.68 -2.87
N CYS A 32 12.68 6.71 -2.89
CA CYS A 32 13.45 5.69 -3.58
C CYS A 32 13.07 4.29 -3.10
N THR A 33 12.78 4.18 -1.80
CA THR A 33 12.40 2.90 -1.21
C THR A 33 11.30 2.23 -2.01
N CYS A 34 10.48 3.04 -2.68
CA CYS A 34 9.39 2.53 -3.49
C CYS A 34 9.65 2.75 -4.97
N LYS A 35 8.82 2.13 -5.81
CA LYS A 35 8.97 2.26 -7.26
C LYS A 35 7.68 1.84 -7.97
N VAL A 36 7.10 2.76 -8.71
CA VAL A 36 5.87 2.48 -9.45
C VAL A 36 6.16 2.24 -10.93
N HIS A 37 5.46 1.27 -11.51
CA HIS A 37 5.64 0.94 -12.92
C HIS A 37 4.29 0.83 -13.63
N PHE A 38 4.07 1.68 -14.62
CA PHE A 38 2.82 1.67 -15.37
C PHE A 38 2.95 0.84 -16.64
N PRO A 39 2.32 -0.35 -16.64
CA PRO A 39 2.35 -1.26 -17.78
C PRO A 39 1.57 -0.73 -18.97
N ASP A 40 0.51 0.02 -18.70
CA ASP A 40 -0.31 0.59 -19.76
C ASP A 40 -0.71 2.03 -19.41
N PRO A 41 -0.36 2.96 -20.30
CA PRO A 41 -0.68 4.38 -20.11
C PRO A 41 -2.17 4.67 -20.25
N ASN A 42 -2.83 3.96 -21.17
CA ASN A 42 -4.26 4.15 -21.40
C ASN A 42 -5.01 4.18 -20.08
N LYS A 43 -4.64 3.30 -19.16
CA LYS A 43 -5.28 3.23 -17.85
C LYS A 43 -4.34 3.73 -16.76
N LEU A 44 -4.77 4.76 -16.05
CA LEU A 44 -3.97 5.34 -14.97
C LEU A 44 -4.34 4.71 -13.63
N HIS A 45 -5.62 4.72 -13.29
CA HIS A 45 -6.10 4.15 -12.05
C HIS A 45 -5.45 2.79 -11.79
N CYS A 46 -5.51 1.91 -12.78
CA CYS A 46 -4.92 0.58 -12.66
C CYS A 46 -3.42 0.63 -12.87
N PHE A 47 -2.67 0.41 -11.79
CA PHE A 47 -1.21 0.43 -11.86
C PHE A 47 -0.60 -0.39 -10.72
N GLN A 48 0.68 -0.70 -10.85
CA GLN A 48 1.38 -1.49 -9.84
C GLN A 48 2.29 -0.59 -9.00
N LEU A 49 2.42 -0.94 -7.72
CA LEU A 49 3.27 -0.17 -6.81
C LEU A 49 4.22 -1.10 -6.05
N THR A 50 5.50 -0.74 -6.05
CA THR A 50 6.51 -1.54 -5.36
C THR A 50 7.06 -0.79 -4.15
N VAL A 51 6.98 -1.42 -2.99
CA VAL A 51 7.46 -0.82 -1.75
C VAL A 51 8.57 -1.66 -1.13
N THR A 52 9.77 -1.07 -1.02
CA THR A 52 10.91 -1.76 -0.44
C THR A 52 11.62 -0.89 0.59
N PRO A 53 11.28 -1.09 1.88
CA PRO A 53 11.87 -0.32 2.98
C PRO A 53 13.34 -0.69 3.21
N ASP A 54 14.19 0.32 3.27
CA ASP A 54 15.61 0.11 3.49
C ASP A 54 15.95 0.15 4.97
N GLU A 55 14.96 -0.15 5.82
CA GLU A 55 15.15 -0.14 7.26
C GLU A 55 14.11 -1.02 7.94
N GLY A 56 14.41 -1.44 9.17
CA GLY A 56 13.49 -2.28 9.92
C GLY A 56 13.78 -3.75 9.75
N TYR A 57 12.73 -4.57 9.77
CA TYR A 57 12.88 -6.01 9.62
C TYR A 57 13.07 -6.39 8.15
N TYR A 58 12.25 -5.79 7.29
CA TYR A 58 12.33 -6.06 5.86
C TYR A 58 13.26 -5.07 5.16
N GLN A 59 14.35 -4.73 5.83
CA GLN A 59 15.32 -3.80 5.28
C GLN A 59 15.49 -4.01 3.77
N GLY A 60 15.37 -5.27 3.35
CA GLY A 60 15.51 -5.58 1.94
C GLY A 60 14.41 -6.51 1.44
N GLY A 61 13.17 -6.15 1.72
CA GLY A 61 12.04 -6.97 1.29
C GLY A 61 11.19 -6.27 0.24
N LYS A 62 11.16 -6.85 -0.95
CA LYS A 62 10.38 -6.29 -2.05
C LYS A 62 8.93 -6.73 -1.97
N PHE A 63 8.01 -5.77 -2.00
CA PHE A 63 6.58 -6.07 -1.94
C PHE A 63 5.81 -5.29 -2.99
N GLN A 64 4.83 -5.94 -3.61
CA GLN A 64 4.02 -5.30 -4.64
C GLN A 64 2.63 -4.96 -4.10
N PHE A 65 1.94 -4.07 -4.81
CA PHE A 65 0.60 -3.66 -4.40
C PHE A 65 -0.22 -3.21 -5.61
N GLU A 66 -1.44 -3.74 -5.72
CA GLU A 66 -2.32 -3.38 -6.83
C GLU A 66 -3.37 -2.38 -6.39
N THR A 67 -3.21 -1.13 -6.82
CA THR A 67 -4.16 -0.08 -6.47
C THR A 67 -5.25 0.06 -7.52
N GLU A 68 -6.49 0.15 -7.06
CA GLU A 68 -7.63 0.28 -7.95
C GLU A 68 -8.46 1.51 -7.62
N VAL A 69 -8.20 2.60 -8.33
CA VAL A 69 -8.93 3.85 -8.10
C VAL A 69 -10.34 3.78 -8.67
N PRO A 70 -11.34 3.85 -7.78
CA PRO A 70 -12.75 3.79 -8.18
C PRO A 70 -13.19 5.05 -8.92
N ASP A 71 -14.48 5.11 -9.27
CA ASP A 71 -15.03 6.26 -9.98
C ASP A 71 -15.12 7.47 -9.06
N ALA A 72 -15.57 7.24 -7.83
CA ALA A 72 -15.70 8.33 -6.86
C ALA A 72 -14.43 9.16 -6.78
N TYR A 73 -13.28 8.49 -6.77
CA TYR A 73 -11.99 9.17 -6.70
C TYR A 73 -12.06 10.53 -7.40
N ASN A 74 -11.44 11.52 -6.80
CA ASN A 74 -10.73 11.34 -5.53
C ASN A 74 -11.71 11.32 -4.36
N MET A 75 -12.99 11.45 -4.68
CA MET A 75 -14.04 11.45 -3.65
C MET A 75 -13.80 10.32 -2.64
N VAL A 76 -13.49 9.14 -3.14
CA VAL A 76 -13.25 7.99 -2.29
C VAL A 76 -11.83 7.44 -2.49
N PRO A 77 -11.28 6.83 -1.44
CA PRO A 77 -9.93 6.25 -1.47
C PRO A 77 -9.85 5.02 -2.37
N PRO A 78 -8.73 4.89 -3.10
CA PRO A 78 -8.51 3.76 -4.00
C PRO A 78 -8.28 2.45 -3.25
N LYS A 79 -8.86 1.37 -3.76
CA LYS A 79 -8.71 0.07 -3.14
C LYS A 79 -7.40 -0.59 -3.55
N VAL A 80 -6.51 -0.79 -2.58
CA VAL A 80 -5.22 -1.42 -2.85
C VAL A 80 -5.06 -2.70 -2.04
N LYS A 81 -4.51 -3.73 -2.68
CA LYS A 81 -4.29 -5.01 -2.02
C LYS A 81 -2.89 -5.53 -2.30
N CYS A 82 -2.28 -6.16 -1.28
CA CYS A 82 -0.94 -6.70 -1.42
C CYS A 82 -0.97 -8.05 -2.16
N LEU A 83 -0.18 -8.15 -3.22
CA LEU A 83 -0.12 -9.38 -4.00
C LEU A 83 0.90 -10.35 -3.41
N THR A 84 2.14 -9.90 -3.30
CA THR A 84 3.20 -10.73 -2.74
C THR A 84 2.85 -11.23 -1.34
N LYS A 85 3.54 -12.27 -0.90
CA LYS A 85 3.30 -12.84 0.42
C LYS A 85 4.33 -12.33 1.43
N ILE A 86 3.84 -11.84 2.57
CA ILE A 86 4.72 -11.32 3.61
C ILE A 86 4.23 -11.74 5.00
N TRP A 87 5.17 -11.92 5.92
CA TRP A 87 4.83 -12.31 7.28
C TRP A 87 4.50 -11.10 8.13
N HIS A 88 3.78 -10.15 7.55
CA HIS A 88 3.40 -8.93 8.27
C HIS A 88 2.10 -9.15 9.05
N PRO A 89 2.06 -8.60 10.27
CA PRO A 89 0.88 -8.70 11.14
C PRO A 89 -0.31 -7.91 10.62
N ASN A 90 -0.02 -6.83 9.91
CA ASN A 90 -1.07 -5.97 9.36
C ASN A 90 -1.43 -6.41 7.95
N ILE A 91 -0.46 -6.95 7.22
CA ILE A 91 -0.68 -7.41 5.86
C ILE A 91 -0.67 -8.94 5.79
N THR A 92 -1.86 -9.53 5.78
CA THR A 92 -1.98 -10.98 5.72
C THR A 92 -1.21 -11.55 4.53
N GLU A 93 -1.33 -12.85 4.31
CA GLU A 93 -0.65 -13.52 3.22
C GLU A 93 -1.48 -13.45 1.93
N THR A 94 -2.79 -13.36 2.10
CA THR A 94 -3.69 -13.28 0.95
C THR A 94 -3.50 -11.99 0.18
N GLY A 95 -3.47 -10.86 0.90
CA GLY A 95 -3.29 -9.58 0.26
C GLY A 95 -4.16 -8.50 0.88
N GLU A 96 -4.41 -8.60 2.18
CA GLU A 96 -5.23 -7.62 2.88
C GLU A 96 -4.36 -6.58 3.57
N ILE A 97 -4.87 -5.35 3.63
CA ILE A 97 -4.15 -4.25 4.26
C ILE A 97 -5.05 -3.44 5.18
N CYS A 98 -4.49 -2.95 6.28
CA CYS A 98 -5.26 -2.15 7.24
C CYS A 98 -4.61 -0.79 7.45
N LEU A 99 -4.81 0.11 6.51
CA LEU A 99 -4.24 1.46 6.61
C LEU A 99 -5.31 2.47 7.00
N SER A 100 -4.92 3.44 7.82
CA SER A 100 -5.84 4.48 8.27
C SER A 100 -6.24 5.39 7.11
N LEU A 101 -5.25 6.01 6.48
CA LEU A 101 -5.48 6.91 5.36
C LEU A 101 -6.49 6.31 4.38
N LEU A 102 -6.52 4.98 4.32
CA LEU A 102 -7.43 4.28 3.43
C LEU A 102 -8.81 4.12 4.06
N ARG A 103 -9.10 4.97 5.04
CA ARG A 103 -10.37 4.93 5.73
C ARG A 103 -11.31 6.02 5.22
N GLU A 104 -12.56 5.65 4.94
CA GLU A 104 -13.54 6.60 4.44
C GLU A 104 -14.31 7.24 5.59
N HIS A 105 -15.31 8.06 5.25
CA HIS A 105 -16.11 8.73 6.25
C HIS A 105 -15.25 9.25 7.40
N SER A 106 -14.13 9.87 7.06
CA SER A 106 -13.21 10.39 8.06
C SER A 106 -12.98 11.89 7.86
N ILE A 107 -13.32 12.68 8.87
CA ILE A 107 -13.15 14.12 8.80
C ILE A 107 -11.99 14.58 9.67
N ASP A 108 -11.55 13.71 10.57
CA ASP A 108 -10.44 14.02 11.47
C ASP A 108 -9.16 14.30 10.68
N GLY A 109 -8.86 13.41 9.72
CA GLY A 109 -7.66 13.59 8.92
C GLY A 109 -6.90 12.29 8.74
N THR A 110 -6.70 11.57 9.84
CA THR A 110 -5.97 10.30 9.81
C THR A 110 -6.51 9.40 8.70
N GLY A 111 -7.81 9.47 8.44
CA GLY A 111 -8.42 8.66 7.41
C GLY A 111 -8.22 9.23 6.03
N TRP A 112 -9.26 9.14 5.20
CA TRP A 112 -9.19 9.65 3.84
C TRP A 112 -9.90 11.00 3.73
N ALA A 113 -9.65 11.72 2.65
CA ALA A 113 -10.27 13.02 2.42
C ALA A 113 -10.01 13.52 1.01
N PRO A 114 -10.93 14.34 0.49
CA PRO A 114 -10.82 14.91 -0.86
C PRO A 114 -9.69 15.94 -0.97
N THR A 115 -8.95 16.11 0.12
CA THR A 115 -7.85 17.06 0.14
C THR A 115 -6.53 16.38 -0.18
N ARG A 116 -6.33 15.18 0.36
CA ARG A 116 -5.10 14.43 0.12
C ARG A 116 -5.11 13.81 -1.27
N THR A 117 -4.00 13.17 -1.63
CA THR A 117 -3.88 12.54 -2.94
C THR A 117 -3.21 11.17 -2.83
N LEU A 118 -3.15 10.46 -3.95
CA LEU A 118 -2.54 9.13 -3.98
C LEU A 118 -1.16 9.16 -3.31
N LYS A 119 -0.42 10.25 -3.51
CA LYS A 119 0.90 10.39 -2.92
C LYS A 119 0.90 9.95 -1.47
N ASP A 120 -0.12 10.38 -0.72
CA ASP A 120 -0.23 10.01 0.69
C ASP A 120 -0.59 8.54 0.85
N VAL A 121 -1.30 8.00 -0.14
CA VAL A 121 -1.71 6.59 -0.11
C VAL A 121 -0.51 5.68 -0.08
N VAL A 122 0.35 5.81 -1.09
CA VAL A 122 1.56 4.98 -1.17
C VAL A 122 2.53 5.30 -0.05
N TRP A 123 2.46 6.53 0.46
CA TRP A 123 3.34 6.96 1.55
C TRP A 123 3.05 6.18 2.83
N GLY A 124 1.79 5.81 3.02
CA GLY A 124 1.40 5.07 4.19
C GLY A 124 1.81 3.61 4.12
N LEU A 125 1.80 3.06 2.91
CA LEU A 125 2.16 1.66 2.71
C LEU A 125 3.66 1.46 2.94
N ASN A 126 4.43 2.54 2.87
CA ASN A 126 5.87 2.47 3.07
C ASN A 126 6.21 2.53 4.56
N SER A 127 5.31 3.09 5.35
CA SER A 127 5.52 3.21 6.79
C SER A 127 5.03 1.96 7.50
N LEU A 128 4.28 1.13 6.80
CA LEU A 128 3.74 -0.10 7.36
C LEU A 128 4.86 -0.99 7.89
N PHE A 129 6.09 -0.72 7.45
CA PHE A 129 7.23 -1.48 7.88
C PHE A 129 8.29 -0.59 8.53
N THR A 130 7.82 0.50 9.14
CA THR A 130 8.71 1.44 9.81
C THR A 130 8.21 1.79 11.20
N ASP A 131 7.09 2.47 11.27
CA ASP A 131 6.49 2.87 12.55
C ASP A 131 5.15 2.18 12.75
N LEU A 132 4.22 2.40 11.83
CA LEU A 132 2.89 1.82 11.91
C LEU A 132 2.97 0.39 12.45
N LEU A 133 4.06 -0.29 12.14
CA LEU A 133 4.25 -1.67 12.60
C LEU A 133 3.81 -1.84 14.04
N ASN A 134 2.55 -2.22 14.23
CA ASN A 134 1.99 -2.41 15.56
C ASN A 134 1.47 -3.83 15.73
N PHE A 135 1.43 -4.30 16.97
CA PHE A 135 0.96 -5.64 17.27
C PHE A 135 -0.18 -5.60 18.30
N ASP A 136 -1.12 -4.69 18.09
CA ASP A 136 -2.26 -4.55 18.98
C ASP A 136 -3.53 -5.08 18.35
N ASP A 137 -3.95 -4.44 17.25
CA ASP A 137 -5.16 -4.85 16.54
C ASP A 137 -4.84 -5.19 15.09
N PRO A 138 -3.86 -6.09 14.89
CA PRO A 138 -3.45 -6.52 13.55
C PRO A 138 -4.50 -7.37 12.86
N LEU A 139 -4.21 -7.78 11.63
CA LEU A 139 -5.14 -8.60 10.86
C LEU A 139 -4.85 -10.09 11.06
N ASN A 140 -3.57 -10.46 10.97
CA ASN A 140 -3.16 -11.84 11.14
C ASN A 140 -2.73 -12.11 12.58
N ILE A 141 -3.19 -13.21 13.14
CA ILE A 141 -2.85 -13.58 14.51
C ILE A 141 -1.45 -14.18 14.58
N GLU A 142 -1.29 -15.36 13.99
CA GLU A 142 0.01 -16.04 13.99
C GLU A 142 1.15 -15.03 13.85
N ALA A 143 1.17 -14.32 12.73
CA ALA A 143 2.21 -13.32 12.48
C ALA A 143 2.49 -12.49 13.73
N ALA A 144 1.44 -12.21 14.49
CA ALA A 144 1.57 -11.42 15.71
C ALA A 144 2.14 -12.27 16.84
N GLU A 145 1.50 -13.40 17.11
CA GLU A 145 1.93 -14.31 18.17
C GLU A 145 3.40 -14.69 17.99
N HIS A 146 3.87 -14.64 16.75
CA HIS A 146 5.25 -14.97 16.44
C HIS A 146 6.22 -14.06 17.21
N HIS A 147 5.77 -12.85 17.50
CA HIS A 147 6.59 -11.88 18.22
C HIS A 147 6.50 -12.12 19.73
N LEU A 148 5.33 -12.51 20.19
CA LEU A 148 5.10 -12.76 21.61
C LEU A 148 5.82 -14.04 22.05
N ARG A 149 5.67 -15.09 21.26
CA ARG A 149 6.30 -16.38 21.57
C ARG A 149 7.82 -16.24 21.58
N ASP A 150 8.36 -15.60 20.56
CA ASP A 150 9.80 -15.40 20.46
C ASP A 150 10.12 -14.10 19.72
N LYS A 151 10.83 -13.20 20.40
CA LYS A 151 11.20 -11.92 19.81
C LYS A 151 12.22 -12.11 18.69
N GLU A 152 13.06 -13.13 18.83
CA GLU A 152 14.08 -13.43 17.82
C GLU A 152 13.48 -14.19 16.65
N ASP A 153 12.94 -15.37 16.93
CA ASP A 153 12.34 -16.20 15.90
C ASP A 153 11.47 -15.36 14.97
N PHE A 154 10.77 -14.39 15.54
CA PHE A 154 9.89 -13.52 14.76
C PHE A 154 10.67 -12.81 13.66
N ARG A 155 11.90 -12.41 13.97
CA ARG A 155 12.74 -11.72 13.01
C ARG A 155 13.49 -12.72 12.13
N ASN A 156 14.11 -13.72 12.77
CA ASN A 156 14.86 -14.74 12.05
C ASN A 156 14.07 -15.26 10.86
N LYS A 157 12.84 -15.68 11.11
CA LYS A 157 11.98 -16.20 10.06
C LYS A 157 11.70 -15.14 9.00
N VAL A 158 11.24 -13.97 9.44
CA VAL A 158 10.95 -12.87 8.53
C VAL A 158 11.98 -12.80 7.40
N ASP A 159 13.26 -12.88 7.77
CA ASP A 159 14.33 -12.83 6.80
C ASP A 159 14.08 -13.80 5.64
N ASP A 160 13.77 -15.05 5.99
CA ASP A 160 13.50 -16.07 5.00
C ASP A 160 12.25 -15.73 4.20
N TYR A 161 11.15 -15.50 4.91
CA TYR A 161 9.88 -15.18 4.26
C TYR A 161 10.08 -14.20 3.11
N ILE A 162 11.14 -13.39 3.21
CA ILE A 162 11.44 -12.41 2.17
C ILE A 162 12.15 -13.07 0.99
N LYS A 163 13.41 -13.45 1.19
CA LYS A 163 14.19 -14.10 0.15
C LYS A 163 13.41 -15.24 -0.49
N ARG A 164 12.44 -15.77 0.24
CA ARG A 164 11.62 -16.86 -0.26
C ARG A 164 10.91 -16.48 -1.56
N TYR A 165 10.06 -15.46 -1.47
CA TYR A 165 9.33 -14.98 -2.64
C TYR A 165 9.48 -13.48 -2.81
N ALA A 166 10.59 -12.94 -2.31
CA ALA A 166 10.86 -11.51 -2.41
C ALA A 166 12.35 -11.23 -2.29
N ARG A 167 12.89 -10.52 -3.28
CA ARG A 167 14.31 -10.18 -3.29
C ARG A 167 14.53 -8.78 -3.86
N SER A 168 15.32 -7.97 -3.15
CA SER A 168 15.60 -6.62 -3.59
C SER A 168 17.10 -6.33 -3.56
N GLY A 169 17.71 -6.56 -2.40
CA GLY A 169 19.14 -6.33 -2.25
C GLY A 169 19.94 -6.92 -3.38
N PRO A 170 21.25 -6.62 -3.42
CA PRO A 170 22.16 -7.12 -4.46
C PRO A 170 22.40 -8.62 -4.35
N SER A 171 23.28 -9.14 -5.20
CA SER A 171 23.60 -10.57 -5.19
C SER A 171 25.11 -10.77 -5.12
N SER A 172 25.51 -11.94 -4.62
CA SER A 172 26.93 -12.26 -4.49
C SER A 172 27.17 -13.75 -4.73
N GLY A 173 28.44 -14.12 -4.94
CA GLY A 173 28.78 -15.51 -5.16
C GLY A 173 30.01 -15.67 -6.02
N GLY A 1 -33.29 -6.98 -14.10
CA GLY A 1 -32.68 -6.86 -12.78
C GLY A 1 -31.24 -6.41 -12.85
N SER A 2 -30.79 -5.72 -11.81
CA SER A 2 -29.42 -5.22 -11.76
C SER A 2 -28.43 -6.37 -11.78
N SER A 3 -27.70 -6.51 -12.88
CA SER A 3 -26.71 -7.56 -13.03
C SER A 3 -25.44 -7.04 -13.69
N GLY A 4 -24.30 -7.30 -13.05
CA GLY A 4 -23.03 -6.85 -13.58
C GLY A 4 -22.41 -5.73 -12.76
N SER A 5 -21.09 -5.64 -12.78
CA SER A 5 -20.38 -4.61 -12.03
C SER A 5 -20.34 -3.29 -12.81
N SER A 6 -21.37 -2.49 -12.61
CA SER A 6 -21.47 -1.19 -13.30
C SER A 6 -20.56 -0.16 -12.64
N GLY A 7 -19.49 0.20 -13.34
CA GLY A 7 -18.55 1.18 -12.80
C GLY A 7 -18.04 2.12 -13.86
N SER A 8 -17.30 1.59 -14.84
CA SER A 8 -16.75 2.40 -15.91
C SER A 8 -17.69 3.54 -16.27
N THR A 9 -17.11 4.66 -16.70
CA THR A 9 -17.90 5.83 -17.07
C THR A 9 -17.75 6.14 -18.56
N ARG A 10 -18.87 6.40 -19.22
CA ARG A 10 -18.85 6.71 -20.65
C ARG A 10 -18.03 7.96 -20.93
N ARG A 11 -18.22 8.99 -20.11
CA ARG A 11 -17.49 10.24 -20.26
C ARG A 11 -16.43 10.39 -19.17
N VAL A 12 -15.41 11.19 -19.46
CA VAL A 12 -14.34 11.43 -18.50
C VAL A 12 -14.81 12.31 -17.35
N SER A 13 -14.26 12.07 -16.16
CA SER A 13 -14.63 12.83 -14.98
C SER A 13 -13.39 13.37 -14.28
N VAL A 14 -13.61 14.15 -13.21
CA VAL A 14 -12.51 14.73 -12.45
C VAL A 14 -11.40 13.71 -12.22
N ARG A 15 -11.78 12.50 -11.83
CA ARG A 15 -10.82 11.44 -11.58
C ARG A 15 -9.69 11.47 -12.61
N ASP A 16 -10.04 11.60 -13.88
CA ASP A 16 -9.06 11.65 -14.95
C ASP A 16 -7.99 12.70 -14.65
N LYS A 17 -8.36 13.97 -14.77
CA LYS A 17 -7.44 15.06 -14.52
C LYS A 17 -6.79 14.92 -13.15
N LEU A 18 -7.53 14.34 -12.21
CA LEU A 18 -7.03 14.15 -10.85
C LEU A 18 -5.92 13.10 -10.82
N LEU A 19 -5.97 12.18 -11.78
CA LEU A 19 -4.97 11.12 -11.87
C LEU A 19 -3.69 11.63 -12.50
N VAL A 20 -3.76 12.00 -13.77
CA VAL A 20 -2.60 12.52 -14.49
C VAL A 20 -1.82 13.51 -13.63
N LYS A 21 -2.53 14.39 -12.95
CA LYS A 21 -1.91 15.39 -12.09
C LYS A 21 -1.21 14.73 -10.90
N GLU A 22 -1.92 13.80 -10.25
CA GLU A 22 -1.36 13.10 -9.10
C GLU A 22 -0.27 12.11 -9.54
N VAL A 23 -0.67 11.10 -10.30
CA VAL A 23 0.26 10.09 -10.78
C VAL A 23 1.61 10.71 -11.11
N ALA A 24 1.59 11.87 -11.75
CA ALA A 24 2.81 12.57 -12.13
C ALA A 24 3.60 13.00 -10.89
N GLU A 25 3.03 13.94 -10.14
CA GLU A 25 3.68 14.44 -8.92
C GLU A 25 4.06 13.28 -7.99
N LEU A 26 3.36 12.17 -8.14
CA LEU A 26 3.61 10.99 -7.31
C LEU A 26 4.97 10.37 -7.65
N GLU A 27 5.21 10.14 -8.94
CA GLU A 27 6.46 9.57 -9.41
C GLU A 27 7.64 10.47 -9.07
N ALA A 28 7.33 11.74 -8.78
CA ALA A 28 8.37 12.71 -8.45
C ALA A 28 8.59 12.79 -6.94
N ASN A 29 7.54 12.51 -6.18
CA ASN A 29 7.62 12.54 -4.72
C ASN A 29 8.06 11.18 -4.16
N LEU A 30 7.73 10.12 -4.89
CA LEU A 30 8.10 8.78 -4.47
C LEU A 30 9.53 8.74 -3.94
N PRO A 31 9.72 8.03 -2.82
CA PRO A 31 11.04 7.90 -2.19
C PRO A 31 12.00 7.04 -3.01
N CYS A 32 13.21 6.85 -2.49
CA CYS A 32 14.21 6.06 -3.18
C CYS A 32 14.13 4.59 -2.77
N THR A 33 12.96 4.19 -2.26
CA THR A 33 12.75 2.81 -1.82
C THR A 33 11.64 2.15 -2.62
N CYS A 34 10.71 2.96 -3.12
CA CYS A 34 9.59 2.44 -3.89
C CYS A 34 9.73 2.82 -5.36
N LYS A 35 9.12 2.02 -6.23
CA LYS A 35 9.18 2.28 -7.67
C LYS A 35 7.85 1.93 -8.33
N VAL A 36 7.28 2.90 -9.04
CA VAL A 36 6.01 2.70 -9.74
C VAL A 36 6.22 2.52 -11.24
N HIS A 37 5.50 1.56 -11.82
CA HIS A 37 5.60 1.28 -13.25
C HIS A 37 4.22 1.12 -13.87
N PHE A 38 3.85 2.07 -14.71
CA PHE A 38 2.55 2.04 -15.38
C PHE A 38 2.61 1.23 -16.66
N PRO A 39 1.86 0.11 -16.70
CA PRO A 39 1.82 -0.78 -17.86
C PRO A 39 1.11 -0.14 -19.06
N ASP A 40 0.42 0.97 -18.81
CA ASP A 40 -0.29 1.67 -19.86
C ASP A 40 -0.74 3.05 -19.39
N PRO A 41 -0.44 4.08 -20.20
CA PRO A 41 -0.79 5.46 -19.88
C PRO A 41 -2.29 5.71 -19.96
N ASN A 42 -2.95 5.07 -20.92
CA ASN A 42 -4.38 5.21 -21.10
C ASN A 42 -5.13 4.80 -19.84
N LYS A 43 -4.61 3.81 -19.13
CA LYS A 43 -5.23 3.33 -17.90
C LYS A 43 -4.43 3.78 -16.68
N LEU A 44 -4.69 5.01 -16.24
CA LEU A 44 -4.00 5.56 -15.09
C LEU A 44 -4.58 4.99 -13.79
N HIS A 45 -5.89 4.84 -13.75
CA HIS A 45 -6.57 4.30 -12.58
C HIS A 45 -5.85 3.07 -12.05
N CYS A 46 -5.50 2.16 -12.95
CA CYS A 46 -4.81 0.94 -12.57
C CYS A 46 -3.32 1.05 -12.86
N PHE A 47 -2.49 0.71 -11.86
CA PHE A 47 -1.05 0.77 -12.00
C PHE A 47 -0.36 -0.11 -10.97
N GLN A 48 0.94 -0.34 -11.17
CA GLN A 48 1.72 -1.16 -10.25
C GLN A 48 2.58 -0.30 -9.33
N LEU A 49 2.78 -0.78 -8.10
CA LEU A 49 3.59 -0.05 -7.13
C LEU A 49 4.49 -1.00 -6.36
N THR A 50 5.79 -0.76 -6.43
CA THR A 50 6.77 -1.59 -5.73
C THR A 50 7.31 -0.88 -4.50
N VAL A 51 7.26 -1.57 -3.37
CA VAL A 51 7.76 -1.01 -2.11
C VAL A 51 8.86 -1.88 -1.51
N THR A 52 10.03 -1.28 -1.30
CA THR A 52 11.16 -2.00 -0.74
C THR A 52 11.84 -1.19 0.37
N PRO A 53 11.50 -1.50 1.62
CA PRO A 53 12.06 -0.81 2.79
C PRO A 53 13.54 -1.14 3.00
N ASP A 54 14.35 -0.10 3.17
CA ASP A 54 15.79 -0.28 3.38
C ASP A 54 16.11 -0.36 4.87
N GLU A 55 15.07 -0.35 5.70
CA GLU A 55 15.23 -0.41 7.14
C GLU A 55 14.14 -1.25 7.79
N GLY A 56 14.19 -1.38 9.11
CA GLY A 56 13.21 -2.16 9.83
C GLY A 56 13.54 -3.64 9.85
N TYR A 57 12.62 -4.47 9.37
CA TYR A 57 12.82 -5.91 9.35
C TYR A 57 13.08 -6.40 7.93
N TYR A 58 12.37 -5.82 6.97
CA TYR A 58 12.52 -6.20 5.57
C TYR A 58 13.42 -5.22 4.83
N GLN A 59 14.48 -4.77 5.51
CA GLN A 59 15.41 -3.82 4.91
C GLN A 59 15.78 -4.23 3.49
N GLY A 60 15.59 -5.51 3.18
CA GLY A 60 15.91 -6.01 1.86
C GLY A 60 14.84 -6.95 1.32
N GLY A 61 13.58 -6.62 1.58
CA GLY A 61 12.48 -7.46 1.11
C GLY A 61 11.70 -6.82 -0.02
N LYS A 62 11.69 -7.46 -1.17
CA LYS A 62 10.97 -6.95 -2.33
C LYS A 62 9.48 -7.25 -2.23
N PHE A 63 8.66 -6.21 -2.37
CA PHE A 63 7.21 -6.37 -2.29
C PHE A 63 6.51 -5.43 -3.26
N GLN A 64 5.48 -5.94 -3.94
CA GLN A 64 4.73 -5.15 -4.90
C GLN A 64 3.34 -4.82 -4.37
N PHE A 65 2.63 -3.96 -5.09
CA PHE A 65 1.28 -3.56 -4.68
C PHE A 65 0.43 -3.24 -5.90
N GLU A 66 -0.88 -3.46 -5.77
CA GLU A 66 -1.81 -3.19 -6.86
C GLU A 66 -2.90 -2.22 -6.42
N THR A 67 -2.86 -1.00 -6.95
CA THR A 67 -3.85 0.02 -6.60
C THR A 67 -4.96 0.07 -7.63
N GLU A 68 -6.17 0.40 -7.19
CA GLU A 68 -7.31 0.49 -8.08
C GLU A 68 -8.12 1.76 -7.81
N VAL A 69 -8.06 2.70 -8.74
CA VAL A 69 -8.78 3.96 -8.61
C VAL A 69 -10.15 3.89 -9.28
N PRO A 70 -11.21 3.83 -8.46
CA PRO A 70 -12.58 3.76 -8.96
C PRO A 70 -13.04 5.06 -9.60
N ASP A 71 -14.26 5.05 -10.14
CA ASP A 71 -14.81 6.24 -10.79
C ASP A 71 -15.04 7.36 -9.78
N ALA A 72 -15.58 7.00 -8.62
CA ALA A 72 -15.85 7.97 -7.57
C ALA A 72 -14.63 8.85 -7.31
N TYR A 73 -13.47 8.22 -7.18
CA TYR A 73 -12.23 8.95 -6.93
C TYR A 73 -12.26 10.33 -7.57
N ASN A 74 -11.76 11.33 -6.85
CA ASN A 74 -11.20 11.10 -5.52
C ASN A 74 -12.31 11.01 -4.48
N MET A 75 -13.54 10.80 -4.94
CA MET A 75 -14.69 10.68 -4.04
C MET A 75 -14.48 9.53 -3.05
N VAL A 76 -13.93 8.43 -3.53
CA VAL A 76 -13.70 7.27 -2.69
C VAL A 76 -12.24 6.81 -2.78
N PRO A 77 -11.74 6.20 -1.69
CA PRO A 77 -10.37 5.72 -1.62
C PRO A 77 -10.13 4.50 -2.53
N PRO A 78 -8.99 4.50 -3.22
CA PRO A 78 -8.62 3.41 -4.12
C PRO A 78 -8.30 2.12 -3.38
N LYS A 79 -8.67 0.99 -3.98
CA LYS A 79 -8.41 -0.31 -3.37
C LYS A 79 -6.99 -0.78 -3.65
N VAL A 80 -6.23 -1.03 -2.59
CA VAL A 80 -4.85 -1.49 -2.73
C VAL A 80 -4.63 -2.80 -2.00
N LYS A 81 -4.18 -3.81 -2.75
CA LYS A 81 -3.93 -5.12 -2.17
C LYS A 81 -2.49 -5.55 -2.40
N CYS A 82 -1.86 -6.10 -1.35
CA CYS A 82 -0.48 -6.55 -1.44
C CYS A 82 -0.36 -7.82 -2.29
N LEU A 83 0.17 -7.68 -3.49
CA LEU A 83 0.34 -8.81 -4.39
C LEU A 83 1.24 -9.88 -3.77
N THR A 84 2.49 -9.50 -3.49
CA THR A 84 3.45 -10.41 -2.89
C THR A 84 3.01 -10.85 -1.50
N LYS A 85 3.57 -11.96 -1.02
CA LYS A 85 3.24 -12.47 0.30
C LYS A 85 4.29 -12.07 1.32
N ILE A 86 3.83 -11.60 2.47
CA ILE A 86 4.74 -11.18 3.54
C ILE A 86 4.18 -11.54 4.91
N TRP A 87 5.07 -11.83 5.85
CA TRP A 87 4.67 -12.19 7.20
C TRP A 87 4.42 -10.94 8.04
N HIS A 88 3.89 -9.90 7.41
CA HIS A 88 3.61 -8.64 8.10
C HIS A 88 2.34 -8.77 8.95
N PRO A 89 2.39 -8.20 10.16
CA PRO A 89 1.26 -8.24 11.10
C PRO A 89 0.09 -7.37 10.63
N ASN A 90 0.37 -6.47 9.69
CA ASN A 90 -0.65 -5.58 9.16
C ASN A 90 -1.07 -6.01 7.76
N ILE A 91 -0.09 -6.47 6.97
CA ILE A 91 -0.36 -6.92 5.61
C ILE A 91 -0.47 -8.43 5.54
N THR A 92 -1.69 -8.94 5.70
CA THR A 92 -1.93 -10.37 5.66
C THR A 92 -1.46 -10.97 4.34
N GLU A 93 -1.07 -12.24 4.37
CA GLU A 93 -0.59 -12.93 3.18
C GLU A 93 -1.54 -12.72 2.01
N THR A 94 -2.84 -12.93 2.26
CA THR A 94 -3.86 -12.77 1.24
C THR A 94 -3.60 -11.51 0.40
N GLY A 95 -3.72 -10.36 1.04
CA GLY A 95 -3.50 -9.10 0.34
C GLY A 95 -4.34 -7.97 0.90
N GLU A 96 -4.56 -7.99 2.22
CA GLU A 96 -5.36 -6.96 2.87
C GLU A 96 -4.46 -6.03 3.70
N ILE A 97 -4.56 -4.74 3.42
CA ILE A 97 -3.76 -3.75 4.15
C ILE A 97 -4.65 -2.82 4.97
N CYS A 98 -4.33 -2.71 6.25
CA CYS A 98 -5.11 -1.86 7.16
C CYS A 98 -4.52 -0.46 7.21
N LEU A 99 -5.12 0.47 6.47
CA LEU A 99 -4.66 1.85 6.43
C LEU A 99 -5.77 2.81 6.82
N SER A 100 -5.54 3.58 7.88
CA SER A 100 -6.53 4.54 8.37
C SER A 100 -6.97 5.48 7.24
N LEU A 101 -6.00 6.15 6.62
CA LEU A 101 -6.29 7.08 5.53
C LEU A 101 -7.04 6.37 4.42
N LEU A 102 -6.98 5.04 4.40
CA LEU A 102 -7.66 4.25 3.38
C LEU A 102 -8.98 3.71 3.91
N ARG A 103 -9.58 4.43 4.84
CA ARG A 103 -10.85 4.02 5.43
C ARG A 103 -12.01 4.84 4.86
N GLU A 104 -13.13 4.17 4.61
CA GLU A 104 -14.31 4.83 4.05
C GLU A 104 -15.34 5.10 5.15
N HIS A 105 -16.43 5.75 4.77
CA HIS A 105 -17.49 6.08 5.72
C HIS A 105 -16.92 6.38 7.09
N SER A 106 -15.84 7.17 7.13
CA SER A 106 -15.20 7.53 8.38
C SER A 106 -15.62 8.93 8.83
N ILE A 107 -15.01 9.40 9.92
CA ILE A 107 -15.32 10.73 10.45
C ILE A 107 -14.94 11.82 9.45
N ASP A 108 -14.28 11.42 8.36
CA ASP A 108 -13.86 12.36 7.33
C ASP A 108 -12.85 13.35 7.88
N GLY A 109 -11.96 12.88 8.75
CA GLY A 109 -10.97 13.73 9.35
C GLY A 109 -9.56 13.17 9.18
N THR A 110 -9.42 11.87 9.39
CA THR A 110 -8.12 11.22 9.27
C THR A 110 -8.13 10.17 8.16
N GLY A 111 -9.29 9.56 7.96
CA GLY A 111 -9.40 8.55 6.92
C GLY A 111 -9.14 9.10 5.53
N TRP A 112 -10.04 8.81 4.60
CA TRP A 112 -9.90 9.28 3.22
C TRP A 112 -10.64 10.60 3.03
N ALA A 113 -10.34 11.27 1.91
CA ALA A 113 -10.97 12.54 1.60
C ALA A 113 -10.56 13.04 0.21
N PRO A 114 -11.38 13.92 -0.37
CA PRO A 114 -11.13 14.48 -1.70
C PRO A 114 -9.95 15.45 -1.69
N THR A 115 -9.39 15.68 -0.51
CA THR A 115 -8.25 16.59 -0.37
C THR A 115 -6.93 15.85 -0.55
N ARG A 116 -6.84 14.65 0.00
CA ARG A 116 -5.64 13.84 -0.09
C ARG A 116 -5.57 13.13 -1.44
N THR A 117 -4.40 12.63 -1.78
CA THR A 117 -4.20 11.92 -3.05
C THR A 117 -3.46 10.59 -2.83
N LEU A 118 -3.17 9.91 -3.93
CA LEU A 118 -2.47 8.63 -3.86
C LEU A 118 -1.14 8.78 -3.13
N LYS A 119 -0.42 9.85 -3.44
CA LYS A 119 0.88 10.11 -2.82
C LYS A 119 0.83 9.79 -1.33
N ASP A 120 -0.37 9.81 -0.76
CA ASP A 120 -0.55 9.53 0.66
C ASP A 120 -0.81 8.05 0.88
N VAL A 121 -1.51 7.42 -0.06
CA VAL A 121 -1.83 6.00 0.04
C VAL A 121 -0.57 5.14 -0.12
N VAL A 122 0.43 5.70 -0.78
CA VAL A 122 1.69 4.99 -1.00
C VAL A 122 2.63 5.16 0.18
N TRP A 123 2.69 6.37 0.72
CA TRP A 123 3.54 6.66 1.87
C TRP A 123 3.19 5.78 3.06
N GLY A 124 1.89 5.67 3.35
CA GLY A 124 1.44 4.86 4.46
C GLY A 124 1.90 3.42 4.35
N LEU A 125 1.71 2.83 3.17
CA LEU A 125 2.10 1.45 2.92
C LEU A 125 3.59 1.25 3.20
N ASN A 126 4.41 2.15 2.65
CA ASN A 126 5.85 2.07 2.84
C ASN A 126 6.23 2.24 4.30
N SER A 127 5.37 2.92 5.05
CA SER A 127 5.62 3.16 6.47
C SER A 127 4.97 2.07 7.32
N LEU A 128 4.05 1.33 6.72
CA LEU A 128 3.35 0.26 7.42
C LEU A 128 4.30 -0.90 7.71
N PHE A 129 5.44 -0.92 7.03
CA PHE A 129 6.44 -1.97 7.22
C PHE A 129 7.10 -1.84 8.59
N THR A 130 7.31 -0.59 9.03
CA THR A 130 7.94 -0.35 10.32
C THR A 130 7.21 0.75 11.08
N ASP A 131 7.33 1.98 10.61
CA ASP A 131 6.66 3.11 11.26
C ASP A 131 5.34 2.69 11.88
N LEU A 132 4.38 2.37 11.02
CA LEU A 132 3.05 1.95 11.48
C LEU A 132 3.04 0.46 11.81
N LEU A 133 4.11 -0.02 12.43
CA LEU A 133 4.22 -1.42 12.81
C LEU A 133 3.84 -1.64 14.27
N ASN A 134 2.54 -1.56 14.55
CA ASN A 134 2.04 -1.75 15.91
C ASN A 134 1.65 -3.20 16.15
N PHE A 135 2.22 -3.79 17.20
CA PHE A 135 1.94 -5.18 17.54
C PHE A 135 0.88 -5.27 18.65
N ASP A 136 -0.14 -4.43 18.54
CA ASP A 136 -1.21 -4.40 19.53
C ASP A 136 -2.55 -4.81 18.90
N ASP A 137 -2.96 -4.07 17.88
CA ASP A 137 -4.21 -4.35 17.19
C ASP A 137 -3.96 -4.69 15.72
N PRO A 138 -3.04 -5.64 15.49
CA PRO A 138 -2.68 -6.08 14.13
C PRO A 138 -3.81 -6.86 13.46
N LEU A 139 -3.53 -7.42 12.29
CA LEU A 139 -4.51 -8.20 11.55
C LEU A 139 -4.22 -9.69 11.67
N ASN A 140 -2.95 -10.05 11.60
CA ASN A 140 -2.55 -11.46 11.71
C ASN A 140 -2.08 -11.78 13.12
N ILE A 141 -2.98 -12.32 13.93
CA ILE A 141 -2.65 -12.68 15.30
C ILE A 141 -1.31 -13.40 15.38
N GLU A 142 -1.22 -14.54 14.71
CA GLU A 142 0.01 -15.33 14.69
C GLU A 142 1.23 -14.43 14.61
N ALA A 143 1.34 -13.68 13.52
CA ALA A 143 2.47 -12.77 13.33
C ALA A 143 2.76 -11.98 14.60
N ALA A 144 1.71 -11.59 15.31
CA ALA A 144 1.85 -10.83 16.54
C ALA A 144 2.38 -11.71 17.67
N GLU A 145 1.63 -12.76 18.00
CA GLU A 145 2.02 -13.68 19.06
C GLU A 145 3.48 -14.11 18.90
N HIS A 146 3.83 -14.53 17.68
CA HIS A 146 5.19 -14.97 17.39
C HIS A 146 6.20 -13.99 17.96
N HIS A 147 5.80 -12.74 18.11
CA HIS A 147 6.68 -11.70 18.64
C HIS A 147 6.64 -11.69 20.17
N LEU A 148 5.44 -11.78 20.72
CA LEU A 148 5.25 -11.78 22.16
C LEU A 148 5.94 -12.97 22.81
N ARG A 149 5.91 -14.10 22.11
CA ARG A 149 6.54 -15.33 22.61
C ARG A 149 8.04 -15.31 22.36
N ASP A 150 8.44 -14.80 21.20
CA ASP A 150 9.85 -14.72 20.84
C ASP A 150 10.07 -13.69 19.74
N LYS A 151 10.73 -12.59 20.10
CA LYS A 151 11.00 -11.52 19.15
C LYS A 151 12.01 -11.98 18.09
N GLU A 152 12.95 -12.83 18.50
CA GLU A 152 13.96 -13.35 17.59
C GLU A 152 13.34 -14.28 16.55
N ASP A 153 12.56 -15.24 17.02
CA ASP A 153 11.91 -16.20 16.12
C ASP A 153 10.97 -15.48 15.16
N PHE A 154 10.54 -14.29 15.55
CA PHE A 154 9.63 -13.50 14.71
C PHE A 154 10.36 -12.94 13.49
N ARG A 155 11.63 -12.60 13.67
CA ARG A 155 12.44 -12.06 12.59
C ARG A 155 13.10 -13.18 11.79
N ASN A 156 13.44 -14.27 12.48
CA ASN A 156 14.09 -15.41 11.84
C ASN A 156 13.26 -15.91 10.65
N LYS A 157 11.97 -16.11 10.89
CA LYS A 157 11.06 -16.57 9.85
C LYS A 157 10.87 -15.51 8.77
N VAL A 158 10.62 -14.28 9.22
CA VAL A 158 10.41 -13.16 8.30
C VAL A 158 11.47 -13.15 7.21
N ASP A 159 12.69 -13.50 7.57
CA ASP A 159 13.80 -13.53 6.61
C ASP A 159 13.52 -14.54 5.50
N ASP A 160 13.03 -15.70 5.88
CA ASP A 160 12.73 -16.75 4.91
C ASP A 160 11.55 -16.35 4.03
N TYR A 161 10.44 -16.00 4.66
CA TYR A 161 9.23 -15.60 3.94
C TYR A 161 9.58 -14.67 2.77
N ILE A 162 10.60 -13.84 2.97
CA ILE A 162 11.04 -12.91 1.94
C ILE A 162 11.64 -13.65 0.75
N LYS A 163 12.83 -14.21 0.97
CA LYS A 163 13.51 -14.96 -0.08
C LYS A 163 12.67 -16.11 -0.59
N ARG A 164 11.65 -16.48 0.19
CA ARG A 164 10.76 -17.57 -0.18
C ARG A 164 10.07 -17.29 -1.50
N TYR A 165 9.39 -16.16 -1.59
CA TYR A 165 8.68 -15.78 -2.81
C TYR A 165 8.99 -14.33 -3.19
N ALA A 166 10.11 -13.82 -2.67
CA ALA A 166 10.52 -12.45 -2.95
C ALA A 166 12.03 -12.29 -2.82
N ARG A 167 12.66 -11.80 -3.88
CA ARG A 167 14.10 -11.61 -3.89
C ARG A 167 14.46 -10.28 -4.54
N SER A 168 15.58 -9.69 -4.10
CA SER A 168 16.04 -8.41 -4.64
C SER A 168 17.26 -8.61 -5.52
N GLY A 169 18.11 -9.57 -5.16
CA GLY A 169 19.31 -9.84 -5.93
C GLY A 169 19.20 -11.12 -6.73
N PRO A 170 20.31 -11.52 -7.36
CA PRO A 170 20.37 -12.73 -8.18
C PRO A 170 20.28 -14.00 -7.34
N SER A 171 20.67 -13.90 -6.07
CA SER A 171 20.64 -15.03 -5.16
C SER A 171 20.76 -14.58 -3.72
N SER A 172 20.37 -15.44 -2.79
CA SER A 172 20.43 -15.14 -1.37
C SER A 172 21.83 -14.69 -0.96
N GLY A 173 21.95 -14.15 0.24
CA GLY A 173 23.25 -13.70 0.72
C GLY A 173 23.37 -13.79 2.23
N GLY A 1 -11.98 39.49 -2.06
CA GLY A 1 -12.49 38.90 -3.29
C GLY A 1 -13.03 37.50 -3.07
N SER A 2 -14.29 37.40 -2.68
CA SER A 2 -14.92 36.09 -2.44
C SER A 2 -14.49 35.09 -3.48
N SER A 3 -13.86 34.00 -3.03
CA SER A 3 -13.39 32.95 -3.93
C SER A 3 -13.08 31.67 -3.15
N GLY A 4 -13.80 30.61 -3.48
CA GLY A 4 -13.59 29.34 -2.81
C GLY A 4 -14.84 28.48 -2.81
N SER A 5 -15.50 28.38 -3.96
CA SER A 5 -16.71 27.58 -4.08
C SER A 5 -16.80 26.92 -5.45
N SER A 6 -16.91 25.60 -5.45
CA SER A 6 -17.00 24.84 -6.70
C SER A 6 -18.10 23.79 -6.63
N GLY A 7 -18.72 23.51 -7.76
CA GLY A 7 -19.78 22.53 -7.80
C GLY A 7 -19.28 21.11 -7.58
N SER A 8 -20.16 20.23 -7.14
CA SER A 8 -19.81 18.84 -6.88
C SER A 8 -19.86 18.01 -8.16
N THR A 9 -18.71 17.46 -8.55
CA THR A 9 -18.62 16.64 -9.75
C THR A 9 -17.96 15.30 -9.46
N ARG A 10 -18.63 14.23 -9.88
CA ARG A 10 -18.11 12.88 -9.66
C ARG A 10 -18.18 12.06 -10.94
N ARG A 11 -17.10 12.09 -11.72
CA ARG A 11 -17.04 11.34 -12.97
C ARG A 11 -15.65 11.45 -13.60
N VAL A 12 -15.40 10.60 -14.60
CA VAL A 12 -14.12 10.60 -15.28
C VAL A 12 -13.59 12.01 -15.48
N SER A 13 -14.51 12.98 -15.52
CA SER A 13 -14.14 14.37 -15.71
C SER A 13 -13.02 14.77 -14.76
N VAL A 14 -13.32 14.75 -13.46
CA VAL A 14 -12.33 15.11 -12.45
C VAL A 14 -11.35 13.97 -12.21
N ARG A 15 -11.86 12.75 -12.15
CA ARG A 15 -11.03 11.58 -11.93
C ARG A 15 -9.87 11.54 -12.92
N ASP A 16 -10.21 11.37 -14.20
CA ASP A 16 -9.19 11.32 -15.25
C ASP A 16 -8.02 12.26 -14.94
N LYS A 17 -8.34 13.54 -14.78
CA LYS A 17 -7.32 14.53 -14.48
C LYS A 17 -6.69 14.28 -13.11
N LEU A 18 -7.49 13.78 -12.19
CA LEU A 18 -7.00 13.48 -10.84
C LEU A 18 -5.98 12.34 -10.87
N LEU A 19 -5.90 11.65 -12.00
CA LEU A 19 -4.96 10.55 -12.16
C LEU A 19 -3.65 11.03 -12.76
N VAL A 20 -3.74 11.59 -13.97
CA VAL A 20 -2.55 12.10 -14.66
C VAL A 20 -1.82 13.13 -13.81
N LYS A 21 -2.58 14.06 -13.22
CA LYS A 21 -2.00 15.10 -12.39
C LYS A 21 -1.31 14.49 -11.16
N GLU A 22 -2.01 13.59 -10.48
CA GLU A 22 -1.46 12.94 -9.29
C GLU A 22 -0.37 11.95 -9.68
N VAL A 23 -0.75 10.88 -10.37
CA VAL A 23 0.19 9.86 -10.79
C VAL A 23 1.53 10.48 -11.17
N ALA A 24 1.49 11.62 -11.85
CA ALA A 24 2.69 12.32 -12.27
C ALA A 24 3.57 12.66 -11.07
N GLU A 25 3.09 13.56 -10.22
CA GLU A 25 3.83 13.98 -9.04
C GLU A 25 4.18 12.78 -8.17
N LEU A 26 3.24 11.84 -8.07
CA LEU A 26 3.45 10.64 -7.27
C LEU A 26 4.73 9.92 -7.68
N GLU A 27 4.95 9.81 -8.99
CA GLU A 27 6.15 9.15 -9.50
C GLU A 27 7.39 10.01 -9.28
N ALA A 28 7.17 11.25 -8.85
CA ALA A 28 8.27 12.16 -8.58
C ALA A 28 8.35 12.53 -7.11
N ASN A 29 7.36 12.08 -6.34
CA ASN A 29 7.32 12.36 -4.91
C ASN A 29 7.55 11.09 -4.10
N LEU A 30 7.12 9.95 -4.64
CA LEU A 30 7.29 8.67 -3.97
C LEU A 30 8.72 8.49 -3.50
N PRO A 31 8.88 7.92 -2.29
CA PRO A 31 10.20 7.68 -1.69
C PRO A 31 10.96 6.58 -2.42
N CYS A 32 12.28 6.68 -2.40
CA CYS A 32 13.14 5.69 -3.06
C CYS A 32 12.74 4.28 -2.66
N THR A 33 12.38 4.10 -1.38
CA THR A 33 11.98 2.80 -0.86
C THR A 33 10.94 2.15 -1.77
N CYS A 34 10.17 2.98 -2.47
CA CYS A 34 9.13 2.48 -3.37
C CYS A 34 9.53 2.70 -4.83
N LYS A 35 8.74 2.14 -5.74
CA LYS A 35 9.01 2.27 -7.17
C LYS A 35 7.77 1.95 -7.99
N VAL A 36 7.25 2.96 -8.69
CA VAL A 36 6.06 2.79 -9.51
C VAL A 36 6.43 2.57 -10.98
N HIS A 37 5.62 1.79 -11.68
CA HIS A 37 5.87 1.51 -13.09
C HIS A 37 4.57 1.21 -13.82
N PHE A 38 4.13 2.16 -14.65
CA PHE A 38 2.89 2.00 -15.41
C PHE A 38 3.16 1.30 -16.74
N PRO A 39 2.55 0.11 -16.91
CA PRO A 39 2.70 -0.70 -18.12
C PRO A 39 2.01 -0.06 -19.33
N ASP A 40 0.81 0.49 -19.09
CA ASP A 40 0.05 1.13 -20.16
C ASP A 40 -0.34 2.55 -19.76
N PRO A 41 0.01 3.52 -20.62
CA PRO A 41 -0.29 4.93 -20.39
C PRO A 41 -1.78 5.23 -20.51
N ASN A 42 -2.48 4.44 -21.31
CA ASN A 42 -3.91 4.62 -21.52
C ASN A 42 -4.68 4.35 -20.23
N LYS A 43 -4.17 3.41 -19.43
CA LYS A 43 -4.82 3.06 -18.17
C LYS A 43 -4.05 3.64 -16.99
N LEU A 44 -4.62 4.67 -16.37
CA LEU A 44 -3.98 5.31 -15.22
C LEU A 44 -4.58 4.80 -13.92
N HIS A 45 -5.90 4.77 -13.85
CA HIS A 45 -6.59 4.30 -12.65
C HIS A 45 -5.89 3.07 -12.07
N CYS A 46 -5.51 2.14 -12.94
CA CYS A 46 -4.84 0.92 -12.52
C CYS A 46 -3.36 0.97 -12.85
N PHE A 47 -2.53 0.61 -11.88
CA PHE A 47 -1.08 0.63 -12.06
C PHE A 47 -0.40 -0.29 -11.05
N GLN A 48 0.92 -0.37 -11.13
CA GLN A 48 1.70 -1.21 -10.23
C GLN A 48 2.52 -0.36 -9.26
N LEU A 49 2.48 -0.71 -7.98
CA LEU A 49 3.23 0.03 -6.96
C LEU A 49 4.17 -0.91 -6.21
N THR A 50 5.46 -0.64 -6.32
CA THR A 50 6.47 -1.46 -5.64
C THR A 50 6.94 -0.78 -4.36
N VAL A 51 7.00 -1.56 -3.28
CA VAL A 51 7.45 -1.04 -1.99
C VAL A 51 8.52 -1.93 -1.38
N THR A 52 9.64 -1.31 -1.00
CA THR A 52 10.75 -2.04 -0.41
C THR A 52 11.41 -1.22 0.69
N PRO A 53 11.15 -1.61 1.95
CA PRO A 53 11.72 -0.93 3.12
C PRO A 53 13.22 -1.16 3.26
N ASP A 54 13.99 -0.07 3.22
CA ASP A 54 15.44 -0.17 3.34
C ASP A 54 15.86 -0.22 4.80
N GLU A 55 14.92 -0.61 5.67
CA GLU A 55 15.19 -0.71 7.10
C GLU A 55 14.14 -1.55 7.80
N GLY A 56 14.35 -1.81 9.08
CA GLY A 56 13.41 -2.60 9.85
C GLY A 56 13.70 -4.10 9.76
N TYR A 57 12.71 -4.86 9.29
CA TYR A 57 12.86 -6.30 9.17
C TYR A 57 13.04 -6.71 7.71
N TYR A 58 12.16 -6.19 6.85
CA TYR A 58 12.20 -6.49 5.43
C TYR A 58 13.17 -5.56 4.70
N GLN A 59 14.26 -5.21 5.36
CA GLN A 59 15.26 -4.32 4.77
C GLN A 59 15.40 -4.57 3.27
N GLY A 60 15.39 -5.85 2.89
CA GLY A 60 15.52 -6.20 1.49
C GLY A 60 14.38 -7.07 1.00
N GLY A 61 13.15 -6.68 1.33
CA GLY A 61 11.99 -7.43 0.92
C GLY A 61 11.20 -6.75 -0.17
N LYS A 62 11.31 -7.26 -1.39
CA LYS A 62 10.61 -6.69 -2.53
C LYS A 62 9.18 -7.22 -2.61
N PHE A 63 8.22 -6.31 -2.77
CA PHE A 63 6.81 -6.68 -2.85
C PHE A 63 6.09 -5.83 -3.89
N GLN A 64 4.96 -6.33 -4.37
CA GLN A 64 4.17 -5.61 -5.37
C GLN A 64 2.78 -5.29 -4.85
N PHE A 65 2.25 -4.14 -5.23
CA PHE A 65 0.93 -3.71 -4.80
C PHE A 65 0.08 -3.29 -5.99
N GLU A 66 -1.14 -3.80 -6.04
CA GLU A 66 -2.07 -3.48 -7.13
C GLU A 66 -3.09 -2.44 -6.68
N THR A 67 -2.87 -1.20 -7.07
CA THR A 67 -3.77 -0.11 -6.71
C THR A 67 -4.92 0.00 -7.71
N GLU A 68 -6.05 0.55 -7.26
CA GLU A 68 -7.21 0.71 -8.12
C GLU A 68 -7.97 2.00 -7.76
N VAL A 69 -7.87 2.99 -8.63
CA VAL A 69 -8.54 4.27 -8.41
C VAL A 69 -9.91 4.29 -9.09
N PRO A 70 -10.98 4.26 -8.29
CA PRO A 70 -12.36 4.28 -8.79
C PRO A 70 -12.73 5.62 -9.40
N ASP A 71 -13.93 5.70 -9.97
CA ASP A 71 -14.41 6.93 -10.58
C ASP A 71 -14.60 8.02 -9.53
N ALA A 72 -15.26 7.67 -8.43
CA ALA A 72 -15.51 8.62 -7.36
C ALA A 72 -14.27 9.44 -7.05
N TYR A 73 -13.12 8.78 -7.07
CA TYR A 73 -11.85 9.46 -6.77
C TYR A 73 -11.86 10.89 -7.31
N ASN A 74 -11.29 11.81 -6.54
CA ASN A 74 -10.70 11.47 -5.25
C ASN A 74 -11.76 11.43 -4.16
N MET A 75 -13.00 11.13 -4.55
CA MET A 75 -14.10 11.07 -3.59
C MET A 75 -13.93 9.89 -2.64
N VAL A 76 -13.56 8.74 -3.20
CA VAL A 76 -13.35 7.54 -2.39
C VAL A 76 -11.92 7.04 -2.49
N PRO A 77 -11.44 6.38 -1.43
CA PRO A 77 -10.08 5.83 -1.38
C PRO A 77 -9.88 4.67 -2.33
N PRO A 78 -8.70 4.61 -2.97
CA PRO A 78 -8.36 3.54 -3.92
C PRO A 78 -8.17 2.19 -3.22
N LYS A 79 -8.61 1.13 -3.88
CA LYS A 79 -8.49 -0.22 -3.33
C LYS A 79 -7.17 -0.86 -3.76
N VAL A 80 -6.26 -1.00 -2.81
CA VAL A 80 -4.95 -1.60 -3.08
C VAL A 80 -4.79 -2.92 -2.32
N LYS A 81 -4.48 -3.97 -3.07
CA LYS A 81 -4.29 -5.29 -2.47
C LYS A 81 -2.86 -5.79 -2.69
N CYS A 82 -2.37 -6.59 -1.74
CA CYS A 82 -1.02 -7.13 -1.84
C CYS A 82 -0.99 -8.40 -2.69
N LEU A 83 -0.16 -8.38 -3.73
CA LEU A 83 -0.05 -9.52 -4.62
C LEU A 83 0.94 -10.55 -4.07
N THR A 84 2.08 -10.08 -3.60
CA THR A 84 3.10 -10.95 -3.04
C THR A 84 2.74 -11.40 -1.64
N LYS A 85 3.41 -12.44 -1.15
CA LYS A 85 3.15 -12.97 0.18
C LYS A 85 4.22 -12.49 1.17
N ILE A 86 3.77 -12.04 2.33
CA ILE A 86 4.69 -11.55 3.36
C ILE A 86 4.17 -11.89 4.75
N TRP A 87 5.10 -12.13 5.68
CA TRP A 87 4.74 -12.46 7.05
C TRP A 87 4.41 -11.21 7.84
N HIS A 88 3.66 -10.30 7.23
CA HIS A 88 3.28 -9.06 7.88
C HIS A 88 2.00 -9.24 8.71
N PRO A 89 1.99 -8.65 9.90
CA PRO A 89 0.84 -8.74 10.82
C PRO A 89 -0.37 -7.97 10.30
N ASN A 90 -0.15 -7.14 9.29
CA ASN A 90 -1.23 -6.34 8.70
C ASN A 90 -1.54 -6.82 7.28
N ILE A 91 -0.50 -7.05 6.50
CA ILE A 91 -0.67 -7.50 5.13
C ILE A 91 -0.76 -9.03 5.06
N THR A 92 -1.92 -9.56 5.42
CA THR A 92 -2.14 -11.01 5.39
C THR A 92 -1.64 -11.61 4.09
N GLU A 93 -1.35 -12.91 4.13
CA GLU A 93 -0.86 -13.62 2.95
C GLU A 93 -1.84 -13.47 1.78
N THR A 94 -3.11 -13.76 2.04
CA THR A 94 -4.13 -13.66 1.01
C THR A 94 -4.05 -12.33 0.28
N GLY A 95 -3.61 -11.29 0.99
CA GLY A 95 -3.50 -9.98 0.40
C GLY A 95 -4.47 -8.97 0.99
N GLU A 96 -4.54 -8.95 2.32
CA GLU A 96 -5.44 -8.03 3.01
C GLU A 96 -4.65 -6.95 3.75
N ILE A 97 -4.84 -5.71 3.33
CA ILE A 97 -4.15 -4.58 3.94
C ILE A 97 -5.10 -3.75 4.80
N CYS A 98 -4.77 -3.62 6.08
CA CYS A 98 -5.60 -2.85 7.01
C CYS A 98 -4.97 -1.49 7.30
N LEU A 99 -5.16 -0.55 6.37
CA LEU A 99 -4.61 0.79 6.53
C LEU A 99 -5.68 1.76 7.01
N SER A 100 -5.30 2.62 7.96
CA SER A 100 -6.22 3.61 8.51
C SER A 100 -6.63 4.62 7.46
N LEU A 101 -5.68 5.47 7.05
CA LEU A 101 -5.94 6.49 6.05
C LEU A 101 -6.69 5.90 4.86
N LEU A 102 -6.61 4.59 4.71
CA LEU A 102 -7.27 3.91 3.60
C LEU A 102 -8.62 3.35 4.05
N ARG A 103 -9.24 4.01 5.02
CA ARG A 103 -10.54 3.59 5.54
C ARG A 103 -11.65 4.50 5.03
N GLU A 104 -12.79 3.91 4.69
CA GLU A 104 -13.93 4.67 4.20
C GLU A 104 -14.88 5.03 5.33
N HIS A 105 -16.01 5.63 4.99
CA HIS A 105 -17.01 6.02 5.98
C HIS A 105 -16.34 6.63 7.21
N SER A 106 -15.33 7.46 6.98
CA SER A 106 -14.61 8.11 8.07
C SER A 106 -15.26 9.44 8.44
N ILE A 107 -15.56 9.61 9.72
CA ILE A 107 -16.18 10.84 10.20
C ILE A 107 -15.19 11.69 10.99
N ASP A 108 -14.20 11.02 11.59
CA ASP A 108 -13.19 11.72 12.37
C ASP A 108 -12.17 12.40 11.46
N GLY A 109 -11.68 11.66 10.47
CA GLY A 109 -10.71 12.22 9.55
C GLY A 109 -9.55 11.28 9.28
N THR A 110 -9.04 10.67 10.35
CA THR A 110 -7.92 9.74 10.23
C THR A 110 -8.05 8.88 8.97
N GLY A 111 -9.27 8.46 8.66
CA GLY A 111 -9.50 7.65 7.49
C GLY A 111 -9.12 8.35 6.21
N TRP A 112 -9.91 8.14 5.17
CA TRP A 112 -9.64 8.76 3.87
C TRP A 112 -10.37 10.10 3.75
N ALA A 113 -9.96 10.90 2.78
CA ALA A 113 -10.57 12.21 2.56
C ALA A 113 -10.03 12.86 1.29
N PRO A 114 -10.82 13.80 0.73
CA PRO A 114 -10.44 14.52 -0.48
C PRO A 114 -9.27 15.48 -0.27
N THR A 115 -8.75 15.49 0.96
CA THR A 115 -7.63 16.36 1.30
C THR A 115 -6.30 15.71 0.93
N ARG A 116 -6.30 14.39 0.82
CA ARG A 116 -5.09 13.65 0.47
C ARG A 116 -5.19 13.08 -0.94
N THR A 117 -4.05 12.68 -1.49
CA THR A 117 -4.01 12.12 -2.84
C THR A 117 -3.30 10.77 -2.85
N LEU A 118 -3.12 10.20 -4.03
CA LEU A 118 -2.46 8.91 -4.17
C LEU A 118 -1.00 9.00 -3.76
N LYS A 119 -0.55 10.21 -3.42
CA LYS A 119 0.82 10.43 -3.01
C LYS A 119 1.01 10.07 -1.53
N ASP A 120 0.00 10.38 -0.73
CA ASP A 120 0.05 10.09 0.70
C ASP A 120 -0.40 8.66 0.98
N VAL A 121 -1.29 8.15 0.15
CA VAL A 121 -1.81 6.80 0.30
C VAL A 121 -0.68 5.76 0.26
N VAL A 122 0.23 5.95 -0.70
CA VAL A 122 1.36 5.04 -0.86
C VAL A 122 2.41 5.28 0.21
N TRP A 123 2.55 6.53 0.64
CA TRP A 123 3.51 6.89 1.67
C TRP A 123 3.35 6.01 2.90
N GLY A 124 2.10 5.74 3.26
CA GLY A 124 1.83 4.90 4.42
C GLY A 124 2.03 3.43 4.14
N LEU A 125 1.45 2.96 3.04
CA LEU A 125 1.57 1.56 2.67
C LEU A 125 2.98 1.03 2.94
N ASN A 126 3.97 1.91 2.80
CA ASN A 126 5.36 1.54 3.04
C ASN A 126 5.74 1.77 4.49
N SER A 127 5.20 2.83 5.08
CA SER A 127 5.49 3.16 6.47
C SER A 127 5.11 2.01 7.39
N LEU A 128 4.18 1.18 6.94
CA LEU A 128 3.72 0.04 7.72
C LEU A 128 4.86 -0.94 7.97
N PHE A 129 6.00 -0.70 7.32
CA PHE A 129 7.16 -1.56 7.47
C PHE A 129 8.26 -0.86 8.27
N THR A 130 8.04 0.41 8.57
CA THR A 130 9.01 1.20 9.32
C THR A 130 8.57 1.35 10.78
N ASP A 131 7.61 2.24 11.01
CA ASP A 131 7.11 2.49 12.36
C ASP A 131 5.63 2.09 12.46
N LEU A 132 4.95 2.09 11.33
CA LEU A 132 3.54 1.73 11.29
C LEU A 132 3.35 0.22 11.30
N LEU A 133 4.14 -0.45 12.13
CA LEU A 133 4.06 -1.90 12.23
C LEU A 133 3.01 -2.32 13.27
N ASN A 134 1.76 -1.96 13.01
CA ASN A 134 0.68 -2.30 13.92
C ASN A 134 0.86 -3.70 14.50
N PHE A 135 1.13 -3.76 15.81
CA PHE A 135 1.34 -5.03 16.49
C PHE A 135 0.32 -5.22 17.61
N ASP A 136 -0.57 -4.25 17.75
CA ASP A 136 -1.60 -4.30 18.79
C ASP A 136 -2.94 -4.75 18.21
N ASP A 137 -3.33 -4.15 17.09
CA ASP A 137 -4.58 -4.49 16.43
C ASP A 137 -4.33 -5.05 15.03
N PRO A 138 -3.42 -6.04 14.95
CA PRO A 138 -3.07 -6.68 13.67
C PRO A 138 -4.20 -7.54 13.13
N LEU A 139 -3.98 -8.14 11.97
CA LEU A 139 -4.99 -8.99 11.35
C LEU A 139 -4.68 -10.47 11.58
N ASN A 140 -3.43 -10.85 11.36
CA ASN A 140 -3.00 -12.23 11.56
C ASN A 140 -2.44 -12.43 12.96
N ILE A 141 -3.28 -12.94 13.85
CA ILE A 141 -2.87 -13.18 15.23
C ILE A 141 -1.45 -13.74 15.30
N GLU A 142 -1.20 -14.80 14.55
CA GLU A 142 0.12 -15.41 14.53
C GLU A 142 1.22 -14.35 14.43
N ALA A 143 1.23 -13.63 13.31
CA ALA A 143 2.23 -12.58 13.10
C ALA A 143 2.57 -11.87 14.40
N ALA A 144 1.54 -11.47 15.14
CA ALA A 144 1.73 -10.78 16.41
C ALA A 144 2.29 -11.73 17.47
N GLU A 145 1.75 -12.94 17.51
CA GLU A 145 2.20 -13.94 18.47
C GLU A 145 3.69 -14.23 18.32
N HIS A 146 4.16 -14.19 17.08
CA HIS A 146 5.57 -14.45 16.80
C HIS A 146 6.44 -13.29 17.28
N HIS A 147 5.83 -12.11 17.36
CA HIS A 147 6.56 -10.92 17.81
C HIS A 147 6.62 -10.86 19.34
N LEU A 148 5.62 -11.44 19.99
CA LEU A 148 5.57 -11.45 21.45
C LEU A 148 6.44 -12.57 22.01
N ARG A 149 6.25 -13.79 21.50
CA ARG A 149 7.01 -14.94 21.96
C ARG A 149 8.52 -14.66 21.89
N ASP A 150 8.94 -14.03 20.80
CA ASP A 150 10.35 -13.70 20.62
C ASP A 150 10.51 -12.50 19.67
N LYS A 151 11.04 -11.40 20.20
CA LYS A 151 11.24 -10.19 19.41
C LYS A 151 12.18 -10.47 18.24
N GLU A 152 13.17 -11.32 18.47
CA GLU A 152 14.14 -11.65 17.42
C GLU A 152 13.56 -12.71 16.48
N ASP A 153 13.11 -13.82 17.04
CA ASP A 153 12.54 -14.91 16.25
C ASP A 153 11.62 -14.35 15.16
N PHE A 154 10.68 -13.50 15.55
CA PHE A 154 9.74 -12.91 14.61
C PHE A 154 10.47 -12.44 13.35
N ARG A 155 11.62 -11.82 13.53
CA ARG A 155 12.41 -11.32 12.41
C ARG A 155 13.10 -12.46 11.69
N ASN A 156 13.74 -13.34 12.45
CA ASN A 156 14.45 -14.48 11.88
C ASN A 156 13.62 -15.14 10.78
N LYS A 157 12.35 -15.37 11.07
CA LYS A 157 11.43 -16.00 10.11
C LYS A 157 11.22 -15.10 8.90
N VAL A 158 10.83 -13.85 9.15
CA VAL A 158 10.60 -12.90 8.07
C VAL A 158 11.67 -13.01 6.99
N ASP A 159 12.91 -13.22 7.42
CA ASP A 159 14.03 -13.36 6.49
C ASP A 159 13.72 -14.38 5.41
N ASP A 160 13.22 -15.55 5.83
CA ASP A 160 12.88 -16.61 4.90
C ASP A 160 11.64 -16.25 4.09
N TYR A 161 10.55 -15.95 4.79
CA TYR A 161 9.30 -15.60 4.13
C TYR A 161 9.55 -14.66 2.94
N ILE A 162 10.65 -13.92 3.01
CA ILE A 162 11.01 -12.98 1.95
C ILE A 162 11.62 -13.71 0.76
N LYS A 163 12.84 -14.23 0.97
CA LYS A 163 13.54 -14.96 -0.08
C LYS A 163 12.70 -16.11 -0.61
N ARG A 164 11.67 -16.48 0.15
CA ARG A 164 10.79 -17.58 -0.25
C ARG A 164 10.02 -17.23 -1.52
N TYR A 165 9.39 -16.06 -1.51
CA TYR A 165 8.62 -15.61 -2.67
C TYR A 165 8.92 -14.15 -2.99
N ALA A 166 10.10 -13.69 -2.57
CA ALA A 166 10.52 -12.33 -2.81
C ALA A 166 12.03 -12.18 -2.66
N ARG A 167 12.68 -11.64 -3.69
CA ARG A 167 14.11 -11.45 -3.66
C ARG A 167 14.49 -10.07 -4.18
N SER A 168 15.31 -9.36 -3.41
CA SER A 168 15.74 -8.02 -3.79
C SER A 168 16.93 -8.07 -4.74
N GLY A 169 16.87 -7.30 -5.82
CA GLY A 169 17.95 -7.28 -6.79
C GLY A 169 19.06 -6.33 -6.40
N PRO A 170 20.11 -6.26 -7.22
CA PRO A 170 21.26 -5.39 -6.98
C PRO A 170 20.91 -3.91 -7.14
N SER A 171 20.93 -3.18 -6.04
CA SER A 171 20.61 -1.75 -6.05
C SER A 171 21.85 -0.91 -5.74
N SER A 172 21.72 0.40 -5.89
CA SER A 172 22.83 1.31 -5.62
C SER A 172 22.36 2.50 -4.79
N GLY A 173 21.28 3.14 -5.22
CA GLY A 173 20.76 4.28 -4.51
C GLY A 173 21.24 5.60 -5.09
N GLY A 1 -31.60 12.92 -8.45
CA GLY A 1 -32.10 11.56 -8.45
C GLY A 1 -31.95 10.88 -9.79
N SER A 2 -30.97 9.98 -9.89
CA SER A 2 -30.72 9.25 -11.14
C SER A 2 -30.33 7.81 -10.86
N SER A 3 -30.62 6.93 -11.82
CA SER A 3 -30.30 5.52 -11.67
C SER A 3 -28.92 5.32 -11.06
N GLY A 4 -28.88 4.68 -9.89
CA GLY A 4 -27.62 4.45 -9.21
C GLY A 4 -26.64 3.65 -10.07
N SER A 5 -25.57 3.18 -9.45
CA SER A 5 -24.57 2.40 -10.16
C SER A 5 -24.16 3.09 -11.46
N SER A 6 -24.02 4.40 -11.40
CA SER A 6 -23.64 5.18 -12.58
C SER A 6 -22.14 5.09 -12.83
N GLY A 7 -21.73 5.52 -14.02
CA GLY A 7 -20.31 5.47 -14.36
C GLY A 7 -20.08 5.44 -15.87
N SER A 8 -18.82 5.46 -16.27
CA SER A 8 -18.47 5.45 -17.69
C SER A 8 -17.40 4.40 -17.98
N THR A 9 -17.24 4.06 -19.25
CA THR A 9 -16.25 3.07 -19.66
C THR A 9 -15.38 3.59 -20.80
N ARG A 10 -15.98 4.41 -21.65
CA ARG A 10 -15.26 4.99 -22.80
C ARG A 10 -14.89 6.43 -22.53
N ARG A 11 -15.90 7.27 -22.29
CA ARG A 11 -15.67 8.68 -22.02
C ARG A 11 -14.72 8.87 -20.83
N VAL A 12 -14.17 10.07 -20.70
CA VAL A 12 -13.26 10.38 -19.61
C VAL A 12 -14.00 10.99 -18.42
N SER A 13 -13.45 10.80 -17.23
CA SER A 13 -14.06 11.33 -16.02
C SER A 13 -13.01 11.98 -15.11
N VAL A 14 -13.48 12.74 -14.13
CA VAL A 14 -12.59 13.41 -13.20
C VAL A 14 -11.45 12.51 -12.75
N ARG A 15 -11.76 11.21 -12.61
CA ARG A 15 -10.77 10.24 -12.19
C ARG A 15 -9.51 10.32 -13.05
N ASP A 16 -9.71 10.51 -14.35
CA ASP A 16 -8.60 10.61 -15.29
C ASP A 16 -7.71 11.81 -14.94
N LYS A 17 -8.26 13.01 -15.07
CA LYS A 17 -7.53 14.23 -14.77
C LYS A 17 -7.02 14.23 -13.33
N LEU A 18 -7.74 13.54 -12.46
CA LEU A 18 -7.37 13.45 -11.05
C LEU A 18 -6.29 12.39 -10.84
N LEU A 19 -6.11 11.53 -11.83
CA LEU A 19 -5.11 10.48 -11.76
C LEU A 19 -3.77 10.94 -12.36
N VAL A 20 -3.82 11.37 -13.62
CA VAL A 20 -2.63 11.84 -14.31
C VAL A 20 -1.95 12.96 -13.52
N LYS A 21 -2.75 13.93 -13.08
CA LYS A 21 -2.22 15.06 -12.31
C LYS A 21 -1.49 14.57 -11.07
N GLU A 22 -2.13 13.68 -10.32
CA GLU A 22 -1.54 13.15 -9.10
C GLU A 22 -0.44 12.14 -9.42
N VAL A 23 -0.83 11.02 -10.01
CA VAL A 23 0.13 9.98 -10.38
C VAL A 23 1.44 10.58 -10.85
N ALA A 24 1.34 11.63 -11.64
CA ALA A 24 2.53 12.31 -12.17
C ALA A 24 3.43 12.79 -11.03
N GLU A 25 2.93 13.73 -10.25
CA GLU A 25 3.70 14.27 -9.13
C GLU A 25 4.16 13.16 -8.20
N LEU A 26 3.37 12.10 -8.10
CA LEU A 26 3.71 10.97 -7.25
C LEU A 26 4.99 10.30 -7.70
N GLU A 27 5.00 9.81 -8.94
CA GLU A 27 6.18 9.15 -9.50
C GLU A 27 7.43 9.98 -9.26
N ALA A 28 7.24 11.28 -9.11
CA ALA A 28 8.36 12.20 -8.89
C ALA A 28 8.63 12.36 -7.40
N ASN A 29 7.57 12.33 -6.60
CA ASN A 29 7.69 12.48 -5.16
C ASN A 29 7.79 11.11 -4.47
N LEU A 30 8.14 10.10 -5.25
CA LEU A 30 8.28 8.75 -4.72
C LEU A 30 9.70 8.51 -4.18
N PRO A 31 9.78 8.05 -2.93
CA PRO A 31 11.07 7.78 -2.28
C PRO A 31 11.77 6.56 -2.87
N CYS A 32 13.10 6.56 -2.81
CA CYS A 32 13.89 5.46 -3.34
C CYS A 32 13.33 4.11 -2.88
N THR A 33 12.79 4.09 -1.65
CA THR A 33 12.23 2.88 -1.09
C THR A 33 11.08 2.35 -1.96
N CYS A 34 10.33 3.26 -2.56
CA CYS A 34 9.20 2.90 -3.40
C CYS A 34 9.51 3.19 -4.87
N LYS A 35 8.86 2.46 -5.76
CA LYS A 35 9.06 2.64 -7.20
C LYS A 35 7.80 2.26 -7.97
N VAL A 36 7.18 3.25 -8.61
CA VAL A 36 5.98 3.02 -9.39
C VAL A 36 6.31 2.88 -10.87
N HIS A 37 5.58 1.99 -11.55
CA HIS A 37 5.80 1.76 -12.98
C HIS A 37 4.47 1.46 -13.68
N PHE A 38 4.08 2.35 -14.58
CA PHE A 38 2.84 2.19 -15.33
C PHE A 38 3.09 1.51 -16.67
N PRO A 39 2.69 0.23 -16.77
CA PRO A 39 2.87 -0.55 -17.99
C PRO A 39 1.96 -0.08 -19.13
N ASP A 40 0.75 0.34 -18.76
CA ASP A 40 -0.22 0.82 -19.75
C ASP A 40 -0.62 2.27 -19.46
N PRO A 41 -0.35 3.16 -20.42
CA PRO A 41 -0.68 4.59 -20.28
C PRO A 41 -2.18 4.84 -20.33
N ASN A 42 -2.85 4.27 -21.32
CA ASN A 42 -4.29 4.45 -21.46
C ASN A 42 -5.00 4.22 -20.13
N LYS A 43 -4.45 3.31 -19.33
CA LYS A 43 -5.04 3.00 -18.02
C LYS A 43 -4.19 3.58 -16.89
N LEU A 44 -4.79 4.47 -16.11
CA LEU A 44 -4.09 5.10 -14.99
C LEU A 44 -4.59 4.55 -13.66
N HIS A 45 -5.89 4.30 -13.58
CA HIS A 45 -6.49 3.77 -12.36
C HIS A 45 -5.73 2.53 -11.88
N CYS A 46 -5.51 1.60 -12.78
CA CYS A 46 -4.79 0.36 -12.45
C CYS A 46 -3.30 0.50 -12.76
N PHE A 47 -2.47 0.37 -11.73
CA PHE A 47 -1.03 0.47 -11.90
C PHE A 47 -0.29 -0.44 -10.92
N GLN A 48 1.02 -0.50 -11.04
CA GLN A 48 1.84 -1.33 -10.17
C GLN A 48 2.67 -0.48 -9.22
N LEU A 49 2.63 -0.82 -7.93
CA LEU A 49 3.38 -0.07 -6.93
C LEU A 49 4.40 -0.97 -6.24
N THR A 50 5.64 -0.50 -6.16
CA THR A 50 6.71 -1.27 -5.52
C THR A 50 7.22 -0.57 -4.27
N VAL A 51 7.41 -1.33 -3.20
CA VAL A 51 7.90 -0.78 -1.94
C VAL A 51 8.94 -1.70 -1.30
N THR A 52 10.05 -1.12 -0.88
CA THR A 52 11.12 -1.89 -0.25
C THR A 52 11.84 -1.06 0.80
N PRO A 53 11.56 -1.36 2.08
CA PRO A 53 12.16 -0.67 3.21
C PRO A 53 13.65 -0.99 3.36
N ASP A 54 14.47 0.05 3.48
CA ASP A 54 15.91 -0.12 3.63
C ASP A 54 16.29 -0.22 5.11
N GLU A 55 15.34 -0.64 5.93
CA GLU A 55 15.58 -0.78 7.36
C GLU A 55 14.53 -1.68 8.00
N GLY A 56 14.79 -2.10 9.24
CA GLY A 56 13.86 -2.96 9.94
C GLY A 56 14.03 -4.42 9.57
N TYR A 57 12.99 -5.22 9.81
CA TYR A 57 13.02 -6.63 9.50
C TYR A 57 13.15 -6.87 8.00
N TYR A 58 12.39 -6.10 7.22
CA TYR A 58 12.42 -6.23 5.77
C TYR A 58 13.45 -5.28 5.16
N GLN A 59 14.56 -5.09 5.88
CA GLN A 59 15.62 -4.21 5.41
C GLN A 59 15.84 -4.37 3.91
N GLY A 60 15.74 -5.61 3.43
CA GLY A 60 15.93 -5.87 2.02
C GLY A 60 14.87 -6.80 1.45
N GLY A 61 13.61 -6.52 1.78
CA GLY A 61 12.51 -7.33 1.29
C GLY A 61 11.64 -6.59 0.29
N LYS A 62 11.73 -6.99 -0.97
CA LYS A 62 10.94 -6.38 -2.02
C LYS A 62 9.51 -6.90 -2.03
N PHE A 63 8.55 -6.01 -2.27
CA PHE A 63 7.15 -6.40 -2.30
C PHE A 63 6.37 -5.54 -3.29
N GLN A 64 5.34 -6.13 -3.90
CA GLN A 64 4.53 -5.42 -4.88
C GLN A 64 3.18 -5.05 -4.28
N PHE A 65 2.57 -3.99 -4.82
CA PHE A 65 1.27 -3.53 -4.33
C PHE A 65 0.38 -3.11 -5.50
N GLU A 66 -0.83 -3.66 -5.54
CA GLU A 66 -1.77 -3.35 -6.60
C GLU A 66 -2.84 -2.37 -6.10
N THR A 67 -2.79 -1.14 -6.61
CA THR A 67 -3.75 -0.12 -6.22
C THR A 67 -4.88 0.01 -7.25
N GLU A 68 -6.08 0.30 -6.76
CA GLU A 68 -7.23 0.44 -7.64
C GLU A 68 -7.99 1.73 -7.33
N VAL A 69 -8.04 2.63 -8.32
CA VAL A 69 -8.73 3.89 -8.16
C VAL A 69 -10.12 3.85 -8.77
N PRO A 70 -11.15 3.86 -7.91
CA PRO A 70 -12.54 3.83 -8.34
C PRO A 70 -12.98 5.12 -9.03
N ASP A 71 -14.21 5.14 -9.52
CA ASP A 71 -14.75 6.31 -10.20
C ASP A 71 -14.91 7.48 -9.23
N ALA A 72 -15.49 7.19 -8.07
CA ALA A 72 -15.71 8.22 -7.05
C ALA A 72 -14.47 9.09 -6.87
N TYR A 73 -13.31 8.45 -6.81
CA TYR A 73 -12.06 9.16 -6.63
C TYR A 73 -12.10 10.53 -7.30
N ASN A 74 -11.55 11.53 -6.64
CA ASN A 74 -10.93 11.33 -5.32
C ASN A 74 -11.99 11.27 -4.23
N MET A 75 -13.25 11.21 -4.63
CA MET A 75 -14.35 11.15 -3.68
C MET A 75 -14.14 10.02 -2.67
N VAL A 76 -13.74 8.86 -3.17
CA VAL A 76 -13.50 7.71 -2.31
C VAL A 76 -12.05 7.22 -2.44
N PRO A 77 -11.54 6.61 -1.36
CA PRO A 77 -10.17 6.09 -1.32
C PRO A 77 -9.99 4.87 -2.22
N PRO A 78 -8.84 4.80 -2.91
CA PRO A 78 -8.53 3.68 -3.81
C PRO A 78 -8.26 2.39 -3.05
N LYS A 79 -8.60 1.27 -3.68
CA LYS A 79 -8.39 -0.04 -3.08
C LYS A 79 -7.00 -0.58 -3.38
N VAL A 80 -6.20 -0.78 -2.34
CA VAL A 80 -4.85 -1.30 -2.51
C VAL A 80 -4.70 -2.69 -1.89
N LYS A 81 -4.27 -3.64 -2.70
CA LYS A 81 -4.09 -5.02 -2.24
C LYS A 81 -2.65 -5.48 -2.46
N CYS A 82 -2.10 -6.16 -1.46
CA CYS A 82 -0.73 -6.65 -1.54
C CYS A 82 -0.65 -7.90 -2.41
N LEU A 83 -0.09 -7.75 -3.61
CA LEU A 83 0.04 -8.86 -4.54
C LEU A 83 0.99 -9.92 -3.99
N THR A 84 2.17 -9.50 -3.57
CA THR A 84 3.16 -10.42 -3.01
C THR A 84 2.77 -10.86 -1.61
N LYS A 85 3.35 -11.97 -1.16
CA LYS A 85 3.07 -12.51 0.17
C LYS A 85 4.13 -12.06 1.17
N ILE A 86 3.69 -11.68 2.36
CA ILE A 86 4.60 -11.24 3.40
C ILE A 86 4.10 -11.65 4.78
N TRP A 87 5.03 -11.87 5.71
CA TRP A 87 4.68 -12.26 7.07
C TRP A 87 4.34 -11.04 7.92
N HIS A 88 3.75 -10.03 7.29
CA HIS A 88 3.37 -8.81 7.99
C HIS A 88 2.03 -8.99 8.70
N PRO A 89 1.94 -8.44 9.93
CA PRO A 89 0.73 -8.52 10.74
C PRO A 89 -0.41 -7.69 10.17
N ASN A 90 -0.07 -6.53 9.61
CA ASN A 90 -1.07 -5.64 9.02
C ASN A 90 -1.47 -6.11 7.63
N ILE A 91 -0.52 -6.71 6.92
CA ILE A 91 -0.78 -7.21 5.57
C ILE A 91 -0.89 -8.72 5.56
N THR A 92 -2.06 -9.22 5.15
CA THR A 92 -2.31 -10.65 5.10
C THR A 92 -1.71 -11.26 3.85
N GLU A 93 -1.18 -12.48 3.98
CA GLU A 93 -0.56 -13.18 2.86
C GLU A 93 -1.37 -12.97 1.58
N THR A 94 -2.66 -13.29 1.66
CA THR A 94 -3.54 -13.14 0.50
C THR A 94 -3.28 -11.84 -0.23
N GLY A 95 -3.40 -10.72 0.47
CA GLY A 95 -3.17 -9.42 -0.13
C GLY A 95 -4.16 -8.37 0.34
N GLU A 96 -4.20 -8.15 1.66
CA GLU A 96 -5.11 -7.17 2.24
C GLU A 96 -4.35 -6.20 3.13
N ILE A 97 -4.38 -4.92 2.75
CA ILE A 97 -3.68 -3.89 3.52
C ILE A 97 -4.68 -3.02 4.27
N CYS A 98 -4.29 -2.59 5.47
CA CYS A 98 -5.15 -1.74 6.29
C CYS A 98 -4.42 -0.48 6.72
N LEU A 99 -4.82 0.66 6.14
CA LEU A 99 -4.20 1.94 6.46
C LEU A 99 -5.24 2.95 6.92
N SER A 100 -5.09 3.43 8.15
CA SER A 100 -6.03 4.40 8.70
C SER A 100 -6.53 5.35 7.63
N LEU A 101 -5.58 5.99 6.94
CA LEU A 101 -5.93 6.94 5.88
C LEU A 101 -6.86 6.30 4.85
N LEU A 102 -6.60 5.04 4.53
CA LEU A 102 -7.42 4.31 3.57
C LEU A 102 -8.88 4.27 4.01
N ARG A 103 -9.11 4.51 5.30
CA ARG A 103 -10.45 4.51 5.85
C ARG A 103 -11.38 5.39 5.02
N GLU A 104 -12.64 4.97 4.89
CA GLU A 104 -13.63 5.72 4.13
C GLU A 104 -14.54 6.52 5.06
N HIS A 105 -14.88 7.74 4.65
CA HIS A 105 -15.74 8.59 5.44
C HIS A 105 -15.53 8.37 6.94
N SER A 106 -14.27 8.38 7.36
CA SER A 106 -13.92 8.17 8.75
C SER A 106 -14.64 9.16 9.65
N ILE A 107 -15.76 8.72 10.22
CA ILE A 107 -16.55 9.56 11.10
C ILE A 107 -15.72 10.08 12.27
N ASP A 108 -14.65 9.35 12.59
CA ASP A 108 -13.77 9.73 13.69
C ASP A 108 -12.90 10.93 13.30
N GLY A 109 -12.25 10.83 12.15
CA GLY A 109 -11.40 11.90 11.69
C GLY A 109 -10.16 11.39 10.95
N THR A 110 -9.52 10.37 11.52
CA THR A 110 -8.32 9.80 10.92
C THR A 110 -8.69 8.79 9.84
N GLY A 111 -8.88 9.29 8.62
CA GLY A 111 -9.22 8.41 7.51
C GLY A 111 -8.92 9.03 6.17
N TRP A 112 -9.73 8.70 5.17
CA TRP A 112 -9.54 9.24 3.82
C TRP A 112 -10.22 10.60 3.67
N ALA A 113 -9.87 11.31 2.61
CA ALA A 113 -10.45 12.62 2.35
C ALA A 113 -9.99 13.17 1.00
N PRO A 114 -10.79 14.06 0.42
CA PRO A 114 -10.48 14.69 -0.87
C PRO A 114 -9.31 15.66 -0.78
N THR A 115 -8.86 15.93 0.44
CA THR A 115 -7.75 16.84 0.66
C THR A 115 -6.42 16.18 0.30
N ARG A 116 -6.30 14.89 0.62
CA ARG A 116 -5.08 14.16 0.33
C ARG A 116 -5.15 13.51 -1.05
N THR A 117 -4.14 12.71 -1.38
CA THR A 117 -4.09 12.03 -2.67
C THR A 117 -3.27 10.76 -2.59
N LEU A 118 -3.28 9.98 -3.67
CA LEU A 118 -2.53 8.74 -3.72
C LEU A 118 -1.17 8.89 -3.06
N LYS A 119 -0.49 10.00 -3.34
CA LYS A 119 0.81 10.27 -2.77
C LYS A 119 0.87 9.84 -1.31
N ASP A 120 -0.14 10.22 -0.55
CA ASP A 120 -0.20 9.87 0.87
C ASP A 120 -0.44 8.36 1.05
N VAL A 121 -1.36 7.82 0.26
CA VAL A 121 -1.68 6.40 0.33
C VAL A 121 -0.44 5.55 0.15
N VAL A 122 0.50 6.03 -0.66
CA VAL A 122 1.74 5.31 -0.91
C VAL A 122 2.73 5.54 0.21
N TRP A 123 2.87 6.79 0.64
CA TRP A 123 3.79 7.14 1.72
C TRP A 123 3.57 6.26 2.94
N GLY A 124 2.30 6.06 3.29
CA GLY A 124 1.98 5.23 4.45
C GLY A 124 2.37 3.78 4.25
N LEU A 125 2.03 3.22 3.09
CA LEU A 125 2.37 1.84 2.79
C LEU A 125 3.86 1.58 2.96
N ASN A 126 4.65 2.64 2.84
CA ASN A 126 6.10 2.51 2.99
C ASN A 126 6.50 2.48 4.46
N SER A 127 5.72 3.17 5.29
CA SER A 127 6.00 3.21 6.72
C SER A 127 5.37 2.02 7.43
N LEU A 128 4.54 1.28 6.71
CA LEU A 128 3.87 0.11 7.28
C LEU A 128 4.89 -0.90 7.80
N PHE A 129 6.16 -0.69 7.45
CA PHE A 129 7.24 -1.57 7.89
C PHE A 129 8.34 -0.78 8.59
N THR A 130 8.05 0.47 8.92
CA THR A 130 9.02 1.33 9.59
C THR A 130 8.55 1.69 11.00
N ASP A 131 7.51 2.51 11.07
CA ASP A 131 6.96 2.93 12.36
C ASP A 131 5.53 2.42 12.53
N LEU A 132 4.66 2.80 11.61
CA LEU A 132 3.27 2.39 11.66
C LEU A 132 3.14 0.98 12.23
N LEU A 133 4.14 0.14 11.96
CA LEU A 133 4.14 -1.24 12.44
C LEU A 133 3.47 -1.33 13.81
N ASN A 134 2.24 -1.81 13.82
CA ASN A 134 1.49 -1.95 15.06
C ASN A 134 1.26 -3.43 15.40
N PHE A 135 1.62 -3.82 16.61
CA PHE A 135 1.47 -5.21 17.05
C PHE A 135 0.41 -5.31 18.14
N ASP A 136 -0.57 -4.41 18.09
CA ASP A 136 -1.64 -4.39 19.08
C ASP A 136 -2.93 -4.95 18.49
N ASP A 137 -3.44 -4.28 17.46
CA ASP A 137 -4.67 -4.72 16.79
C ASP A 137 -4.42 -5.02 15.33
N PRO A 138 -3.46 -5.92 15.05
CA PRO A 138 -3.09 -6.32 13.69
C PRO A 138 -4.19 -7.13 13.02
N LEU A 139 -4.11 -7.24 11.69
CA LEU A 139 -5.10 -8.00 10.93
C LEU A 139 -4.84 -9.50 11.05
N ASN A 140 -3.57 -9.88 11.08
CA ASN A 140 -3.20 -11.29 11.19
C ASN A 140 -2.70 -11.60 12.60
N ILE A 141 -3.40 -12.52 13.27
CA ILE A 141 -3.03 -12.91 14.62
C ILE A 141 -1.69 -13.65 14.64
N GLU A 142 -1.64 -14.78 13.94
CA GLU A 142 -0.42 -15.58 13.87
C GLU A 142 0.81 -14.68 13.81
N ALA A 143 0.82 -13.76 12.86
CA ALA A 143 1.94 -12.84 12.71
C ALA A 143 2.30 -12.18 14.03
N ALA A 144 1.28 -11.76 14.78
CA ALA A 144 1.50 -11.12 16.07
C ALA A 144 2.02 -12.11 17.10
N GLU A 145 1.36 -13.27 17.18
CA GLU A 145 1.75 -14.31 18.13
C GLU A 145 3.23 -14.66 17.96
N HIS A 146 3.71 -14.62 16.72
CA HIS A 146 5.10 -14.93 16.42
C HIS A 146 6.03 -13.88 17.00
N HIS A 147 5.51 -12.67 17.20
CA HIS A 147 6.30 -11.57 17.74
C HIS A 147 6.21 -11.56 19.26
N LEU A 148 5.09 -12.02 19.80
CA LEU A 148 4.88 -12.05 21.24
C LEU A 148 5.66 -13.20 21.87
N ARG A 149 5.51 -14.40 21.31
CA ARG A 149 6.20 -15.58 21.83
C ARG A 149 7.71 -15.39 21.76
N ASP A 150 8.18 -14.82 20.65
CA ASP A 150 9.61 -14.59 20.46
C ASP A 150 9.86 -13.51 19.41
N LYS A 151 10.40 -12.38 19.83
CA LYS A 151 10.67 -11.28 18.92
C LYS A 151 11.65 -11.70 17.83
N GLU A 152 12.64 -12.50 18.21
CA GLU A 152 13.64 -12.98 17.27
C GLU A 152 13.03 -13.97 16.28
N ASP A 153 12.16 -14.83 16.79
CA ASP A 153 11.50 -15.83 15.94
C ASP A 153 10.67 -15.16 14.85
N PHE A 154 10.21 -13.94 15.13
CA PHE A 154 9.41 -13.19 14.17
C PHE A 154 10.27 -12.67 13.03
N ARG A 155 11.32 -11.93 13.37
CA ARG A 155 12.22 -11.37 12.36
C ARG A 155 12.97 -12.48 11.63
N ASN A 156 13.44 -13.47 12.39
CA ASN A 156 14.17 -14.58 11.82
C ASN A 156 13.40 -15.21 10.65
N LYS A 157 12.13 -15.48 10.88
CA LYS A 157 11.27 -16.07 9.86
C LYS A 157 11.07 -15.11 8.69
N VAL A 158 10.88 -13.83 9.01
CA VAL A 158 10.68 -12.81 7.99
C VAL A 158 11.77 -12.87 6.93
N ASP A 159 13.02 -12.76 7.36
CA ASP A 159 14.16 -12.81 6.44
C ASP A 159 13.97 -13.92 5.41
N ASP A 160 13.30 -14.99 5.82
CA ASP A 160 13.06 -16.12 4.93
C ASP A 160 11.86 -15.85 4.03
N TYR A 161 10.69 -15.73 4.63
CA TYR A 161 9.47 -15.48 3.88
C TYR A 161 9.73 -14.59 2.67
N ILE A 162 10.72 -13.71 2.81
CA ILE A 162 11.09 -12.80 1.73
C ILE A 162 11.61 -13.56 0.51
N LYS A 163 12.78 -14.16 0.66
CA LYS A 163 13.39 -14.92 -0.43
C LYS A 163 12.35 -15.80 -1.13
N ARG A 164 11.37 -16.27 -0.35
CA ARG A 164 10.32 -17.11 -0.90
C ARG A 164 9.65 -16.45 -2.11
N TYR A 165 9.00 -15.32 -1.87
CA TYR A 165 8.32 -14.60 -2.93
C TYR A 165 8.84 -13.16 -3.03
N ALA A 166 10.11 -12.97 -2.69
CA ALA A 166 10.72 -11.66 -2.74
C ALA A 166 12.24 -11.75 -2.73
N ARG A 167 12.88 -11.15 -3.74
CA ARG A 167 14.33 -11.18 -3.84
C ARG A 167 14.86 -9.86 -4.38
N SER A 168 15.59 -9.13 -3.54
CA SER A 168 16.15 -7.84 -3.93
C SER A 168 17.64 -7.97 -4.24
N GLY A 169 18.05 -7.42 -5.38
CA GLY A 169 19.45 -7.49 -5.78
C GLY A 169 19.67 -7.07 -7.22
N PRO A 170 20.86 -7.36 -7.75
CA PRO A 170 21.22 -7.02 -9.13
C PRO A 170 20.46 -7.87 -10.14
N SER A 171 20.10 -7.25 -11.26
CA SER A 171 19.38 -7.96 -12.32
C SER A 171 20.34 -8.55 -13.34
N SER A 172 20.03 -9.77 -13.79
CA SER A 172 20.86 -10.45 -14.77
C SER A 172 20.00 -11.23 -15.77
N GLY A 173 20.44 -11.25 -17.02
CA GLY A 173 19.70 -11.97 -18.05
C GLY A 173 18.28 -11.46 -18.20
N GLY A 1 -7.85 19.75 4.38
CA GLY A 1 -8.64 19.10 5.41
C GLY A 1 -9.36 20.10 6.30
N SER A 2 -10.35 19.61 7.04
CA SER A 2 -11.13 20.46 7.93
C SER A 2 -11.82 21.58 7.14
N SER A 3 -12.41 21.22 6.01
CA SER A 3 -13.10 22.19 5.17
C SER A 3 -14.61 22.07 5.33
N GLY A 4 -15.12 20.85 5.18
CA GLY A 4 -16.55 20.62 5.32
C GLY A 4 -16.96 19.25 4.83
N SER A 5 -17.94 19.20 3.94
CA SER A 5 -18.44 17.94 3.39
C SER A 5 -18.77 18.08 1.92
N SER A 6 -18.96 16.94 1.25
CA SER A 6 -19.29 16.93 -0.17
C SER A 6 -20.32 15.86 -0.48
N GLY A 7 -20.90 15.93 -1.68
CA GLY A 7 -21.90 14.96 -2.08
C GLY A 7 -22.29 15.11 -3.54
N SER A 8 -21.33 14.97 -4.43
CA SER A 8 -21.58 15.10 -5.86
C SER A 8 -20.99 13.92 -6.63
N THR A 9 -21.72 13.45 -7.64
CA THR A 9 -21.27 12.32 -8.45
C THR A 9 -20.15 12.74 -9.40
N ARG A 10 -19.03 12.04 -9.34
CA ARG A 10 -17.89 12.34 -10.20
C ARG A 10 -17.67 11.22 -11.21
N ARG A 11 -16.87 11.51 -12.24
CA ARG A 11 -16.58 10.53 -13.28
C ARG A 11 -15.20 10.77 -13.89
N VAL A 12 -14.82 9.92 -14.83
CA VAL A 12 -13.52 10.04 -15.49
C VAL A 12 -13.16 11.50 -15.70
N SER A 13 -14.16 12.34 -15.95
CA SER A 13 -13.95 13.76 -16.18
C SER A 13 -12.90 14.31 -15.21
N VAL A 14 -13.13 14.10 -13.92
CA VAL A 14 -12.20 14.57 -12.89
C VAL A 14 -11.16 13.52 -12.57
N ARG A 15 -11.53 12.26 -12.74
CA ARG A 15 -10.61 11.15 -12.46
C ARG A 15 -9.33 11.29 -13.28
N ASP A 16 -9.47 11.26 -14.60
CA ASP A 16 -8.32 11.39 -15.49
C ASP A 16 -7.37 12.47 -15.00
N LYS A 17 -7.84 13.71 -14.99
CA LYS A 17 -7.02 14.84 -14.54
C LYS A 17 -6.53 14.62 -13.10
N LEU A 18 -7.29 13.85 -12.34
CA LEU A 18 -6.93 13.56 -10.95
C LEU A 18 -5.84 12.50 -10.89
N LEU A 19 -5.80 11.63 -11.90
CA LEU A 19 -4.80 10.57 -11.96
C LEU A 19 -3.48 11.09 -12.50
N VAL A 20 -3.55 11.90 -13.56
CA VAL A 20 -2.35 12.47 -14.16
C VAL A 20 -1.66 13.45 -13.21
N LYS A 21 -2.47 14.16 -12.42
CA LYS A 21 -1.94 15.13 -11.47
C LYS A 21 -1.33 14.43 -10.27
N GLU A 22 -2.06 13.45 -9.71
CA GLU A 22 -1.58 12.71 -8.56
C GLU A 22 -0.44 11.78 -8.94
N VAL A 23 -0.66 10.96 -9.97
CA VAL A 23 0.34 10.02 -10.44
C VAL A 23 1.69 10.71 -10.64
N ALA A 24 1.70 11.73 -11.49
CA ALA A 24 2.92 12.47 -11.78
C ALA A 24 3.66 12.83 -10.49
N GLU A 25 3.04 13.69 -9.67
CA GLU A 25 3.64 14.10 -8.41
C GLU A 25 3.94 12.90 -7.54
N LEU A 26 3.13 11.85 -7.67
CA LEU A 26 3.31 10.63 -6.88
C LEU A 26 4.64 9.96 -7.23
N GLU A 27 4.94 9.89 -8.52
CA GLU A 27 6.18 9.28 -8.98
C GLU A 27 7.37 10.19 -8.74
N ALA A 28 7.10 11.48 -8.58
CA ALA A 28 8.15 12.46 -8.35
C ALA A 28 8.39 12.66 -6.86
N ASN A 29 7.50 12.11 -6.04
CA ASN A 29 7.61 12.23 -4.59
C ASN A 29 7.97 10.88 -3.96
N LEU A 30 7.47 9.81 -4.56
CA LEU A 30 7.74 8.46 -4.05
C LEU A 30 9.19 8.33 -3.59
N PRO A 31 9.38 7.82 -2.37
CA PRO A 31 10.71 7.63 -1.79
C PRO A 31 11.49 6.52 -2.48
N CYS A 32 12.81 6.66 -2.50
CA CYS A 32 13.67 5.67 -3.14
C CYS A 32 13.31 4.26 -2.68
N THR A 33 12.99 4.12 -1.40
CA THR A 33 12.62 2.83 -0.84
C THR A 33 11.56 2.15 -1.69
N CYS A 34 10.73 2.95 -2.36
CA CYS A 34 9.67 2.43 -3.19
C CYS A 34 10.00 2.61 -4.68
N LYS A 35 9.20 1.99 -5.53
CA LYS A 35 9.41 2.07 -6.98
C LYS A 35 8.11 1.82 -7.73
N VAL A 36 7.63 2.85 -8.42
CA VAL A 36 6.40 2.74 -9.19
C VAL A 36 6.68 2.42 -10.65
N HIS A 37 5.82 1.61 -11.26
CA HIS A 37 5.99 1.24 -12.67
C HIS A 37 4.63 1.03 -13.33
N PHE A 38 4.26 1.95 -14.21
CA PHE A 38 2.98 1.86 -14.91
C PHE A 38 3.12 1.04 -16.18
N PRO A 39 2.50 -0.15 -16.18
CA PRO A 39 2.55 -1.07 -17.32
C PRO A 39 1.74 -0.55 -18.51
N ASP A 40 0.76 0.30 -18.23
CA ASP A 40 -0.09 0.89 -19.27
C ASP A 40 -0.37 2.35 -18.99
N PRO A 41 0.09 3.22 -19.91
CA PRO A 41 -0.10 4.67 -19.77
C PRO A 41 -1.55 5.09 -19.97
N ASN A 42 -2.17 4.57 -21.03
CA ASN A 42 -3.56 4.88 -21.32
C ASN A 42 -4.40 4.90 -20.05
N LYS A 43 -4.13 3.95 -19.15
CA LYS A 43 -4.86 3.85 -17.90
C LYS A 43 -3.94 4.13 -16.71
N LEU A 44 -4.33 5.07 -15.87
CA LEU A 44 -3.54 5.43 -14.70
C LEU A 44 -4.06 4.73 -13.45
N HIS A 45 -5.36 4.89 -13.18
CA HIS A 45 -5.99 4.27 -12.03
C HIS A 45 -5.33 2.95 -11.69
N CYS A 46 -5.35 2.01 -12.64
CA CYS A 46 -4.75 0.70 -12.44
C CYS A 46 -3.23 0.76 -12.68
N PHE A 47 -2.47 0.76 -11.58
CA PHE A 47 -1.02 0.81 -11.66
C PHE A 47 -0.39 -0.11 -10.63
N GLN A 48 0.93 -0.29 -10.72
CA GLN A 48 1.66 -1.14 -9.80
C GLN A 48 2.59 -0.32 -8.92
N LEU A 49 2.81 -0.79 -7.70
CA LEU A 49 3.69 -0.11 -6.76
C LEU A 49 4.63 -1.09 -6.07
N THR A 50 5.94 -0.86 -6.22
CA THR A 50 6.94 -1.72 -5.61
C THR A 50 7.57 -1.05 -4.39
N VAL A 51 7.11 -1.45 -3.21
CA VAL A 51 7.62 -0.89 -1.97
C VAL A 51 8.78 -1.73 -1.43
N THR A 52 9.91 -1.08 -1.18
CA THR A 52 11.09 -1.76 -0.66
C THR A 52 11.72 -0.98 0.49
N PRO A 53 11.37 -1.36 1.73
CA PRO A 53 11.90 -0.70 2.93
C PRO A 53 13.37 -1.00 3.15
N ASP A 54 14.18 0.05 3.15
CA ASP A 54 15.62 -0.09 3.35
C ASP A 54 15.97 -0.05 4.83
N GLU A 55 15.01 -0.42 5.68
CA GLU A 55 15.21 -0.42 7.12
C GLU A 55 14.27 -1.41 7.80
N GLY A 56 14.51 -1.66 9.09
CA GLY A 56 13.68 -2.59 9.84
C GLY A 56 14.06 -4.03 9.58
N TYR A 57 13.05 -4.89 9.49
CA TYR A 57 13.28 -6.31 9.25
C TYR A 57 13.45 -6.60 7.76
N TYR A 58 12.52 -6.07 6.95
CA TYR A 58 12.56 -6.27 5.51
C TYR A 58 13.47 -5.23 4.85
N GLN A 59 14.62 -4.99 5.46
CA GLN A 59 15.58 -4.03 4.93
C GLN A 59 15.76 -4.20 3.43
N GLY A 60 15.57 -5.43 2.96
CA GLY A 60 15.71 -5.71 1.54
C GLY A 60 14.64 -6.65 1.02
N GLY A 61 13.38 -6.35 1.35
CA GLY A 61 12.29 -7.19 0.90
C GLY A 61 11.37 -6.48 -0.07
N LYS A 62 11.41 -6.90 -1.33
CA LYS A 62 10.57 -6.30 -2.37
C LYS A 62 9.13 -6.78 -2.25
N PHE A 63 8.19 -5.85 -2.31
CA PHE A 63 6.77 -6.19 -2.21
C PHE A 63 5.96 -5.44 -3.27
N GLN A 64 5.13 -6.18 -3.99
CA GLN A 64 4.30 -5.59 -5.03
C GLN A 64 2.91 -5.25 -4.51
N PHE A 65 2.41 -4.08 -4.87
CA PHE A 65 1.09 -3.64 -4.43
C PHE A 65 0.23 -3.21 -5.62
N GLU A 66 -0.95 -3.81 -5.74
CA GLU A 66 -1.86 -3.48 -6.83
C GLU A 66 -2.93 -2.50 -6.37
N THR A 67 -2.87 -1.28 -6.87
CA THR A 67 -3.84 -0.24 -6.51
C THR A 67 -4.82 0.00 -7.65
N GLU A 68 -6.11 0.01 -7.33
CA GLU A 68 -7.14 0.25 -8.33
C GLU A 68 -8.17 1.27 -7.83
N VAL A 69 -8.01 2.51 -8.29
CA VAL A 69 -8.92 3.58 -7.88
C VAL A 69 -10.22 3.51 -8.66
N PRO A 70 -11.36 3.52 -7.94
CA PRO A 70 -12.69 3.45 -8.54
C PRO A 70 -13.05 4.74 -9.27
N ASP A 71 -14.30 4.83 -9.73
CA ASP A 71 -14.77 6.01 -10.45
C ASP A 71 -15.04 7.15 -9.47
N ALA A 72 -15.73 6.85 -8.39
CA ALA A 72 -16.06 7.85 -7.39
C ALA A 72 -14.90 8.82 -7.18
N TYR A 73 -13.69 8.28 -7.15
CA TYR A 73 -12.50 9.10 -6.96
C TYR A 73 -12.67 10.48 -7.59
N ASN A 74 -12.19 11.50 -6.90
CA ASN A 74 -11.52 11.31 -5.61
C ASN A 74 -12.55 11.19 -4.49
N MET A 75 -13.82 11.04 -4.87
CA MET A 75 -14.89 10.90 -3.90
C MET A 75 -14.60 9.79 -2.89
N VAL A 76 -14.04 8.69 -3.40
CA VAL A 76 -13.69 7.55 -2.54
C VAL A 76 -12.23 7.17 -2.70
N PRO A 77 -11.66 6.59 -1.64
CA PRO A 77 -10.25 6.15 -1.63
C PRO A 77 -10.02 4.96 -2.54
N PRO A 78 -8.81 4.89 -3.14
CA PRO A 78 -8.43 3.81 -4.04
C PRO A 78 -8.24 2.48 -3.30
N LYS A 79 -8.71 1.40 -3.91
CA LYS A 79 -8.59 0.07 -3.30
C LYS A 79 -7.27 -0.58 -3.70
N VAL A 80 -6.40 -0.78 -2.71
CA VAL A 80 -5.10 -1.40 -2.95
C VAL A 80 -4.95 -2.69 -2.16
N LYS A 81 -4.34 -3.69 -2.78
CA LYS A 81 -4.13 -4.98 -2.13
C LYS A 81 -2.72 -5.50 -2.40
N CYS A 82 -2.11 -6.09 -1.37
CA CYS A 82 -0.77 -6.63 -1.50
C CYS A 82 -0.77 -7.92 -2.30
N LEU A 83 -0.01 -7.95 -3.40
CA LEU A 83 0.07 -9.13 -4.25
C LEU A 83 0.98 -10.18 -3.64
N THR A 84 2.25 -9.82 -3.45
CA THR A 84 3.22 -10.74 -2.89
C THR A 84 2.83 -11.17 -1.47
N LYS A 85 3.42 -12.25 -1.00
CA LYS A 85 3.12 -12.77 0.34
C LYS A 85 4.18 -12.32 1.34
N ILE A 86 3.73 -11.79 2.47
CA ILE A 86 4.65 -11.33 3.50
C ILE A 86 4.11 -11.67 4.89
N TRP A 87 5.02 -11.94 5.83
CA TRP A 87 4.64 -12.28 7.19
C TRP A 87 4.33 -11.02 7.99
N HIS A 88 3.61 -10.09 7.38
CA HIS A 88 3.24 -8.85 8.04
C HIS A 88 2.00 -9.03 8.89
N PRO A 89 2.01 -8.45 10.10
CA PRO A 89 0.88 -8.54 11.04
C PRO A 89 -0.33 -7.74 10.57
N ASN A 90 -0.13 -6.90 9.56
CA ASN A 90 -1.21 -6.09 9.01
C ASN A 90 -1.57 -6.54 7.60
N ILE A 91 -0.55 -6.90 6.82
CA ILE A 91 -0.75 -7.36 5.45
C ILE A 91 -0.80 -8.89 5.38
N THR A 92 -2.01 -9.43 5.36
CA THR A 92 -2.20 -10.87 5.29
C THR A 92 -1.71 -11.43 3.95
N GLU A 93 -1.11 -12.61 3.99
CA GLU A 93 -0.60 -13.24 2.78
C GLU A 93 -1.51 -12.96 1.59
N THR A 94 -2.76 -13.40 1.68
CA THR A 94 -3.72 -13.19 0.62
C THR A 94 -3.50 -11.86 -0.08
N GLY A 95 -3.54 -10.77 0.69
CA GLY A 95 -3.33 -9.45 0.13
C GLY A 95 -4.31 -8.43 0.68
N GLU A 96 -4.34 -8.29 2.00
CA GLU A 96 -5.24 -7.35 2.65
C GLU A 96 -4.46 -6.33 3.49
N ILE A 97 -4.58 -5.06 3.12
CA ILE A 97 -3.87 -4.00 3.84
C ILE A 97 -4.85 -3.15 4.64
N CYS A 98 -4.45 -2.80 5.87
CA CYS A 98 -5.29 -1.99 6.74
C CYS A 98 -4.63 -0.65 7.04
N LEU A 99 -5.24 0.43 6.55
CA LEU A 99 -4.71 1.77 6.76
C LEU A 99 -5.76 2.68 7.37
N SER A 100 -5.31 3.79 7.95
CA SER A 100 -6.21 4.75 8.58
C SER A 100 -6.69 5.79 7.56
N LEU A 101 -5.83 6.10 6.61
CA LEU A 101 -6.15 7.08 5.58
C LEU A 101 -7.12 6.50 4.56
N LEU A 102 -7.00 5.20 4.32
CA LEU A 102 -7.87 4.51 3.36
C LEU A 102 -9.20 4.14 4.00
N ARG A 103 -9.54 4.84 5.08
CA ARG A 103 -10.80 4.58 5.78
C ARG A 103 -11.87 5.59 5.37
N GLU A 104 -13.00 5.07 4.90
CA GLU A 104 -14.10 5.92 4.46
C GLU A 104 -15.01 6.28 5.64
N HIS A 105 -15.13 5.36 6.59
CA HIS A 105 -15.97 5.58 7.77
C HIS A 105 -15.23 6.41 8.81
N SER A 106 -14.58 7.48 8.35
CA SER A 106 -13.83 8.36 9.25
C SER A 106 -14.12 9.83 8.94
N ILE A 107 -15.27 10.31 9.41
CA ILE A 107 -15.66 11.69 9.18
C ILE A 107 -15.11 12.60 10.28
N ASP A 108 -14.74 12.00 11.40
CA ASP A 108 -14.19 12.77 12.52
C ASP A 108 -13.05 13.67 12.06
N GLY A 109 -11.99 13.05 11.53
CA GLY A 109 -10.85 13.81 11.06
C GLY A 109 -9.96 13.01 10.14
N THR A 110 -9.69 11.76 10.52
CA THR A 110 -8.84 10.88 9.73
C THR A 110 -9.62 10.23 8.60
N GLY A 111 -8.97 9.31 7.89
CA GLY A 111 -9.63 8.63 6.79
C GLY A 111 -9.25 9.21 5.44
N TRP A 112 -10.10 8.98 4.44
CA TRP A 112 -9.84 9.48 3.09
C TRP A 112 -10.60 10.78 2.85
N ALA A 113 -10.18 11.52 1.82
CA ALA A 113 -10.82 12.78 1.47
C ALA A 113 -10.60 13.13 0.01
N PRO A 114 -11.45 14.01 -0.54
CA PRO A 114 -11.37 14.44 -1.93
C PRO A 114 -10.16 15.31 -2.20
N THR A 115 -9.41 15.62 -1.14
CA THR A 115 -8.21 16.45 -1.26
C THR A 115 -6.96 15.60 -1.27
N ARG A 116 -6.98 14.51 -0.51
CA ARG A 116 -5.83 13.61 -0.43
C ARG A 116 -5.41 13.14 -1.82
N THR A 117 -4.17 12.69 -1.93
CA THR A 117 -3.64 12.20 -3.20
C THR A 117 -3.00 10.84 -3.05
N LEU A 118 -2.80 10.15 -4.17
CA LEU A 118 -2.18 8.83 -4.16
C LEU A 118 -0.81 8.87 -3.48
N LYS A 119 -0.26 10.07 -3.36
CA LYS A 119 1.04 10.24 -2.74
C LYS A 119 1.02 9.75 -1.29
N ASP A 120 -0.06 10.06 -0.58
CA ASP A 120 -0.20 9.65 0.81
C ASP A 120 -0.57 8.18 0.90
N VAL A 121 -1.33 7.69 -0.08
CA VAL A 121 -1.75 6.30 -0.10
C VAL A 121 -0.55 5.36 -0.05
N VAL A 122 0.47 5.65 -0.86
CA VAL A 122 1.67 4.83 -0.92
C VAL A 122 2.58 5.13 0.27
N TRP A 123 2.62 6.39 0.68
CA TRP A 123 3.45 6.80 1.80
C TRP A 123 3.12 6.00 3.05
N GLY A 124 1.84 5.99 3.42
CA GLY A 124 1.41 5.24 4.60
C GLY A 124 1.74 3.77 4.50
N LEU A 125 1.60 3.20 3.31
CA LEU A 125 1.89 1.78 3.10
C LEU A 125 3.35 1.48 3.36
N ASN A 126 4.23 2.20 2.67
CA ASN A 126 5.67 2.01 2.82
C ASN A 126 6.11 2.39 4.24
N SER A 127 5.28 3.17 4.93
CA SER A 127 5.60 3.61 6.28
C SER A 127 5.19 2.55 7.30
N LEU A 128 4.21 1.72 6.93
CA LEU A 128 3.73 0.66 7.82
C LEU A 128 4.87 -0.28 8.20
N PHE A 129 6.00 -0.14 7.53
CA PHE A 129 7.17 -0.98 7.80
C PHE A 129 8.25 -0.19 8.53
N THR A 130 8.24 1.13 8.35
CA THR A 130 9.22 1.99 8.99
C THR A 130 8.89 2.21 10.46
N ASP A 131 7.92 3.10 10.71
CA ASP A 131 7.51 3.40 12.07
C ASP A 131 6.06 2.99 12.30
N LEU A 132 5.29 2.92 11.22
CA LEU A 132 3.88 2.55 11.28
C LEU A 132 3.72 1.04 11.37
N LEU A 133 4.61 0.40 12.13
CA LEU A 133 4.57 -1.05 12.30
C LEU A 133 4.26 -1.42 13.75
N ASN A 134 3.00 -1.27 14.13
CA ASN A 134 2.58 -1.60 15.49
C ASN A 134 2.29 -3.08 15.63
N PHE A 135 2.35 -3.58 16.87
CA PHE A 135 2.10 -4.98 17.14
C PHE A 135 1.13 -5.15 18.31
N ASP A 136 0.08 -4.33 18.32
CA ASP A 136 -0.91 -4.39 19.39
C ASP A 136 -2.20 -5.03 18.89
N ASP A 137 -2.93 -4.31 18.04
CA ASP A 137 -4.17 -4.81 17.48
C ASP A 137 -4.08 -4.99 15.97
N PRO A 138 -3.10 -5.79 15.53
CA PRO A 138 -2.88 -6.06 14.11
C PRO A 138 -3.99 -6.90 13.49
N LEU A 139 -3.82 -7.26 12.23
CA LEU A 139 -4.81 -8.07 11.52
C LEU A 139 -4.55 -9.55 11.73
N ASN A 140 -3.28 -9.94 11.67
CA ASN A 140 -2.90 -11.34 11.85
C ASN A 140 -2.34 -11.57 13.27
N ILE A 141 -3.02 -12.40 14.03
CA ILE A 141 -2.59 -12.71 15.39
C ILE A 141 -1.19 -13.31 15.41
N GLU A 142 -1.05 -14.47 14.78
CA GLU A 142 0.24 -15.15 14.72
C GLU A 142 1.37 -14.16 14.51
N ALA A 143 1.38 -13.51 13.35
CA ALA A 143 2.41 -12.52 13.03
C ALA A 143 2.81 -11.72 14.27
N ALA A 144 1.82 -11.35 15.07
CA ALA A 144 2.06 -10.57 16.28
C ALA A 144 2.63 -11.46 17.39
N GLU A 145 1.91 -12.53 17.71
CA GLU A 145 2.35 -13.45 18.75
C GLU A 145 3.83 -13.81 18.58
N HIS A 146 4.20 -14.14 17.34
CA HIS A 146 5.59 -14.51 17.04
C HIS A 146 6.55 -13.45 17.55
N HIS A 147 6.15 -12.19 17.46
CA HIS A 147 6.98 -11.08 17.91
C HIS A 147 7.15 -11.11 19.42
N LEU A 148 6.10 -11.56 20.12
CA LEU A 148 6.15 -11.64 21.58
C LEU A 148 6.98 -12.82 22.04
N ARG A 149 6.53 -14.03 21.71
CA ARG A 149 7.23 -15.25 22.08
C ARG A 149 8.75 -15.08 21.90
N ASP A 150 9.15 -14.67 20.71
CA ASP A 150 10.56 -14.47 20.41
C ASP A 150 10.76 -13.29 19.46
N LYS A 151 11.56 -12.32 19.89
CA LYS A 151 11.83 -11.14 19.08
C LYS A 151 12.63 -11.50 17.83
N GLU A 152 13.53 -12.48 17.97
CA GLU A 152 14.36 -12.91 16.86
C GLU A 152 13.58 -13.85 15.94
N ASP A 153 13.08 -14.95 16.51
CA ASP A 153 12.32 -15.92 15.73
C ASP A 153 11.31 -15.24 14.83
N PHE A 154 10.88 -14.04 15.23
CA PHE A 154 9.91 -13.28 14.46
C PHE A 154 10.47 -12.90 13.10
N ARG A 155 11.71 -12.41 13.09
CA ARG A 155 12.36 -12.00 11.85
C ARG A 155 12.88 -13.22 11.08
N ASN A 156 13.40 -14.20 11.82
CA ASN A 156 13.93 -15.41 11.21
C ASN A 156 13.04 -15.87 10.05
N LYS A 157 11.74 -15.96 10.32
CA LYS A 157 10.79 -16.39 9.31
C LYS A 157 10.65 -15.34 8.21
N VAL A 158 10.42 -14.10 8.61
CA VAL A 158 10.27 -12.99 7.67
C VAL A 158 11.27 -13.13 6.51
N ASP A 159 12.51 -13.44 6.86
CA ASP A 159 13.55 -13.60 5.85
C ASP A 159 13.10 -14.52 4.72
N ASP A 160 12.58 -15.68 5.09
CA ASP A 160 12.10 -16.65 4.11
C ASP A 160 10.90 -16.10 3.35
N TYR A 161 9.93 -15.58 4.07
CA TYR A 161 8.73 -15.02 3.46
C TYR A 161 9.08 -14.13 2.27
N ILE A 162 10.14 -13.35 2.42
CA ILE A 162 10.58 -12.46 1.36
C ILE A 162 11.16 -13.25 0.19
N LYS A 163 12.36 -13.80 0.38
CA LYS A 163 13.01 -14.58 -0.66
C LYS A 163 12.04 -15.55 -1.31
N ARG A 164 11.04 -15.98 -0.55
CA ARG A 164 10.04 -16.91 -1.05
C ARG A 164 9.42 -16.41 -2.35
N TYR A 165 8.73 -15.27 -2.27
CA TYR A 165 8.08 -14.69 -3.44
C TYR A 165 8.51 -13.22 -3.61
N ALA A 166 9.72 -12.91 -3.17
CA ALA A 166 10.24 -11.55 -3.27
C ALA A 166 11.76 -11.53 -3.12
N ARG A 167 12.44 -10.94 -4.09
CA ARG A 167 13.90 -10.86 -4.07
C ARG A 167 14.37 -9.53 -4.65
N SER A 168 15.09 -8.75 -3.84
CA SER A 168 15.59 -7.46 -4.27
C SER A 168 16.89 -7.61 -5.06
N GLY A 169 17.19 -6.63 -5.90
CA GLY A 169 18.39 -6.69 -6.71
C GLY A 169 19.55 -5.95 -6.07
N PRO A 170 20.65 -5.80 -6.81
CA PRO A 170 21.86 -5.11 -6.34
C PRO A 170 21.64 -3.60 -6.19
N SER A 171 20.42 -3.16 -6.47
CA SER A 171 20.08 -1.74 -6.38
C SER A 171 20.60 -1.15 -5.07
N SER A 172 20.54 0.18 -4.97
CA SER A 172 21.01 0.87 -3.77
C SER A 172 20.54 0.15 -2.52
N GLY A 173 21.43 0.07 -1.53
CA GLY A 173 21.09 -0.59 -0.28
C GLY A 173 22.11 -1.64 0.11
N GLY A 1 -20.52 15.36 7.20
CA GLY A 1 -20.63 14.32 6.19
C GLY A 1 -21.34 13.09 6.71
N SER A 2 -20.62 11.98 6.81
CA SER A 2 -21.19 10.73 7.30
C SER A 2 -22.32 10.26 6.39
N SER A 3 -22.10 10.38 5.07
CA SER A 3 -23.10 9.97 4.09
C SER A 3 -22.46 9.16 2.97
N GLY A 4 -23.27 8.37 2.28
CA GLY A 4 -22.76 7.55 1.19
C GLY A 4 -22.50 8.36 -0.06
N SER A 5 -21.33 8.18 -0.66
CA SER A 5 -20.96 8.90 -1.87
C SER A 5 -20.57 7.93 -2.98
N SER A 6 -21.36 7.91 -4.05
CA SER A 6 -21.11 7.03 -5.18
C SER A 6 -21.22 7.78 -6.50
N GLY A 7 -20.44 7.37 -7.48
CA GLY A 7 -20.46 8.02 -8.78
C GLY A 7 -21.42 7.35 -9.74
N SER A 8 -22.60 7.94 -9.90
CA SER A 8 -23.62 7.40 -10.79
C SER A 8 -23.13 7.40 -12.24
N THR A 9 -22.56 8.53 -12.66
CA THR A 9 -22.05 8.66 -14.02
C THR A 9 -21.06 7.53 -14.35
N ARG A 10 -21.14 7.05 -15.58
CA ARG A 10 -20.26 5.96 -16.03
C ARG A 10 -19.03 6.53 -16.73
N ARG A 11 -18.91 7.85 -16.75
CA ARG A 11 -17.78 8.52 -17.39
C ARG A 11 -16.84 9.12 -16.35
N VAL A 12 -15.77 9.74 -16.81
CA VAL A 12 -14.80 10.36 -15.92
C VAL A 12 -14.71 11.86 -16.16
N SER A 13 -14.53 12.61 -15.08
CA SER A 13 -14.43 14.07 -15.17
C SER A 13 -13.26 14.59 -14.34
N VAL A 14 -13.44 14.56 -13.02
CA VAL A 14 -12.40 15.04 -12.11
C VAL A 14 -11.35 13.96 -11.87
N ARG A 15 -11.81 12.73 -11.67
CA ARG A 15 -10.90 11.60 -11.43
C ARG A 15 -9.74 11.62 -12.43
N ASP A 16 -10.08 11.58 -13.71
CA ASP A 16 -9.07 11.58 -14.76
C ASP A 16 -7.93 12.55 -14.42
N LYS A 17 -8.24 13.84 -14.34
CA LYS A 17 -7.25 14.85 -14.02
C LYS A 17 -6.66 14.61 -12.64
N LEU A 18 -7.47 14.08 -11.73
CA LEU A 18 -7.03 13.80 -10.37
C LEU A 18 -5.93 12.73 -10.36
N LEU A 19 -5.95 11.86 -11.37
CA LEU A 19 -4.96 10.81 -11.49
C LEU A 19 -3.70 11.31 -12.18
N VAL A 20 -3.82 11.66 -13.45
CA VAL A 20 -2.69 12.17 -14.23
C VAL A 20 -1.90 13.20 -13.43
N LYS A 21 -2.62 14.06 -12.71
CA LYS A 21 -1.99 15.10 -11.91
C LYS A 21 -1.25 14.49 -10.71
N GLU A 22 -1.88 13.52 -10.06
CA GLU A 22 -1.27 12.85 -8.91
C GLU A 22 -0.19 11.87 -9.37
N VAL A 23 -0.60 10.84 -10.09
CA VAL A 23 0.34 9.84 -10.58
C VAL A 23 1.68 10.46 -10.95
N ALA A 24 1.63 11.60 -11.63
CA ALA A 24 2.83 12.30 -12.03
C ALA A 24 3.71 12.64 -10.83
N GLU A 25 3.23 13.55 -10.00
CA GLU A 25 3.97 13.95 -8.81
C GLU A 25 4.34 12.74 -7.95
N LEU A 26 3.48 11.73 -7.99
CA LEU A 26 3.71 10.51 -7.21
C LEU A 26 4.96 9.78 -7.71
N GLU A 27 5.10 9.69 -9.02
CA GLU A 27 6.24 9.01 -9.63
C GLU A 27 7.51 9.84 -9.45
N ALA A 28 7.34 11.10 -9.06
CA ALA A 28 8.47 11.99 -8.86
C ALA A 28 8.70 12.27 -7.37
N ASN A 29 7.71 11.92 -6.56
CA ASN A 29 7.80 12.14 -5.11
C ASN A 29 8.12 10.83 -4.39
N LEU A 30 7.56 9.74 -4.88
CA LEU A 30 7.78 8.42 -4.29
C LEU A 30 9.24 8.26 -3.86
N PRO A 31 9.45 7.67 -2.68
CA PRO A 31 10.79 7.44 -2.13
C PRO A 31 11.55 6.37 -2.90
N CYS A 32 12.87 6.54 -2.98
CA CYS A 32 13.71 5.58 -3.68
C CYS A 32 13.38 4.15 -3.29
N THR A 33 13.25 3.91 -1.99
CA THR A 33 12.92 2.58 -1.48
C THR A 33 11.86 1.91 -2.33
N CYS A 34 10.99 2.72 -2.93
CA CYS A 34 9.92 2.21 -3.78
C CYS A 34 10.20 2.49 -5.25
N LYS A 35 9.33 1.98 -6.12
CA LYS A 35 9.50 2.17 -7.56
C LYS A 35 8.20 1.84 -8.30
N VAL A 36 7.61 2.85 -8.94
CA VAL A 36 6.38 2.66 -9.68
C VAL A 36 6.66 2.36 -11.14
N HIS A 37 5.79 1.55 -11.75
CA HIS A 37 5.95 1.17 -13.15
C HIS A 37 4.59 1.08 -13.84
N PHE A 38 4.33 2.01 -14.75
CA PHE A 38 3.07 2.04 -15.48
C PHE A 38 3.23 1.40 -16.86
N PRO A 39 2.75 0.14 -16.99
CA PRO A 39 2.83 -0.60 -18.25
C PRO A 39 1.90 -0.04 -19.31
N ASP A 40 0.85 0.66 -18.87
CA ASP A 40 -0.12 1.25 -19.79
C ASP A 40 -0.49 2.66 -19.34
N PRO A 41 -0.20 3.64 -20.20
CA PRO A 41 -0.51 5.05 -19.91
C PRO A 41 -2.01 5.34 -19.93
N ASN A 42 -2.68 4.87 -20.98
CA ASN A 42 -4.11 5.07 -21.12
C ASN A 42 -4.84 4.75 -19.82
N LYS A 43 -4.33 3.77 -19.09
CA LYS A 43 -4.92 3.36 -17.82
C LYS A 43 -4.07 3.83 -16.65
N LEU A 44 -4.66 4.68 -15.81
CA LEU A 44 -3.95 5.20 -14.64
C LEU A 44 -4.53 4.63 -13.35
N HIS A 45 -5.85 4.51 -13.30
CA HIS A 45 -6.52 3.97 -12.12
C HIS A 45 -5.76 2.76 -11.57
N CYS A 46 -5.53 1.77 -12.43
CA CYS A 46 -4.82 0.56 -12.02
C CYS A 46 -3.37 0.59 -12.52
N PHE A 47 -2.43 0.35 -11.60
CA PHE A 47 -1.01 0.35 -11.95
C PHE A 47 -0.23 -0.57 -11.02
N GLN A 48 1.07 -0.67 -11.27
CA GLN A 48 1.94 -1.52 -10.45
C GLN A 48 2.86 -0.67 -9.57
N LEU A 49 2.94 -1.03 -8.30
CA LEU A 49 3.78 -0.30 -7.35
C LEU A 49 4.76 -1.25 -6.67
N THR A 50 6.04 -0.91 -6.73
CA THR A 50 7.08 -1.72 -6.12
C THR A 50 7.68 -1.02 -4.90
N VAL A 51 7.22 -1.41 -3.71
CA VAL A 51 7.70 -0.82 -2.47
C VAL A 51 8.67 -1.76 -1.77
N THR A 52 9.85 -1.25 -1.44
CA THR A 52 10.87 -2.04 -0.76
C THR A 52 11.69 -1.18 0.20
N PRO A 53 11.43 -1.34 1.51
CA PRO A 53 12.12 -0.58 2.56
C PRO A 53 13.57 -1.01 2.70
N ASP A 54 14.42 -0.10 3.16
CA ASP A 54 15.83 -0.38 3.36
C ASP A 54 16.19 -0.42 4.84
N GLU A 55 15.17 -0.30 5.69
CA GLU A 55 15.38 -0.32 7.13
C GLU A 55 14.37 -1.23 7.81
N GLY A 56 14.45 -1.31 9.14
CA GLY A 56 13.54 -2.15 9.89
C GLY A 56 13.90 -3.61 9.79
N TYR A 57 13.09 -4.37 9.06
CA TYR A 57 13.32 -5.80 8.90
C TYR A 57 13.31 -6.19 7.42
N TYR A 58 12.36 -5.63 6.68
CA TYR A 58 12.23 -5.92 5.25
C TYR A 58 13.17 -5.03 4.44
N GLN A 59 14.33 -4.72 5.01
CA GLN A 59 15.32 -3.88 4.34
C GLN A 59 15.60 -4.40 2.92
N GLY A 60 15.63 -5.72 2.78
CA GLY A 60 15.89 -6.32 1.49
C GLY A 60 14.77 -7.23 1.03
N GLY A 61 13.53 -6.77 1.20
CA GLY A 61 12.38 -7.58 0.81
C GLY A 61 11.57 -6.92 -0.30
N LYS A 62 11.52 -7.57 -1.46
CA LYS A 62 10.77 -7.05 -2.60
C LYS A 62 9.28 -7.36 -2.46
N PHE A 63 8.44 -6.40 -2.83
CA PHE A 63 6.99 -6.56 -2.75
C PHE A 63 6.29 -5.72 -3.81
N GLN A 64 5.10 -6.15 -4.20
CA GLN A 64 4.33 -5.44 -5.20
C GLN A 64 2.92 -5.14 -4.69
N PHE A 65 2.48 -3.89 -4.88
CA PHE A 65 1.16 -3.47 -4.44
C PHE A 65 0.32 -2.97 -5.61
N GLU A 66 -0.86 -3.56 -5.79
CA GLU A 66 -1.75 -3.17 -6.86
C GLU A 66 -2.84 -2.23 -6.37
N THR A 67 -2.78 -0.98 -6.83
CA THR A 67 -3.75 0.03 -6.44
C THR A 67 -4.87 0.16 -7.47
N GLU A 68 -6.08 0.44 -7.00
CA GLU A 68 -7.23 0.59 -7.89
C GLU A 68 -8.01 1.86 -7.55
N VAL A 69 -7.98 2.82 -8.45
CA VAL A 69 -8.69 4.08 -8.26
C VAL A 69 -10.06 4.05 -8.92
N PRO A 70 -11.12 3.98 -8.10
CA PRO A 70 -12.50 3.94 -8.60
C PRO A 70 -12.94 5.28 -9.19
N ASP A 71 -14.15 5.30 -9.74
CA ASP A 71 -14.68 6.51 -10.35
C ASP A 71 -14.87 7.61 -9.30
N ALA A 72 -15.49 7.24 -8.18
CA ALA A 72 -15.73 8.19 -7.10
C ALA A 72 -14.50 9.06 -6.85
N TYR A 73 -13.33 8.43 -6.83
CA TYR A 73 -12.07 9.15 -6.60
C TYR A 73 -12.14 10.55 -7.19
N ASN A 74 -11.58 11.52 -6.46
CA ASN A 74 -10.95 11.24 -5.17
C ASN A 74 -11.99 11.20 -4.05
N MET A 75 -13.22 10.82 -4.41
CA MET A 75 -14.30 10.73 -3.44
C MET A 75 -14.07 9.58 -2.47
N VAL A 76 -13.63 8.44 -3.01
CA VAL A 76 -13.38 7.26 -2.20
C VAL A 76 -11.93 6.80 -2.34
N PRO A 77 -11.42 6.14 -1.28
CA PRO A 77 -10.04 5.63 -1.27
C PRO A 77 -9.85 4.45 -2.23
N PRO A 78 -8.70 4.42 -2.91
CA PRO A 78 -8.36 3.36 -3.85
C PRO A 78 -8.11 2.02 -3.16
N LYS A 79 -8.62 0.95 -3.76
CA LYS A 79 -8.44 -0.39 -3.21
C LYS A 79 -7.07 -0.96 -3.57
N VAL A 80 -6.22 -1.16 -2.56
CA VAL A 80 -4.89 -1.69 -2.78
C VAL A 80 -4.77 -3.11 -2.21
N LYS A 81 -4.41 -4.06 -3.07
CA LYS A 81 -4.26 -5.45 -2.66
C LYS A 81 -2.82 -5.90 -2.80
N CYS A 82 -2.30 -6.56 -1.77
CA CYS A 82 -0.93 -7.05 -1.78
C CYS A 82 -0.79 -8.26 -2.70
N LEU A 83 -0.10 -8.07 -3.82
CA LEU A 83 0.10 -9.15 -4.78
C LEU A 83 1.05 -10.21 -4.22
N THR A 84 2.13 -9.75 -3.58
CA THR A 84 3.11 -10.66 -3.00
C THR A 84 2.69 -11.10 -1.61
N LYS A 85 3.29 -12.19 -1.14
CA LYS A 85 2.98 -12.73 0.18
C LYS A 85 4.02 -12.28 1.21
N ILE A 86 3.54 -11.82 2.36
CA ILE A 86 4.44 -11.38 3.42
C ILE A 86 3.88 -11.74 4.80
N TRP A 87 4.78 -12.02 5.73
CA TRP A 87 4.39 -12.39 7.09
C TRP A 87 3.99 -11.16 7.90
N HIS A 88 3.18 -10.29 7.28
CA HIS A 88 2.72 -9.07 7.94
C HIS A 88 1.40 -9.29 8.64
N PRO A 89 1.26 -8.73 9.86
CA PRO A 89 0.03 -8.85 10.65
C PRO A 89 -1.14 -8.09 10.05
N ASN A 90 -0.82 -7.09 9.23
CA ASN A 90 -1.85 -6.28 8.59
C ASN A 90 -2.07 -6.72 7.14
N ILE A 91 -0.98 -7.00 6.44
CA ILE A 91 -1.06 -7.43 5.05
C ILE A 91 -1.15 -8.95 4.95
N THR A 92 -2.33 -9.49 5.20
CA THR A 92 -2.54 -10.93 5.13
C THR A 92 -2.06 -11.50 3.81
N GLU A 93 -1.44 -12.68 3.87
CA GLU A 93 -0.93 -13.34 2.67
C GLU A 93 -1.96 -13.29 1.55
N THR A 94 -3.22 -13.53 1.89
CA THR A 94 -4.29 -13.50 0.91
C THR A 94 -4.19 -12.30 0.00
N GLY A 95 -4.14 -11.10 0.60
CA GLY A 95 -4.04 -9.89 -0.18
C GLY A 95 -4.93 -8.78 0.36
N GLU A 96 -4.97 -8.66 1.69
CA GLU A 96 -5.79 -7.64 2.33
C GLU A 96 -4.93 -6.66 3.12
N ILE A 97 -5.19 -5.37 2.95
CA ILE A 97 -4.44 -4.34 3.64
C ILE A 97 -5.26 -3.71 4.76
N CYS A 98 -4.60 -3.38 5.86
CA CYS A 98 -5.26 -2.77 7.01
C CYS A 98 -4.77 -1.35 7.24
N LEU A 99 -5.13 -0.45 6.32
CA LEU A 99 -4.73 0.95 6.43
C LEU A 99 -5.89 1.84 6.84
N SER A 100 -5.67 2.68 7.83
CA SER A 100 -6.71 3.58 8.33
C SER A 100 -7.03 4.66 7.29
N LEU A 101 -5.99 5.32 6.78
CA LEU A 101 -6.16 6.37 5.79
C LEU A 101 -6.99 5.87 4.61
N LEU A 102 -7.02 4.55 4.43
CA LEU A 102 -7.78 3.95 3.34
C LEU A 102 -9.20 3.60 3.79
N ARG A 103 -9.67 4.28 4.83
CA ARG A 103 -11.00 4.05 5.36
C ARG A 103 -12.02 4.98 4.71
N GLU A 104 -13.01 4.40 4.04
CA GLU A 104 -14.04 5.17 3.36
C GLU A 104 -14.38 6.43 4.15
N HIS A 105 -14.91 6.24 5.36
CA HIS A 105 -15.28 7.37 6.22
C HIS A 105 -14.85 7.11 7.66
N SER A 106 -14.15 8.07 8.25
CA SER A 106 -13.68 7.95 9.62
C SER A 106 -14.10 9.15 10.45
N ILE A 107 -14.86 10.05 9.84
CA ILE A 107 -15.33 11.25 10.51
C ILE A 107 -14.34 11.68 11.60
N ASP A 108 -13.05 11.59 11.30
CA ASP A 108 -12.01 11.97 12.25
C ASP A 108 -10.94 12.81 11.57
N GLY A 109 -10.51 12.37 10.38
CA GLY A 109 -9.48 13.08 9.65
C GLY A 109 -8.34 12.18 9.22
N THR A 110 -7.89 11.33 10.13
CA THR A 110 -6.79 10.40 9.84
C THR A 110 -7.17 9.43 8.74
N GLY A 111 -8.44 9.05 8.69
CA GLY A 111 -8.91 8.13 7.69
C GLY A 111 -8.71 8.65 6.27
N TRP A 112 -9.75 8.55 5.46
CA TRP A 112 -9.69 9.02 4.07
C TRP A 112 -10.36 10.39 3.94
N ALA A 113 -9.99 11.12 2.89
CA ALA A 113 -10.55 12.44 2.64
C ALA A 113 -10.21 12.93 1.24
N PRO A 114 -11.10 13.76 0.67
CA PRO A 114 -10.91 14.32 -0.67
C PRO A 114 -9.77 15.33 -0.73
N THR A 115 -9.10 15.52 0.41
CA THR A 115 -7.98 16.46 0.49
C THR A 115 -6.66 15.76 0.20
N ARG A 116 -6.48 14.57 0.78
CA ARG A 116 -5.25 13.81 0.59
C ARG A 116 -5.19 13.24 -0.83
N THR A 117 -4.00 12.78 -1.22
CA THR A 117 -3.80 12.21 -2.55
C THR A 117 -3.13 10.85 -2.47
N LEU A 118 -3.00 10.18 -3.60
CA LEU A 118 -2.37 8.87 -3.66
C LEU A 118 -0.99 8.89 -3.00
N LYS A 119 -0.22 9.94 -3.30
CA LYS A 119 1.12 10.08 -2.73
C LYS A 119 1.14 9.61 -1.28
N ASP A 120 0.21 10.13 -0.47
CA ASP A 120 0.13 9.75 0.93
C ASP A 120 -0.22 8.28 1.09
N VAL A 121 -1.06 7.78 0.18
CA VAL A 121 -1.49 6.39 0.22
C VAL A 121 -0.30 5.45 0.02
N VAL A 122 0.59 5.80 -0.90
CA VAL A 122 1.77 5.00 -1.19
C VAL A 122 2.76 5.06 -0.04
N TRP A 123 2.91 6.24 0.54
CA TRP A 123 3.84 6.43 1.66
C TRP A 123 3.48 5.52 2.82
N GLY A 124 2.18 5.40 3.10
CA GLY A 124 1.73 4.56 4.18
C GLY A 124 2.15 3.10 4.01
N LEU A 125 1.86 2.54 2.84
CA LEU A 125 2.21 1.16 2.54
C LEU A 125 3.72 0.96 2.57
N ASN A 126 4.45 2.06 2.48
CA ASN A 126 5.91 2.01 2.50
C ASN A 126 6.45 2.01 3.92
N SER A 127 5.76 2.71 4.81
CA SER A 127 6.16 2.80 6.21
C SER A 127 5.53 1.68 7.03
N LEU A 128 4.57 0.98 6.43
CA LEU A 128 3.89 -0.11 7.09
C LEU A 128 4.88 -1.05 7.76
N PHE A 129 6.14 -0.99 7.32
CA PHE A 129 7.19 -1.83 7.89
C PHE A 129 8.34 -0.97 8.43
N THR A 130 7.99 0.16 9.02
CA THR A 130 8.98 1.07 9.59
C THR A 130 8.59 1.50 10.99
N ASP A 131 7.56 2.33 11.09
CA ASP A 131 7.08 2.82 12.38
C ASP A 131 5.56 2.74 12.47
N LEU A 132 4.97 1.94 11.59
CA LEU A 132 3.53 1.77 11.57
C LEU A 132 3.13 0.33 11.92
N LEU A 133 3.97 -0.32 12.72
CA LEU A 133 3.71 -1.70 13.14
C LEU A 133 2.84 -1.75 14.38
N ASN A 134 1.52 -1.79 14.17
CA ASN A 134 0.58 -1.83 15.28
C ASN A 134 0.15 -3.27 15.57
N PHE A 135 0.69 -3.84 16.63
CA PHE A 135 0.37 -5.21 17.02
C PHE A 135 -0.73 -5.23 18.08
N ASP A 136 -1.74 -4.38 17.91
CA ASP A 136 -2.85 -4.29 18.85
C ASP A 136 -4.08 -4.98 18.29
N ASP A 137 -4.59 -4.46 17.17
CA ASP A 137 -5.78 -5.02 16.54
C ASP A 137 -5.48 -5.43 15.10
N PRO A 138 -4.44 -6.25 14.93
CA PRO A 138 -4.02 -6.73 13.61
C PRO A 138 -5.01 -7.72 13.01
N LEU A 139 -4.73 -8.18 11.79
CA LEU A 139 -5.60 -9.13 11.12
C LEU A 139 -5.17 -10.57 11.37
N ASN A 140 -3.85 -10.79 11.35
CA ASN A 140 -3.30 -12.12 11.59
C ASN A 140 -2.83 -12.26 13.03
N ILE A 141 -3.37 -13.27 13.72
CA ILE A 141 -3.01 -13.52 15.11
C ILE A 141 -1.57 -14.02 15.22
N GLU A 142 -1.30 -15.18 14.64
CA GLU A 142 0.04 -15.76 14.68
C GLU A 142 1.09 -14.71 14.36
N ALA A 143 0.95 -14.05 13.22
CA ALA A 143 1.89 -13.02 12.80
C ALA A 143 2.23 -12.09 13.96
N ALA A 144 1.22 -11.71 14.73
CA ALA A 144 1.42 -10.82 15.86
C ALA A 144 2.05 -11.57 17.04
N GLU A 145 1.36 -12.60 17.51
CA GLU A 145 1.85 -13.40 18.63
C GLU A 145 3.34 -13.72 18.46
N HIS A 146 3.78 -13.79 17.21
CA HIS A 146 5.18 -14.08 16.91
C HIS A 146 6.10 -13.06 17.57
N HIS A 147 5.69 -11.80 17.53
CA HIS A 147 6.48 -10.72 18.12
C HIS A 147 6.53 -10.85 19.64
N LEU A 148 5.36 -10.95 20.25
CA LEU A 148 5.26 -11.07 21.70
C LEU A 148 6.15 -12.21 22.21
N ARG A 149 5.94 -13.40 21.66
CA ARG A 149 6.71 -14.57 22.06
C ARG A 149 8.16 -14.44 21.61
N ASP A 150 8.35 -14.01 20.36
CA ASP A 150 9.69 -13.84 19.81
C ASP A 150 9.82 -12.51 19.08
N LYS A 151 10.01 -11.43 19.84
CA LYS A 151 10.15 -10.10 19.25
C LYS A 151 11.19 -10.09 18.13
N GLU A 152 12.31 -10.76 18.38
CA GLU A 152 13.39 -10.83 17.39
C GLU A 152 13.05 -11.86 16.31
N ASP A 153 12.89 -13.11 16.73
CA ASP A 153 12.58 -14.19 15.79
C ASP A 153 11.51 -13.75 14.81
N PHE A 154 10.73 -12.75 15.19
CA PHE A 154 9.65 -12.24 14.34
C PHE A 154 10.22 -11.52 13.11
N ARG A 155 11.25 -10.72 13.34
CA ARG A 155 11.88 -9.98 12.25
C ARG A 155 12.83 -10.88 11.46
N ASN A 156 13.45 -11.83 12.15
CA ASN A 156 14.38 -12.75 11.51
C ASN A 156 13.65 -13.72 10.59
N LYS A 157 12.72 -14.48 11.15
CA LYS A 157 11.94 -15.44 10.38
C LYS A 157 11.38 -14.79 9.11
N VAL A 158 10.89 -13.56 9.25
CA VAL A 158 10.33 -12.84 8.12
C VAL A 158 11.26 -12.90 6.91
N ASP A 159 12.52 -12.51 7.11
CA ASP A 159 13.50 -12.52 6.04
C ASP A 159 13.27 -13.70 5.10
N ASP A 160 13.07 -14.88 5.67
CA ASP A 160 12.84 -16.09 4.89
C ASP A 160 11.61 -15.93 4.00
N TYR A 161 10.45 -15.78 4.63
CA TYR A 161 9.20 -15.62 3.89
C TYR A 161 9.42 -14.82 2.61
N ILE A 162 10.36 -13.88 2.65
CA ILE A 162 10.66 -13.05 1.49
C ILE A 162 11.27 -13.89 0.36
N LYS A 163 12.52 -14.29 0.54
CA LYS A 163 13.21 -15.10 -0.45
C LYS A 163 12.26 -16.11 -1.09
N ARG A 164 11.34 -16.64 -0.30
CA ARG A 164 10.37 -17.60 -0.79
C ARG A 164 9.68 -17.10 -2.06
N TYR A 165 8.93 -16.01 -1.92
CA TYR A 165 8.23 -15.42 -3.05
C TYR A 165 8.61 -13.95 -3.24
N ALA A 166 9.84 -13.63 -2.89
CA ALA A 166 10.35 -12.26 -3.01
C ALA A 166 11.86 -12.22 -2.96
N ARG A 167 12.47 -11.62 -3.99
CA ARG A 167 13.92 -11.51 -4.07
C ARG A 167 14.34 -10.17 -4.67
N SER A 168 14.90 -9.31 -3.83
CA SER A 168 15.34 -7.99 -4.27
C SER A 168 16.47 -8.11 -5.29
N GLY A 169 17.58 -8.73 -4.88
CA GLY A 169 18.71 -8.90 -5.77
C GLY A 169 19.25 -7.58 -6.28
N PRO A 170 20.34 -7.63 -7.05
CA PRO A 170 20.97 -6.44 -7.62
C PRO A 170 20.12 -5.80 -8.71
N SER A 171 19.29 -6.60 -9.36
CA SER A 171 18.43 -6.11 -10.42
C SER A 171 16.96 -6.38 -10.10
N SER A 172 16.07 -5.59 -10.69
CA SER A 172 14.64 -5.74 -10.47
C SER A 172 14.02 -6.66 -11.51
N GLY A 173 14.41 -6.48 -12.77
CA GLY A 173 13.88 -7.31 -13.83
C GLY A 173 12.36 -7.26 -13.91
N GLY A 1 -20.73 20.07 3.37
CA GLY A 1 -19.31 19.75 3.44
C GLY A 1 -19.05 18.26 3.39
N SER A 2 -19.24 17.59 4.52
CA SER A 2 -19.01 16.15 4.60
C SER A 2 -20.11 15.39 3.88
N SER A 3 -19.90 14.09 3.69
CA SER A 3 -20.88 13.24 3.02
C SER A 3 -22.27 13.42 3.62
N GLY A 4 -23.28 13.09 2.84
CA GLY A 4 -24.65 13.22 3.31
C GLY A 4 -25.64 12.43 2.47
N SER A 5 -26.78 13.04 2.16
CA SER A 5 -27.81 12.38 1.36
C SER A 5 -27.53 12.57 -0.13
N SER A 6 -27.50 13.83 -0.56
CA SER A 6 -27.26 14.14 -1.96
C SER A 6 -26.00 13.43 -2.47
N GLY A 7 -26.20 12.43 -3.32
CA GLY A 7 -25.08 11.69 -3.87
C GLY A 7 -23.97 12.59 -4.39
N SER A 8 -22.82 12.01 -4.68
CA SER A 8 -21.69 12.77 -5.19
C SER A 8 -21.39 12.41 -6.64
N THR A 9 -21.98 13.17 -7.56
CA THR A 9 -21.78 12.93 -8.99
C THR A 9 -20.37 12.44 -9.27
N ARG A 10 -20.25 11.55 -10.25
CA ARG A 10 -18.94 11.00 -10.62
C ARG A 10 -18.77 10.97 -12.14
N ARG A 11 -17.58 11.31 -12.60
CA ARG A 11 -17.28 11.32 -14.02
C ARG A 11 -15.78 11.24 -14.27
N VAL A 12 -15.40 10.55 -15.34
CA VAL A 12 -14.00 10.38 -15.70
C VAL A 12 -13.28 11.73 -15.74
N SER A 13 -14.03 12.79 -16.04
CA SER A 13 -13.47 14.13 -16.11
C SER A 13 -12.47 14.36 -14.99
N VAL A 14 -12.97 14.44 -13.77
CA VAL A 14 -12.12 14.66 -12.59
C VAL A 14 -11.27 13.43 -12.30
N ARG A 15 -11.91 12.26 -12.35
CA ARG A 15 -11.21 11.01 -12.08
C ARG A 15 -9.96 10.87 -12.94
N ASP A 16 -9.91 11.65 -14.02
CA ASP A 16 -8.77 11.63 -14.93
C ASP A 16 -7.74 12.68 -14.53
N LYS A 17 -8.10 13.95 -14.71
CA LYS A 17 -7.21 15.05 -14.36
C LYS A 17 -6.64 14.88 -12.96
N LEU A 18 -7.44 14.31 -12.07
CA LEU A 18 -7.02 14.10 -10.69
C LEU A 18 -5.91 13.06 -10.61
N LEU A 19 -5.89 12.15 -11.58
CA LEU A 19 -4.87 11.10 -11.63
C LEU A 19 -3.58 11.62 -12.26
N VAL A 20 -3.65 11.96 -13.54
CA VAL A 20 -2.48 12.47 -14.26
C VAL A 20 -1.72 13.49 -13.41
N LYS A 21 -2.47 14.34 -12.70
CA LYS A 21 -1.87 15.35 -11.85
C LYS A 21 -1.18 14.71 -10.64
N GLU A 22 -1.87 13.77 -10.02
CA GLU A 22 -1.33 13.08 -8.85
C GLU A 22 -0.23 12.10 -9.25
N VAL A 23 -0.61 11.08 -10.02
CA VAL A 23 0.33 10.07 -10.48
C VAL A 23 1.70 10.69 -10.78
N ALA A 24 1.69 11.81 -11.49
CA ALA A 24 2.92 12.50 -11.84
C ALA A 24 3.74 12.84 -10.59
N GLU A 25 3.21 13.74 -9.77
CA GLU A 25 3.90 14.14 -8.55
C GLU A 25 4.28 12.93 -7.71
N LEU A 26 3.42 11.91 -7.73
CA LEU A 26 3.66 10.68 -6.98
C LEU A 26 4.95 10.01 -7.43
N GLU A 27 5.19 10.01 -8.74
CA GLU A 27 6.38 9.40 -9.30
C GLU A 27 7.61 10.29 -9.07
N ALA A 28 7.38 11.45 -8.48
CA ALA A 28 8.46 12.39 -8.20
C ALA A 28 8.56 12.68 -6.70
N ASN A 29 7.57 12.22 -5.94
CA ASN A 29 7.55 12.44 -4.51
C ASN A 29 7.84 11.14 -3.76
N LEU A 30 7.41 10.03 -4.34
CA LEU A 30 7.62 8.72 -3.74
C LEU A 30 9.09 8.50 -3.39
N PRO A 31 9.35 7.84 -2.25
CA PRO A 31 10.71 7.56 -1.79
C PRO A 31 11.41 6.53 -2.65
N CYS A 32 12.73 6.62 -2.73
CA CYS A 32 13.52 5.70 -3.53
C CYS A 32 13.20 4.25 -3.17
N THR A 33 12.75 4.05 -1.93
CA THR A 33 12.41 2.71 -1.46
C THR A 33 11.27 2.11 -2.28
N CYS A 34 10.43 2.98 -2.83
CA CYS A 34 9.30 2.54 -3.65
C CYS A 34 9.54 2.83 -5.12
N LYS A 35 8.81 2.14 -5.99
CA LYS A 35 8.94 2.32 -7.43
C LYS A 35 7.66 1.91 -8.15
N VAL A 36 7.05 2.87 -8.85
CA VAL A 36 5.82 2.59 -9.58
C VAL A 36 6.12 2.29 -11.05
N HIS A 37 5.26 1.47 -11.66
CA HIS A 37 5.43 1.09 -13.06
C HIS A 37 4.10 1.09 -13.78
N PHE A 38 3.99 1.93 -14.81
CA PHE A 38 2.76 2.03 -15.59
C PHE A 38 2.91 1.33 -16.94
N PRO A 39 2.35 0.12 -17.05
CA PRO A 39 2.41 -0.68 -18.28
C PRO A 39 1.57 -0.08 -19.39
N ASP A 40 0.66 0.82 -19.03
CA ASP A 40 -0.21 1.47 -20.01
C ASP A 40 -0.53 2.89 -19.58
N PRO A 41 -0.22 3.86 -20.46
CA PRO A 41 -0.47 5.28 -20.20
C PRO A 41 -1.95 5.63 -20.21
N ASN A 42 -2.67 5.12 -21.21
CA ASN A 42 -4.09 5.37 -21.34
C ASN A 42 -4.82 5.05 -20.04
N LYS A 43 -4.29 4.08 -19.30
CA LYS A 43 -4.89 3.68 -18.02
C LYS A 43 -4.05 4.17 -16.85
N LEU A 44 -4.61 5.09 -16.07
CA LEU A 44 -3.92 5.64 -14.91
C LEU A 44 -4.41 5.01 -13.62
N HIS A 45 -5.71 4.70 -13.58
CA HIS A 45 -6.32 4.08 -12.40
C HIS A 45 -5.60 2.77 -12.05
N CYS A 46 -5.43 1.90 -13.04
CA CYS A 46 -4.77 0.63 -12.83
C CYS A 46 -3.26 0.76 -13.02
N PHE A 47 -2.50 0.44 -11.98
CA PHE A 47 -1.05 0.52 -12.04
C PHE A 47 -0.41 -0.34 -10.95
N GLN A 48 0.91 -0.50 -11.04
CA GLN A 48 1.64 -1.30 -10.07
C GLN A 48 2.51 -0.43 -9.17
N LEU A 49 2.56 -0.76 -7.88
CA LEU A 49 3.34 0.01 -6.92
C LEU A 49 4.30 -0.91 -6.16
N THR A 50 5.59 -0.78 -6.45
CA THR A 50 6.61 -1.58 -5.79
C THR A 50 7.13 -0.89 -4.54
N VAL A 51 7.36 -1.66 -3.48
CA VAL A 51 7.87 -1.12 -2.23
C VAL A 51 8.95 -2.02 -1.63
N THR A 52 10.16 -1.49 -1.51
CA THR A 52 11.27 -2.24 -0.96
C THR A 52 12.04 -1.43 0.08
N PRO A 53 11.69 -1.62 1.36
CA PRO A 53 12.33 -0.92 2.47
C PRO A 53 13.77 -1.36 2.69
N ASP A 54 14.62 -0.41 3.06
CA ASP A 54 16.04 -0.70 3.30
C ASP A 54 16.35 -0.67 4.79
N GLU A 55 15.31 -0.72 5.62
CA GLU A 55 15.48 -0.69 7.06
C GLU A 55 14.56 -1.71 7.73
N GLY A 56 14.68 -1.82 9.05
CA GLY A 56 13.86 -2.76 9.79
C GLY A 56 14.24 -4.20 9.51
N TYR A 57 13.23 -5.07 9.45
CA TYR A 57 13.46 -6.49 9.19
C TYR A 57 13.45 -6.78 7.70
N TYR A 58 12.67 -6.00 6.96
CA TYR A 58 12.56 -6.17 5.52
C TYR A 58 13.55 -5.27 4.79
N GLN A 59 14.72 -5.08 5.39
CA GLN A 59 15.75 -4.23 4.80
C GLN A 59 16.01 -4.63 3.34
N GLY A 60 15.63 -5.85 2.99
CA GLY A 60 15.83 -6.33 1.64
C GLY A 60 14.68 -7.18 1.15
N GLY A 61 13.46 -6.69 1.35
CA GLY A 61 12.28 -7.42 0.93
C GLY A 61 11.44 -6.65 -0.07
N LYS A 62 11.31 -7.18 -1.28
CA LYS A 62 10.53 -6.53 -2.32
C LYS A 62 9.08 -7.00 -2.30
N PHE A 63 8.15 -6.07 -2.43
CA PHE A 63 6.73 -6.40 -2.42
C PHE A 63 5.97 -5.53 -3.42
N GLN A 64 5.09 -6.17 -4.19
CA GLN A 64 4.30 -5.47 -5.19
C GLN A 64 2.89 -5.18 -4.67
N PHE A 65 2.24 -4.19 -5.26
CA PHE A 65 0.89 -3.82 -4.86
C PHE A 65 0.05 -3.42 -6.08
N GLU A 66 -1.16 -3.95 -6.14
CA GLU A 66 -2.07 -3.66 -7.25
C GLU A 66 -3.10 -2.60 -6.84
N THR A 67 -2.89 -1.37 -7.29
CA THR A 67 -3.79 -0.27 -6.98
C THR A 67 -4.76 -0.01 -8.13
N GLU A 68 -6.01 0.22 -7.79
CA GLU A 68 -7.04 0.49 -8.79
C GLU A 68 -7.92 1.66 -8.38
N VAL A 69 -7.77 2.79 -9.06
CA VAL A 69 -8.55 3.99 -8.76
C VAL A 69 -9.93 3.91 -9.40
N PRO A 70 -10.97 3.80 -8.55
CA PRO A 70 -12.36 3.72 -9.02
C PRO A 70 -12.85 5.03 -9.61
N ASP A 71 -14.07 5.02 -10.12
CA ASP A 71 -14.66 6.21 -10.72
C ASP A 71 -14.89 7.29 -9.67
N ALA A 72 -15.46 6.90 -8.54
CA ALA A 72 -15.74 7.82 -7.45
C ALA A 72 -14.55 8.76 -7.21
N TYR A 73 -13.36 8.17 -7.14
CA TYR A 73 -12.14 8.94 -6.90
C TYR A 73 -12.27 10.34 -7.50
N ASN A 74 -11.79 11.33 -6.75
CA ASN A 74 -11.18 11.08 -5.45
C ASN A 74 -12.25 10.84 -4.39
N MET A 75 -13.51 10.84 -4.81
CA MET A 75 -14.62 10.62 -3.90
C MET A 75 -14.35 9.44 -2.98
N VAL A 76 -13.84 8.35 -3.54
CA VAL A 76 -13.51 7.16 -2.77
C VAL A 76 -12.05 6.78 -2.91
N PRO A 77 -11.50 6.14 -1.87
CA PRO A 77 -10.10 5.70 -1.87
C PRO A 77 -9.84 4.56 -2.84
N PRO A 78 -8.63 4.55 -3.43
CA PRO A 78 -8.23 3.52 -4.39
C PRO A 78 -8.02 2.16 -3.73
N LYS A 79 -8.52 1.11 -4.37
CA LYS A 79 -8.39 -0.24 -3.84
C LYS A 79 -7.00 -0.79 -4.11
N VAL A 80 -6.36 -1.29 -3.05
CA VAL A 80 -5.01 -1.86 -3.17
C VAL A 80 -4.89 -3.15 -2.38
N LYS A 81 -4.31 -4.16 -3.01
CA LYS A 81 -4.12 -5.46 -2.36
C LYS A 81 -2.70 -5.98 -2.58
N CYS A 82 -2.07 -6.39 -1.49
CA CYS A 82 -0.70 -6.90 -1.54
C CYS A 82 -0.64 -8.19 -2.37
N LEU A 83 0.09 -8.14 -3.48
CA LEU A 83 0.23 -9.30 -4.36
C LEU A 83 1.18 -10.33 -3.75
N THR A 84 2.31 -9.85 -3.24
CA THR A 84 3.30 -10.73 -2.64
C THR A 84 2.83 -11.24 -1.27
N LYS A 85 3.46 -12.30 -0.80
CA LYS A 85 3.10 -12.89 0.49
C LYS A 85 4.12 -12.50 1.56
N ILE A 86 3.62 -11.91 2.65
CA ILE A 86 4.49 -11.49 3.75
C ILE A 86 3.87 -11.82 5.09
N TRP A 87 4.72 -12.09 6.08
CA TRP A 87 4.25 -12.42 7.42
C TRP A 87 4.01 -11.16 8.24
N HIS A 88 3.39 -10.16 7.63
CA HIS A 88 3.10 -8.90 8.31
C HIS A 88 1.82 -9.01 9.12
N PRO A 89 1.85 -8.42 10.33
CA PRO A 89 0.69 -8.43 11.24
C PRO A 89 -0.45 -7.57 10.73
N ASN A 90 -0.27 -6.99 9.55
CA ASN A 90 -1.30 -6.14 8.94
C ASN A 90 -1.58 -6.57 7.51
N ILE A 91 -0.54 -6.93 6.78
CA ILE A 91 -0.68 -7.36 5.40
C ILE A 91 -0.81 -8.88 5.31
N THR A 92 -2.06 -9.35 5.35
CA THR A 92 -2.33 -10.78 5.28
C THR A 92 -1.95 -11.34 3.91
N GLU A 93 -1.27 -12.49 3.91
CA GLU A 93 -0.84 -13.13 2.68
C GLU A 93 -1.86 -12.90 1.57
N THR A 94 -3.13 -13.16 1.88
CA THR A 94 -4.20 -12.99 0.91
C THR A 94 -4.03 -11.69 0.12
N GLY A 95 -4.07 -10.57 0.83
CA GLY A 95 -3.91 -9.29 0.18
C GLY A 95 -4.76 -8.21 0.83
N GLU A 96 -4.70 -8.13 2.16
CA GLU A 96 -5.48 -7.14 2.90
C GLU A 96 -4.56 -6.26 3.74
N ILE A 97 -4.64 -4.95 3.53
CA ILE A 97 -3.82 -4.00 4.27
C ILE A 97 -4.67 -3.12 5.17
N CYS A 98 -4.42 -3.19 6.47
CA CYS A 98 -5.17 -2.40 7.44
C CYS A 98 -4.66 -0.97 7.49
N LEU A 99 -5.28 -0.10 6.71
CA LEU A 99 -4.90 1.31 6.66
C LEU A 99 -6.08 2.22 6.96
N SER A 100 -5.96 3.03 8.00
CA SER A 100 -7.02 3.95 8.39
C SER A 100 -7.40 4.86 7.23
N LEU A 101 -6.41 5.57 6.70
CA LEU A 101 -6.63 6.49 5.59
C LEU A 101 -7.27 5.76 4.40
N LEU A 102 -7.00 4.46 4.30
CA LEU A 102 -7.55 3.65 3.22
C LEU A 102 -8.86 3.00 3.65
N ARG A 103 -9.63 3.70 4.47
CA ARG A 103 -10.91 3.19 4.95
C ARG A 103 -12.07 3.95 4.32
N GLU A 104 -12.92 3.23 3.58
CA GLU A 104 -14.07 3.84 2.93
C GLU A 104 -15.15 4.19 3.94
N HIS A 105 -15.98 5.18 3.61
CA HIS A 105 -17.05 5.61 4.49
C HIS A 105 -16.63 5.51 5.95
N SER A 106 -15.38 5.87 6.23
CA SER A 106 -14.85 5.81 7.59
C SER A 106 -15.84 6.41 8.58
N ILE A 107 -15.73 6.01 9.85
CA ILE A 107 -16.60 6.51 10.89
C ILE A 107 -15.81 7.19 12.00
N ASP A 108 -14.56 6.77 12.17
CA ASP A 108 -13.70 7.33 13.19
C ASP A 108 -13.46 8.82 12.95
N GLY A 109 -12.81 9.13 11.82
CA GLY A 109 -12.52 10.52 11.49
C GLY A 109 -11.54 10.66 10.35
N THR A 110 -10.34 10.10 10.53
CA THR A 110 -9.31 10.16 9.51
C THR A 110 -9.80 9.58 8.19
N GLY A 111 -9.88 8.26 8.12
CA GLY A 111 -10.34 7.60 6.92
C GLY A 111 -9.82 8.27 5.66
N TRP A 112 -10.52 8.06 4.56
CA TRP A 112 -10.12 8.65 3.28
C TRP A 112 -10.82 9.99 3.06
N ALA A 113 -10.28 10.78 2.13
CA ALA A 113 -10.86 12.09 1.82
C ALA A 113 -10.25 12.67 0.54
N PRO A 114 -10.97 13.61 -0.07
CA PRO A 114 -10.52 14.26 -1.32
C PRO A 114 -9.32 15.18 -1.09
N THR A 115 -8.87 15.24 0.16
CA THR A 115 -7.72 16.08 0.51
C THR A 115 -6.41 15.37 0.23
N ARG A 116 -6.33 14.11 0.62
CA ARG A 116 -5.12 13.32 0.40
C ARG A 116 -5.08 12.75 -1.01
N THR A 117 -3.88 12.52 -1.53
CA THR A 117 -3.72 11.97 -2.87
C THR A 117 -2.99 10.63 -2.84
N LEU A 118 -2.70 10.09 -4.01
CA LEU A 118 -2.01 8.81 -4.12
C LEU A 118 -0.60 8.90 -3.55
N LYS A 119 -0.20 10.11 -3.17
CA LYS A 119 1.12 10.35 -2.61
C LYS A 119 1.16 9.95 -1.14
N ASP A 120 0.08 10.23 -0.42
CA ASP A 120 -0.01 9.90 0.99
C ASP A 120 -0.53 8.49 1.19
N VAL A 121 -1.32 8.00 0.24
CA VAL A 121 -1.88 6.66 0.31
C VAL A 121 -0.79 5.61 0.26
N VAL A 122 0.17 5.79 -0.64
CA VAL A 122 1.28 4.86 -0.79
C VAL A 122 2.31 5.03 0.32
N TRP A 123 2.49 6.29 0.75
CA TRP A 123 3.44 6.59 1.81
C TRP A 123 3.26 5.67 3.00
N GLY A 124 2.09 5.77 3.64
CA GLY A 124 1.80 4.94 4.80
C GLY A 124 2.11 3.47 4.54
N LEU A 125 1.51 2.91 3.50
CA LEU A 125 1.73 1.51 3.15
C LEU A 125 3.21 1.21 3.02
N ASN A 126 3.99 2.22 2.64
CA ASN A 126 5.42 2.06 2.47
C ASN A 126 6.15 2.18 3.81
N SER A 127 5.50 2.84 4.76
CA SER A 127 6.08 3.03 6.09
C SER A 127 5.77 1.84 7.00
N LEU A 128 4.79 1.03 6.59
CA LEU A 128 4.39 -0.14 7.36
C LEU A 128 5.60 -0.97 7.74
N PHE A 129 6.63 -0.95 6.89
CA PHE A 129 7.84 -1.71 7.14
C PHE A 129 8.76 -0.96 8.09
N THR A 130 8.21 0.02 8.80
CA THR A 130 8.98 0.82 9.75
C THR A 130 8.22 0.99 11.06
N ASP A 131 8.73 1.88 11.92
CA ASP A 131 8.10 2.14 13.21
C ASP A 131 6.59 1.95 13.12
N LEU A 132 6.01 2.33 12.00
CA LEU A 132 4.57 2.20 11.79
C LEU A 132 4.03 0.96 12.49
N LEU A 133 4.69 -0.17 12.27
CA LEU A 133 4.29 -1.43 12.88
C LEU A 133 3.68 -1.20 14.26
N ASN A 134 2.49 -1.75 14.48
CA ASN A 134 1.81 -1.62 15.76
C ASN A 134 1.28 -2.96 16.26
N PHE A 135 2.02 -3.58 17.17
CA PHE A 135 1.63 -4.87 17.73
C PHE A 135 0.61 -4.69 18.85
N ASP A 136 -0.51 -4.06 18.54
CA ASP A 136 -1.56 -3.83 19.53
C ASP A 136 -2.93 -4.20 18.97
N ASP A 137 -3.20 -3.75 17.76
CA ASP A 137 -4.48 -4.04 17.10
C ASP A 137 -4.26 -4.60 15.71
N PRO A 138 -3.37 -5.60 15.60
CA PRO A 138 -3.05 -6.25 14.33
C PRO A 138 -4.20 -7.10 13.80
N LEU A 139 -4.06 -7.57 12.57
CA LEU A 139 -5.10 -8.40 11.95
C LEU A 139 -4.91 -9.87 12.33
N ASN A 140 -3.69 -10.37 12.14
CA ASN A 140 -3.38 -11.76 12.46
C ASN A 140 -2.70 -11.86 13.81
N ILE A 141 -3.41 -12.46 14.79
CA ILE A 141 -2.87 -12.62 16.13
C ILE A 141 -1.49 -13.28 16.09
N GLU A 142 -1.40 -14.44 15.45
CA GLU A 142 -0.15 -15.17 15.34
C GLU A 142 1.02 -14.21 15.11
N ALA A 143 0.98 -13.51 13.98
CA ALA A 143 2.03 -12.56 13.63
C ALA A 143 2.56 -11.84 14.88
N ALA A 144 1.63 -11.39 15.72
CA ALA A 144 2.00 -10.70 16.95
C ALA A 144 2.62 -11.65 17.97
N GLU A 145 1.95 -12.77 18.21
CA GLU A 145 2.43 -13.76 19.15
C GLU A 145 3.88 -14.14 18.84
N HIS A 146 4.19 -14.29 17.56
CA HIS A 146 5.53 -14.65 17.12
C HIS A 146 6.54 -13.57 17.51
N HIS A 147 6.04 -12.35 17.70
CA HIS A 147 6.91 -11.23 18.08
C HIS A 147 7.05 -11.14 19.59
N LEU A 148 6.02 -11.59 20.30
CA LEU A 148 6.04 -11.55 21.76
C LEU A 148 6.90 -12.68 22.32
N ARG A 149 6.57 -13.91 21.94
CA ARG A 149 7.31 -15.08 22.41
C ARG A 149 8.79 -14.96 22.03
N ASP A 150 9.05 -14.44 20.85
CA ASP A 150 10.42 -14.27 20.37
C ASP A 150 10.55 -13.04 19.49
N LYS A 151 11.38 -12.09 19.91
CA LYS A 151 11.59 -10.86 19.16
C LYS A 151 12.45 -11.12 17.92
N GLU A 152 13.29 -12.14 17.99
CA GLU A 152 14.17 -12.49 16.89
C GLU A 152 13.48 -13.49 15.95
N ASP A 153 13.03 -14.60 16.51
CA ASP A 153 12.36 -15.63 15.72
C ASP A 153 11.27 -15.02 14.85
N PHE A 154 10.85 -13.82 15.19
CA PHE A 154 9.80 -13.12 14.43
C PHE A 154 10.37 -12.50 13.17
N ARG A 155 11.53 -11.87 13.30
CA ARG A 155 12.19 -11.23 12.15
C ARG A 155 12.96 -12.26 11.33
N ASN A 156 13.41 -13.32 11.98
CA ASN A 156 14.16 -14.38 11.31
C ASN A 156 13.31 -15.07 10.25
N LYS A 157 12.08 -15.41 10.62
CA LYS A 157 11.16 -16.07 9.70
C LYS A 157 10.79 -15.16 8.54
N VAL A 158 10.66 -13.87 8.82
CA VAL A 158 10.31 -12.89 7.79
C VAL A 158 11.34 -12.90 6.66
N ASP A 159 12.61 -12.98 7.03
CA ASP A 159 13.68 -13.01 6.03
C ASP A 159 13.40 -14.03 4.95
N ASP A 160 12.98 -15.22 5.36
CA ASP A 160 12.67 -16.30 4.42
C ASP A 160 11.40 -15.98 3.64
N TYR A 161 10.32 -15.70 4.37
CA TYR A 161 9.04 -15.38 3.75
C TYR A 161 9.23 -14.52 2.51
N ILE A 162 10.29 -13.71 2.52
CA ILE A 162 10.59 -12.83 1.39
C ILE A 162 11.22 -13.60 0.24
N LYS A 163 12.43 -14.11 0.47
CA LYS A 163 13.14 -14.87 -0.55
C LYS A 163 12.24 -15.94 -1.16
N ARG A 164 11.26 -16.40 -0.38
CA ARG A 164 10.33 -17.42 -0.85
C ARG A 164 9.64 -16.98 -2.14
N TYR A 165 8.86 -15.91 -2.04
CA TYR A 165 8.14 -15.40 -3.20
C TYR A 165 8.48 -13.92 -3.45
N ALA A 166 9.69 -13.55 -3.09
CA ALA A 166 10.15 -12.17 -3.27
C ALA A 166 11.67 -12.08 -3.21
N ARG A 167 12.27 -11.52 -4.27
CA ARG A 167 13.72 -11.38 -4.33
C ARG A 167 14.11 -10.07 -5.03
N SER A 168 14.72 -9.17 -4.28
CA SER A 168 15.14 -7.87 -4.82
C SER A 168 16.49 -8.00 -5.53
N GLY A 169 16.45 -8.13 -6.85
CA GLY A 169 17.68 -8.25 -7.63
C GLY A 169 18.26 -6.89 -8.01
N PRO A 170 19.37 -6.91 -8.75
CA PRO A 170 20.05 -5.70 -9.20
C PRO A 170 19.24 -4.94 -10.25
N SER A 171 19.25 -3.61 -10.17
CA SER A 171 18.53 -2.78 -11.11
C SER A 171 19.14 -2.87 -12.51
N SER A 172 18.36 -2.45 -13.51
CA SER A 172 18.83 -2.49 -14.89
C SER A 172 18.86 -1.09 -15.49
N GLY A 173 19.89 -0.83 -16.29
CA GLY A 173 20.03 0.48 -16.92
C GLY A 173 19.56 0.48 -18.36
N GLY A 1 -15.39 -12.51 -0.30
CA GLY A 1 -15.48 -12.53 -1.74
C GLY A 1 -15.73 -11.15 -2.31
N SER A 2 -15.58 -11.02 -3.64
CA SER A 2 -15.79 -9.74 -4.31
C SER A 2 -17.26 -9.53 -4.63
N SER A 3 -17.91 -10.56 -5.16
CA SER A 3 -19.32 -10.48 -5.51
C SER A 3 -19.61 -9.21 -6.31
N GLY A 4 -18.72 -8.91 -7.25
CA GLY A 4 -18.90 -7.73 -8.08
C GLY A 4 -19.29 -8.07 -9.50
N SER A 5 -20.54 -7.77 -9.85
CA SER A 5 -21.05 -8.06 -11.19
C SER A 5 -21.47 -6.77 -11.90
N SER A 6 -22.19 -5.91 -11.18
CA SER A 6 -22.65 -4.65 -11.73
C SER A 6 -21.51 -3.66 -11.87
N GLY A 7 -20.90 -3.30 -10.73
CA GLY A 7 -19.80 -2.35 -10.75
C GLY A 7 -18.86 -2.58 -11.92
N SER A 8 -18.93 -1.68 -12.90
CA SER A 8 -18.08 -1.79 -14.09
C SER A 8 -17.52 -0.43 -14.47
N THR A 9 -16.42 -0.44 -15.23
CA THR A 9 -15.78 0.79 -15.67
C THR A 9 -16.80 1.75 -16.28
N ARG A 10 -16.88 2.96 -15.73
CA ARG A 10 -17.80 3.97 -16.22
C ARG A 10 -17.08 5.01 -17.07
N ARG A 11 -17.84 5.93 -17.65
CA ARG A 11 -17.26 6.98 -18.49
C ARG A 11 -16.21 7.77 -17.73
N VAL A 12 -15.26 8.33 -18.46
CA VAL A 12 -14.19 9.12 -17.86
C VAL A 12 -14.75 10.13 -16.87
N SER A 13 -14.06 10.28 -15.74
CA SER A 13 -14.48 11.22 -14.71
C SER A 13 -13.30 12.01 -14.17
N VAL A 14 -13.59 12.94 -13.26
CA VAL A 14 -12.54 13.77 -12.67
C VAL A 14 -11.31 12.94 -12.30
N ARG A 15 -11.53 11.65 -12.08
CA ARG A 15 -10.44 10.74 -11.72
C ARG A 15 -9.29 10.85 -12.72
N ASP A 16 -9.64 10.97 -13.99
CA ASP A 16 -8.64 11.08 -15.05
C ASP A 16 -7.70 12.27 -14.80
N LYS A 17 -8.28 13.47 -14.75
CA LYS A 17 -7.50 14.67 -14.51
C LYS A 17 -6.85 14.65 -13.13
N LEU A 18 -7.52 14.01 -12.19
CA LEU A 18 -7.02 13.90 -10.82
C LEU A 18 -5.94 12.82 -10.73
N LEU A 19 -5.89 11.94 -11.72
CA LEU A 19 -4.91 10.87 -11.75
C LEU A 19 -3.65 11.30 -12.49
N VAL A 20 -3.82 11.77 -13.72
CA VAL A 20 -2.70 12.21 -14.53
C VAL A 20 -1.92 13.32 -13.83
N LYS A 21 -2.64 14.22 -13.16
CA LYS A 21 -2.02 15.32 -12.45
C LYS A 21 -1.31 14.83 -11.20
N GLU A 22 -1.98 13.95 -10.44
CA GLU A 22 -1.41 13.40 -9.22
C GLU A 22 -0.32 12.38 -9.53
N VAL A 23 -0.71 11.29 -10.18
CA VAL A 23 0.23 10.24 -10.54
C VAL A 23 1.58 10.82 -10.93
N ALA A 24 1.56 11.77 -11.86
CA ALA A 24 2.79 12.42 -12.31
C ALA A 24 3.67 12.83 -11.13
N GLU A 25 3.20 13.83 -10.38
CA GLU A 25 3.94 14.31 -9.21
C GLU A 25 4.27 13.18 -8.25
N LEU A 26 3.37 12.21 -8.17
CA LEU A 26 3.57 11.06 -7.29
C LEU A 26 4.81 10.27 -7.69
N GLU A 27 4.95 10.01 -8.99
CA GLU A 27 6.09 9.26 -9.50
C GLU A 27 7.37 10.08 -9.37
N ALA A 28 7.22 11.40 -9.24
CA ALA A 28 8.36 12.29 -9.12
C ALA A 28 8.66 12.60 -7.65
N ASN A 29 7.79 12.12 -6.76
CA ASN A 29 7.96 12.34 -5.33
C ASN A 29 8.30 11.03 -4.62
N LEU A 30 7.71 9.94 -5.08
CA LEU A 30 7.95 8.63 -4.49
C LEU A 30 9.40 8.50 -4.03
N PRO A 31 9.59 7.98 -2.81
CA PRO A 31 10.92 7.79 -2.24
C PRO A 31 11.70 6.67 -2.93
N CYS A 32 13.02 6.80 -2.94
CA CYS A 32 13.88 5.81 -3.57
C CYS A 32 13.48 4.39 -3.15
N THR A 33 13.21 4.22 -1.86
CA THR A 33 12.82 2.92 -1.33
C THR A 33 11.66 2.32 -2.12
N CYS A 34 10.83 3.19 -2.69
CA CYS A 34 9.69 2.75 -3.48
C CYS A 34 9.93 2.99 -4.97
N LYS A 35 9.19 2.27 -5.81
CA LYS A 35 9.32 2.41 -7.25
C LYS A 35 8.02 2.01 -7.96
N VAL A 36 7.49 2.93 -8.75
CA VAL A 36 6.25 2.67 -9.49
C VAL A 36 6.51 2.54 -10.98
N HIS A 37 5.82 1.60 -11.62
CA HIS A 37 5.99 1.36 -13.05
C HIS A 37 4.64 1.08 -13.71
N PHE A 38 4.17 2.04 -14.51
CA PHE A 38 2.90 1.90 -15.20
C PHE A 38 3.05 1.07 -16.48
N PRO A 39 2.31 -0.05 -16.55
CA PRO A 39 2.36 -0.95 -17.72
C PRO A 39 1.72 -0.32 -18.95
N ASP A 40 0.65 0.43 -18.74
CA ASP A 40 -0.05 1.08 -19.85
C ASP A 40 -0.44 2.51 -19.47
N PRO A 41 -0.11 3.46 -20.36
CA PRO A 41 -0.41 4.88 -20.14
C PRO A 41 -1.91 5.17 -20.23
N ASN A 42 -2.60 4.42 -21.08
CA ASN A 42 -4.04 4.61 -21.26
C ASN A 42 -4.78 4.36 -19.95
N LYS A 43 -4.28 3.43 -19.16
CA LYS A 43 -4.90 3.10 -17.88
C LYS A 43 -4.06 3.62 -16.72
N LEU A 44 -4.61 4.57 -15.96
CA LEU A 44 -3.91 5.15 -14.82
C LEU A 44 -4.53 4.69 -13.51
N HIS A 45 -5.86 4.69 -13.45
CA HIS A 45 -6.57 4.27 -12.26
C HIS A 45 -5.84 3.13 -11.56
N CYS A 46 -5.49 2.10 -12.33
CA CYS A 46 -4.79 0.94 -11.79
C CYS A 46 -3.32 0.97 -12.18
N PHE A 47 -2.44 0.92 -11.18
CA PHE A 47 -1.00 0.94 -11.43
C PHE A 47 -0.28 0.00 -10.47
N GLN A 48 1.04 -0.13 -10.67
CA GLN A 48 1.85 -1.00 -9.83
C GLN A 48 2.72 -0.19 -8.88
N LEU A 49 2.92 -0.69 -7.67
CA LEU A 49 3.73 -0.01 -6.68
C LEU A 49 4.74 -0.98 -6.06
N THR A 50 6.02 -0.61 -6.14
CA THR A 50 7.09 -1.44 -5.59
C THR A 50 7.74 -0.76 -4.40
N VAL A 51 7.32 -1.13 -3.20
CA VAL A 51 7.86 -0.56 -1.97
C VAL A 51 8.84 -1.53 -1.31
N THR A 52 9.99 -1.00 -0.91
CA THR A 52 11.01 -1.81 -0.25
C THR A 52 11.67 -1.05 0.89
N PRO A 53 11.31 -1.42 2.14
CA PRO A 53 11.86 -0.79 3.33
C PRO A 53 13.33 -1.13 3.56
N ASP A 54 14.17 -0.10 3.63
CA ASP A 54 15.60 -0.29 3.84
C ASP A 54 15.96 -0.12 5.31
N GLU A 55 14.99 -0.40 6.19
CA GLU A 55 15.21 -0.28 7.62
C GLU A 55 14.38 -1.31 8.39
N GLY A 56 14.59 -1.37 9.71
CA GLY A 56 13.85 -2.31 10.52
C GLY A 56 13.65 -3.65 9.83
N TYR A 57 12.52 -4.29 10.11
CA TYR A 57 12.21 -5.58 9.52
C TYR A 57 12.01 -5.46 8.01
N TYR A 58 12.32 -6.53 7.28
CA TYR A 58 12.17 -6.53 5.83
C TYR A 58 13.08 -5.48 5.20
N GLN A 59 14.15 -5.12 5.89
CA GLN A 59 15.08 -4.12 5.40
C GLN A 59 15.44 -4.39 3.94
N GLY A 60 15.38 -5.66 3.54
CA GLY A 60 15.69 -6.02 2.17
C GLY A 60 14.69 -6.98 1.58
N GLY A 61 13.40 -6.68 1.76
CA GLY A 61 12.36 -7.53 1.23
C GLY A 61 11.54 -6.85 0.16
N LYS A 62 11.41 -7.51 -0.99
CA LYS A 62 10.65 -6.97 -2.10
C LYS A 62 9.16 -7.24 -1.93
N PHE A 63 8.34 -6.23 -2.22
CA PHE A 63 6.89 -6.37 -2.10
C PHE A 63 6.18 -5.50 -3.13
N GLN A 64 5.21 -6.09 -3.82
CA GLN A 64 4.45 -5.37 -4.83
C GLN A 64 3.05 -5.01 -4.32
N PHE A 65 2.54 -3.87 -4.77
CA PHE A 65 1.21 -3.42 -4.35
C PHE A 65 0.39 -2.94 -5.55
N GLU A 66 -0.87 -3.36 -5.60
CA GLU A 66 -1.76 -2.97 -6.70
C GLU A 66 -2.85 -2.04 -6.21
N THR A 67 -2.68 -0.74 -6.48
CA THR A 67 -3.66 0.25 -6.07
C THR A 67 -4.67 0.52 -7.17
N GLU A 68 -5.95 0.28 -6.87
CA GLU A 68 -7.02 0.50 -7.84
C GLU A 68 -7.79 1.77 -7.53
N VAL A 69 -8.05 2.58 -8.56
CA VAL A 69 -8.79 3.82 -8.39
C VAL A 69 -10.19 3.71 -8.96
N PRO A 70 -11.19 3.65 -8.06
CA PRO A 70 -12.60 3.54 -8.45
C PRO A 70 -13.12 4.83 -9.08
N ASP A 71 -14.30 4.74 -9.69
CA ASP A 71 -14.92 5.89 -10.33
C ASP A 71 -15.13 7.02 -9.33
N ALA A 72 -15.70 6.69 -8.18
CA ALA A 72 -15.97 7.67 -7.14
C ALA A 72 -14.77 8.60 -6.96
N TYR A 73 -13.57 8.03 -6.97
CA TYR A 73 -12.35 8.81 -6.80
C TYR A 73 -12.50 10.20 -7.41
N ASN A 74 -11.97 11.20 -6.71
CA ASN A 74 -11.29 10.99 -5.45
C ASN A 74 -12.29 10.88 -4.30
N MET A 75 -13.56 10.68 -4.65
CA MET A 75 -14.61 10.56 -3.65
C MET A 75 -14.29 9.47 -2.63
N VAL A 76 -13.88 8.31 -3.14
CA VAL A 76 -13.54 7.18 -2.27
C VAL A 76 -12.07 6.82 -2.41
N PRO A 77 -11.50 6.26 -1.33
CA PRO A 77 -10.08 5.86 -1.31
C PRO A 77 -9.81 4.65 -2.20
N PRO A 78 -8.63 4.65 -2.84
CA PRO A 78 -8.21 3.57 -3.72
C PRO A 78 -7.92 2.27 -2.97
N LYS A 79 -8.52 1.17 -3.44
CA LYS A 79 -8.33 -0.12 -2.81
C LYS A 79 -7.03 -0.78 -3.28
N VAL A 80 -6.05 -0.84 -2.39
CA VAL A 80 -4.76 -1.44 -2.72
C VAL A 80 -4.54 -2.74 -1.94
N LYS A 81 -4.08 -3.77 -2.64
CA LYS A 81 -3.84 -5.06 -2.01
C LYS A 81 -2.40 -5.52 -2.28
N CYS A 82 -1.79 -6.11 -1.26
CA CYS A 82 -0.41 -6.61 -1.39
C CYS A 82 -0.37 -7.92 -2.15
N LEU A 83 0.13 -7.86 -3.38
CA LEU A 83 0.22 -9.05 -4.23
C LEU A 83 1.19 -10.07 -3.62
N THR A 84 2.40 -9.61 -3.33
CA THR A 84 3.42 -10.48 -2.76
C THR A 84 2.93 -11.11 -1.45
N LYS A 85 3.56 -12.21 -1.05
CA LYS A 85 3.20 -12.91 0.17
C LYS A 85 4.16 -12.56 1.31
N ILE A 86 3.61 -12.02 2.39
CA ILE A 86 4.42 -11.64 3.54
C ILE A 86 3.72 -12.02 4.85
N TRP A 87 4.52 -12.33 5.87
CA TRP A 87 3.99 -12.72 7.16
C TRP A 87 3.67 -11.50 8.02
N HIS A 88 3.45 -10.36 7.35
CA HIS A 88 3.14 -9.11 8.05
C HIS A 88 1.85 -9.26 8.85
N PRO A 89 1.85 -8.70 10.08
CA PRO A 89 0.69 -8.75 10.97
C PRO A 89 -0.45 -7.88 10.47
N ASN A 90 -0.17 -7.01 9.51
CA ASN A 90 -1.18 -6.13 8.95
C ASN A 90 -1.53 -6.53 7.53
N ILE A 91 -0.56 -7.13 6.83
CA ILE A 91 -0.77 -7.58 5.46
C ILE A 91 -0.81 -9.10 5.37
N THR A 92 -2.00 -9.64 5.11
CA THR A 92 -2.17 -11.09 5.00
C THR A 92 -1.55 -11.61 3.72
N GLU A 93 -1.17 -12.89 3.73
CA GLU A 93 -0.56 -13.52 2.57
C GLU A 93 -1.41 -13.30 1.32
N THR A 94 -2.71 -13.57 1.44
CA THR A 94 -3.63 -13.40 0.33
C THR A 94 -3.50 -12.02 -0.30
N GLY A 95 -3.46 -10.99 0.55
CA GLY A 95 -3.33 -9.63 0.06
C GLY A 95 -4.38 -8.70 0.66
N GLU A 96 -4.23 -8.39 1.94
CA GLU A 96 -5.16 -7.51 2.62
C GLU A 96 -4.42 -6.52 3.51
N ILE A 97 -4.49 -5.24 3.15
CA ILE A 97 -3.82 -4.19 3.91
C ILE A 97 -4.82 -3.41 4.76
N CYS A 98 -4.38 -2.97 5.93
CA CYS A 98 -5.24 -2.21 6.83
C CYS A 98 -4.63 -0.84 7.13
N LEU A 99 -5.21 0.21 6.54
CA LEU A 99 -4.73 1.56 6.75
C LEU A 99 -5.78 2.42 7.46
N SER A 100 -5.38 3.63 7.84
CA SER A 100 -6.30 4.55 8.53
C SER A 100 -6.75 5.65 7.59
N LEU A 101 -5.80 6.33 6.98
CA LEU A 101 -6.09 7.43 6.05
C LEU A 101 -7.02 6.95 4.93
N LEU A 102 -6.90 5.67 4.58
CA LEU A 102 -7.72 5.10 3.52
C LEU A 102 -9.05 4.59 4.08
N ARG A 103 -9.49 5.19 5.18
CA ARG A 103 -10.74 4.80 5.81
C ARG A 103 -11.84 5.82 5.52
N GLU A 104 -12.96 5.34 4.97
CA GLU A 104 -14.08 6.22 4.65
C GLU A 104 -14.65 6.87 5.91
N HIS A 105 -14.89 6.05 6.93
CA HIS A 105 -15.43 6.55 8.19
C HIS A 105 -14.42 6.39 9.32
N SER A 106 -13.49 7.34 9.41
CA SER A 106 -12.46 7.30 10.45
C SER A 106 -13.09 7.11 11.83
N ILE A 107 -12.23 6.95 12.84
CA ILE A 107 -12.70 6.76 14.21
C ILE A 107 -12.16 7.84 15.13
N ASP A 108 -11.03 8.43 14.74
CA ASP A 108 -10.41 9.49 15.53
C ASP A 108 -10.07 10.69 14.65
N GLY A 109 -10.61 10.71 13.44
CA GLY A 109 -10.36 11.81 12.53
C GLY A 109 -9.51 11.39 11.34
N THR A 110 -8.33 10.85 11.61
CA THR A 110 -7.42 10.41 10.56
C THR A 110 -8.11 9.41 9.63
N GLY A 111 -8.58 9.90 8.48
CA GLY A 111 -9.25 9.04 7.53
C GLY A 111 -8.94 9.42 6.10
N TRP A 112 -9.94 9.28 5.23
CA TRP A 112 -9.78 9.60 3.81
C TRP A 112 -10.48 10.91 3.48
N ALA A 113 -10.02 11.57 2.42
CA ALA A 113 -10.62 12.83 1.98
C ALA A 113 -10.38 13.07 0.50
N PRO A 114 -11.26 13.87 -0.13
CA PRO A 114 -11.16 14.18 -1.56
C PRO A 114 -9.97 15.09 -1.87
N THR A 115 -9.18 15.39 -0.84
CA THR A 115 -8.02 16.25 -1.01
C THR A 115 -6.72 15.45 -0.87
N ARG A 116 -6.78 14.35 -0.14
CA ARG A 116 -5.62 13.49 0.07
C ARG A 116 -5.16 12.87 -1.25
N THR A 117 -4.01 13.32 -1.74
CA THR A 117 -3.46 12.81 -2.99
C THR A 117 -2.82 11.44 -2.79
N LEU A 118 -2.82 10.63 -3.85
CA LEU A 118 -2.23 9.30 -3.79
C LEU A 118 -0.91 9.32 -3.03
N LYS A 119 -0.07 10.31 -3.33
CA LYS A 119 1.22 10.44 -2.66
C LYS A 119 1.11 10.09 -1.19
N ASP A 120 0.24 10.81 -0.48
CA ASP A 120 0.04 10.57 0.95
C ASP A 120 -0.35 9.12 1.21
N VAL A 121 -1.02 8.51 0.26
CA VAL A 121 -1.45 7.12 0.38
C VAL A 121 -0.26 6.17 0.30
N VAL A 122 0.31 6.04 -0.88
CA VAL A 122 1.46 5.17 -1.10
C VAL A 122 2.46 5.30 0.04
N TRP A 123 2.68 6.53 0.50
CA TRP A 123 3.61 6.79 1.58
C TRP A 123 3.23 5.99 2.83
N GLY A 124 1.94 5.99 3.17
CA GLY A 124 1.48 5.27 4.33
C GLY A 124 1.76 3.79 4.24
N LEU A 125 1.68 3.24 3.03
CA LEU A 125 1.93 1.82 2.81
C LEU A 125 3.41 1.48 2.98
N ASN A 126 4.26 2.51 2.84
CA ASN A 126 5.70 2.33 2.98
C ASN A 126 6.11 2.34 4.45
N SER A 127 5.42 3.14 5.24
CA SER A 127 5.71 3.25 6.67
C SER A 127 5.07 2.10 7.44
N LEU A 128 4.23 1.35 6.76
CA LEU A 128 3.54 0.21 7.38
C LEU A 128 4.54 -0.77 7.97
N PHE A 129 5.82 -0.59 7.63
CA PHE A 129 6.88 -1.46 8.13
C PHE A 129 7.93 -0.65 8.89
N THR A 130 7.81 0.67 8.83
CA THR A 130 8.75 1.56 9.50
C THR A 130 8.32 1.82 10.93
N ASP A 131 7.30 2.65 11.10
CA ASP A 131 6.78 2.98 12.42
C ASP A 131 5.42 2.34 12.64
N LEU A 132 4.45 2.69 11.80
CA LEU A 132 3.11 2.15 11.92
C LEU A 132 3.13 0.74 12.50
N LEU A 133 4.10 -0.06 12.07
CA LEU A 133 4.24 -1.43 12.55
C LEU A 133 3.81 -1.53 14.01
N ASN A 134 2.55 -1.89 14.22
CA ASN A 134 2.01 -2.02 15.57
C ASN A 134 1.43 -3.42 15.78
N PHE A 135 1.71 -4.00 16.94
CA PHE A 135 1.21 -5.33 17.27
C PHE A 135 0.16 -5.27 18.38
N ASP A 136 -0.79 -4.36 18.23
CA ASP A 136 -1.85 -4.19 19.22
C ASP A 136 -3.20 -4.67 18.66
N ASP A 137 -3.52 -4.23 17.45
CA ASP A 137 -4.77 -4.61 16.81
C ASP A 137 -4.53 -5.07 15.37
N PRO A 138 -3.69 -6.09 15.20
CA PRO A 138 -3.35 -6.64 13.88
C PRO A 138 -4.54 -7.37 13.24
N LEU A 139 -4.32 -7.89 12.05
CA LEU A 139 -5.36 -8.62 11.33
C LEU A 139 -5.22 -10.12 11.52
N ASN A 140 -3.97 -10.59 11.57
CA ASN A 140 -3.70 -12.01 11.75
C ASN A 140 -2.97 -12.26 13.06
N ILE A 141 -3.69 -12.79 14.05
CA ILE A 141 -3.11 -13.07 15.36
C ILE A 141 -1.79 -13.82 15.22
N GLU A 142 -1.84 -14.96 14.53
CA GLU A 142 -0.64 -15.78 14.32
C GLU A 142 0.57 -14.90 14.04
N ALA A 143 0.47 -14.07 13.01
CA ALA A 143 1.56 -13.18 12.64
C ALA A 143 2.01 -12.33 13.82
N ALA A 144 1.06 -11.93 14.65
CA ALA A 144 1.36 -11.11 15.82
C ALA A 144 2.09 -11.93 16.87
N GLU A 145 1.55 -13.09 17.22
CA GLU A 145 2.15 -13.96 18.22
C GLU A 145 3.62 -14.23 17.89
N HIS A 146 3.90 -14.49 16.61
CA HIS A 146 5.27 -14.76 16.17
C HIS A 146 6.25 -13.80 16.83
N HIS A 147 5.75 -12.65 17.25
CA HIS A 147 6.58 -11.63 17.90
C HIS A 147 6.64 -11.86 19.41
N LEU A 148 5.49 -12.20 20.00
CA LEU A 148 5.41 -12.44 21.43
C LEU A 148 6.18 -13.71 21.81
N ARG A 149 6.04 -14.74 20.99
CA ARG A 149 6.73 -16.01 21.24
C ARG A 149 8.23 -15.86 21.08
N ASP A 150 8.64 -15.01 20.14
CA ASP A 150 10.05 -14.78 19.88
C ASP A 150 10.26 -13.43 19.19
N LYS A 151 11.02 -12.55 19.83
CA LYS A 151 11.30 -11.23 19.28
C LYS A 151 12.34 -11.32 18.17
N GLU A 152 13.22 -12.30 18.26
CA GLU A 152 14.26 -12.49 17.26
C GLU A 152 13.76 -13.39 16.12
N ASP A 153 13.39 -14.61 16.46
CA ASP A 153 12.91 -15.56 15.47
C ASP A 153 11.84 -14.93 14.59
N PHE A 154 11.25 -13.85 15.07
CA PHE A 154 10.21 -13.14 14.33
C PHE A 154 10.80 -12.44 13.10
N ARG A 155 11.97 -11.85 13.27
CA ARG A 155 12.63 -11.15 12.18
C ARG A 155 13.51 -12.11 11.37
N ASN A 156 13.91 -13.20 12.00
CA ASN A 156 14.75 -14.19 11.33
C ASN A 156 13.91 -15.09 10.42
N LYS A 157 12.86 -15.65 10.98
CA LYS A 157 11.96 -16.54 10.22
C LYS A 157 11.23 -15.77 9.13
N VAL A 158 10.70 -14.61 9.49
CA VAL A 158 9.97 -13.76 8.54
C VAL A 158 10.79 -13.53 7.29
N ASP A 159 12.10 -13.35 7.46
CA ASP A 159 13.00 -13.11 6.34
C ASP A 159 12.82 -14.18 5.27
N ASP A 160 12.59 -15.41 5.69
CA ASP A 160 12.40 -16.52 4.77
C ASP A 160 11.18 -16.29 3.88
N TYR A 161 10.10 -15.82 4.49
CA TYR A 161 8.86 -15.56 3.76
C TYR A 161 9.12 -14.65 2.57
N ILE A 162 10.25 -13.96 2.59
CA ILE A 162 10.63 -13.05 1.51
C ILE A 162 11.28 -13.80 0.36
N LYS A 163 12.53 -14.22 0.58
CA LYS A 163 13.27 -14.96 -0.44
C LYS A 163 12.41 -16.05 -1.06
N ARG A 164 11.47 -16.58 -0.28
CA ARG A 164 10.58 -17.63 -0.75
C ARG A 164 9.93 -17.23 -2.08
N TYR A 165 9.13 -16.17 -2.04
CA TYR A 165 8.44 -15.70 -3.23
C TYR A 165 8.72 -14.21 -3.46
N ALA A 166 9.87 -13.75 -3.00
CA ALA A 166 10.26 -12.36 -3.15
C ALA A 166 11.75 -12.17 -2.93
N ARG A 167 12.42 -11.57 -3.92
CA ARG A 167 13.86 -11.34 -3.83
C ARG A 167 14.20 -9.92 -4.30
N SER A 168 15.06 -9.25 -3.53
CA SER A 168 15.46 -7.89 -3.86
C SER A 168 16.76 -7.89 -4.67
N GLY A 169 16.99 -6.80 -5.41
CA GLY A 169 18.18 -6.71 -6.23
C GLY A 169 19.43 -6.50 -5.39
N PRO A 170 20.59 -6.43 -6.07
CA PRO A 170 21.88 -6.23 -5.40
C PRO A 170 22.03 -4.84 -4.80
N SER A 171 23.10 -4.63 -4.05
CA SER A 171 23.35 -3.34 -3.41
C SER A 171 24.79 -2.90 -3.63
N SER A 172 25.04 -1.61 -3.44
CA SER A 172 26.38 -1.06 -3.62
C SER A 172 27.29 -1.44 -2.45
N GLY A 173 28.39 -2.13 -2.77
CA GLY A 173 29.31 -2.56 -1.74
C GLY A 173 30.69 -1.95 -1.92
N GLY A 1 -19.34 3.52 7.72
CA GLY A 1 -20.46 3.28 6.83
C GLY A 1 -20.03 3.19 5.38
N SER A 2 -20.69 2.31 4.62
CA SER A 2 -20.37 2.11 3.22
C SER A 2 -21.62 2.22 2.35
N SER A 3 -21.61 3.18 1.43
CA SER A 3 -22.74 3.39 0.54
C SER A 3 -22.31 4.11 -0.74
N GLY A 4 -23.12 4.00 -1.77
CA GLY A 4 -22.81 4.63 -3.05
C GLY A 4 -23.63 4.08 -4.19
N SER A 5 -23.79 4.89 -5.24
CA SER A 5 -24.58 4.48 -6.40
C SER A 5 -23.83 4.80 -7.69
N SER A 6 -24.39 4.36 -8.82
CA SER A 6 -23.77 4.60 -10.11
C SER A 6 -24.79 4.43 -11.23
N GLY A 7 -24.59 5.18 -12.32
CA GLY A 7 -25.50 5.10 -13.45
C GLY A 7 -24.86 5.57 -14.75
N SER A 8 -25.26 4.96 -15.85
CA SER A 8 -24.71 5.31 -17.16
C SER A 8 -23.21 5.56 -17.07
N THR A 9 -22.52 4.70 -16.32
CA THR A 9 -21.07 4.83 -16.16
C THR A 9 -20.39 5.15 -17.49
N ARG A 10 -20.09 6.43 -17.70
CA ARG A 10 -19.44 6.87 -18.93
C ARG A 10 -17.93 6.73 -18.81
N ARG A 11 -17.23 6.97 -19.93
CA ARG A 11 -15.78 6.87 -19.95
C ARG A 11 -15.15 7.83 -18.94
N VAL A 12 -13.98 7.46 -18.43
CA VAL A 12 -13.28 8.27 -17.45
C VAL A 12 -13.39 9.75 -17.79
N SER A 13 -13.52 10.59 -16.76
CA SER A 13 -13.64 12.03 -16.96
C SER A 13 -12.71 12.78 -16.01
N VAL A 14 -13.06 12.79 -14.73
CA VAL A 14 -12.26 13.47 -13.72
C VAL A 14 -11.08 12.61 -13.27
N ARG A 15 -11.34 11.30 -13.14
CA ARG A 15 -10.30 10.37 -12.72
C ARG A 15 -9.03 10.56 -13.53
N ASP A 16 -9.15 10.43 -14.84
CA ASP A 16 -8.00 10.59 -15.74
C ASP A 16 -7.12 11.74 -15.28
N LYS A 17 -7.65 12.96 -15.34
CA LYS A 17 -6.90 14.14 -14.93
C LYS A 17 -6.52 14.05 -13.45
N LEU A 18 -7.37 13.41 -12.66
CA LEU A 18 -7.11 13.27 -11.23
C LEU A 18 -6.00 12.26 -10.98
N LEU A 19 -5.71 11.44 -11.98
CA LEU A 19 -4.67 10.43 -11.87
C LEU A 19 -3.32 10.98 -12.36
N VAL A 20 -3.22 11.21 -13.67
CA VAL A 20 -2.00 11.75 -14.26
C VAL A 20 -1.41 12.85 -13.40
N LYS A 21 -2.27 13.57 -12.70
CA LYS A 21 -1.82 14.66 -11.82
C LYS A 21 -1.05 14.11 -10.62
N GLU A 22 -1.55 13.03 -10.05
CA GLU A 22 -0.91 12.41 -8.90
C GLU A 22 0.22 11.48 -9.34
N VAL A 23 -0.04 10.70 -10.38
CA VAL A 23 0.96 9.77 -10.90
C VAL A 23 2.28 10.48 -11.20
N ALA A 24 2.19 11.68 -11.76
CA ALA A 24 3.36 12.46 -12.09
C ALA A 24 4.13 12.87 -10.83
N GLU A 25 3.52 13.75 -10.04
CA GLU A 25 4.15 14.23 -8.82
C GLU A 25 4.52 13.05 -7.92
N LEU A 26 3.78 11.95 -8.03
CA LEU A 26 4.03 10.77 -7.23
C LEU A 26 5.40 10.17 -7.56
N GLU A 27 5.75 10.17 -8.85
CA GLU A 27 7.03 9.63 -9.29
C GLU A 27 8.18 10.57 -8.93
N ALA A 28 7.82 11.75 -8.41
CA ALA A 28 8.82 12.73 -8.02
C ALA A 28 8.75 13.02 -6.52
N ASN A 29 7.72 12.51 -5.88
CA ASN A 29 7.54 12.70 -4.43
C ASN A 29 7.83 11.41 -3.67
N LEU A 30 7.50 10.28 -4.29
CA LEU A 30 7.72 8.98 -3.67
C LEU A 30 9.19 8.77 -3.35
N PRO A 31 9.47 8.20 -2.16
CA PRO A 31 10.83 7.94 -1.70
C PRO A 31 11.50 6.82 -2.51
N CYS A 32 12.83 6.88 -2.60
CA CYS A 32 13.58 5.88 -3.34
C CYS A 32 13.17 4.48 -2.92
N THR A 33 12.87 4.31 -1.64
CA THR A 33 12.47 3.01 -1.10
C THR A 33 11.37 2.38 -1.96
N CYS A 34 10.55 3.22 -2.57
CA CYS A 34 9.46 2.75 -3.42
C CYS A 34 9.77 3.01 -4.89
N LYS A 35 9.04 2.33 -5.77
CA LYS A 35 9.23 2.49 -7.21
C LYS A 35 7.96 2.14 -7.97
N VAL A 36 7.37 3.14 -8.62
CA VAL A 36 6.15 2.93 -9.39
C VAL A 36 6.46 2.64 -10.86
N HIS A 37 5.76 1.67 -11.42
CA HIS A 37 5.97 1.28 -12.81
C HIS A 37 4.63 1.08 -13.53
N PHE A 38 4.40 1.87 -14.57
CA PHE A 38 3.16 1.78 -15.33
C PHE A 38 3.32 0.81 -16.51
N PRO A 39 2.68 -0.37 -16.39
CA PRO A 39 2.73 -1.40 -17.41
C PRO A 39 1.95 -1.00 -18.67
N ASP A 40 0.97 -0.13 -18.50
CA ASP A 40 0.15 0.34 -19.61
C ASP A 40 -0.31 1.77 -19.39
N PRO A 41 0.03 2.66 -20.35
CA PRO A 41 -0.34 4.07 -20.28
C PRO A 41 -1.83 4.30 -20.47
N ASN A 42 -2.44 3.50 -21.33
CA ASN A 42 -3.87 3.60 -21.60
C ASN A 42 -4.66 3.74 -20.31
N LYS A 43 -4.23 3.02 -19.28
CA LYS A 43 -4.90 3.07 -17.98
C LYS A 43 -3.96 3.60 -16.91
N LEU A 44 -4.42 4.57 -16.14
CA LEU A 44 -3.62 5.16 -15.07
C LEU A 44 -4.15 4.75 -13.70
N HIS A 45 -5.48 4.66 -13.59
CA HIS A 45 -6.11 4.27 -12.33
C HIS A 45 -5.46 3.02 -11.75
N CYS A 46 -5.36 1.99 -12.57
CA CYS A 46 -4.75 0.73 -12.13
C CYS A 46 -3.26 0.70 -12.46
N PHE A 47 -2.43 0.75 -11.42
CA PHE A 47 -0.98 0.74 -11.59
C PHE A 47 -0.31 -0.10 -10.51
N GLN A 48 0.98 -0.37 -10.69
CA GLN A 48 1.73 -1.16 -9.72
C GLN A 48 2.63 -0.27 -8.88
N LEU A 49 2.58 -0.46 -7.57
CA LEU A 49 3.41 0.33 -6.64
C LEU A 49 4.38 -0.57 -5.90
N THR A 50 5.67 -0.26 -6.01
CA THR A 50 6.71 -1.04 -5.35
C THR A 50 7.19 -0.32 -4.09
N VAL A 51 7.28 -1.06 -2.99
CA VAL A 51 7.74 -0.51 -1.72
C VAL A 51 8.78 -1.40 -1.07
N THR A 52 10.00 -0.88 -0.93
CA THR A 52 11.08 -1.63 -0.32
C THR A 52 11.78 -0.82 0.78
N PRO A 53 11.37 -1.03 2.03
CA PRO A 53 11.94 -0.34 3.18
C PRO A 53 13.37 -0.76 3.47
N ASP A 54 14.28 0.21 3.48
CA ASP A 54 15.69 -0.06 3.74
C ASP A 54 15.97 -0.03 5.24
N GLU A 55 14.95 -0.31 6.04
CA GLU A 55 15.09 -0.31 7.49
C GLU A 55 14.31 -1.45 8.11
N GLY A 56 14.49 -1.66 9.41
CA GLY A 56 13.79 -2.71 10.11
C GLY A 56 14.21 -4.09 9.64
N TYR A 57 13.27 -5.03 9.62
CA TYR A 57 13.55 -6.40 9.20
C TYR A 57 13.48 -6.50 7.67
N TYR A 58 12.51 -5.82 7.08
CA TYR A 58 12.33 -5.85 5.64
C TYR A 58 13.27 -4.87 4.95
N GLN A 59 14.51 -4.79 5.45
CA GLN A 59 15.50 -3.90 4.89
C GLN A 59 15.73 -4.20 3.42
N GLY A 60 15.63 -5.47 3.05
CA GLY A 60 15.82 -5.87 1.67
C GLY A 60 14.70 -6.74 1.14
N GLY A 61 13.47 -6.40 1.54
CA GLY A 61 12.32 -7.18 1.09
C GLY A 61 11.42 -6.40 0.14
N LYS A 62 11.38 -6.82 -1.11
CA LYS A 62 10.56 -6.15 -2.12
C LYS A 62 9.10 -6.60 -2.01
N PHE A 63 8.19 -5.66 -2.24
CA PHE A 63 6.76 -5.95 -2.16
C PHE A 63 5.98 -5.08 -3.14
N GLN A 64 5.09 -5.70 -3.90
CA GLN A 64 4.27 -4.98 -4.87
C GLN A 64 2.88 -4.72 -4.33
N PHE A 65 2.31 -3.57 -4.67
CA PHE A 65 0.98 -3.19 -4.22
C PHE A 65 0.08 -2.84 -5.40
N GLU A 66 -1.11 -3.44 -5.43
CA GLU A 66 -2.06 -3.20 -6.51
C GLU A 66 -3.14 -2.22 -6.05
N THR A 67 -3.03 -0.98 -6.53
CA THR A 67 -3.99 0.06 -6.17
C THR A 67 -5.11 0.15 -7.21
N GLU A 68 -6.31 0.50 -6.76
CA GLU A 68 -7.45 0.63 -7.65
C GLU A 68 -8.24 1.90 -7.36
N VAL A 69 -8.38 2.75 -8.37
CA VAL A 69 -9.11 4.00 -8.22
C VAL A 69 -10.51 3.90 -8.82
N PRO A 70 -11.53 3.84 -7.95
CA PRO A 70 -12.92 3.73 -8.37
C PRO A 70 -13.43 5.02 -9.01
N ASP A 71 -14.47 4.91 -9.83
CA ASP A 71 -15.05 6.06 -10.50
C ASP A 71 -15.26 7.21 -9.52
N ALA A 72 -15.85 6.90 -8.38
CA ALA A 72 -16.12 7.91 -7.35
C ALA A 72 -14.91 8.83 -7.17
N TYR A 73 -13.72 8.24 -7.09
CA TYR A 73 -12.50 9.00 -6.92
C TYR A 73 -12.59 10.35 -7.63
N ASN A 74 -12.06 11.38 -6.99
CA ASN A 74 -11.44 11.24 -5.68
C ASN A 74 -12.48 11.29 -4.58
N MET A 75 -13.71 10.92 -4.91
CA MET A 75 -14.81 10.92 -3.94
C MET A 75 -14.59 9.84 -2.88
N VAL A 76 -14.06 8.69 -3.32
CA VAL A 76 -13.81 7.58 -2.40
C VAL A 76 -12.36 7.12 -2.49
N PRO A 77 -11.85 6.57 -1.39
CA PRO A 77 -10.47 6.07 -1.32
C PRO A 77 -10.25 4.82 -2.16
N PRO A 78 -9.10 4.75 -2.85
CA PRO A 78 -8.76 3.60 -3.70
C PRO A 78 -8.47 2.34 -2.90
N LYS A 79 -8.90 1.20 -3.42
CA LYS A 79 -8.69 -0.07 -2.74
C LYS A 79 -7.37 -0.71 -3.19
N VAL A 80 -6.37 -0.67 -2.33
CA VAL A 80 -5.06 -1.25 -2.63
C VAL A 80 -4.81 -2.51 -1.82
N LYS A 81 -4.40 -3.57 -2.50
CA LYS A 81 -4.12 -4.85 -1.85
C LYS A 81 -2.70 -5.31 -2.16
N CYS A 82 -2.01 -5.81 -1.13
CA CYS A 82 -0.65 -6.30 -1.29
C CYS A 82 -0.63 -7.61 -2.08
N LEU A 83 0.06 -7.60 -3.21
CA LEU A 83 0.16 -8.79 -4.06
C LEU A 83 1.15 -9.78 -3.48
N THR A 84 2.38 -9.34 -3.27
CA THR A 84 3.43 -10.19 -2.73
C THR A 84 3.05 -10.72 -1.36
N LYS A 85 3.77 -11.73 -0.89
CA LYS A 85 3.51 -12.33 0.41
C LYS A 85 4.45 -11.76 1.47
N ILE A 86 3.89 -11.43 2.64
CA ILE A 86 4.69 -10.87 3.73
C ILE A 86 4.16 -11.36 5.08
N TRP A 87 5.08 -11.55 6.02
CA TRP A 87 4.71 -12.01 7.36
C TRP A 87 4.26 -10.84 8.24
N HIS A 88 3.75 -9.80 7.60
CA HIS A 88 3.28 -8.62 8.31
C HIS A 88 1.96 -8.90 9.02
N PRO A 89 1.83 -8.39 10.26
CA PRO A 89 0.62 -8.58 11.06
C PRO A 89 -0.58 -7.82 10.51
N ASN A 90 -0.31 -6.79 9.70
CA ASN A 90 -1.36 -5.98 9.11
C ASN A 90 -1.62 -6.41 7.67
N ILE A 91 -0.55 -6.75 6.96
CA ILE A 91 -0.67 -7.17 5.56
C ILE A 91 -0.67 -8.70 5.45
N THR A 92 -1.84 -9.30 5.62
CA THR A 92 -1.98 -10.75 5.54
C THR A 92 -1.46 -11.28 4.21
N GLU A 93 -0.97 -12.51 4.21
CA GLU A 93 -0.43 -13.13 3.00
C GLU A 93 -1.35 -12.85 1.81
N THR A 94 -2.63 -13.14 1.97
CA THR A 94 -3.60 -12.92 0.91
C THR A 94 -3.42 -11.55 0.26
N GLY A 95 -3.49 -10.50 1.08
CA GLY A 95 -3.32 -9.15 0.56
C GLY A 95 -4.28 -8.17 1.21
N GLU A 96 -4.44 -8.26 2.53
CA GLU A 96 -5.33 -7.38 3.26
C GLU A 96 -4.54 -6.33 4.04
N ILE A 97 -4.73 -5.07 3.68
CA ILE A 97 -4.04 -3.98 4.35
C ILE A 97 -4.99 -3.17 5.23
N CYS A 98 -4.55 -2.86 6.44
CA CYS A 98 -5.36 -2.11 7.38
C CYS A 98 -4.86 -0.66 7.49
N LEU A 99 -5.45 0.23 6.71
CA LEU A 99 -5.06 1.63 6.73
C LEU A 99 -6.26 2.52 7.05
N SER A 100 -5.98 3.66 7.69
CA SER A 100 -7.03 4.60 8.07
C SER A 100 -7.28 5.62 6.95
N LEU A 101 -6.21 6.32 6.55
CA LEU A 101 -6.31 7.31 5.50
C LEU A 101 -7.06 6.76 4.29
N LEU A 102 -7.14 5.43 4.20
CA LEU A 102 -7.84 4.78 3.10
C LEU A 102 -9.26 4.39 3.51
N ARG A 103 -9.81 5.11 4.49
CA ARG A 103 -11.16 4.83 4.97
C ARG A 103 -12.12 5.94 4.58
N GLU A 104 -13.27 5.56 4.03
CA GLU A 104 -14.28 6.52 3.61
C GLU A 104 -14.30 7.73 4.54
N HIS A 105 -14.33 8.93 3.95
CA HIS A 105 -14.35 10.16 4.73
C HIS A 105 -15.16 9.98 6.01
N SER A 106 -14.47 9.96 7.14
CA SER A 106 -15.12 9.79 8.44
C SER A 106 -15.48 11.14 9.06
N ILE A 107 -16.07 12.02 8.25
CA ILE A 107 -16.46 13.35 8.71
C ILE A 107 -15.51 13.85 9.79
N ASP A 108 -14.22 13.54 9.63
CA ASP A 108 -13.21 13.97 10.60
C ASP A 108 -11.99 14.54 9.88
N GLY A 109 -11.29 13.69 9.14
CA GLY A 109 -10.11 14.13 8.42
C GLY A 109 -9.05 13.05 8.31
N THR A 110 -8.75 12.41 9.43
CA THR A 110 -7.76 11.34 9.46
C THR A 110 -8.01 10.32 8.36
N GLY A 111 -9.26 9.94 8.18
CA GLY A 111 -9.62 8.97 7.16
C GLY A 111 -9.27 9.45 5.77
N TRP A 112 -10.23 9.37 4.86
CA TRP A 112 -10.01 9.79 3.48
C TRP A 112 -10.79 11.07 3.17
N ALA A 113 -10.37 11.79 2.14
CA ALA A 113 -11.02 13.03 1.75
C ALA A 113 -10.71 13.37 0.30
N PRO A 114 -11.58 14.20 -0.32
CA PRO A 114 -11.42 14.62 -1.71
C PRO A 114 -10.24 15.57 -1.90
N THR A 115 -9.56 15.90 -0.80
CA THR A 115 -8.41 16.79 -0.84
C THR A 115 -7.10 16.01 -0.83
N ARG A 116 -7.14 14.82 -0.24
CA ARG A 116 -5.96 13.96 -0.16
C ARG A 116 -5.42 13.65 -1.55
N THR A 117 -4.32 12.90 -1.60
CA THR A 117 -3.71 12.53 -2.86
C THR A 117 -2.97 11.19 -2.75
N LEU A 118 -3.03 10.41 -3.82
CA LEU A 118 -2.37 9.11 -3.85
C LEU A 118 -0.97 9.19 -3.25
N LYS A 119 -0.32 10.34 -3.45
CA LYS A 119 1.03 10.54 -2.93
C LYS A 119 1.10 10.23 -1.44
N ASP A 120 0.07 10.65 -0.70
CA ASP A 120 0.00 10.41 0.73
C ASP A 120 -0.39 8.97 1.03
N VAL A 121 -1.10 8.35 0.10
CA VAL A 121 -1.55 6.98 0.26
C VAL A 121 -0.37 6.02 0.30
N VAL A 122 0.50 6.09 -0.70
CA VAL A 122 1.68 5.24 -0.77
C VAL A 122 2.62 5.50 0.40
N TRP A 123 2.64 6.75 0.88
CA TRP A 123 3.49 7.12 1.99
C TRP A 123 3.20 6.27 3.22
N GLY A 124 1.92 6.21 3.60
CA GLY A 124 1.54 5.41 4.75
C GLY A 124 1.87 3.94 4.59
N LEU A 125 1.46 3.36 3.46
CA LEU A 125 1.72 1.95 3.19
C LEU A 125 3.17 1.60 3.50
N ASN A 126 4.10 2.42 3.03
CA ASN A 126 5.52 2.20 3.26
C ASN A 126 5.89 2.49 4.71
N SER A 127 5.15 3.40 5.33
CA SER A 127 5.40 3.78 6.72
C SER A 127 4.99 2.64 7.67
N LEU A 128 4.09 1.77 7.19
CA LEU A 128 3.63 0.66 8.00
C LEU A 128 4.78 -0.27 8.37
N PHE A 129 5.94 -0.03 7.78
CA PHE A 129 7.13 -0.83 8.06
C PHE A 129 8.20 -0.01 8.77
N THR A 130 8.06 1.30 8.69
CA THR A 130 9.02 2.21 9.34
C THR A 130 8.60 2.51 10.77
N ASP A 131 7.59 3.37 10.91
CA ASP A 131 7.10 3.76 12.23
C ASP A 131 5.71 3.19 12.46
N LEU A 132 4.92 3.08 11.39
CA LEU A 132 3.57 2.55 11.48
C LEU A 132 3.58 1.04 11.59
N LEU A 133 4.47 0.51 12.42
CA LEU A 133 4.57 -0.93 12.62
C LEU A 133 4.20 -1.32 14.04
N ASN A 134 2.90 -1.25 14.35
CA ASN A 134 2.41 -1.59 15.68
C ASN A 134 2.09 -3.07 15.77
N PHE A 135 2.21 -3.63 16.97
CA PHE A 135 1.93 -5.04 17.19
C PHE A 135 1.00 -5.23 18.39
N ASP A 136 0.03 -4.35 18.52
CA ASP A 136 -0.93 -4.42 19.62
C ASP A 136 -2.23 -5.06 19.17
N ASP A 137 -2.95 -4.38 18.27
CA ASP A 137 -4.21 -4.90 17.76
C ASP A 137 -4.13 -5.13 16.26
N PRO A 138 -3.16 -5.95 15.83
CA PRO A 138 -2.96 -6.28 14.42
C PRO A 138 -4.08 -7.15 13.85
N LEU A 139 -3.96 -7.51 12.58
CA LEU A 139 -4.95 -8.34 11.93
C LEU A 139 -4.66 -9.82 12.13
N ASN A 140 -3.39 -10.20 11.97
CA ASN A 140 -2.98 -11.59 12.15
C ASN A 140 -2.47 -11.83 13.56
N ILE A 141 -2.87 -12.94 14.15
CA ILE A 141 -2.45 -13.29 15.50
C ILE A 141 -1.05 -13.87 15.51
N GLU A 142 -0.87 -15.00 14.82
CA GLU A 142 0.42 -15.66 14.75
C GLU A 142 1.53 -14.65 14.43
N ALA A 143 1.29 -13.83 13.40
CA ALA A 143 2.26 -12.82 12.99
C ALA A 143 2.78 -12.04 14.20
N ALA A 144 1.89 -11.75 15.14
CA ALA A 144 2.27 -11.01 16.34
C ALA A 144 2.88 -11.93 17.39
N GLU A 145 2.10 -12.93 17.81
CA GLU A 145 2.55 -13.88 18.82
C GLU A 145 3.98 -14.33 18.52
N HIS A 146 4.23 -14.72 17.28
CA HIS A 146 5.55 -15.17 16.87
C HIS A 146 6.64 -14.23 17.38
N HIS A 147 6.33 -12.94 17.40
CA HIS A 147 7.28 -11.93 17.88
C HIS A 147 7.45 -12.01 19.39
N LEU A 148 6.38 -12.39 20.08
CA LEU A 148 6.41 -12.51 21.53
C LEU A 148 7.13 -13.79 21.97
N ARG A 149 6.62 -14.93 21.50
CA ARG A 149 7.21 -16.22 21.84
C ARG A 149 8.67 -16.27 21.41
N ASP A 150 8.99 -15.62 20.30
CA ASP A 150 10.35 -15.58 19.79
C ASP A 150 10.62 -14.28 19.04
N LYS A 151 11.54 -13.48 19.59
CA LYS A 151 11.89 -12.20 18.98
C LYS A 151 12.74 -12.41 17.73
N GLU A 152 13.48 -13.51 17.70
CA GLU A 152 14.33 -13.82 16.57
C GLU A 152 13.52 -14.41 15.42
N ASP A 153 12.78 -15.48 15.71
CA ASP A 153 11.95 -16.12 14.69
C ASP A 153 11.23 -15.10 13.85
N PHE A 154 10.35 -14.32 14.48
CA PHE A 154 9.59 -13.29 13.78
C PHE A 154 10.43 -12.66 12.67
N ARG A 155 11.73 -12.59 12.89
CA ARG A 155 12.64 -12.01 11.90
C ARG A 155 13.14 -13.07 10.92
N ASN A 156 13.47 -14.24 11.44
CA ASN A 156 13.96 -15.33 10.61
C ASN A 156 12.88 -15.78 9.62
N LYS A 157 11.68 -16.04 10.14
CA LYS A 157 10.57 -16.48 9.31
C LYS A 157 10.25 -15.44 8.23
N VAL A 158 9.87 -14.24 8.67
CA VAL A 158 9.55 -13.16 7.75
C VAL A 158 10.59 -13.05 6.64
N ASP A 159 11.84 -13.33 6.99
CA ASP A 159 12.95 -13.25 6.04
C ASP A 159 12.71 -14.20 4.86
N ASP A 160 12.16 -15.38 5.16
CA ASP A 160 11.88 -16.38 4.14
C ASP A 160 10.84 -15.87 3.15
N TYR A 161 9.63 -15.65 3.63
CA TYR A 161 8.54 -15.18 2.80
C TYR A 161 9.05 -14.20 1.74
N ILE A 162 10.10 -13.46 2.10
CA ILE A 162 10.69 -12.48 1.19
C ILE A 162 11.31 -13.17 -0.02
N LYS A 163 12.45 -13.81 0.19
CA LYS A 163 13.15 -14.51 -0.88
C LYS A 163 12.22 -15.49 -1.59
N ARG A 164 11.19 -15.94 -0.87
CA ARG A 164 10.22 -16.88 -1.43
C ARG A 164 9.66 -16.36 -2.74
N TYR A 165 8.98 -15.22 -2.68
CA TYR A 165 8.39 -14.62 -3.87
C TYR A 165 8.81 -13.16 -4.01
N ALA A 166 9.96 -12.82 -3.45
CA ALA A 166 10.48 -11.47 -3.51
C ALA A 166 11.98 -11.43 -3.27
N ARG A 167 12.72 -10.86 -4.21
CA ARG A 167 14.17 -10.76 -4.10
C ARG A 167 14.66 -9.37 -4.48
N SER A 168 14.87 -8.53 -3.47
CA SER A 168 15.33 -7.17 -3.70
C SER A 168 16.47 -7.13 -4.72
N GLY A 169 16.43 -6.16 -5.61
CA GLY A 169 17.46 -6.04 -6.63
C GLY A 169 18.82 -5.73 -6.04
N PRO A 170 19.81 -5.48 -6.92
CA PRO A 170 21.18 -5.16 -6.50
C PRO A 170 21.28 -3.79 -5.86
N SER A 171 20.25 -2.97 -6.04
CA SER A 171 20.24 -1.62 -5.48
C SER A 171 20.86 -1.61 -4.09
N SER A 172 20.42 -2.54 -3.25
CA SER A 172 20.93 -2.63 -1.89
C SER A 172 22.24 -3.42 -1.84
N GLY A 173 23.31 -2.77 -1.42
CA GLY A 173 24.60 -3.43 -1.34
C GLY A 173 25.69 -2.67 -2.08
N GLY A 1 -22.71 23.96 6.38
CA GLY A 1 -21.62 23.43 7.17
C GLY A 1 -21.30 21.99 6.81
N SER A 2 -21.13 21.15 7.83
CA SER A 2 -20.81 19.74 7.62
C SER A 2 -22.09 18.91 7.54
N SER A 3 -22.43 18.48 6.33
CA SER A 3 -23.63 17.67 6.12
C SER A 3 -23.27 16.20 5.92
N GLY A 4 -23.17 15.46 7.02
CA GLY A 4 -22.83 14.06 6.95
C GLY A 4 -23.99 13.20 6.48
N SER A 5 -23.68 12.02 5.97
CA SER A 5 -24.71 11.11 5.48
C SER A 5 -25.47 11.73 4.30
N SER A 6 -24.72 12.36 3.39
CA SER A 6 -25.32 12.99 2.23
C SER A 6 -25.07 12.19 0.97
N GLY A 7 -23.79 11.81 0.77
CA GLY A 7 -23.44 11.03 -0.41
C GLY A 7 -22.86 11.90 -1.51
N SER A 8 -22.46 11.26 -2.61
CA SER A 8 -21.89 11.97 -3.75
C SER A 8 -22.07 11.19 -5.03
N THR A 9 -21.63 11.76 -6.15
CA THR A 9 -21.75 11.11 -7.45
C THR A 9 -20.38 10.76 -8.01
N ARG A 10 -20.33 9.69 -8.80
CA ARG A 10 -19.08 9.23 -9.40
C ARG A 10 -18.89 9.85 -10.79
N ARG A 11 -17.73 10.46 -11.00
CA ARG A 11 -17.42 11.09 -12.28
C ARG A 11 -15.96 10.88 -12.66
N VAL A 12 -15.70 10.65 -13.93
CA VAL A 12 -14.35 10.44 -14.42
C VAL A 12 -13.68 11.76 -14.77
N SER A 13 -14.47 12.75 -15.15
CA SER A 13 -13.96 14.06 -15.52
C SER A 13 -12.89 14.51 -14.53
N VAL A 14 -13.28 14.60 -13.25
CA VAL A 14 -12.35 15.03 -12.21
C VAL A 14 -11.34 13.93 -11.89
N ARG A 15 -11.73 12.69 -12.13
CA ARG A 15 -10.86 11.55 -11.87
C ARG A 15 -9.66 11.56 -12.82
N ASP A 16 -9.93 11.30 -14.10
CA ASP A 16 -8.89 11.27 -15.11
C ASP A 16 -7.84 12.35 -14.84
N LYS A 17 -8.30 13.56 -14.60
CA LYS A 17 -7.41 14.69 -14.32
C LYS A 17 -6.71 14.51 -12.98
N LEU A 18 -7.42 13.93 -12.02
CA LEU A 18 -6.88 13.69 -10.69
C LEU A 18 -5.84 12.57 -10.72
N LEU A 19 -5.77 11.86 -11.84
CA LEU A 19 -4.81 10.77 -12.00
C LEU A 19 -3.52 11.27 -12.64
N VAL A 20 -3.64 11.77 -13.87
CA VAL A 20 -2.48 12.28 -14.59
C VAL A 20 -1.72 13.30 -13.76
N LYS A 21 -2.46 14.21 -13.12
CA LYS A 21 -1.86 15.24 -12.29
C LYS A 21 -1.14 14.64 -11.10
N GLU A 22 -1.83 13.78 -10.37
CA GLU A 22 -1.25 13.13 -9.19
C GLU A 22 -0.14 12.16 -9.60
N VAL A 23 -0.52 11.12 -10.33
CA VAL A 23 0.45 10.12 -10.80
C VAL A 23 1.79 10.76 -11.13
N ALA A 24 1.74 11.93 -11.76
CA ALA A 24 2.94 12.66 -12.14
C ALA A 24 3.77 13.00 -10.91
N GLU A 25 3.24 13.90 -10.08
CA GLU A 25 3.94 14.32 -8.86
C GLU A 25 4.31 13.11 -8.00
N LEU A 26 3.48 12.08 -8.05
CA LEU A 26 3.72 10.87 -7.28
C LEU A 26 5.03 10.21 -7.70
N GLU A 27 5.29 10.19 -9.00
CA GLU A 27 6.52 9.58 -9.53
C GLU A 27 7.73 10.44 -9.18
N ALA A 28 7.49 11.58 -8.54
CA ALA A 28 8.57 12.48 -8.16
C ALA A 28 8.54 12.74 -6.65
N ASN A 29 7.51 12.24 -5.98
CA ASN A 29 7.38 12.43 -4.54
C ASN A 29 7.66 11.13 -3.80
N LEU A 30 7.30 10.00 -4.42
CA LEU A 30 7.52 8.70 -3.81
C LEU A 30 8.98 8.52 -3.41
N PRO A 31 9.19 7.95 -2.21
CA PRO A 31 10.54 7.71 -1.68
C PRO A 31 11.27 6.61 -2.44
N CYS A 32 12.60 6.68 -2.45
CA CYS A 32 13.41 5.69 -3.14
C CYS A 32 12.99 4.27 -2.76
N THR A 33 12.69 4.07 -1.47
CA THR A 33 12.27 2.77 -0.98
C THR A 33 11.16 2.19 -1.84
N CYS A 34 10.37 3.07 -2.44
CA CYS A 34 9.26 2.64 -3.28
C CYS A 34 9.56 2.90 -4.75
N LYS A 35 8.80 2.27 -5.63
CA LYS A 35 8.99 2.43 -7.08
C LYS A 35 7.71 2.11 -7.83
N VAL A 36 7.16 3.13 -8.49
CA VAL A 36 5.93 2.96 -9.27
C VAL A 36 6.22 2.81 -10.75
N HIS A 37 5.54 1.87 -11.39
CA HIS A 37 5.73 1.62 -12.81
C HIS A 37 4.41 1.23 -13.48
N PHE A 38 3.97 2.04 -14.43
CA PHE A 38 2.71 1.78 -15.14
C PHE A 38 2.96 0.87 -16.34
N PRO A 39 2.32 -0.32 -16.32
CA PRO A 39 2.44 -1.31 -17.40
C PRO A 39 1.77 -0.85 -18.69
N ASP A 40 0.76 0.01 -18.55
CA ASP A 40 0.04 0.52 -19.70
C ASP A 40 -0.45 1.94 -19.45
N PRO A 41 -0.11 2.85 -20.37
CA PRO A 41 -0.49 4.27 -20.27
C PRO A 41 -1.99 4.48 -20.48
N ASN A 42 -2.56 3.71 -21.40
CA ASN A 42 -3.99 3.81 -21.68
C ASN A 42 -4.80 3.90 -20.39
N LYS A 43 -4.42 3.12 -19.40
CA LYS A 43 -5.11 3.10 -18.11
C LYS A 43 -4.22 3.69 -17.02
N LEU A 44 -4.71 4.74 -16.37
CA LEU A 44 -3.97 5.40 -15.30
C LEU A 44 -4.38 4.84 -13.94
N HIS A 45 -5.67 4.90 -13.65
CA HIS A 45 -6.19 4.40 -12.38
C HIS A 45 -5.44 3.14 -11.94
N CYS A 46 -5.37 2.16 -12.83
CA CYS A 46 -4.67 0.91 -12.53
C CYS A 46 -3.18 1.03 -12.84
N PHE A 47 -2.36 0.86 -11.81
CA PHE A 47 -0.91 0.94 -11.97
C PHE A 47 -0.20 -0.04 -11.03
N GLN A 48 1.10 -0.20 -11.23
CA GLN A 48 1.88 -1.12 -10.42
C GLN A 48 2.74 -0.35 -9.42
N LEU A 49 2.56 -0.66 -8.14
CA LEU A 49 3.32 0.00 -7.08
C LEU A 49 4.28 -0.96 -6.41
N THR A 50 5.57 -0.77 -6.64
CA THR A 50 6.60 -1.63 -6.06
C THR A 50 7.20 -1.00 -4.81
N VAL A 51 6.74 -1.44 -3.65
CA VAL A 51 7.24 -0.91 -2.38
C VAL A 51 8.21 -1.90 -1.72
N THR A 52 9.42 -1.43 -1.44
CA THR A 52 10.43 -2.26 -0.82
C THR A 52 11.32 -1.44 0.11
N PRO A 53 11.15 -1.64 1.42
CA PRO A 53 11.93 -0.94 2.44
C PRO A 53 13.39 -1.37 2.46
N ASP A 54 14.29 -0.39 2.46
CA ASP A 54 15.72 -0.67 2.49
C ASP A 54 16.21 -0.89 3.91
N GLU A 55 15.28 -0.92 4.86
CA GLU A 55 15.62 -1.12 6.26
C GLU A 55 14.55 -1.95 6.97
N GLY A 56 14.75 -2.19 8.25
CA GLY A 56 13.79 -2.97 9.02
C GLY A 56 13.97 -4.46 8.80
N TYR A 57 12.86 -5.20 8.86
CA TYR A 57 12.89 -6.64 8.67
C TYR A 57 12.87 -7.00 7.19
N TYR A 58 12.09 -6.25 6.43
CA TYR A 58 11.97 -6.49 4.99
C TYR A 58 12.99 -5.66 4.21
N GLN A 59 14.08 -5.29 4.89
CA GLN A 59 15.12 -4.50 4.27
C GLN A 59 15.38 -4.96 2.83
N GLY A 60 15.25 -6.26 2.61
CA GLY A 60 15.47 -6.82 1.29
C GLY A 60 14.32 -7.69 0.82
N GLY A 61 13.13 -7.13 0.80
CA GLY A 61 11.96 -7.89 0.38
C GLY A 61 11.13 -7.16 -0.67
N LYS A 62 11.18 -7.65 -1.91
CA LYS A 62 10.44 -7.04 -3.00
C LYS A 62 8.95 -7.37 -2.90
N PHE A 63 8.12 -6.34 -2.83
CA PHE A 63 6.68 -6.52 -2.73
C PHE A 63 5.95 -5.70 -3.80
N GLN A 64 4.92 -6.29 -4.39
CA GLN A 64 4.15 -5.62 -5.42
C GLN A 64 2.75 -5.27 -4.91
N PHE A 65 2.33 -4.03 -5.15
CA PHE A 65 1.01 -3.57 -4.71
C PHE A 65 0.19 -3.06 -5.89
N GLU A 66 -0.98 -3.65 -6.10
CA GLU A 66 -1.84 -3.26 -7.19
C GLU A 66 -2.96 -2.32 -6.70
N THR A 67 -2.79 -1.03 -6.97
CA THR A 67 -3.78 -0.05 -6.55
C THR A 67 -4.82 0.20 -7.64
N GLU A 68 -6.04 0.51 -7.23
CA GLU A 68 -7.13 0.76 -8.17
C GLU A 68 -7.89 2.02 -7.79
N VAL A 69 -7.77 3.06 -8.61
CA VAL A 69 -8.45 4.32 -8.37
C VAL A 69 -9.80 4.37 -9.08
N PRO A 70 -10.88 4.26 -8.31
CA PRO A 70 -12.24 4.28 -8.85
C PRO A 70 -12.64 5.66 -9.36
N ASP A 71 -13.68 5.70 -10.18
CA ASP A 71 -14.15 6.97 -10.75
C ASP A 71 -14.39 8.00 -9.65
N ALA A 72 -15.10 7.58 -8.61
CA ALA A 72 -15.39 8.47 -7.49
C ALA A 72 -14.18 9.31 -7.11
N TYR A 73 -13.03 8.66 -7.02
CA TYR A 73 -11.79 9.36 -6.66
C TYR A 73 -11.80 10.78 -7.19
N ASN A 74 -11.30 11.71 -6.39
CA ASN A 74 -10.79 11.38 -5.06
C ASN A 74 -11.93 11.25 -4.06
N MET A 75 -13.14 11.11 -4.57
CA MET A 75 -14.33 10.98 -3.72
C MET A 75 -14.18 9.77 -2.78
N VAL A 76 -13.69 8.67 -3.32
CA VAL A 76 -13.51 7.45 -2.54
C VAL A 76 -12.05 6.99 -2.58
N PRO A 77 -11.62 6.30 -1.51
CA PRO A 77 -10.25 5.79 -1.40
C PRO A 77 -9.99 4.64 -2.36
N PRO A 78 -8.78 4.62 -2.93
CA PRO A 78 -8.36 3.57 -3.88
C PRO A 78 -8.19 2.22 -3.20
N LYS A 79 -8.59 1.16 -3.90
CA LYS A 79 -8.48 -0.19 -3.37
C LYS A 79 -7.20 -0.86 -3.85
N VAL A 80 -6.26 -1.06 -2.94
CA VAL A 80 -4.99 -1.70 -3.27
C VAL A 80 -4.83 -3.03 -2.55
N LYS A 81 -4.33 -4.03 -3.27
CA LYS A 81 -4.13 -5.36 -2.70
C LYS A 81 -2.66 -5.78 -2.81
N CYS A 82 -2.22 -6.62 -1.88
CA CYS A 82 -0.84 -7.09 -1.87
C CYS A 82 -0.71 -8.36 -2.71
N LEU A 83 -0.12 -8.20 -3.90
CA LEU A 83 0.07 -9.33 -4.80
C LEU A 83 0.98 -10.39 -4.17
N THR A 84 2.18 -9.95 -3.75
CA THR A 84 3.13 -10.85 -3.14
C THR A 84 2.68 -11.28 -1.74
N LYS A 85 3.36 -12.27 -1.18
CA LYS A 85 3.03 -12.77 0.15
C LYS A 85 4.05 -12.29 1.18
N ILE A 86 3.55 -11.86 2.34
CA ILE A 86 4.42 -11.38 3.41
C ILE A 86 3.89 -11.81 4.77
N TRP A 87 4.81 -12.03 5.71
CA TRP A 87 4.44 -12.44 7.06
C TRP A 87 4.10 -11.23 7.92
N HIS A 88 3.55 -10.20 7.29
CA HIS A 88 3.18 -8.98 8.00
C HIS A 88 1.83 -9.14 8.68
N PRO A 89 1.72 -8.61 9.91
CA PRO A 89 0.48 -8.70 10.70
C PRO A 89 -0.63 -7.83 10.13
N ASN A 90 -0.27 -6.65 9.64
CA ASN A 90 -1.24 -5.73 9.07
C ASN A 90 -1.56 -6.12 7.62
N ILE A 91 -0.71 -6.94 7.03
CA ILE A 91 -0.90 -7.39 5.66
C ILE A 91 -0.89 -8.90 5.57
N THR A 92 -2.08 -9.50 5.71
CA THR A 92 -2.21 -10.96 5.65
C THR A 92 -1.53 -11.52 4.40
N GLU A 93 -1.31 -12.83 4.39
CA GLU A 93 -0.67 -13.48 3.26
C GLU A 93 -1.50 -13.32 1.99
N THR A 94 -2.77 -13.71 2.06
CA THR A 94 -3.67 -13.61 0.92
C THR A 94 -3.42 -12.32 0.14
N GLY A 95 -3.44 -11.19 0.84
CA GLY A 95 -3.21 -9.92 0.19
C GLY A 95 -4.20 -8.85 0.64
N GLU A 96 -4.51 -8.85 1.93
CA GLU A 96 -5.46 -7.89 2.49
C GLU A 96 -4.72 -6.78 3.25
N ILE A 97 -5.05 -5.54 2.94
CA ILE A 97 -4.42 -4.39 3.60
C ILE A 97 -5.39 -3.73 4.58
N CYS A 98 -4.84 -3.16 5.65
CA CYS A 98 -5.65 -2.49 6.66
C CYS A 98 -5.11 -1.09 6.93
N LEU A 99 -5.42 -0.16 6.03
CA LEU A 99 -4.97 1.23 6.17
C LEU A 99 -6.13 2.13 6.60
N SER A 100 -6.03 2.67 7.82
CA SER A 100 -7.07 3.56 8.33
C SER A 100 -7.41 4.65 7.32
N LEU A 101 -6.38 5.32 6.81
CA LEU A 101 -6.57 6.39 5.84
C LEU A 101 -7.24 5.86 4.58
N LEU A 102 -7.08 4.57 4.31
CA LEU A 102 -7.68 3.94 3.14
C LEU A 102 -9.03 3.33 3.48
N ARG A 103 -9.71 3.91 4.47
CA ARG A 103 -11.01 3.42 4.89
C ARG A 103 -12.13 4.32 4.34
N GLU A 104 -13.09 3.71 3.66
CA GLU A 104 -14.22 4.45 3.09
C GLU A 104 -15.05 5.08 4.19
N HIS A 105 -15.76 4.26 4.94
CA HIS A 105 -16.62 4.74 6.02
C HIS A 105 -15.78 5.37 7.13
N SER A 106 -15.30 6.59 6.89
CA SER A 106 -14.48 7.29 7.86
C SER A 106 -14.94 8.74 8.00
N ILE A 107 -15.94 8.96 8.85
CA ILE A 107 -16.47 10.29 9.08
C ILE A 107 -15.73 10.99 10.22
N ASP A 108 -14.56 11.56 9.89
CA ASP A 108 -13.76 12.26 10.89
C ASP A 108 -13.09 11.28 11.85
N GLY A 109 -12.43 10.27 11.28
CA GLY A 109 -11.76 9.27 12.10
C GLY A 109 -10.45 8.81 11.50
N THR A 110 -9.53 9.75 11.30
CA THR A 110 -8.23 9.43 10.72
C THR A 110 -8.37 8.45 9.56
N GLY A 111 -9.34 8.69 8.69
CA GLY A 111 -9.57 7.82 7.56
C GLY A 111 -9.28 8.51 6.23
N TRP A 112 -10.01 8.13 5.20
CA TRP A 112 -9.82 8.70 3.87
C TRP A 112 -10.49 10.07 3.77
N ALA A 113 -10.10 10.85 2.77
CA ALA A 113 -10.66 12.18 2.57
C ALA A 113 -10.22 12.76 1.23
N PRO A 114 -11.06 13.67 0.67
CA PRO A 114 -10.78 14.32 -0.60
C PRO A 114 -9.62 15.31 -0.51
N THR A 115 -9.07 15.45 0.69
CA THR A 115 -7.96 16.36 0.92
C THR A 115 -6.63 15.71 0.56
N ARG A 116 -6.48 14.43 0.89
CA ARG A 116 -5.26 13.70 0.60
C ARG A 116 -5.26 13.19 -0.84
N THR A 117 -4.24 12.43 -1.19
CA THR A 117 -4.12 11.88 -2.54
C THR A 117 -3.35 10.57 -2.54
N LEU A 118 -3.30 9.92 -3.70
CA LEU A 118 -2.59 8.65 -3.83
C LEU A 118 -1.17 8.76 -3.29
N LYS A 119 -0.67 9.98 -3.17
CA LYS A 119 0.67 10.22 -2.66
C LYS A 119 0.78 9.82 -1.19
N ASP A 120 -0.21 10.20 -0.40
CA ASP A 120 -0.23 9.87 1.02
C ASP A 120 -0.59 8.40 1.23
N VAL A 121 -1.12 7.77 0.19
CA VAL A 121 -1.50 6.36 0.27
C VAL A 121 -0.28 5.45 0.20
N VAL A 122 0.51 5.62 -0.86
CA VAL A 122 1.71 4.81 -1.05
C VAL A 122 2.71 5.06 0.08
N TRP A 123 2.67 6.26 0.65
CA TRP A 123 3.58 6.61 1.73
C TRP A 123 3.34 5.73 2.95
N GLY A 124 2.08 5.51 3.28
CA GLY A 124 1.73 4.69 4.43
C GLY A 124 1.99 3.22 4.18
N LEU A 125 1.51 2.72 3.04
CA LEU A 125 1.68 1.32 2.69
C LEU A 125 3.13 0.89 2.88
N ASN A 126 4.05 1.81 2.63
CA ASN A 126 5.48 1.53 2.77
C ASN A 126 5.96 1.82 4.18
N SER A 127 5.20 2.65 4.90
CA SER A 127 5.55 3.01 6.27
C SER A 127 5.17 1.90 7.24
N LEU A 128 4.42 0.93 6.74
CA LEU A 128 3.98 -0.20 7.57
C LEU A 128 5.16 -1.10 7.93
N PHE A 129 6.31 -0.81 7.34
CA PHE A 129 7.51 -1.59 7.61
C PHE A 129 8.59 -0.74 8.27
N THR A 130 8.19 0.42 8.78
CA THR A 130 9.11 1.33 9.43
C THR A 130 8.53 1.87 10.74
N ASP A 131 7.40 2.55 10.65
CA ASP A 131 6.74 3.11 11.81
C ASP A 131 5.33 2.54 11.97
N LEU A 132 4.63 2.38 10.86
CA LEU A 132 3.28 1.85 10.86
C LEU A 132 3.29 0.33 11.02
N LEU A 133 4.12 -0.15 11.94
CA LEU A 133 4.23 -1.59 12.20
C LEU A 133 3.90 -1.90 13.65
N ASN A 134 2.62 -1.82 13.99
CA ASN A 134 2.18 -2.11 15.35
C ASN A 134 1.75 -3.56 15.50
N PHE A 135 1.59 -4.01 16.74
CA PHE A 135 1.19 -5.39 17.01
C PHE A 135 0.09 -5.43 18.05
N ASP A 136 -0.69 -4.35 18.13
CA ASP A 136 -1.79 -4.25 19.09
C ASP A 136 -3.09 -4.71 18.45
N ASP A 137 -3.46 -4.08 17.34
CA ASP A 137 -4.69 -4.41 16.63
C ASP A 137 -4.39 -4.92 15.23
N PRO A 138 -3.49 -5.91 15.14
CA PRO A 138 -3.09 -6.51 13.86
C PRO A 138 -4.21 -7.33 13.22
N LEU A 139 -3.95 -7.85 12.03
CA LEU A 139 -4.95 -8.65 11.32
C LEU A 139 -4.66 -10.14 11.50
N ASN A 140 -3.39 -10.50 11.46
CA ASN A 140 -2.98 -11.90 11.63
C ASN A 140 -2.40 -12.13 13.02
N ILE A 141 -3.19 -12.77 13.89
CA ILE A 141 -2.75 -13.05 15.25
C ILE A 141 -1.36 -13.68 15.26
N GLU A 142 -1.22 -14.83 14.61
CA GLU A 142 0.05 -15.53 14.54
C GLU A 142 1.21 -14.53 14.45
N ALA A 143 1.27 -13.80 13.34
CA ALA A 143 2.31 -12.81 13.13
C ALA A 143 2.57 -12.01 14.40
N ALA A 144 1.51 -11.70 15.12
CA ALA A 144 1.62 -10.93 16.36
C ALA A 144 2.21 -11.78 17.49
N GLU A 145 1.62 -12.97 17.68
CA GLU A 145 2.08 -13.87 18.73
C GLU A 145 3.56 -14.18 18.57
N HIS A 146 4.01 -14.28 17.33
CA HIS A 146 5.40 -14.57 17.03
C HIS A 146 6.31 -13.43 17.50
N HIS A 147 5.79 -12.21 17.44
CA HIS A 147 6.55 -11.03 17.86
C HIS A 147 6.70 -11.00 19.37
N LEU A 148 5.62 -11.33 20.08
CA LEU A 148 5.63 -11.33 21.53
C LEU A 148 6.56 -12.41 22.07
N ARG A 149 6.25 -13.67 21.74
CA ARG A 149 7.07 -14.79 22.19
C ARG A 149 8.55 -14.54 21.91
N ASP A 150 8.83 -13.82 20.84
CA ASP A 150 10.21 -13.50 20.46
C ASP A 150 10.26 -12.31 19.52
N LYS A 151 11.00 -11.28 19.91
CA LYS A 151 11.13 -10.08 19.10
C LYS A 151 12.18 -10.27 18.01
N GLU A 152 13.14 -11.16 18.26
CA GLU A 152 14.20 -11.43 17.30
C GLU A 152 13.75 -12.46 16.28
N ASP A 153 13.41 -13.66 16.75
CA ASP A 153 12.96 -14.73 15.87
C ASP A 153 11.89 -14.23 14.92
N PHE A 154 11.19 -13.17 15.32
CA PHE A 154 10.12 -12.60 14.49
C PHE A 154 10.69 -12.01 13.20
N ARG A 155 11.71 -11.16 13.34
CA ARG A 155 12.34 -10.54 12.18
C ARG A 155 13.24 -11.52 11.45
N ASN A 156 13.70 -12.54 12.17
CA ASN A 156 14.57 -13.56 11.59
C ASN A 156 13.79 -14.47 10.66
N LYS A 157 12.59 -14.86 11.09
CA LYS A 157 11.75 -15.75 10.29
C LYS A 157 11.21 -15.02 9.06
N VAL A 158 10.73 -13.80 9.27
CA VAL A 158 10.19 -13.00 8.17
C VAL A 158 11.09 -13.07 6.94
N ASP A 159 12.39 -12.91 7.15
CA ASP A 159 13.36 -12.95 6.06
C ASP A 159 13.10 -14.17 5.17
N ASP A 160 12.86 -15.32 5.79
CA ASP A 160 12.59 -16.54 5.05
C ASP A 160 11.38 -16.40 4.15
N TYR A 161 10.26 -15.98 4.74
CA TYR A 161 9.02 -15.80 4.00
C TYR A 161 9.27 -15.01 2.71
N ILE A 162 10.35 -14.24 2.70
CA ILE A 162 10.71 -13.44 1.54
C ILE A 162 11.50 -14.25 0.52
N LYS A 163 12.71 -14.65 0.91
CA LYS A 163 13.57 -15.44 0.04
C LYS A 163 12.86 -16.71 -0.42
N ARG A 164 11.75 -17.04 0.23
CA ARG A 164 10.97 -18.23 -0.10
C ARG A 164 9.90 -17.91 -1.14
N TYR A 165 9.46 -16.66 -1.16
CA TYR A 165 8.44 -16.22 -2.10
C TYR A 165 8.99 -15.15 -3.04
N ALA A 166 9.53 -14.08 -2.47
CA ALA A 166 10.10 -12.99 -3.26
C ALA A 166 11.60 -12.88 -3.04
N ARG A 167 12.35 -12.92 -4.14
CA ARG A 167 13.81 -12.82 -4.06
C ARG A 167 14.29 -11.50 -4.65
N SER A 168 14.24 -10.44 -3.83
CA SER A 168 14.68 -9.12 -4.27
C SER A 168 15.88 -9.23 -5.20
N GLY A 169 15.61 -9.21 -6.51
CA GLY A 169 16.68 -9.30 -7.49
C GLY A 169 17.63 -10.45 -7.20
N PRO A 170 18.72 -10.52 -7.98
CA PRO A 170 19.74 -11.57 -7.83
C PRO A 170 20.54 -11.41 -6.54
N SER A 171 20.82 -10.17 -6.17
CA SER A 171 21.59 -9.89 -4.97
C SER A 171 20.70 -9.95 -3.73
N SER A 172 21.33 -10.16 -2.58
CA SER A 172 20.59 -10.24 -1.32
C SER A 172 21.02 -9.13 -0.36
N GLY A 173 20.05 -8.56 0.34
CA GLY A 173 20.35 -7.49 1.28
C GLY A 173 20.73 -6.20 0.60
N GLY A 1 -27.22 17.57 -28.26
CA GLY A 1 -26.51 18.25 -27.20
C GLY A 1 -26.18 17.34 -26.04
N SER A 2 -25.82 17.93 -24.90
CA SER A 2 -25.47 17.16 -23.72
C SER A 2 -26.53 16.10 -23.42
N SER A 3 -26.10 14.84 -23.39
CA SER A 3 -27.01 13.73 -23.14
C SER A 3 -27.55 13.80 -21.71
N GLY A 4 -28.57 13.00 -21.44
CA GLY A 4 -29.17 12.97 -20.11
C GLY A 4 -30.21 11.88 -19.96
N SER A 5 -29.84 10.80 -19.29
CA SER A 5 -30.73 9.67 -19.09
C SER A 5 -30.14 8.67 -18.10
N SER A 6 -31.01 8.07 -17.28
CA SER A 6 -30.57 7.10 -16.29
C SER A 6 -29.81 5.95 -16.96
N GLY A 7 -28.67 5.58 -16.37
CA GLY A 7 -27.87 4.50 -16.92
C GLY A 7 -26.62 5.00 -17.61
N SER A 8 -26.78 6.02 -18.45
CA SER A 8 -25.65 6.60 -19.18
C SER A 8 -24.43 6.71 -18.29
N THR A 9 -23.27 6.31 -18.82
CA THR A 9 -22.03 6.36 -18.07
C THR A 9 -21.27 7.67 -18.32
N ARG A 10 -21.30 8.56 -17.34
CA ARG A 10 -20.62 9.84 -17.46
C ARG A 10 -19.12 9.66 -17.59
N ARG A 11 -18.65 9.57 -18.85
CA ARG A 11 -17.23 9.39 -19.11
C ARG A 11 -16.39 10.13 -18.08
N VAL A 12 -15.25 9.54 -17.72
CA VAL A 12 -14.35 10.13 -16.75
C VAL A 12 -14.37 11.67 -16.84
N SER A 13 -14.22 12.32 -15.70
CA SER A 13 -14.22 13.78 -15.66
C SER A 13 -13.09 14.31 -14.78
N VAL A 14 -13.26 14.17 -13.46
CA VAL A 14 -12.25 14.63 -12.52
C VAL A 14 -11.20 13.56 -12.29
N ARG A 15 -11.63 12.31 -12.19
CA ARG A 15 -10.73 11.19 -11.97
C ARG A 15 -9.54 11.26 -12.93
N ASP A 16 -9.83 11.52 -14.20
CA ASP A 16 -8.79 11.61 -15.22
C ASP A 16 -7.69 12.57 -14.78
N LYS A 17 -8.05 13.85 -14.63
CA LYS A 17 -7.09 14.86 -14.22
C LYS A 17 -6.53 14.56 -12.83
N LEU A 18 -7.34 13.91 -12.00
CA LEU A 18 -6.94 13.56 -10.65
C LEU A 18 -5.82 12.52 -10.67
N LEU A 19 -5.82 11.68 -11.69
CA LEU A 19 -4.80 10.64 -11.82
C LEU A 19 -3.51 11.22 -12.40
N VAL A 20 -3.60 11.79 -13.59
CA VAL A 20 -2.45 12.38 -14.26
C VAL A 20 -1.74 13.37 -13.35
N LYS A 21 -2.52 14.26 -12.74
CA LYS A 21 -1.97 15.27 -11.83
C LYS A 21 -1.27 14.61 -10.64
N GLU A 22 -1.96 13.67 -10.02
CA GLU A 22 -1.41 12.96 -8.87
C GLU A 22 -0.28 12.02 -9.29
N VAL A 23 -0.64 10.97 -10.03
CA VAL A 23 0.34 10.01 -10.50
C VAL A 23 1.67 10.67 -10.84
N ALA A 24 1.59 11.79 -11.56
CA ALA A 24 2.79 12.53 -11.94
C ALA A 24 3.66 12.83 -10.72
N GLU A 25 3.15 13.68 -9.84
CA GLU A 25 3.89 14.06 -8.64
C GLU A 25 4.22 12.83 -7.79
N LEU A 26 3.35 11.82 -7.86
CA LEU A 26 3.55 10.60 -7.11
C LEU A 26 4.80 9.86 -7.58
N GLU A 27 4.93 9.69 -8.88
CA GLU A 27 6.08 9.01 -9.45
C GLU A 27 7.34 9.87 -9.35
N ALA A 28 7.15 11.11 -8.90
CA ALA A 28 8.27 12.03 -8.75
C ALA A 28 8.50 12.37 -7.28
N ASN A 29 7.53 12.05 -6.44
CA ASN A 29 7.64 12.32 -5.01
C ASN A 29 8.01 11.05 -4.24
N LEU A 30 7.52 9.91 -4.72
CA LEU A 30 7.81 8.63 -4.08
C LEU A 30 9.31 8.42 -3.94
N PRO A 31 9.74 7.93 -2.76
CA PRO A 31 11.14 7.68 -2.47
C PRO A 31 11.69 6.49 -3.26
N CYS A 32 13.00 6.50 -3.51
CA CYS A 32 13.64 5.43 -4.26
C CYS A 32 13.24 4.07 -3.71
N THR A 33 13.11 3.99 -2.39
CA THR A 33 12.73 2.74 -1.73
C THR A 33 11.51 2.11 -2.38
N CYS A 34 10.62 2.96 -2.88
CA CYS A 34 9.40 2.50 -3.54
C CYS A 34 9.47 2.72 -5.05
N LYS A 35 8.51 2.17 -5.77
CA LYS A 35 8.47 2.31 -7.22
C LYS A 35 7.07 1.96 -7.76
N VAL A 36 6.75 2.50 -8.93
CA VAL A 36 5.45 2.25 -9.55
C VAL A 36 5.61 1.97 -11.05
N HIS A 37 4.90 0.96 -11.53
CA HIS A 37 4.95 0.60 -12.95
C HIS A 37 3.57 0.64 -13.57
N PHE A 38 3.48 1.19 -14.78
CA PHE A 38 2.21 1.28 -15.49
C PHE A 38 2.21 0.41 -16.75
N PRO A 39 1.46 -0.70 -16.69
CA PRO A 39 1.36 -1.63 -17.82
C PRO A 39 0.59 -1.05 -18.99
N ASP A 40 0.01 0.13 -18.79
CA ASP A 40 -0.75 0.80 -19.84
C ASP A 40 -0.92 2.28 -19.53
N PRO A 41 -0.51 3.13 -20.48
CA PRO A 41 -0.61 4.58 -20.34
C PRO A 41 -2.04 5.07 -20.37
N ASN A 42 -2.85 4.51 -21.25
CA ASN A 42 -4.25 4.90 -21.38
C ASN A 42 -4.97 4.75 -20.05
N LYS A 43 -4.58 3.74 -19.28
CA LYS A 43 -5.19 3.49 -17.98
C LYS A 43 -4.23 3.85 -16.85
N LEU A 44 -4.56 4.92 -16.12
CA LEU A 44 -3.73 5.37 -15.01
C LEU A 44 -4.22 4.78 -13.70
N HIS A 45 -5.54 4.80 -13.50
CA HIS A 45 -6.13 4.27 -12.27
C HIS A 45 -5.48 2.95 -11.89
N CYS A 46 -5.29 2.07 -12.87
CA CYS A 46 -4.67 0.77 -12.64
C CYS A 46 -3.15 0.86 -12.74
N PHE A 47 -2.47 0.47 -11.67
CA PHE A 47 -1.01 0.50 -11.63
C PHE A 47 -0.48 -0.32 -10.47
N GLN A 48 0.83 -0.60 -10.50
CA GLN A 48 1.47 -1.38 -9.45
C GLN A 48 2.45 -0.52 -8.64
N LEU A 49 2.60 -0.84 -7.37
CA LEU A 49 3.51 -0.11 -6.50
C LEU A 49 4.52 -1.05 -5.83
N THR A 50 5.73 -1.09 -6.36
CA THR A 50 6.78 -1.94 -5.83
C THR A 50 7.48 -1.27 -4.65
N VAL A 51 7.04 -1.58 -3.44
CA VAL A 51 7.63 -1.01 -2.24
C VAL A 51 8.72 -1.91 -1.68
N THR A 52 9.91 -1.34 -1.49
CA THR A 52 11.04 -2.09 -0.96
C THR A 52 11.83 -1.26 0.06
N PRO A 53 11.66 -1.60 1.34
CA PRO A 53 12.34 -0.90 2.44
C PRO A 53 13.84 -1.18 2.46
N ASP A 54 14.64 -0.12 2.53
CA ASP A 54 16.09 -0.26 2.56
C ASP A 54 16.59 -0.35 4.00
N GLU A 55 15.70 -0.70 4.91
CA GLU A 55 16.05 -0.82 6.32
C GLU A 55 15.01 -1.62 7.08
N GLY A 56 15.38 -2.11 8.26
CA GLY A 56 14.46 -2.89 9.08
C GLY A 56 14.59 -4.37 8.81
N TYR A 57 13.55 -5.12 9.17
CA TYR A 57 13.55 -6.57 8.98
C TYR A 57 13.59 -6.92 7.49
N TYR A 58 12.91 -6.12 6.68
CA TYR A 58 12.87 -6.35 5.24
C TYR A 58 13.84 -5.43 4.52
N GLN A 59 14.95 -5.10 5.18
CA GLN A 59 15.95 -4.22 4.59
C GLN A 59 16.08 -4.45 3.09
N GLY A 60 15.86 -5.69 2.68
CA GLY A 60 15.96 -6.03 1.27
C GLY A 60 14.82 -6.91 0.81
N GLY A 61 13.59 -6.52 1.16
CA GLY A 61 12.42 -7.30 0.77
C GLY A 61 11.61 -6.61 -0.30
N LYS A 62 11.78 -7.03 -1.55
CA LYS A 62 11.05 -6.44 -2.66
C LYS A 62 9.63 -6.99 -2.73
N PHE A 63 8.65 -6.09 -2.82
CA PHE A 63 7.25 -6.49 -2.88
C PHE A 63 6.53 -5.73 -3.99
N GLN A 64 5.41 -6.29 -4.44
CA GLN A 64 4.62 -5.67 -5.51
C GLN A 64 3.19 -5.41 -5.05
N PHE A 65 2.68 -4.22 -5.33
CA PHE A 65 1.32 -3.85 -4.95
C PHE A 65 0.49 -3.49 -6.17
N GLU A 66 -0.82 -3.40 -5.99
CA GLU A 66 -1.73 -3.07 -7.08
C GLU A 66 -2.83 -2.14 -6.60
N THR A 67 -2.73 -0.86 -6.95
CA THR A 67 -3.72 0.13 -6.56
C THR A 67 -4.80 0.30 -7.63
N GLU A 68 -6.05 0.45 -7.20
CA GLU A 68 -7.15 0.63 -8.13
C GLU A 68 -8.00 1.84 -7.74
N VAL A 69 -7.78 2.94 -8.46
CA VAL A 69 -8.52 4.18 -8.19
C VAL A 69 -9.88 4.17 -8.89
N PRO A 70 -10.95 4.07 -8.09
CA PRO A 70 -12.32 4.05 -8.61
C PRO A 70 -12.75 5.39 -9.20
N ASP A 71 -13.91 5.41 -9.83
CA ASP A 71 -14.43 6.63 -10.43
C ASP A 71 -14.67 7.71 -9.37
N ALA A 72 -15.33 7.31 -8.29
CA ALA A 72 -15.62 8.24 -7.19
C ALA A 72 -14.40 9.11 -6.88
N TYR A 73 -13.23 8.48 -6.84
CA TYR A 73 -12.00 9.20 -6.55
C TYR A 73 -12.06 10.63 -7.08
N ASN A 74 -11.53 11.58 -6.30
CA ASN A 74 -10.94 11.25 -5.01
C ASN A 74 -12.02 11.13 -3.93
N MET A 75 -13.26 10.90 -4.35
CA MET A 75 -14.37 10.77 -3.43
C MET A 75 -14.15 9.59 -2.48
N VAL A 76 -13.73 8.46 -3.04
CA VAL A 76 -13.48 7.26 -2.25
C VAL A 76 -12.03 6.83 -2.35
N PRO A 77 -11.53 6.16 -1.30
CA PRO A 77 -10.15 5.67 -1.25
C PRO A 77 -9.89 4.52 -2.22
N PRO A 78 -8.73 4.56 -2.88
CA PRO A 78 -8.34 3.53 -3.85
C PRO A 78 -8.04 2.19 -3.18
N LYS A 79 -8.71 1.14 -3.65
CA LYS A 79 -8.52 -0.19 -3.10
C LYS A 79 -7.26 -0.84 -3.67
N VAL A 80 -6.24 -0.96 -2.83
CA VAL A 80 -4.98 -1.56 -3.24
C VAL A 80 -4.77 -2.93 -2.59
N LYS A 81 -4.29 -3.89 -3.38
CA LYS A 81 -4.05 -5.23 -2.88
C LYS A 81 -2.59 -5.63 -3.08
N CYS A 82 -2.03 -6.34 -2.11
CA CYS A 82 -0.65 -6.78 -2.18
C CYS A 82 -0.50 -7.94 -3.16
N LEU A 83 0.24 -7.69 -4.24
CA LEU A 83 0.46 -8.70 -5.27
C LEU A 83 1.38 -9.80 -4.76
N THR A 84 2.37 -9.40 -3.95
CA THR A 84 3.32 -10.36 -3.40
C THR A 84 2.89 -10.82 -2.01
N LYS A 85 3.46 -11.93 -1.56
CA LYS A 85 3.13 -12.49 -0.24
C LYS A 85 4.16 -12.05 0.79
N ILE A 86 3.69 -11.68 1.97
CA ILE A 86 4.57 -11.25 3.06
C ILE A 86 4.02 -11.68 4.41
N TRP A 87 4.92 -11.91 5.36
CA TRP A 87 4.53 -12.33 6.70
C TRP A 87 4.10 -11.12 7.54
N HIS A 88 3.39 -10.20 6.91
CA HIS A 88 2.92 -9.01 7.61
C HIS A 88 1.65 -9.30 8.39
N PRO A 89 1.55 -8.73 9.60
CA PRO A 89 0.40 -8.91 10.49
C PRO A 89 -0.85 -8.22 9.95
N ASN A 90 -0.65 -7.28 9.03
CA ASN A 90 -1.77 -6.54 8.45
C ASN A 90 -2.05 -7.01 7.03
N ILE A 91 -0.98 -7.25 6.27
CA ILE A 91 -1.11 -7.71 4.89
C ILE A 91 -1.09 -9.23 4.81
N THR A 92 -2.26 -9.82 4.55
CA THR A 92 -2.38 -11.26 4.44
C THR A 92 -1.81 -11.77 3.13
N GLU A 93 -1.10 -12.90 3.18
CA GLU A 93 -0.50 -13.49 1.98
C GLU A 93 -1.42 -13.29 0.78
N THR A 94 -2.66 -13.74 0.90
CA THR A 94 -3.63 -13.62 -0.19
C THR A 94 -3.43 -12.31 -0.95
N GLY A 95 -3.71 -11.20 -0.27
CA GLY A 95 -3.57 -9.89 -0.88
C GLY A 95 -4.51 -8.86 -0.30
N GLU A 96 -4.62 -8.85 1.03
CA GLU A 96 -5.48 -7.91 1.72
C GLU A 96 -4.67 -6.96 2.61
N ILE A 97 -4.70 -5.69 2.27
CA ILE A 97 -3.96 -4.68 3.03
C ILE A 97 -4.89 -3.92 3.97
N CYS A 98 -4.40 -3.64 5.18
CA CYS A 98 -5.19 -2.93 6.17
C CYS A 98 -4.55 -1.58 6.49
N LEU A 99 -5.13 -0.52 5.93
CA LEU A 99 -4.62 0.83 6.14
C LEU A 99 -5.67 1.71 6.83
N SER A 100 -5.20 2.68 7.60
CA SER A 100 -6.10 3.59 8.32
C SER A 100 -6.49 4.77 7.44
N LEU A 101 -5.49 5.49 6.96
CA LEU A 101 -5.73 6.65 6.11
C LEU A 101 -6.58 6.28 4.90
N LEU A 102 -6.52 5.01 4.51
CA LEU A 102 -7.29 4.52 3.37
C LEU A 102 -8.72 4.18 3.79
N ARG A 103 -8.92 4.02 5.10
CA ARG A 103 -10.23 3.69 5.63
C ARG A 103 -11.33 4.43 4.87
N GLU A 104 -12.33 3.68 4.40
CA GLU A 104 -13.44 4.27 3.66
C GLU A 104 -14.40 5.00 4.60
N HIS A 105 -14.92 4.28 5.58
CA HIS A 105 -15.84 4.85 6.55
C HIS A 105 -15.11 5.68 7.59
N SER A 106 -15.00 6.98 7.36
CA SER A 106 -14.31 7.88 8.27
C SER A 106 -15.30 8.58 9.19
N ILE A 107 -14.84 8.95 10.38
CA ILE A 107 -15.68 9.63 11.35
C ILE A 107 -15.03 10.92 11.83
N ASP A 108 -13.73 10.85 12.10
CA ASP A 108 -12.99 12.02 12.56
C ASP A 108 -12.19 12.65 11.42
N GLY A 109 -11.55 11.80 10.62
CA GLY A 109 -10.76 12.29 9.50
C GLY A 109 -9.56 11.43 9.22
N THR A 110 -8.99 10.85 10.27
CA THR A 110 -7.82 9.99 10.13
C THR A 110 -7.92 9.12 8.89
N GLY A 111 -9.12 8.65 8.59
CA GLY A 111 -9.33 7.81 7.42
C GLY A 111 -9.09 8.56 6.12
N TRP A 112 -9.70 8.09 5.05
CA TRP A 112 -9.55 8.71 3.74
C TRP A 112 -10.44 9.95 3.63
N ALA A 113 -10.12 10.81 2.66
CA ALA A 113 -10.89 12.03 2.45
C ALA A 113 -10.62 12.62 1.07
N PRO A 114 -11.51 13.52 0.62
CA PRO A 114 -11.39 14.17 -0.68
C PRO A 114 -10.23 15.16 -0.72
N THR A 115 -9.50 15.26 0.38
CA THR A 115 -8.36 16.17 0.47
C THR A 115 -7.05 15.42 0.34
N ARG A 116 -7.02 14.20 0.85
CA ARG A 116 -5.82 13.37 0.79
C ARG A 116 -5.41 13.12 -0.66
N THR A 117 -4.33 12.36 -0.83
CA THR A 117 -3.82 12.04 -2.17
C THR A 117 -3.04 10.74 -2.17
N LEU A 118 -2.92 10.12 -3.33
CA LEU A 118 -2.19 8.86 -3.47
C LEU A 118 -0.81 8.96 -2.84
N LYS A 119 -0.12 10.06 -3.12
CA LYS A 119 1.22 10.28 -2.57
C LYS A 119 1.30 9.80 -1.13
N ASP A 120 0.26 10.06 -0.36
CA ASP A 120 0.21 9.64 1.04
C ASP A 120 -0.10 8.15 1.16
N VAL A 121 -0.93 7.65 0.26
CA VAL A 121 -1.30 6.24 0.26
C VAL A 121 -0.06 5.35 0.22
N VAL A 122 0.85 5.65 -0.70
CA VAL A 122 2.07 4.87 -0.84
C VAL A 122 3.05 5.17 0.29
N TRP A 123 3.06 6.42 0.74
CA TRP A 123 3.95 6.83 1.82
C TRP A 123 3.72 5.98 3.06
N GLY A 124 2.45 5.64 3.32
CA GLY A 124 2.12 4.84 4.48
C GLY A 124 2.25 3.35 4.20
N LEU A 125 1.85 2.93 3.01
CA LEU A 125 1.94 1.53 2.63
C LEU A 125 3.35 0.98 2.82
N ASN A 126 4.33 1.88 2.81
CA ASN A 126 5.72 1.50 2.99
C ASN A 126 6.10 1.48 4.46
N SER A 127 5.83 2.59 5.14
CA SER A 127 6.14 2.70 6.57
C SER A 127 5.47 1.59 7.37
N LEU A 128 4.37 1.06 6.82
CA LEU A 128 3.64 -0.01 7.49
C LEU A 128 4.56 -1.19 7.80
N PHE A 129 5.73 -1.21 7.16
CA PHE A 129 6.69 -2.29 7.37
C PHE A 129 7.83 -1.82 8.28
N THR A 130 8.07 -0.51 8.30
CA THR A 130 9.12 0.05 9.12
C THR A 130 8.72 0.08 10.59
N ASP A 131 7.89 1.05 10.95
CA ASP A 131 7.42 1.18 12.33
C ASP A 131 5.90 1.11 12.40
N LEU A 132 5.25 1.34 11.27
CA LEU A 132 3.79 1.30 11.21
C LEU A 132 3.30 -0.13 11.07
N LEU A 133 3.91 -1.04 11.83
CA LEU A 133 3.53 -2.44 11.79
C LEU A 133 2.08 -2.62 12.22
N ASN A 134 1.64 -1.82 13.19
CA ASN A 134 0.28 -1.89 13.69
C ASN A 134 0.05 -3.17 14.47
N PHE A 135 0.88 -3.41 15.48
CA PHE A 135 0.77 -4.60 16.32
C PHE A 135 -0.31 -4.43 17.37
N ASP A 136 -1.45 -3.86 16.97
CA ASP A 136 -2.56 -3.64 17.89
C ASP A 136 -3.80 -4.38 17.42
N ASP A 137 -4.29 -4.04 16.23
CA ASP A 137 -5.47 -4.68 15.68
C ASP A 137 -5.20 -5.18 14.26
N PRO A 138 -4.15 -6.01 14.12
CA PRO A 138 -3.76 -6.57 12.82
C PRO A 138 -4.77 -7.60 12.31
N LEU A 139 -4.54 -8.11 11.11
CA LEU A 139 -5.42 -9.10 10.50
C LEU A 139 -5.02 -10.51 10.93
N ASN A 140 -3.73 -10.80 10.85
CA ASN A 140 -3.21 -12.11 11.21
C ASN A 140 -2.65 -12.09 12.64
N ILE A 141 -3.39 -12.71 13.56
CA ILE A 141 -2.98 -12.77 14.96
C ILE A 141 -1.57 -13.35 15.09
N GLU A 142 -1.40 -14.59 14.63
CA GLU A 142 -0.11 -15.26 14.70
C GLU A 142 1.03 -14.28 14.42
N ALA A 143 0.93 -13.58 13.30
CA ALA A 143 1.94 -12.61 12.90
C ALA A 143 2.29 -11.68 14.07
N ALA A 144 1.25 -11.15 14.72
CA ALA A 144 1.46 -10.25 15.85
C ALA A 144 2.06 -10.99 17.05
N GLU A 145 1.34 -11.99 17.54
CA GLU A 145 1.80 -12.78 18.67
C GLU A 145 3.26 -13.21 18.48
N HIS A 146 3.63 -13.49 17.24
CA HIS A 146 4.98 -13.92 16.92
C HIS A 146 6.00 -12.88 17.39
N HIS A 147 5.62 -11.62 17.33
CA HIS A 147 6.51 -10.53 17.76
C HIS A 147 6.65 -10.52 19.28
N LEU A 148 5.57 -10.85 19.97
CA LEU A 148 5.58 -10.88 21.43
C LEU A 148 6.24 -12.14 21.95
N ARG A 149 5.62 -13.29 21.69
CA ARG A 149 6.16 -14.56 22.13
C ARG A 149 7.66 -14.63 21.91
N ASP A 150 8.11 -14.20 20.73
CA ASP A 150 9.52 -14.20 20.39
C ASP A 150 9.88 -13.04 19.48
N LYS A 151 10.65 -12.10 20.00
CA LYS A 151 11.06 -10.93 19.23
C LYS A 151 12.12 -11.30 18.19
N GLU A 152 12.88 -12.35 18.49
CA GLU A 152 13.93 -12.80 17.58
C GLU A 152 13.35 -13.64 16.46
N ASP A 153 12.52 -14.61 16.81
CA ASP A 153 11.90 -15.50 15.83
C ASP A 153 11.14 -14.69 14.78
N PHE A 154 10.49 -13.61 15.22
CA PHE A 154 9.74 -12.75 14.32
C PHE A 154 10.65 -12.09 13.30
N ARG A 155 11.90 -11.84 13.69
CA ARG A 155 12.87 -11.22 12.81
C ARG A 155 13.63 -12.26 12.01
N ASN A 156 13.78 -13.45 12.58
CA ASN A 156 14.49 -14.54 11.93
C ASN A 156 13.60 -15.21 10.88
N LYS A 157 12.31 -15.28 11.16
CA LYS A 157 11.36 -15.89 10.24
C LYS A 157 10.99 -14.93 9.11
N VAL A 158 10.71 -13.68 9.48
CA VAL A 158 10.35 -12.66 8.49
C VAL A 158 11.44 -12.50 7.44
N ASP A 159 12.63 -13.00 7.75
CA ASP A 159 13.76 -12.92 6.83
C ASP A 159 13.59 -13.90 5.67
N ASP A 160 13.20 -15.13 6.00
CA ASP A 160 13.00 -16.16 4.99
C ASP A 160 11.81 -15.82 4.09
N TYR A 161 10.68 -15.54 4.71
CA TYR A 161 9.47 -15.21 3.97
C TYR A 161 9.78 -14.26 2.81
N ILE A 162 10.86 -13.49 2.95
CA ILE A 162 11.28 -12.56 1.92
C ILE A 162 11.97 -13.27 0.77
N LYS A 163 13.21 -13.70 1.01
CA LYS A 163 13.98 -14.40 0.00
C LYS A 163 13.15 -15.50 -0.65
N ARG A 164 12.21 -16.05 0.09
CA ARG A 164 11.34 -17.11 -0.41
C ARG A 164 10.69 -16.70 -1.73
N TYR A 165 9.86 -15.67 -1.67
CA TYR A 165 9.17 -15.17 -2.85
C TYR A 165 9.42 -13.69 -3.05
N ALA A 166 10.58 -13.23 -2.60
CA ALA A 166 10.94 -11.82 -2.73
C ALA A 166 12.44 -11.62 -2.55
N ARG A 167 13.07 -10.96 -3.52
CA ARG A 167 14.50 -10.71 -3.48
C ARG A 167 14.82 -9.31 -4.00
N SER A 168 15.50 -8.53 -3.17
CA SER A 168 15.87 -7.16 -3.53
C SER A 168 17.38 -7.03 -3.70
N GLY A 169 17.81 -5.92 -4.29
CA GLY A 169 19.23 -5.69 -4.49
C GLY A 169 19.68 -6.09 -5.89
N PRO A 170 21.00 -6.19 -6.08
CA PRO A 170 21.59 -6.57 -7.36
C PRO A 170 21.33 -8.03 -7.71
N SER A 171 21.45 -8.35 -9.00
CA SER A 171 21.22 -9.72 -9.46
C SER A 171 22.46 -10.26 -10.18
N SER A 172 23.15 -11.20 -9.53
CA SER A 172 24.36 -11.79 -10.10
C SER A 172 24.07 -12.39 -11.47
N GLY A 173 25.12 -12.55 -12.27
CA GLY A 173 24.96 -13.10 -13.60
C GLY A 173 24.77 -12.02 -14.65
N GLY A 1 -26.13 -12.75 -15.41
CA GLY A 1 -27.14 -12.17 -14.55
C GLY A 1 -27.19 -10.65 -14.66
N SER A 2 -28.28 -10.14 -15.25
CA SER A 2 -28.45 -8.70 -15.42
C SER A 2 -29.23 -8.11 -14.26
N SER A 3 -28.91 -8.55 -13.04
CA SER A 3 -29.60 -8.05 -11.85
C SER A 3 -28.67 -7.18 -11.02
N GLY A 4 -29.05 -5.91 -10.86
CA GLY A 4 -28.24 -4.99 -10.09
C GLY A 4 -28.98 -3.70 -9.77
N SER A 5 -28.30 -2.57 -9.94
CA SER A 5 -28.90 -1.27 -9.66
C SER A 5 -28.22 -0.18 -10.47
N SER A 6 -28.93 0.32 -11.48
CA SER A 6 -28.40 1.38 -12.34
C SER A 6 -28.04 2.62 -11.52
N GLY A 7 -26.78 3.03 -11.59
CA GLY A 7 -26.34 4.20 -10.86
C GLY A 7 -25.80 5.28 -11.77
N SER A 8 -24.69 4.99 -12.45
CA SER A 8 -24.07 5.95 -13.35
C SER A 8 -23.00 5.27 -14.21
N THR A 9 -23.05 5.54 -15.52
CA THR A 9 -22.08 4.96 -16.45
C THR A 9 -20.69 4.89 -15.82
N ARG A 10 -19.94 3.85 -16.18
CA ARG A 10 -18.58 3.67 -15.66
C ARG A 10 -17.54 4.06 -16.70
N ARG A 11 -17.26 5.36 -16.77
CA ARG A 11 -16.28 5.87 -17.71
C ARG A 11 -15.45 7.00 -17.10
N VAL A 12 -14.13 6.86 -17.18
CA VAL A 12 -13.22 7.86 -16.62
C VAL A 12 -13.67 9.26 -16.99
N SER A 13 -13.72 10.14 -16.00
CA SER A 13 -14.14 11.53 -16.22
C SER A 13 -13.20 12.50 -15.49
N VAL A 14 -13.38 12.59 -14.18
CA VAL A 14 -12.55 13.48 -13.37
C VAL A 14 -11.29 12.76 -12.86
N ARG A 15 -11.47 11.51 -12.44
CA ARG A 15 -10.35 10.71 -11.94
C ARG A 15 -9.19 10.72 -12.92
N ASP A 16 -9.50 10.96 -14.19
CA ASP A 16 -8.47 11.00 -15.23
C ASP A 16 -7.56 12.22 -15.06
N LYS A 17 -8.18 13.38 -14.84
CA LYS A 17 -7.43 14.61 -14.66
C LYS A 17 -6.86 14.71 -13.24
N LEU A 18 -7.52 14.02 -12.31
CA LEU A 18 -7.09 14.02 -10.92
C LEU A 18 -5.97 13.01 -10.69
N LEU A 19 -5.85 12.06 -11.60
CA LEU A 19 -4.81 11.03 -11.51
C LEU A 19 -3.52 11.50 -12.18
N VAL A 20 -3.62 11.86 -13.46
CA VAL A 20 -2.46 12.33 -14.21
C VAL A 20 -1.70 13.40 -13.44
N LYS A 21 -2.44 14.23 -12.69
CA LYS A 21 -1.83 15.29 -11.91
C LYS A 21 -1.08 14.72 -10.71
N GLU A 22 -1.73 13.82 -9.98
CA GLU A 22 -1.13 13.20 -8.80
C GLU A 22 -0.06 12.20 -9.21
N VAL A 23 -0.47 11.17 -9.94
CA VAL A 23 0.46 10.14 -10.39
C VAL A 23 1.81 10.74 -10.77
N ALA A 24 1.78 11.88 -11.45
CA ALA A 24 3.00 12.55 -11.87
C ALA A 24 3.86 12.93 -10.65
N GLU A 25 3.36 13.87 -9.86
CA GLU A 25 4.09 14.32 -8.68
C GLU A 25 4.41 13.14 -7.76
N LEU A 26 3.60 12.09 -7.85
CA LEU A 26 3.80 10.91 -7.02
C LEU A 26 5.08 10.19 -7.41
N GLU A 27 5.37 10.13 -8.70
CA GLU A 27 6.57 9.47 -9.20
C GLU A 27 7.81 10.28 -8.85
N ALA A 28 7.61 11.54 -8.47
CA ALA A 28 8.72 12.42 -8.11
C ALA A 28 8.79 12.61 -6.60
N ASN A 29 7.71 12.26 -5.90
CA ASN A 29 7.66 12.40 -4.45
C ASN A 29 7.96 11.08 -3.77
N LEU A 30 7.47 9.99 -4.37
CA LEU A 30 7.70 8.65 -3.82
C LEU A 30 9.15 8.47 -3.39
N PRO A 31 9.34 7.88 -2.21
CA PRO A 31 10.68 7.63 -1.65
C PRO A 31 11.43 6.55 -2.43
N CYS A 32 12.74 6.69 -2.51
CA CYS A 32 13.58 5.73 -3.22
C CYS A 32 13.20 4.30 -2.84
N THR A 33 12.82 4.11 -1.58
CA THR A 33 12.44 2.79 -1.09
C THR A 33 11.38 2.16 -2.00
N CYS A 34 10.48 2.99 -2.51
CA CYS A 34 9.42 2.51 -3.38
C CYS A 34 9.69 2.91 -4.84
N LYS A 35 8.85 2.41 -5.74
CA LYS A 35 9.00 2.72 -7.17
C LYS A 35 7.75 2.29 -7.94
N VAL A 36 7.07 3.27 -8.54
CA VAL A 36 5.87 3.00 -9.31
C VAL A 36 6.18 2.92 -10.80
N HIS A 37 5.56 1.96 -11.48
CA HIS A 37 5.77 1.77 -12.91
C HIS A 37 4.44 1.52 -13.62
N PHE A 38 4.10 2.41 -14.54
CA PHE A 38 2.85 2.29 -15.30
C PHE A 38 3.09 1.57 -16.62
N PRO A 39 2.59 0.32 -16.71
CA PRO A 39 2.74 -0.51 -17.91
C PRO A 39 1.91 0.02 -19.08
N ASP A 40 0.84 0.75 -18.76
CA ASP A 40 -0.03 1.32 -19.78
C ASP A 40 -0.41 2.75 -19.45
N PRO A 41 -0.07 3.68 -20.35
CA PRO A 41 -0.36 5.11 -20.17
C PRO A 41 -1.85 5.42 -20.27
N ASN A 42 -2.50 4.92 -21.33
CA ASN A 42 -3.92 5.14 -21.54
C ASN A 42 -4.70 4.87 -20.25
N LYS A 43 -4.26 3.87 -19.50
CA LYS A 43 -4.92 3.50 -18.25
C LYS A 43 -4.11 3.99 -17.05
N LEU A 44 -4.69 4.91 -16.28
CA LEU A 44 -4.02 5.45 -15.10
C LEU A 44 -4.63 4.89 -13.82
N HIS A 45 -5.96 4.78 -13.80
CA HIS A 45 -6.67 4.26 -12.63
C HIS A 45 -5.94 3.04 -12.07
N CYS A 46 -5.53 2.13 -12.95
CA CYS A 46 -4.84 0.92 -12.54
C CYS A 46 -3.34 1.05 -12.78
N PHE A 47 -2.55 0.82 -11.73
CA PHE A 47 -1.10 0.92 -11.83
C PHE A 47 -0.43 -0.05 -10.87
N GLN A 48 0.90 -0.10 -10.92
CA GLN A 48 1.67 -0.99 -10.06
C GLN A 48 2.60 -0.19 -9.14
N LEU A 49 2.57 -0.52 -7.86
CA LEU A 49 3.40 0.17 -6.87
C LEU A 49 4.38 -0.80 -6.23
N THR A 50 5.67 -0.50 -6.36
CA THR A 50 6.72 -1.34 -5.78
C THR A 50 7.24 -0.76 -4.47
N VAL A 51 6.92 -1.43 -3.36
CA VAL A 51 7.36 -0.98 -2.05
C VAL A 51 8.40 -1.91 -1.46
N THR A 52 9.61 -1.40 -1.28
CA THR A 52 10.71 -2.19 -0.73
C THR A 52 11.44 -1.43 0.37
N PRO A 53 11.09 -1.72 1.63
CA PRO A 53 11.70 -1.07 2.79
C PRO A 53 13.15 -1.50 3.00
N ASP A 54 14.05 -0.53 2.99
CA ASP A 54 15.47 -0.82 3.18
C ASP A 54 15.89 -0.53 4.62
N GLU A 55 15.01 -0.84 5.56
CA GLU A 55 15.29 -0.62 6.97
C GLU A 55 14.67 -1.71 7.83
N GLY A 56 15.17 -1.86 9.06
CA GLY A 56 14.64 -2.87 9.96
C GLY A 56 14.27 -4.15 9.24
N TYR A 57 13.11 -4.70 9.58
CA TYR A 57 12.63 -5.93 8.97
C TYR A 57 12.39 -5.73 7.47
N TYR A 58 12.37 -6.83 6.73
CA TYR A 58 12.15 -6.79 5.28
C TYR A 58 13.03 -5.72 4.65
N GLN A 59 14.25 -5.56 5.16
CA GLN A 59 15.18 -4.58 4.64
C GLN A 59 15.53 -4.87 3.18
N GLY A 60 15.42 -6.14 2.80
CA GLY A 60 15.73 -6.53 1.44
C GLY A 60 14.65 -7.40 0.83
N GLY A 61 13.40 -7.09 1.15
CA GLY A 61 12.29 -7.86 0.62
C GLY A 61 11.40 -7.03 -0.28
N LYS A 62 11.37 -7.39 -1.57
CA LYS A 62 10.56 -6.68 -2.54
C LYS A 62 9.09 -7.10 -2.43
N PHE A 63 8.19 -6.12 -2.49
CA PHE A 63 6.76 -6.38 -2.40
C PHE A 63 5.99 -5.52 -3.39
N GLN A 64 5.16 -6.16 -4.21
CA GLN A 64 4.37 -5.45 -5.21
C GLN A 64 2.97 -5.17 -4.67
N PHE A 65 2.31 -4.16 -5.26
CA PHE A 65 0.97 -3.79 -4.85
C PHE A 65 0.12 -3.39 -6.05
N GLU A 66 -1.17 -3.69 -5.99
CA GLU A 66 -2.09 -3.36 -7.07
C GLU A 66 -3.20 -2.43 -6.59
N THR A 67 -3.05 -1.15 -6.91
CA THR A 67 -4.03 -0.14 -6.51
C THR A 67 -5.03 0.12 -7.62
N GLU A 68 -6.31 0.24 -7.24
CA GLU A 68 -7.37 0.49 -8.21
C GLU A 68 -8.11 1.78 -7.89
N VAL A 69 -8.28 2.63 -8.90
CA VAL A 69 -8.97 3.90 -8.73
C VAL A 69 -10.40 3.83 -9.26
N PRO A 70 -11.37 3.81 -8.33
CA PRO A 70 -12.79 3.74 -8.68
C PRO A 70 -13.29 5.03 -9.32
N ASP A 71 -14.54 5.04 -9.73
CA ASP A 71 -15.15 6.20 -10.36
C ASP A 71 -15.27 7.35 -9.37
N ALA A 72 -15.77 7.05 -8.18
CA ALA A 72 -15.93 8.06 -7.14
C ALA A 72 -14.70 8.95 -7.05
N TYR A 73 -13.52 8.33 -7.06
CA TYR A 73 -12.26 9.06 -6.96
C TYR A 73 -12.37 10.41 -7.65
N ASN A 74 -11.77 11.44 -7.03
CA ASN A 74 -11.07 11.26 -5.78
C ASN A 74 -12.03 11.31 -4.60
N MET A 75 -13.28 10.92 -4.84
CA MET A 75 -14.30 10.92 -3.81
C MET A 75 -14.06 9.78 -2.81
N VAL A 76 -13.69 8.62 -3.33
CA VAL A 76 -13.44 7.45 -2.49
C VAL A 76 -11.98 6.99 -2.62
N PRO A 77 -11.47 6.37 -1.56
CA PRO A 77 -10.09 5.85 -1.54
C PRO A 77 -9.90 4.65 -2.47
N PRO A 78 -8.75 4.61 -3.15
CA PRO A 78 -8.42 3.52 -4.07
C PRO A 78 -8.15 2.21 -3.35
N LYS A 79 -8.74 1.13 -3.86
CA LYS A 79 -8.56 -0.20 -3.26
C LYS A 79 -7.26 -0.83 -3.73
N VAL A 80 -6.32 -1.01 -2.81
CA VAL A 80 -5.04 -1.62 -3.13
C VAL A 80 -4.81 -2.89 -2.32
N LYS A 81 -4.29 -3.92 -2.98
CA LYS A 81 -4.02 -5.20 -2.32
C LYS A 81 -2.58 -5.64 -2.56
N CYS A 82 -1.97 -6.20 -1.53
CA CYS A 82 -0.58 -6.66 -1.62
C CYS A 82 -0.50 -7.94 -2.44
N LEU A 83 -0.10 -7.80 -3.70
CA LEU A 83 0.04 -8.95 -4.60
C LEU A 83 0.95 -10.01 -3.99
N THR A 84 2.11 -9.58 -3.52
CA THR A 84 3.07 -10.49 -2.92
C THR A 84 2.65 -10.89 -1.51
N LYS A 85 3.10 -12.06 -1.06
CA LYS A 85 2.77 -12.54 0.27
C LYS A 85 3.90 -12.23 1.25
N ILE A 86 3.52 -11.81 2.46
CA ILE A 86 4.49 -11.49 3.49
C ILE A 86 3.97 -11.86 4.87
N TRP A 87 4.90 -12.14 5.80
CA TRP A 87 4.53 -12.51 7.16
C TRP A 87 4.27 -11.26 8.01
N HIS A 88 3.69 -10.24 7.39
CA HIS A 88 3.38 -9.00 8.08
C HIS A 88 2.05 -9.10 8.82
N PRO A 89 2.00 -8.55 10.04
CA PRO A 89 0.79 -8.57 10.87
C PRO A 89 -0.29 -7.66 10.33
N ASN A 90 0.11 -6.68 9.52
CA ASN A 90 -0.83 -5.73 8.93
C ASN A 90 -1.23 -6.16 7.52
N ILE A 91 -0.26 -6.71 6.78
CA ILE A 91 -0.51 -7.17 5.43
C ILE A 91 -0.68 -8.68 5.37
N THR A 92 -1.92 -9.13 5.53
CA THR A 92 -2.22 -10.55 5.50
C THR A 92 -1.60 -11.23 4.27
N GLU A 93 -1.38 -12.54 4.37
CA GLU A 93 -0.79 -13.29 3.26
C GLU A 93 -1.64 -13.16 1.99
N THR A 94 -2.95 -13.35 2.14
CA THR A 94 -3.87 -13.26 1.02
C THR A 94 -3.59 -12.01 0.19
N GLY A 95 -3.65 -10.85 0.83
CA GLY A 95 -3.40 -9.61 0.13
C GLY A 95 -4.31 -8.48 0.61
N GLU A 96 -4.50 -8.41 1.92
CA GLU A 96 -5.35 -7.37 2.51
C GLU A 96 -4.52 -6.39 3.33
N ILE A 97 -4.76 -5.09 3.12
CA ILE A 97 -4.04 -4.06 3.84
C ILE A 97 -4.99 -3.20 4.67
N CYS A 98 -4.76 -3.15 5.98
CA CYS A 98 -5.60 -2.37 6.88
C CYS A 98 -4.98 -0.99 7.12
N LEU A 99 -5.37 -0.04 6.29
CA LEU A 99 -4.87 1.33 6.41
C LEU A 99 -5.98 2.30 6.80
N SER A 100 -5.75 3.05 7.87
CA SER A 100 -6.75 4.01 8.35
C SER A 100 -7.09 5.03 7.26
N LEU A 101 -6.07 5.73 6.78
CA LEU A 101 -6.27 6.72 5.73
C LEU A 101 -7.16 6.19 4.62
N LEU A 102 -7.07 4.89 4.37
CA LEU A 102 -7.87 4.25 3.33
C LEU A 102 -9.24 3.85 3.88
N ARG A 103 -9.71 4.57 4.89
CA ARG A 103 -11.00 4.29 5.49
C ARG A 103 -11.99 5.41 5.22
N GLU A 104 -13.13 5.07 4.62
CA GLU A 104 -14.15 6.06 4.30
C GLU A 104 -14.74 6.65 5.56
N HIS A 105 -15.29 5.80 6.43
CA HIS A 105 -15.89 6.25 7.68
C HIS A 105 -14.82 6.80 8.63
N SER A 106 -14.93 8.07 8.96
CA SER A 106 -13.98 8.72 9.86
C SER A 106 -14.63 9.87 10.61
N ILE A 107 -14.24 10.05 11.87
CA ILE A 107 -14.79 11.12 12.70
C ILE A 107 -13.83 12.30 12.77
N ASP A 108 -12.53 12.02 12.71
CA ASP A 108 -11.52 13.06 12.76
C ASP A 108 -10.84 13.22 11.41
N GLY A 109 -11.60 13.02 10.34
CA GLY A 109 -11.06 13.15 9.00
C GLY A 109 -9.70 12.50 8.86
N THR A 110 -9.49 11.39 9.58
CA THR A 110 -8.23 10.67 9.54
C THR A 110 -8.18 9.70 8.37
N GLY A 111 -9.31 9.04 8.12
CA GLY A 111 -9.38 8.10 7.02
C GLY A 111 -9.08 8.73 5.68
N TRP A 112 -10.01 8.58 4.74
CA TRP A 112 -9.83 9.15 3.41
C TRP A 112 -10.58 10.46 3.26
N ALA A 113 -10.31 11.19 2.19
CA ALA A 113 -10.96 12.47 1.94
C ALA A 113 -10.75 12.93 0.50
N PRO A 114 -11.64 13.81 0.02
CA PRO A 114 -11.58 14.33 -1.35
C PRO A 114 -10.39 15.28 -1.54
N THR A 115 -9.57 15.42 -0.51
CA THR A 115 -8.41 16.29 -0.56
C THR A 115 -7.11 15.48 -0.64
N ARG A 116 -7.11 14.31 -0.02
CA ARG A 116 -5.95 13.45 -0.02
C ARG A 116 -5.47 13.18 -1.45
N THR A 117 -4.38 12.43 -1.56
CA THR A 117 -3.82 12.10 -2.87
C THR A 117 -3.16 10.73 -2.86
N LEU A 118 -2.97 10.15 -4.04
CA LEU A 118 -2.36 8.83 -4.17
C LEU A 118 -0.91 8.87 -3.68
N LYS A 119 -0.36 10.07 -3.55
CA LYS A 119 1.02 10.24 -3.11
C LYS A 119 1.16 9.85 -1.64
N ASP A 120 0.06 9.95 -0.89
CA ASP A 120 0.07 9.60 0.52
C ASP A 120 -0.29 8.13 0.71
N VAL A 121 -1.28 7.67 -0.04
CA VAL A 121 -1.72 6.27 0.04
C VAL A 121 -0.53 5.31 -0.04
N VAL A 122 0.53 5.77 -0.69
CA VAL A 122 1.74 4.95 -0.84
C VAL A 122 2.73 5.23 0.27
N TRP A 123 2.79 6.49 0.72
CA TRP A 123 3.70 6.88 1.78
C TRP A 123 3.53 6.00 3.00
N GLY A 124 2.28 5.79 3.41
CA GLY A 124 2.00 4.96 4.56
C GLY A 124 2.27 3.50 4.32
N LEU A 125 1.71 2.97 3.22
CA LEU A 125 1.91 1.57 2.87
C LEU A 125 3.33 1.12 3.16
N ASN A 126 4.30 2.00 2.88
CA ASN A 126 5.71 1.70 3.11
C ASN A 126 6.03 1.75 4.59
N SER A 127 5.47 2.73 5.28
CA SER A 127 5.70 2.88 6.72
C SER A 127 5.35 1.61 7.48
N LEU A 128 4.51 0.79 6.86
CA LEU A 128 4.09 -0.48 7.47
C LEU A 128 5.30 -1.34 7.83
N PHE A 129 6.41 -1.11 7.12
CA PHE A 129 7.63 -1.87 7.36
C PHE A 129 8.67 -1.01 8.08
N THR A 130 8.19 0.00 8.81
CA THR A 130 9.08 0.90 9.54
C THR A 130 8.56 1.14 10.97
N ASP A 131 9.21 2.07 11.67
CA ASP A 131 8.81 2.39 13.03
C ASP A 131 7.30 2.25 13.21
N LEU A 132 6.54 2.91 12.35
CA LEU A 132 5.09 2.86 12.41
C LEU A 132 4.60 1.45 12.78
N LEU A 133 5.15 0.46 12.09
CA LEU A 133 4.77 -0.93 12.35
C LEU A 133 4.44 -1.14 13.82
N ASN A 134 3.14 -1.17 14.13
CA ASN A 134 2.69 -1.37 15.50
C ASN A 134 2.31 -2.83 15.74
N PHE A 135 2.22 -3.20 17.02
CA PHE A 135 1.88 -4.57 17.38
C PHE A 135 0.83 -4.59 18.50
N ASP A 136 -0.25 -3.85 18.30
CA ASP A 136 -1.32 -3.77 19.29
C ASP A 136 -2.60 -4.42 18.75
N ASP A 137 -3.08 -3.93 17.61
CA ASP A 137 -4.29 -4.46 17.00
C ASP A 137 -4.03 -4.88 15.56
N PRO A 138 -3.07 -5.80 15.38
CA PRO A 138 -2.71 -6.30 14.05
C PRO A 138 -3.80 -7.17 13.43
N LEU A 139 -3.63 -7.52 12.16
CA LEU A 139 -4.61 -8.34 11.46
C LEU A 139 -4.37 -9.82 11.73
N ASN A 140 -3.10 -10.23 11.68
CA ASN A 140 -2.74 -11.62 11.93
C ASN A 140 -2.17 -11.80 13.34
N ILE A 141 -3.00 -12.30 14.24
CA ILE A 141 -2.59 -12.52 15.62
C ILE A 141 -1.23 -13.21 15.68
N GLU A 142 -1.09 -14.31 14.95
CA GLU A 142 0.17 -15.05 14.92
C GLU A 142 1.36 -14.12 14.71
N ALA A 143 1.42 -13.52 13.53
CA ALA A 143 2.51 -12.60 13.20
C ALA A 143 2.90 -11.76 14.41
N ALA A 144 1.89 -11.32 15.17
CA ALA A 144 2.13 -10.50 16.36
C ALA A 144 2.73 -11.34 17.48
N GLU A 145 1.95 -12.32 17.95
CA GLU A 145 2.40 -13.19 19.03
C GLU A 145 3.86 -13.60 18.84
N HIS A 146 4.16 -14.15 17.65
CA HIS A 146 5.52 -14.57 17.35
C HIS A 146 6.54 -13.51 17.75
N HIS A 147 6.14 -12.25 17.64
CA HIS A 147 7.02 -11.13 17.99
C HIS A 147 7.16 -11.01 19.50
N LEU A 148 6.09 -11.34 20.23
CA LEU A 148 6.11 -11.27 21.68
C LEU A 148 6.79 -12.48 22.28
N ARG A 149 6.33 -13.67 21.89
CA ARG A 149 6.90 -14.91 22.39
C ARG A 149 8.36 -15.06 21.95
N ASP A 150 8.61 -14.79 20.68
CA ASP A 150 9.97 -14.88 20.13
C ASP A 150 10.31 -13.65 19.31
N LYS A 151 10.89 -12.65 19.97
CA LYS A 151 11.28 -11.42 19.30
C LYS A 151 12.23 -11.69 18.13
N GLU A 152 13.07 -12.70 18.29
CA GLU A 152 14.02 -13.07 17.25
C GLU A 152 13.33 -13.83 16.13
N ASP A 153 12.72 -14.96 16.47
CA ASP A 153 12.02 -15.78 15.50
C ASP A 153 11.16 -14.92 14.57
N PHE A 154 10.37 -14.04 15.18
CA PHE A 154 9.48 -13.16 14.41
C PHE A 154 10.21 -12.58 13.20
N ARG A 155 11.47 -12.20 13.40
CA ARG A 155 12.29 -11.64 12.32
C ARG A 155 12.91 -12.74 11.48
N ASN A 156 13.55 -13.69 12.15
CA ASN A 156 14.20 -14.80 11.45
C ASN A 156 13.30 -15.37 10.36
N LYS A 157 12.01 -15.48 10.68
CA LYS A 157 11.04 -16.01 9.72
C LYS A 157 10.92 -15.10 8.50
N VAL A 158 10.83 -13.80 8.76
CA VAL A 158 10.72 -12.82 7.68
C VAL A 158 11.69 -13.12 6.55
N ASP A 159 12.95 -13.36 6.91
CA ASP A 159 13.97 -13.67 5.92
C ASP A 159 13.51 -14.78 4.98
N ASP A 160 12.93 -15.83 5.56
CA ASP A 160 12.44 -16.95 4.77
C ASP A 160 11.22 -16.56 3.96
N TYR A 161 10.20 -16.01 4.63
CA TYR A 161 8.98 -15.60 3.98
C TYR A 161 9.29 -14.77 2.74
N ILE A 162 10.39 -14.03 2.78
CA ILE A 162 10.79 -13.19 1.66
C ILE A 162 11.32 -14.04 0.51
N LYS A 163 12.52 -14.57 0.68
CA LYS A 163 13.15 -15.40 -0.35
C LYS A 163 12.16 -16.43 -0.88
N ARG A 164 11.22 -16.84 -0.04
CA ARG A 164 10.22 -17.83 -0.43
C ARG A 164 9.52 -17.40 -1.72
N TYR A 165 8.80 -16.29 -1.65
CA TYR A 165 8.07 -15.79 -2.81
C TYR A 165 8.45 -14.33 -3.09
N ALA A 166 9.67 -13.96 -2.75
CA ALA A 166 10.16 -12.60 -2.96
C ALA A 166 11.67 -12.55 -2.91
N ARG A 167 12.28 -12.00 -3.97
CA ARG A 167 13.73 -11.89 -4.04
C ARG A 167 14.15 -10.55 -4.65
N SER A 168 15.16 -9.92 -4.06
CA SER A 168 15.64 -8.64 -4.55
C SER A 168 17.03 -8.78 -5.16
N GLY A 169 17.07 -8.86 -6.49
CA GLY A 169 18.35 -9.00 -7.18
C GLY A 169 19.22 -7.77 -7.02
N PRO A 170 20.43 -7.81 -7.63
CA PRO A 170 21.39 -6.71 -7.56
C PRO A 170 20.92 -5.50 -8.36
N SER A 171 20.51 -4.45 -7.65
CA SER A 171 20.04 -3.22 -8.29
C SER A 171 19.92 -2.09 -7.27
N SER A 172 19.81 -0.86 -7.78
CA SER A 172 19.69 0.31 -6.91
C SER A 172 18.69 0.06 -5.79
N GLY A 173 17.54 -0.50 -6.15
CA GLY A 173 16.51 -0.78 -5.16
C GLY A 173 15.16 -1.05 -5.79
N GLY A 1 -23.77 -6.68 7.26
CA GLY A 1 -23.04 -6.83 6.02
C GLY A 1 -22.46 -5.52 5.53
N SER A 2 -22.43 -5.34 4.21
CA SER A 2 -21.88 -4.12 3.62
C SER A 2 -22.80 -3.60 2.53
N SER A 3 -22.46 -2.43 1.99
CA SER A 3 -23.26 -1.81 0.94
C SER A 3 -22.36 -1.12 -0.08
N GLY A 4 -22.94 -0.74 -1.22
CA GLY A 4 -22.18 -0.08 -2.26
C GLY A 4 -22.28 1.43 -2.18
N SER A 5 -21.95 1.98 -1.01
CA SER A 5 -22.01 3.42 -0.80
C SER A 5 -21.61 4.17 -2.07
N SER A 6 -20.38 3.94 -2.51
CA SER A 6 -19.87 4.59 -3.72
C SER A 6 -20.48 4.00 -4.97
N GLY A 7 -21.13 4.84 -5.76
CA GLY A 7 -21.75 4.38 -6.99
C GLY A 7 -21.46 5.27 -8.17
N SER A 8 -22.49 5.88 -8.73
CA SER A 8 -22.34 6.77 -9.88
C SER A 8 -22.25 8.22 -9.44
N THR A 9 -21.07 8.63 -9.00
CA THR A 9 -20.86 10.01 -8.54
C THR A 9 -19.84 10.72 -9.42
N ARG A 10 -18.70 10.07 -9.65
CA ARG A 10 -17.64 10.64 -10.47
C ARG A 10 -17.31 9.72 -11.64
N ARG A 11 -17.03 10.33 -12.80
CA ARG A 11 -16.70 9.57 -14.00
C ARG A 11 -15.22 9.75 -14.37
N VAL A 12 -14.72 8.87 -15.21
CA VAL A 12 -13.33 8.94 -15.65
C VAL A 12 -12.90 10.38 -15.91
N SER A 13 -13.88 11.23 -16.20
CA SER A 13 -13.61 12.64 -16.48
C SER A 13 -12.72 13.24 -15.40
N VAL A 14 -13.25 13.34 -14.19
CA VAL A 14 -12.50 13.90 -13.06
C VAL A 14 -11.39 12.95 -12.62
N ARG A 15 -11.71 11.66 -12.57
CA ARG A 15 -10.75 10.65 -12.16
C ARG A 15 -9.50 10.70 -13.04
N ASP A 16 -9.67 10.36 -14.31
CA ASP A 16 -8.56 10.36 -15.26
C ASP A 16 -7.61 11.53 -14.97
N LYS A 17 -8.15 12.73 -14.93
CA LYS A 17 -7.35 13.93 -14.67
C LYS A 17 -6.86 13.94 -13.23
N LEU A 18 -7.67 13.40 -12.33
CA LEU A 18 -7.32 13.35 -10.91
C LEU A 18 -6.19 12.36 -10.66
N LEU A 19 -6.01 11.42 -11.59
CA LEU A 19 -4.98 10.41 -11.48
C LEU A 19 -3.70 10.87 -12.18
N VAL A 20 -3.75 10.96 -13.50
CA VAL A 20 -2.60 11.39 -14.29
C VAL A 20 -1.88 12.55 -13.61
N LYS A 21 -2.65 13.43 -12.97
CA LYS A 21 -2.10 14.58 -12.29
C LYS A 21 -1.29 14.16 -11.07
N GLU A 22 -1.86 13.25 -10.28
CA GLU A 22 -1.18 12.76 -9.08
C GLU A 22 -0.05 11.80 -9.43
N VAL A 23 -0.39 10.77 -10.20
CA VAL A 23 0.60 9.78 -10.62
C VAL A 23 1.93 10.44 -10.96
N ALA A 24 1.87 11.51 -11.73
CA ALA A 24 3.07 12.25 -12.12
C ALA A 24 3.82 12.77 -10.91
N GLU A 25 3.22 13.74 -10.22
CA GLU A 25 3.84 14.33 -9.04
C GLU A 25 4.23 13.25 -8.04
N LEU A 26 3.60 12.08 -8.15
CA LEU A 26 3.89 10.96 -7.26
C LEU A 26 5.24 10.33 -7.59
N GLU A 27 5.46 10.05 -8.87
CA GLU A 27 6.71 9.45 -9.31
C GLU A 27 7.89 10.36 -9.01
N ALA A 28 7.59 11.62 -8.71
CA ALA A 28 8.63 12.60 -8.40
C ALA A 28 8.85 12.71 -6.90
N ASN A 29 7.77 12.58 -6.14
CA ASN A 29 7.84 12.67 -4.68
C ASN A 29 8.14 11.31 -4.06
N LEU A 30 7.91 10.25 -4.84
CA LEU A 30 8.15 8.90 -4.37
C LEU A 30 9.58 8.74 -3.88
N PRO A 31 9.73 8.22 -2.64
CA PRO A 31 11.04 8.01 -2.03
C PRO A 31 11.83 6.88 -2.70
N CYS A 32 13.14 6.96 -2.61
CA CYS A 32 14.01 5.94 -3.21
C CYS A 32 13.55 4.54 -2.83
N THR A 33 13.07 4.40 -1.60
CA THR A 33 12.59 3.11 -1.11
C THR A 33 11.41 2.60 -1.94
N CYS A 34 10.62 3.54 -2.47
CA CYS A 34 9.47 3.19 -3.28
C CYS A 34 9.72 3.47 -4.75
N LYS A 35 9.05 2.73 -5.63
CA LYS A 35 9.21 2.91 -7.07
C LYS A 35 7.96 2.46 -7.81
N VAL A 36 7.36 3.39 -8.55
CA VAL A 36 6.15 3.09 -9.32
C VAL A 36 6.46 2.98 -10.80
N HIS A 37 5.89 1.95 -11.44
CA HIS A 37 6.10 1.74 -12.86
C HIS A 37 4.79 1.39 -13.56
N PHE A 38 4.34 2.28 -14.43
CA PHE A 38 3.09 2.07 -15.17
C PHE A 38 3.31 1.18 -16.38
N PRO A 39 2.67 0.00 -16.38
CA PRO A 39 2.79 -0.97 -17.47
C PRO A 39 2.10 -0.49 -18.75
N ASP A 40 1.00 0.24 -18.59
CA ASP A 40 0.26 0.77 -19.73
C ASP A 40 -0.41 2.09 -19.37
N PRO A 41 -0.17 3.12 -20.21
CA PRO A 41 -0.74 4.45 -20.01
C PRO A 41 -2.24 4.48 -20.25
N ASN A 42 -2.74 3.53 -21.03
CA ASN A 42 -4.16 3.44 -21.33
C ASN A 42 -4.98 3.27 -20.06
N LYS A 43 -4.39 2.62 -19.06
CA LYS A 43 -5.07 2.39 -17.79
C LYS A 43 -4.28 3.01 -16.64
N LEU A 44 -4.91 3.95 -15.94
CA LEU A 44 -4.28 4.62 -14.82
C LEU A 44 -4.83 4.11 -13.49
N HIS A 45 -6.15 4.06 -13.39
CA HIS A 45 -6.81 3.58 -12.17
C HIS A 45 -6.03 2.45 -11.54
N CYS A 46 -5.51 1.55 -12.37
CA CYS A 46 -4.73 0.42 -11.89
C CYS A 46 -3.28 0.53 -12.32
N PHE A 47 -2.36 0.36 -11.37
CA PHE A 47 -0.93 0.45 -11.64
C PHE A 47 -0.15 -0.43 -10.68
N GLN A 48 1.18 -0.36 -10.78
CA GLN A 48 2.05 -1.15 -9.92
C GLN A 48 2.88 -0.24 -9.00
N LEU A 49 2.99 -0.63 -7.74
CA LEU A 49 3.74 0.14 -6.76
C LEU A 49 4.75 -0.74 -6.04
N THR A 50 6.03 -0.58 -6.39
CA THR A 50 7.09 -1.35 -5.78
C THR A 50 7.66 -0.64 -4.55
N VAL A 51 7.21 -1.05 -3.37
CA VAL A 51 7.68 -0.45 -2.13
C VAL A 51 8.68 -1.35 -1.43
N THR A 52 9.88 -0.82 -1.18
CA THR A 52 10.93 -1.59 -0.51
C THR A 52 11.61 -0.75 0.56
N PRO A 53 11.16 -0.92 1.81
CA PRO A 53 11.71 -0.19 2.96
C PRO A 53 13.13 -0.64 3.31
N ASP A 54 14.04 0.32 3.42
CA ASP A 54 15.42 0.02 3.75
C ASP A 54 15.65 0.07 5.26
N GLU A 55 14.60 -0.24 6.03
CA GLU A 55 14.69 -0.23 7.49
C GLU A 55 13.79 -1.30 8.09
N GLY A 56 13.73 -1.33 9.42
CA GLY A 56 12.91 -2.32 10.10
C GLY A 56 13.38 -3.73 9.84
N TYR A 57 12.42 -4.66 9.72
CA TYR A 57 12.74 -6.06 9.48
C TYR A 57 12.91 -6.32 7.98
N TYR A 58 12.04 -5.72 7.18
CA TYR A 58 12.08 -5.89 5.73
C TYR A 58 12.98 -4.83 5.09
N GLN A 59 14.20 -4.71 5.59
CA GLN A 59 15.14 -3.73 5.07
C GLN A 59 15.57 -4.11 3.65
N GLY A 60 15.49 -5.40 3.33
CA GLY A 60 15.87 -5.85 2.00
C GLY A 60 14.83 -6.77 1.39
N GLY A 61 13.56 -6.39 1.54
CA GLY A 61 12.48 -7.20 0.98
C GLY A 61 11.57 -6.40 0.07
N LYS A 62 11.55 -6.78 -1.21
CA LYS A 62 10.72 -6.09 -2.19
C LYS A 62 9.28 -6.58 -2.12
N PHE A 63 8.34 -5.65 -2.23
CA PHE A 63 6.92 -5.98 -2.19
C PHE A 63 6.12 -5.14 -3.18
N GLN A 64 5.32 -5.79 -4.00
CA GLN A 64 4.51 -5.10 -4.99
C GLN A 64 3.10 -4.81 -4.45
N PHE A 65 2.59 -3.63 -4.77
CA PHE A 65 1.26 -3.24 -4.31
C PHE A 65 0.38 -2.83 -5.49
N GLU A 66 -0.80 -3.42 -5.57
CA GLU A 66 -1.75 -3.11 -6.65
C GLU A 66 -2.84 -2.17 -6.16
N THR A 67 -2.74 -0.91 -6.57
CA THR A 67 -3.72 0.11 -6.18
C THR A 67 -4.81 0.24 -7.23
N GLU A 68 -6.05 0.03 -6.82
CA GLU A 68 -7.19 0.14 -7.73
C GLU A 68 -8.06 1.34 -7.37
N VAL A 69 -7.93 2.40 -8.16
CA VAL A 69 -8.69 3.62 -7.93
C VAL A 69 -10.06 3.53 -8.58
N PRO A 70 -11.13 3.56 -7.76
CA PRO A 70 -12.51 3.49 -8.23
C PRO A 70 -12.94 4.74 -8.98
N ASP A 71 -14.21 4.79 -9.37
CA ASP A 71 -14.74 5.94 -10.09
C ASP A 71 -14.91 7.14 -9.16
N ALA A 72 -15.46 6.89 -7.97
CA ALA A 72 -15.67 7.95 -6.99
C ALA A 72 -14.45 8.86 -6.89
N TYR A 73 -13.27 8.25 -6.93
CA TYR A 73 -12.03 8.99 -6.84
C TYR A 73 -12.17 10.38 -7.47
N ASN A 74 -11.59 11.39 -6.83
CA ASN A 74 -10.85 11.17 -5.58
C ASN A 74 -11.81 11.10 -4.40
N MET A 75 -13.10 11.17 -4.68
CA MET A 75 -14.12 11.11 -3.64
C MET A 75 -13.79 10.02 -2.62
N VAL A 76 -13.40 8.85 -3.12
CA VAL A 76 -13.07 7.73 -2.26
C VAL A 76 -11.62 7.28 -2.48
N PRO A 77 -11.02 6.72 -1.43
CA PRO A 77 -9.63 6.24 -1.49
C PRO A 77 -9.48 4.99 -2.35
N PRO A 78 -8.36 4.92 -3.08
CA PRO A 78 -8.06 3.79 -3.96
C PRO A 78 -7.77 2.50 -3.18
N LYS A 79 -8.59 1.48 -3.42
CA LYS A 79 -8.42 0.20 -2.75
C LYS A 79 -7.20 -0.55 -3.30
N VAL A 80 -6.12 -0.56 -2.53
CA VAL A 80 -4.90 -1.25 -2.94
C VAL A 80 -4.68 -2.51 -2.11
N LYS A 81 -4.32 -3.60 -2.80
CA LYS A 81 -4.07 -4.87 -2.14
C LYS A 81 -2.62 -5.31 -2.32
N CYS A 82 -2.03 -5.84 -1.27
CA CYS A 82 -0.65 -6.31 -1.31
C CYS A 82 -0.54 -7.61 -2.09
N LEU A 83 -0.12 -7.50 -3.35
CA LEU A 83 0.03 -8.67 -4.21
C LEU A 83 0.97 -9.69 -3.58
N THR A 84 2.22 -9.28 -3.36
CA THR A 84 3.22 -10.16 -2.77
C THR A 84 2.76 -10.67 -1.40
N LYS A 85 3.29 -11.81 -0.99
CA LYS A 85 2.95 -12.40 0.29
C LYS A 85 3.99 -12.06 1.35
N ILE A 86 3.52 -11.55 2.49
CA ILE A 86 4.42 -11.18 3.58
C ILE A 86 3.86 -11.63 4.93
N TRP A 87 4.75 -11.85 5.89
CA TRP A 87 4.34 -12.28 7.22
C TRP A 87 3.95 -11.09 8.09
N HIS A 88 3.50 -10.02 7.43
CA HIS A 88 3.09 -8.81 8.14
C HIS A 88 1.74 -9.01 8.83
N PRO A 89 1.60 -8.49 10.05
CA PRO A 89 0.37 -8.60 10.84
C PRO A 89 -0.77 -7.78 10.25
N ASN A 90 -0.43 -6.61 9.71
CA ASN A 90 -1.42 -5.72 9.12
C ASN A 90 -1.77 -6.17 7.69
N ILE A 91 -0.75 -6.63 6.96
CA ILE A 91 -0.95 -7.08 5.59
C ILE A 91 -1.04 -8.60 5.53
N THR A 92 -2.26 -9.11 5.46
CA THR A 92 -2.49 -10.56 5.39
C THR A 92 -1.97 -11.13 4.08
N GLU A 93 -1.29 -12.27 4.16
CA GLU A 93 -0.74 -12.93 2.98
C GLU A 93 -1.67 -12.74 1.78
N THR A 94 -2.94 -13.08 1.95
CA THR A 94 -3.92 -12.95 0.88
C THR A 94 -3.73 -11.64 0.13
N GLY A 95 -3.92 -10.52 0.84
CA GLY A 95 -3.77 -9.22 0.22
C GLY A 95 -4.73 -8.19 0.80
N GLU A 96 -4.63 -7.98 2.11
CA GLU A 96 -5.50 -7.02 2.79
C GLU A 96 -4.68 -6.06 3.65
N ILE A 97 -4.69 -4.79 3.26
CA ILE A 97 -3.94 -3.77 3.99
C ILE A 97 -4.87 -2.92 4.86
N CYS A 98 -4.37 -2.52 6.02
CA CYS A 98 -5.15 -1.70 6.94
C CYS A 98 -4.53 -0.32 7.13
N LEU A 99 -5.13 0.68 6.49
CA LEU A 99 -4.62 2.05 6.58
C LEU A 99 -5.73 3.00 7.02
N SER A 100 -5.40 3.90 7.94
CA SER A 100 -6.36 4.87 8.45
C SER A 100 -6.75 5.87 7.36
N LEU A 101 -5.74 6.56 6.83
CA LEU A 101 -5.97 7.55 5.78
C LEU A 101 -6.71 6.93 4.60
N LEU A 102 -6.59 5.61 4.46
CA LEU A 102 -7.25 4.90 3.38
C LEU A 102 -8.59 4.32 3.83
N ARG A 103 -9.26 5.03 4.73
CA ARG A 103 -10.55 4.59 5.25
C ARG A 103 -11.68 5.46 4.69
N GLU A 104 -12.70 4.81 4.16
CA GLU A 104 -13.84 5.52 3.58
C GLU A 104 -14.72 6.10 4.69
N HIS A 105 -15.27 5.23 5.53
CA HIS A 105 -16.13 5.65 6.62
C HIS A 105 -15.33 5.83 7.91
N SER A 106 -14.51 6.87 7.95
CA SER A 106 -13.68 7.15 9.11
C SER A 106 -14.30 8.25 9.97
N ILE A 107 -15.62 8.35 9.93
CA ILE A 107 -16.34 9.36 10.69
C ILE A 107 -15.48 10.60 10.91
N ASP A 108 -14.75 10.99 9.88
CA ASP A 108 -13.88 12.16 9.96
C ASP A 108 -12.76 11.95 10.99
N GLY A 109 -12.02 10.86 10.82
CA GLY A 109 -10.93 10.56 11.74
C GLY A 109 -9.64 10.19 11.02
N THR A 110 -8.80 11.19 10.77
CA THR A 110 -7.53 10.98 10.08
C THR A 110 -7.69 9.96 8.95
N GLY A 111 -8.89 9.90 8.37
CA GLY A 111 -9.15 8.97 7.29
C GLY A 111 -8.83 9.55 5.93
N TRP A 112 -9.74 9.39 4.98
CA TRP A 112 -9.54 9.90 3.63
C TRP A 112 -10.37 11.16 3.40
N ALA A 113 -10.10 11.86 2.30
CA ALA A 113 -10.83 13.07 1.96
C ALA A 113 -10.70 13.40 0.48
N PRO A 114 -11.62 14.22 -0.03
CA PRO A 114 -11.64 14.62 -1.43
C PRO A 114 -10.48 15.56 -1.78
N THR A 115 -9.60 15.79 -0.81
CA THR A 115 -8.45 16.66 -1.01
C THR A 115 -7.15 15.87 -1.01
N ARG A 116 -7.18 14.69 -0.41
CA ARG A 116 -6.00 13.83 -0.35
C ARG A 116 -5.64 13.31 -1.74
N THR A 117 -4.42 12.78 -1.86
CA THR A 117 -3.94 12.25 -3.13
C THR A 117 -3.21 10.93 -2.94
N LEU A 118 -2.89 10.27 -4.04
CA LEU A 118 -2.17 9.00 -3.99
C LEU A 118 -0.81 9.16 -3.33
N LYS A 119 -0.34 10.40 -3.25
CA LYS A 119 0.95 10.69 -2.64
C LYS A 119 0.93 10.38 -1.15
N ASP A 120 -0.26 10.42 -0.55
CA ASP A 120 -0.42 10.14 0.86
C ASP A 120 -0.79 8.68 1.09
N VAL A 121 -1.54 8.11 0.16
CA VAL A 121 -1.96 6.72 0.26
C VAL A 121 -0.78 5.78 0.07
N VAL A 122 0.24 6.25 -0.62
CA VAL A 122 1.43 5.45 -0.86
C VAL A 122 2.44 5.59 0.26
N TRP A 123 2.57 6.81 0.78
CA TRP A 123 3.50 7.08 1.88
C TRP A 123 3.21 6.18 3.07
N GLY A 124 1.98 6.23 3.56
CA GLY A 124 1.60 5.42 4.70
C GLY A 124 1.82 3.94 4.45
N LEU A 125 1.45 3.47 3.26
CA LEU A 125 1.62 2.07 2.91
C LEU A 125 3.00 1.57 3.28
N ASN A 126 4.02 2.38 3.00
CA ASN A 126 5.40 2.02 3.31
C ASN A 126 5.70 2.27 4.78
N SER A 127 4.98 3.20 5.38
CA SER A 127 5.18 3.54 6.78
C SER A 127 4.78 2.37 7.69
N LEU A 128 3.92 1.50 7.16
CA LEU A 128 3.46 0.35 7.92
C LEU A 128 4.63 -0.55 8.31
N PHE A 129 5.80 -0.28 7.74
CA PHE A 129 6.98 -1.07 8.03
C PHE A 129 8.03 -0.22 8.76
N THR A 130 7.82 1.10 8.76
CA THR A 130 8.74 2.02 9.41
C THR A 130 8.28 2.34 10.83
N ASP A 131 7.22 3.14 10.94
CA ASP A 131 6.69 3.52 12.24
C ASP A 131 5.29 2.93 12.44
N LEU A 132 4.55 2.77 11.35
CA LEU A 132 3.20 2.23 11.41
C LEU A 132 3.24 0.71 11.51
N LEU A 133 4.14 0.20 12.35
CA LEU A 133 4.27 -1.25 12.55
C LEU A 133 3.82 -1.64 13.95
N ASN A 134 2.54 -1.41 14.23
CA ASN A 134 1.98 -1.76 15.53
C ASN A 134 1.73 -3.26 15.64
N PHE A 135 1.78 -3.78 16.86
CA PHE A 135 1.56 -5.20 17.10
C PHE A 135 0.63 -5.42 18.30
N ASP A 136 -0.46 -4.64 18.33
CA ASP A 136 -1.42 -4.75 19.42
C ASP A 136 -2.73 -5.35 18.92
N ASP A 137 -3.40 -4.64 18.01
CA ASP A 137 -4.67 -5.11 17.45
C ASP A 137 -4.59 -5.19 15.94
N PRO A 138 -3.61 -5.97 15.44
CA PRO A 138 -3.40 -6.15 14.00
C PRO A 138 -4.51 -6.98 13.35
N LEU A 139 -4.30 -7.37 12.10
CA LEU A 139 -5.29 -8.17 11.37
C LEU A 139 -4.99 -9.66 11.51
N ASN A 140 -3.70 -10.00 11.50
CA ASN A 140 -3.28 -11.39 11.61
C ASN A 140 -2.59 -11.64 12.96
N ILE A 141 -3.32 -12.24 13.89
CA ILE A 141 -2.77 -12.54 15.20
C ILE A 141 -1.46 -13.30 15.11
N GLU A 142 -1.48 -14.42 14.41
CA GLU A 142 -0.29 -15.25 14.23
C GLU A 142 0.95 -14.38 14.07
N ALA A 143 0.99 -13.60 13.00
CA ALA A 143 2.12 -12.71 12.73
C ALA A 143 2.59 -12.02 14.01
N ALA A 144 1.63 -11.68 14.87
CA ALA A 144 1.95 -11.02 16.13
C ALA A 144 2.47 -12.01 17.17
N GLU A 145 1.75 -13.12 17.32
CA GLU A 145 2.14 -14.15 18.28
C GLU A 145 3.58 -14.58 18.06
N HIS A 146 3.99 -14.64 16.80
CA HIS A 146 5.35 -15.04 16.44
C HIS A 146 6.37 -14.11 17.08
N HIS A 147 5.94 -12.91 17.42
CA HIS A 147 6.82 -11.92 18.04
C HIS A 147 6.79 -12.05 19.56
N LEU A 148 5.71 -12.62 20.08
CA LEU A 148 5.56 -12.81 21.52
C LEU A 148 6.25 -14.09 21.97
N ARG A 149 6.16 -15.13 21.15
CA ARG A 149 6.79 -16.40 21.47
C ARG A 149 8.30 -16.32 21.38
N ASP A 150 8.79 -15.60 20.38
CA ASP A 150 10.23 -15.43 20.18
C ASP A 150 10.52 -14.15 19.40
N LYS A 151 11.42 -13.33 19.94
CA LYS A 151 11.80 -12.08 19.30
C LYS A 151 12.64 -12.33 18.06
N GLU A 152 13.45 -13.39 18.10
CA GLU A 152 14.31 -13.74 16.98
C GLU A 152 13.52 -14.45 15.89
N ASP A 153 12.88 -15.56 16.25
CA ASP A 153 12.09 -16.34 15.29
C ASP A 153 11.25 -15.42 14.41
N PHE A 154 10.67 -14.40 15.03
CA PHE A 154 9.83 -13.44 14.29
C PHE A 154 10.55 -12.94 13.05
N ARG A 155 11.83 -12.63 13.20
CA ARG A 155 12.64 -12.14 12.08
C ARG A 155 13.03 -13.28 11.14
N ASN A 156 13.48 -14.39 11.73
CA ASN A 156 13.89 -15.55 10.95
C ASN A 156 12.95 -15.77 9.77
N LYS A 157 11.66 -15.83 10.05
CA LYS A 157 10.66 -16.03 9.00
C LYS A 157 10.60 -14.83 8.07
N VAL A 158 10.44 -13.64 8.64
CA VAL A 158 10.38 -12.41 7.86
C VAL A 158 11.34 -12.47 6.67
N ASP A 159 12.52 -13.05 6.90
CA ASP A 159 13.51 -13.17 5.85
C ASP A 159 13.14 -14.24 4.84
N ASP A 160 12.61 -15.36 5.35
CA ASP A 160 12.20 -16.46 4.49
C ASP A 160 11.01 -16.07 3.62
N TYR A 161 9.91 -15.68 4.27
CA TYR A 161 8.71 -15.27 3.55
C TYR A 161 9.04 -14.33 2.41
N ILE A 162 10.17 -13.63 2.54
CA ILE A 162 10.61 -12.69 1.51
C ILE A 162 11.21 -13.41 0.32
N LYS A 163 12.38 -14.01 0.54
CA LYS A 163 13.07 -14.74 -0.52
C LYS A 163 12.15 -15.79 -1.15
N ARG A 164 11.15 -16.22 -0.39
CA ARG A 164 10.20 -17.22 -0.86
C ARG A 164 9.59 -16.79 -2.19
N TYR A 165 8.87 -15.69 -2.18
CA TYR A 165 8.23 -15.17 -3.38
C TYR A 165 8.58 -13.70 -3.60
N ALA A 166 9.74 -13.29 -3.08
CA ALA A 166 10.20 -11.92 -3.22
C ALA A 166 11.72 -11.84 -3.09
N ARG A 167 12.36 -11.26 -4.10
CA ARG A 167 13.81 -11.12 -4.10
C ARG A 167 14.23 -9.79 -4.73
N SER A 168 14.98 -8.99 -3.98
CA SER A 168 15.45 -7.70 -4.46
C SER A 168 16.54 -7.87 -5.51
N GLY A 169 16.13 -7.93 -6.78
CA GLY A 169 17.09 -8.09 -7.86
C GLY A 169 17.68 -9.48 -7.91
N PRO A 170 18.63 -9.70 -8.83
CA PRO A 170 19.29 -11.00 -9.00
C PRO A 170 20.22 -11.33 -7.84
N SER A 171 20.93 -10.32 -7.35
CA SER A 171 21.86 -10.51 -6.25
C SER A 171 21.11 -10.77 -4.94
N SER A 172 21.86 -11.03 -3.87
CA SER A 172 21.26 -11.30 -2.57
C SER A 172 21.25 -10.04 -1.71
N GLY A 173 22.42 -9.42 -1.57
CA GLY A 173 22.52 -8.21 -0.78
C GLY A 173 22.73 -8.50 0.70
N GLY A 1 -22.04 -4.47 -6.78
CA GLY A 1 -23.13 -5.43 -6.90
C GLY A 1 -23.08 -6.21 -8.19
N SER A 2 -24.15 -6.10 -8.99
CA SER A 2 -24.23 -6.81 -10.26
C SER A 2 -23.74 -5.92 -11.40
N SER A 3 -22.44 -5.93 -11.64
CA SER A 3 -21.84 -5.13 -12.71
C SER A 3 -20.40 -5.57 -12.98
N GLY A 4 -19.99 -5.45 -14.24
CA GLY A 4 -18.64 -5.84 -14.61
C GLY A 4 -17.71 -4.65 -14.74
N SER A 5 -16.48 -4.90 -15.17
CA SER A 5 -15.49 -3.84 -15.33
C SER A 5 -14.81 -3.94 -16.69
N SER A 6 -15.36 -3.23 -17.67
CA SER A 6 -14.81 -3.24 -19.02
C SER A 6 -13.30 -3.10 -18.99
N GLY A 7 -12.80 -2.17 -18.19
CA GLY A 7 -11.38 -1.95 -18.08
C GLY A 7 -10.99 -0.50 -18.34
N SER A 8 -11.57 0.09 -19.37
CA SER A 8 -11.28 1.46 -19.73
C SER A 8 -12.49 2.36 -19.48
N THR A 9 -12.53 2.96 -18.30
CA THR A 9 -13.63 3.84 -17.93
C THR A 9 -13.21 5.31 -17.99
N ARG A 10 -13.39 5.92 -19.16
CA ARG A 10 -13.03 7.31 -19.35
C ARG A 10 -14.27 8.19 -19.42
N ARG A 11 -15.24 7.89 -18.56
CA ARG A 11 -16.48 8.66 -18.53
C ARG A 11 -16.49 9.63 -17.35
N VAL A 12 -15.36 10.25 -17.09
CA VAL A 12 -15.23 11.21 -15.99
C VAL A 12 -14.15 12.24 -16.28
N SER A 13 -14.17 13.33 -15.52
CA SER A 13 -13.19 14.40 -15.69
C SER A 13 -12.30 14.53 -14.47
N VAL A 14 -12.84 15.10 -13.39
CA VAL A 14 -12.10 15.28 -12.16
C VAL A 14 -11.15 14.12 -11.92
N ARG A 15 -11.62 12.91 -12.20
CA ARG A 15 -10.80 11.71 -12.01
C ARG A 15 -9.65 11.68 -13.01
N ASP A 16 -9.98 11.59 -14.29
CA ASP A 16 -8.97 11.56 -15.34
C ASP A 16 -7.87 12.58 -15.08
N LYS A 17 -8.26 13.74 -14.54
CA LYS A 17 -7.31 14.80 -14.23
C LYS A 17 -6.66 14.57 -12.87
N LEU A 18 -7.44 14.05 -11.94
CA LEU A 18 -6.94 13.79 -10.59
C LEU A 18 -5.92 12.66 -10.60
N LEU A 19 -5.89 11.90 -11.70
CA LEU A 19 -4.97 10.78 -11.84
C LEU A 19 -3.65 11.25 -12.45
N VAL A 20 -3.74 11.88 -13.62
CA VAL A 20 -2.56 12.38 -14.31
C VAL A 20 -1.82 13.42 -13.47
N LYS A 21 -2.59 14.31 -12.85
CA LYS A 21 -2.01 15.36 -12.02
C LYS A 21 -1.28 14.76 -10.82
N GLU A 22 -1.88 13.76 -10.20
CA GLU A 22 -1.28 13.10 -9.05
C GLU A 22 -0.20 12.12 -9.48
N VAL A 23 -0.59 11.08 -10.21
CA VAL A 23 0.35 10.07 -10.68
C VAL A 23 1.69 10.71 -11.04
N ALA A 24 1.63 11.88 -11.66
CA ALA A 24 2.84 12.59 -12.07
C ALA A 24 3.70 12.93 -10.86
N GLU A 25 3.20 13.86 -10.03
CA GLU A 25 3.92 14.28 -8.84
C GLU A 25 4.30 13.08 -7.98
N LEU A 26 3.44 12.07 -7.98
CA LEU A 26 3.68 10.86 -7.20
C LEU A 26 4.94 10.14 -7.66
N GLU A 27 5.14 10.09 -8.97
CA GLU A 27 6.30 9.43 -9.55
C GLU A 27 7.57 10.24 -9.25
N ALA A 28 7.39 11.46 -8.76
CA ALA A 28 8.52 12.31 -8.43
C ALA A 28 8.60 12.57 -6.94
N ASN A 29 7.59 12.09 -6.21
CA ASN A 29 7.55 12.27 -4.76
C ASN A 29 7.80 10.95 -4.03
N LEU A 30 7.33 9.86 -4.64
CA LEU A 30 7.51 8.54 -4.05
C LEU A 30 8.91 8.38 -3.46
N PRO A 31 8.98 7.71 -2.29
CA PRO A 31 10.25 7.48 -1.60
C PRO A 31 11.15 6.49 -2.34
N CYS A 32 12.46 6.67 -2.21
CA CYS A 32 13.42 5.78 -2.87
C CYS A 32 13.12 4.33 -2.55
N THR A 33 12.45 4.10 -1.42
CA THR A 33 12.10 2.75 -1.00
C THR A 33 11.04 2.14 -1.91
N CYS A 34 10.21 3.00 -2.50
CA CYS A 34 9.14 2.55 -3.38
C CYS A 34 9.48 2.88 -4.83
N LYS A 35 8.76 2.24 -5.76
CA LYS A 35 8.98 2.47 -7.19
C LYS A 35 7.74 2.08 -7.99
N VAL A 36 7.16 3.06 -8.67
CA VAL A 36 5.96 2.82 -9.47
C VAL A 36 6.32 2.73 -10.95
N HIS A 37 5.60 1.89 -11.68
CA HIS A 37 5.83 1.71 -13.11
C HIS A 37 4.52 1.45 -13.85
N PHE A 38 4.14 2.39 -14.70
CA PHE A 38 2.90 2.26 -15.46
C PHE A 38 3.15 1.53 -16.79
N PRO A 39 2.42 0.43 -17.01
CA PRO A 39 2.55 -0.38 -18.22
C PRO A 39 2.02 0.35 -19.45
N ASP A 40 0.90 1.07 -19.28
CA ASP A 40 0.29 1.81 -20.38
C ASP A 40 -0.14 3.20 -19.93
N PRO A 41 0.23 4.21 -20.71
CA PRO A 41 -0.10 5.61 -20.42
C PRO A 41 -1.59 5.90 -20.57
N ASN A 42 -2.25 5.12 -21.42
CA ASN A 42 -3.68 5.29 -21.66
C ASN A 42 -4.49 4.98 -20.41
N LYS A 43 -4.00 4.02 -19.62
CA LYS A 43 -4.67 3.62 -18.38
C LYS A 43 -3.85 4.04 -17.17
N LEU A 44 -4.48 4.81 -16.29
CA LEU A 44 -3.81 5.29 -15.07
C LEU A 44 -4.47 4.71 -13.83
N HIS A 45 -5.81 4.69 -13.84
CA HIS A 45 -6.57 4.15 -12.72
C HIS A 45 -5.84 2.98 -12.07
N CYS A 46 -5.38 2.05 -12.89
CA CYS A 46 -4.67 0.88 -12.39
C CYS A 46 -3.19 0.95 -12.76
N PHE A 47 -2.33 0.65 -11.78
CA PHE A 47 -0.89 0.69 -12.00
C PHE A 47 -0.18 -0.23 -11.02
N GLN A 48 1.15 -0.20 -11.05
CA GLN A 48 1.96 -1.04 -10.16
C GLN A 48 2.73 -0.18 -9.16
N LEU A 49 2.74 -0.61 -7.91
CA LEU A 49 3.44 0.11 -6.86
C LEU A 49 4.33 -0.83 -6.04
N THR A 50 5.65 -0.67 -6.20
CA THR A 50 6.60 -1.50 -5.49
C THR A 50 7.09 -0.82 -4.22
N VAL A 51 7.23 -1.59 -3.14
CA VAL A 51 7.69 -1.05 -1.87
C VAL A 51 8.62 -2.03 -1.16
N THR A 52 9.91 -1.67 -1.13
CA THR A 52 10.91 -2.52 -0.49
C THR A 52 11.75 -1.72 0.51
N PRO A 53 11.49 -1.93 1.80
CA PRO A 53 12.20 -1.24 2.88
C PRO A 53 13.65 -1.70 2.99
N ASP A 54 14.57 -0.74 3.03
CA ASP A 54 15.99 -1.06 3.14
C ASP A 54 16.48 -0.84 4.56
N GLU A 55 15.58 -0.94 5.52
CA GLU A 55 15.91 -0.75 6.93
C GLU A 55 15.04 -1.64 7.83
N GLY A 56 15.25 -1.53 9.14
CA GLY A 56 14.48 -2.31 10.07
C GLY A 56 14.15 -3.69 9.54
N TYR A 57 12.87 -4.06 9.62
CA TYR A 57 12.44 -5.37 9.14
C TYR A 57 12.31 -5.39 7.62
N TYR A 58 12.29 -6.59 7.05
CA TYR A 58 12.19 -6.73 5.61
C TYR A 58 13.16 -5.82 4.88
N GLN A 59 14.29 -5.54 5.52
CA GLN A 59 15.31 -4.67 4.93
C GLN A 59 15.61 -5.08 3.50
N GLY A 60 15.28 -6.32 3.16
CA GLY A 60 15.53 -6.81 1.82
C GLY A 60 14.40 -7.68 1.30
N GLY A 61 13.17 -7.21 1.47
CA GLY A 61 12.02 -7.96 1.01
C GLY A 61 11.22 -7.22 -0.06
N LYS A 62 11.23 -7.76 -1.28
CA LYS A 62 10.50 -7.14 -2.38
C LYS A 62 9.01 -7.45 -2.29
N PHE A 63 8.19 -6.42 -2.52
CA PHE A 63 6.75 -6.58 -2.47
C PHE A 63 6.06 -5.72 -3.52
N GLN A 64 4.99 -6.24 -4.10
CA GLN A 64 4.25 -5.52 -5.13
C GLN A 64 2.81 -5.26 -4.68
N PHE A 65 2.26 -4.13 -5.12
CA PHE A 65 0.89 -3.76 -4.76
C PHE A 65 0.11 -3.32 -5.99
N GLU A 66 -1.14 -3.76 -6.08
CA GLU A 66 -1.99 -3.40 -7.21
C GLU A 66 -3.10 -2.44 -6.78
N THR A 67 -2.93 -1.16 -7.14
CA THR A 67 -3.90 -0.14 -6.80
C THR A 67 -4.94 0.04 -7.91
N GLU A 68 -6.19 0.29 -7.52
CA GLU A 68 -7.26 0.49 -8.49
C GLU A 68 -8.12 1.69 -8.11
N VAL A 69 -8.07 2.72 -8.93
CA VAL A 69 -8.85 3.93 -8.69
C VAL A 69 -10.20 3.88 -9.39
N PRO A 70 -11.28 3.82 -8.60
CA PRO A 70 -12.65 3.75 -9.12
C PRO A 70 -13.07 5.06 -9.77
N ASP A 71 -14.33 5.12 -10.19
CA ASP A 71 -14.87 6.32 -10.84
C ASP A 71 -15.08 7.43 -9.82
N ALA A 72 -15.61 7.06 -8.66
CA ALA A 72 -15.87 8.03 -7.60
C ALA A 72 -14.66 8.93 -7.37
N TYR A 73 -13.47 8.33 -7.37
CA TYR A 73 -12.24 9.08 -7.16
C TYR A 73 -12.34 10.48 -7.74
N ASN A 74 -11.81 11.45 -7.02
CA ASN A 74 -11.17 11.19 -5.74
C ASN A 74 -12.20 11.08 -4.63
N MET A 75 -13.46 10.93 -5.00
CA MET A 75 -14.55 10.81 -4.04
C MET A 75 -14.30 9.65 -3.08
N VAL A 76 -13.86 8.52 -3.62
CA VAL A 76 -13.58 7.34 -2.81
C VAL A 76 -12.14 6.89 -2.98
N PRO A 77 -11.59 6.25 -1.95
CA PRO A 77 -10.21 5.74 -1.96
C PRO A 77 -10.04 4.56 -2.89
N PRO A 78 -8.87 4.50 -3.56
CA PRO A 78 -8.55 3.42 -4.51
C PRO A 78 -8.34 2.08 -3.80
N LYS A 79 -8.74 1.00 -4.47
CA LYS A 79 -8.58 -0.34 -3.90
C LYS A 79 -7.18 -0.89 -4.18
N VAL A 80 -6.40 -1.07 -3.12
CA VAL A 80 -5.04 -1.59 -3.25
C VAL A 80 -4.86 -2.87 -2.45
N LYS A 81 -4.46 -3.94 -3.13
CA LYS A 81 -4.25 -5.23 -2.48
C LYS A 81 -2.81 -5.70 -2.65
N CYS A 82 -2.18 -6.09 -1.55
CA CYS A 82 -0.80 -6.56 -1.58
C CYS A 82 -0.69 -7.86 -2.36
N LEU A 83 -0.05 -7.80 -3.52
CA LEU A 83 0.13 -8.97 -4.37
C LEU A 83 1.05 -9.99 -3.70
N THR A 84 2.29 -9.58 -3.44
CA THR A 84 3.26 -10.45 -2.81
C THR A 84 2.77 -10.94 -1.45
N LYS A 85 3.44 -11.95 -0.91
CA LYS A 85 3.06 -12.52 0.38
C LYS A 85 4.06 -12.12 1.46
N ILE A 86 3.55 -11.63 2.59
CA ILE A 86 4.40 -11.22 3.69
C ILE A 86 3.81 -11.66 5.03
N TRP A 87 4.69 -11.97 5.99
CA TRP A 87 4.25 -12.40 7.31
C TRP A 87 3.95 -11.19 8.20
N HIS A 88 3.65 -10.06 7.57
CA HIS A 88 3.34 -8.84 8.31
C HIS A 88 2.08 -9.02 9.15
N PRO A 89 2.11 -8.48 10.38
CA PRO A 89 0.98 -8.57 11.30
C PRO A 89 -0.22 -7.73 10.86
N ASN A 90 0.00 -6.94 9.81
CA ASN A 90 -1.06 -6.08 9.28
C ASN A 90 -1.49 -6.54 7.88
N ILE A 91 -0.50 -6.91 7.07
CA ILE A 91 -0.77 -7.37 5.71
C ILE A 91 -0.80 -8.89 5.64
N THR A 92 -1.97 -9.44 5.32
CA THR A 92 -2.13 -10.89 5.23
C THR A 92 -1.50 -11.43 3.95
N GLU A 93 -1.49 -12.75 3.81
CA GLU A 93 -0.91 -13.39 2.63
C GLU A 93 -1.84 -13.26 1.43
N THR A 94 -3.14 -13.09 1.69
CA THR A 94 -4.11 -12.96 0.63
C THR A 94 -4.00 -11.59 -0.06
N GLY A 95 -3.34 -10.65 0.62
CA GLY A 95 -3.18 -9.32 0.05
C GLY A 95 -3.93 -8.26 0.83
N GLU A 96 -4.76 -8.69 1.77
CA GLU A 96 -5.54 -7.77 2.58
C GLU A 96 -4.64 -6.80 3.33
N ILE A 97 -5.01 -5.53 3.31
CA ILE A 97 -4.24 -4.49 3.99
C ILE A 97 -5.10 -3.70 4.97
N CYS A 98 -4.57 -3.47 6.16
CA CYS A 98 -5.30 -2.73 7.19
C CYS A 98 -4.77 -1.30 7.30
N LEU A 99 -5.34 -0.41 6.50
CA LEU A 99 -4.92 1.00 6.50
C LEU A 99 -6.08 1.91 6.90
N SER A 100 -5.79 2.93 7.69
CA SER A 100 -6.80 3.88 8.13
C SER A 100 -7.12 4.89 7.04
N LEU A 101 -6.10 5.56 6.55
CA LEU A 101 -6.27 6.56 5.49
C LEU A 101 -7.00 5.96 4.29
N LEU A 102 -6.93 4.64 4.16
CA LEU A 102 -7.57 3.95 3.06
C LEU A 102 -9.00 3.53 3.44
N ARG A 103 -9.59 4.24 4.38
CA ARG A 103 -10.94 3.94 4.83
C ARG A 103 -11.96 4.89 4.20
N GLU A 104 -13.07 4.33 3.75
CA GLU A 104 -14.12 5.13 3.12
C GLU A 104 -14.51 6.32 3.99
N HIS A 105 -15.54 7.05 3.56
CA HIS A 105 -16.00 8.21 4.30
C HIS A 105 -15.84 7.99 5.81
N SER A 106 -15.37 9.02 6.50
CA SER A 106 -15.17 8.95 7.94
C SER A 106 -15.84 10.12 8.65
N ILE A 107 -15.76 10.13 9.98
CA ILE A 107 -16.35 11.19 10.77
C ILE A 107 -15.28 11.98 11.53
N ASP A 108 -14.12 11.36 11.70
CA ASP A 108 -13.01 12.00 12.40
C ASP A 108 -12.02 12.61 11.42
N GLY A 109 -11.76 11.91 10.33
CA GLY A 109 -10.84 12.39 9.33
C GLY A 109 -9.71 11.41 9.05
N THR A 110 -9.18 10.81 10.11
CA THR A 110 -8.09 9.85 9.98
C THR A 110 -8.26 9.00 8.73
N GLY A 111 -9.50 8.66 8.40
CA GLY A 111 -9.78 7.85 7.24
C GLY A 111 -9.46 8.58 5.94
N TRP A 112 -10.15 8.22 4.87
CA TRP A 112 -9.94 8.83 3.57
C TRP A 112 -10.64 10.18 3.49
N ALA A 113 -10.31 10.94 2.44
CA ALA A 113 -10.91 12.26 2.24
C ALA A 113 -10.55 12.84 0.88
N PRO A 114 -11.44 13.67 0.33
CA PRO A 114 -11.24 14.29 -0.98
C PRO A 114 -10.14 15.34 -0.96
N THR A 115 -9.49 15.48 0.20
CA THR A 115 -8.41 16.45 0.35
C THR A 115 -7.05 15.82 0.05
N ARG A 116 -6.82 14.63 0.58
CA ARG A 116 -5.57 13.92 0.37
C ARG A 116 -5.50 13.36 -1.05
N THR A 117 -4.36 12.76 -1.39
CA THR A 117 -4.16 12.19 -2.71
C THR A 117 -3.46 10.84 -2.63
N LEU A 118 -3.14 10.26 -3.79
CA LEU A 118 -2.47 8.98 -3.85
C LEU A 118 -1.09 9.06 -3.20
N LYS A 119 -0.40 10.17 -3.41
CA LYS A 119 0.92 10.38 -2.84
C LYS A 119 0.95 9.95 -1.37
N ASP A 120 -0.23 9.88 -0.76
CA ASP A 120 -0.34 9.49 0.65
C ASP A 120 -0.62 8.00 0.77
N VAL A 121 -1.57 7.51 -0.02
CA VAL A 121 -1.93 6.11 0.00
C VAL A 121 -0.71 5.22 -0.20
N VAL A 122 0.31 5.75 -0.86
CA VAL A 122 1.54 5.01 -1.11
C VAL A 122 2.56 5.26 -0.02
N TRP A 123 2.53 6.46 0.55
CA TRP A 123 3.46 6.83 1.61
C TRP A 123 3.25 5.97 2.85
N GLY A 124 1.98 5.68 3.14
CA GLY A 124 1.66 4.86 4.30
C GLY A 124 2.00 3.40 4.10
N LEU A 125 1.81 2.92 2.88
CA LEU A 125 2.10 1.53 2.55
C LEU A 125 3.57 1.21 2.77
N ASN A 126 4.40 2.25 2.78
CA ASN A 126 5.83 2.08 2.97
C ASN A 126 6.19 2.16 4.45
N SER A 127 5.48 3.01 5.18
CA SER A 127 5.72 3.19 6.61
C SER A 127 5.14 2.02 7.40
N LEU A 128 4.24 1.28 6.77
CA LEU A 128 3.60 0.13 7.42
C LEU A 128 4.62 -0.93 7.78
N PHE A 129 5.86 -0.73 7.33
CA PHE A 129 6.93 -1.68 7.58
C PHE A 129 8.04 -1.02 8.40
N THR A 130 7.85 0.25 8.74
CA THR A 130 8.84 1.00 9.51
C THR A 130 8.18 1.77 10.64
N ASP A 131 7.51 2.86 10.30
CA ASP A 131 6.84 3.69 11.29
C ASP A 131 5.47 3.10 11.65
N LEU A 132 4.65 2.85 10.63
CA LEU A 132 3.32 2.29 10.84
C LEU A 132 3.40 0.80 11.13
N LEU A 133 4.32 0.42 12.01
CA LEU A 133 4.50 -0.98 12.38
C LEU A 133 4.18 -1.20 13.86
N ASN A 134 2.89 -1.13 14.19
CA ASN A 134 2.45 -1.33 15.57
C ASN A 134 2.05 -2.78 15.82
N PHE A 135 2.26 -3.24 17.05
CA PHE A 135 1.92 -4.62 17.41
C PHE A 135 0.95 -4.64 18.59
N ASP A 136 -0.16 -3.94 18.44
CA ASP A 136 -1.17 -3.88 19.49
C ASP A 136 -2.47 -4.55 19.04
N ASP A 137 -3.08 -4.00 17.99
CA ASP A 137 -4.33 -4.55 17.46
C ASP A 137 -4.17 -4.92 15.99
N PRO A 138 -3.23 -5.83 15.71
CA PRO A 138 -2.95 -6.29 14.34
C PRO A 138 -4.08 -7.15 13.78
N LEU A 139 -3.87 -7.72 12.60
CA LEU A 139 -4.86 -8.56 11.96
C LEU A 139 -4.56 -10.04 12.17
N ASN A 140 -3.27 -10.38 12.12
CA ASN A 140 -2.84 -11.76 12.32
C ASN A 140 -2.20 -11.94 13.69
N ILE A 141 -2.97 -12.48 14.63
CA ILE A 141 -2.49 -12.71 15.98
C ILE A 141 -1.10 -13.34 15.96
N GLU A 142 -1.02 -14.56 15.43
CA GLU A 142 0.25 -15.27 15.36
C GLU A 142 1.39 -14.32 15.03
N ALA A 143 1.36 -13.76 13.83
CA ALA A 143 2.40 -12.82 13.40
C ALA A 143 2.90 -11.97 14.56
N ALA A 144 1.95 -11.42 15.33
CA ALA A 144 2.28 -10.58 16.47
C ALA A 144 2.91 -11.41 17.60
N GLU A 145 2.26 -12.53 17.93
CA GLU A 145 2.74 -13.40 18.98
C GLU A 145 4.22 -13.75 18.77
N HIS A 146 4.58 -13.97 17.51
CA HIS A 146 5.96 -14.32 17.18
C HIS A 146 6.93 -13.26 17.71
N HIS A 147 6.44 -12.04 17.86
CA HIS A 147 7.26 -10.95 18.36
C HIS A 147 7.27 -10.93 19.88
N LEU A 148 6.12 -11.22 20.48
CA LEU A 148 6.00 -11.23 21.93
C LEU A 148 6.80 -12.39 22.53
N ARG A 149 6.82 -13.52 21.84
CA ARG A 149 7.55 -14.70 22.30
C ARG A 149 9.05 -14.50 22.14
N ASP A 150 9.45 -13.91 21.01
CA ASP A 150 10.86 -13.67 20.73
C ASP A 150 11.03 -12.49 19.78
N LYS A 151 12.03 -11.66 20.05
CA LYS A 151 12.30 -10.50 19.21
C LYS A 151 13.11 -10.89 17.97
N GLU A 152 13.91 -11.94 18.10
CA GLU A 152 14.73 -12.42 16.99
C GLU A 152 13.94 -13.38 16.11
N ASP A 153 13.48 -14.48 16.71
CA ASP A 153 12.71 -15.47 15.98
C ASP A 153 11.70 -14.81 15.05
N PHE A 154 11.18 -13.66 15.47
CA PHE A 154 10.20 -12.93 14.68
C PHE A 154 10.74 -12.65 13.27
N ARG A 155 11.91 -12.04 13.20
CA ARG A 155 12.54 -11.72 11.93
C ARG A 155 13.06 -12.98 11.24
N ASN A 156 13.71 -13.84 12.02
CA ASN A 156 14.26 -15.08 11.49
C ASN A 156 13.31 -15.70 10.46
N LYS A 157 12.04 -15.82 10.83
CA LYS A 157 11.03 -16.39 9.95
C LYS A 157 10.72 -15.44 8.80
N VAL A 158 10.61 -14.16 9.11
CA VAL A 158 10.32 -13.14 8.09
C VAL A 158 11.27 -13.28 6.90
N ASP A 159 12.54 -13.54 7.18
CA ASP A 159 13.54 -13.68 6.14
C ASP A 159 13.12 -14.73 5.11
N ASP A 160 12.63 -15.87 5.61
CA ASP A 160 12.19 -16.95 4.74
C ASP A 160 10.96 -16.53 3.94
N TYR A 161 9.90 -16.14 4.65
CA TYR A 161 8.67 -15.72 4.01
C TYR A 161 8.95 -14.87 2.78
N ILE A 162 10.07 -14.14 2.81
CA ILE A 162 10.45 -13.29 1.70
C ILE A 162 11.05 -14.11 0.55
N LYS A 163 12.17 -14.77 0.82
CA LYS A 163 12.83 -15.59 -0.18
C LYS A 163 11.87 -16.61 -0.77
N ARG A 164 10.79 -16.88 -0.05
CA ARG A 164 9.78 -17.84 -0.50
C ARG A 164 9.16 -17.40 -1.82
N TYR A 165 8.48 -16.27 -1.80
CA TYR A 165 7.83 -15.73 -3.00
C TYR A 165 8.34 -14.32 -3.30
N ALA A 166 9.54 -14.01 -2.82
CA ALA A 166 10.13 -12.69 -3.04
C ALA A 166 11.65 -12.76 -2.95
N ARG A 167 12.31 -12.28 -4.00
CA ARG A 167 13.77 -12.29 -4.04
C ARG A 167 14.31 -11.05 -4.75
N SER A 168 15.17 -10.30 -4.07
CA SER A 168 15.75 -9.09 -4.64
C SER A 168 17.07 -9.39 -5.34
N GLY A 169 17.99 -10.01 -4.61
CA GLY A 169 19.29 -10.34 -5.17
C GLY A 169 20.43 -9.92 -4.28
N PRO A 170 21.67 -10.11 -4.77
CA PRO A 170 22.89 -9.75 -4.02
C PRO A 170 23.06 -8.24 -3.89
N SER A 171 23.02 -7.75 -2.65
CA SER A 171 23.17 -6.33 -2.40
C SER A 171 24.62 -5.99 -2.07
N SER A 172 25.36 -5.50 -3.07
CA SER A 172 26.75 -5.14 -2.90
C SER A 172 27.46 -6.14 -1.99
N GLY A 173 27.18 -7.42 -2.21
CA GLY A 173 27.80 -8.46 -1.40
C GLY A 173 28.30 -9.63 -2.24
N GLY A 1 -21.46 11.45 10.25
CA GLY A 1 -22.38 11.71 9.16
C GLY A 1 -23.36 12.81 9.48
N SER A 2 -23.29 13.89 8.70
CA SER A 2 -24.18 15.04 8.90
C SER A 2 -24.55 15.69 7.57
N SER A 3 -25.60 16.50 7.60
CA SER A 3 -26.06 17.18 6.39
C SER A 3 -25.08 18.29 5.98
N GLY A 4 -24.42 18.08 4.84
CA GLY A 4 -23.46 19.07 4.36
C GLY A 4 -23.39 19.10 2.85
N SER A 5 -22.67 18.13 2.26
CA SER A 5 -22.52 18.05 0.83
C SER A 5 -22.58 16.61 0.34
N SER A 6 -23.61 16.30 -0.45
CA SER A 6 -23.78 14.95 -0.98
C SER A 6 -23.75 14.95 -2.50
N GLY A 7 -23.13 13.91 -3.07
CA GLY A 7 -23.04 13.83 -4.51
C GLY A 7 -21.62 13.61 -4.99
N SER A 8 -21.12 12.39 -4.84
CA SER A 8 -19.77 12.06 -5.25
C SER A 8 -19.76 11.43 -6.65
N THR A 9 -20.50 12.05 -7.57
CA THR A 9 -20.58 11.57 -8.93
C THR A 9 -19.47 12.17 -9.80
N ARG A 10 -18.36 11.46 -9.91
CA ARG A 10 -17.23 11.92 -10.71
C ARG A 10 -16.85 10.89 -11.77
N ARG A 11 -16.23 11.36 -12.84
CA ARG A 11 -15.81 10.48 -13.93
C ARG A 11 -14.54 11.00 -14.59
N VAL A 12 -14.13 10.33 -15.66
CA VAL A 12 -12.93 10.72 -16.40
C VAL A 12 -12.68 12.22 -16.28
N SER A 13 -13.72 13.01 -16.53
CA SER A 13 -13.62 14.46 -16.47
C SER A 13 -12.66 14.89 -15.37
N VAL A 14 -12.96 14.48 -14.13
CA VAL A 14 -12.12 14.82 -12.99
C VAL A 14 -11.12 13.72 -12.70
N ARG A 15 -11.51 12.47 -12.98
CA ARG A 15 -10.64 11.33 -12.75
C ARG A 15 -9.36 11.44 -13.58
N ASP A 16 -9.51 11.44 -14.90
CA ASP A 16 -8.37 11.55 -15.80
C ASP A 16 -7.39 12.59 -15.31
N LYS A 17 -7.88 13.81 -15.10
CA LYS A 17 -7.03 14.90 -14.64
C LYS A 17 -6.53 14.64 -13.22
N LEU A 18 -7.36 13.95 -12.43
CA LEU A 18 -7.00 13.63 -11.05
C LEU A 18 -5.88 12.60 -11.00
N LEU A 19 -5.78 11.79 -12.06
CA LEU A 19 -4.75 10.77 -12.14
C LEU A 19 -3.44 11.34 -12.69
N VAL A 20 -3.53 11.96 -13.85
CA VAL A 20 -2.35 12.56 -14.49
C VAL A 20 -1.71 13.60 -13.57
N LYS A 21 -2.53 14.49 -13.03
CA LYS A 21 -2.04 15.54 -12.13
C LYS A 21 -1.38 14.93 -10.90
N GLU A 22 -2.02 13.94 -10.31
CA GLU A 22 -1.49 13.28 -9.12
C GLU A 22 -0.35 12.34 -9.49
N VAL A 23 -0.69 11.26 -10.21
CA VAL A 23 0.30 10.28 -10.63
C VAL A 23 1.63 10.96 -10.95
N ALA A 24 1.57 12.12 -11.59
CA ALA A 24 2.77 12.86 -11.96
C ALA A 24 3.59 13.22 -10.72
N GLU A 25 3.03 14.08 -9.87
CA GLU A 25 3.71 14.51 -8.65
C GLU A 25 4.06 13.30 -7.79
N LEU A 26 3.21 12.28 -7.81
CA LEU A 26 3.43 11.08 -7.02
C LEU A 26 4.74 10.41 -7.41
N GLU A 27 5.01 10.33 -8.70
CA GLU A 27 6.23 9.72 -9.20
C GLU A 27 7.46 10.53 -8.78
N ALA A 28 7.27 11.83 -8.61
CA ALA A 28 8.36 12.72 -8.20
C ALA A 28 8.49 12.76 -6.69
N ASN A 29 7.38 12.50 -6.00
CA ASN A 29 7.37 12.52 -4.53
C ASN A 29 7.77 11.16 -3.97
N LEU A 30 7.45 10.10 -4.71
CA LEU A 30 7.77 8.75 -4.28
C LEU A 30 9.17 8.69 -3.68
N PRO A 31 9.28 8.06 -2.50
CA PRO A 31 10.55 7.92 -1.78
C PRO A 31 11.50 6.96 -2.49
N CYS A 32 12.72 6.86 -1.98
CA CYS A 32 13.73 5.97 -2.55
C CYS A 32 13.56 4.55 -2.05
N THR A 33 12.32 4.16 -1.79
CA THR A 33 12.03 2.81 -1.30
C THR A 33 10.97 2.13 -2.16
N CYS A 34 10.07 2.92 -2.73
CA CYS A 34 9.02 2.38 -3.58
C CYS A 34 9.26 2.74 -5.04
N LYS A 35 8.84 1.85 -5.94
CA LYS A 35 9.01 2.08 -7.37
C LYS A 35 7.74 1.73 -8.13
N VAL A 36 7.12 2.74 -8.74
CA VAL A 36 5.90 2.54 -9.50
C VAL A 36 6.21 2.24 -10.97
N HIS A 37 5.41 1.35 -11.56
CA HIS A 37 5.60 0.97 -12.95
C HIS A 37 4.26 0.91 -13.69
N PHE A 38 4.15 1.68 -14.77
CA PHE A 38 2.92 1.72 -15.55
C PHE A 38 3.05 0.84 -16.80
N PRO A 39 2.50 -0.38 -16.74
CA PRO A 39 2.55 -1.33 -17.85
C PRO A 39 1.66 -0.88 -19.03
N ASP A 40 0.79 0.09 -18.77
CA ASP A 40 -0.11 0.59 -19.79
C ASP A 40 -0.56 2.01 -19.46
N PRO A 41 -0.18 2.97 -20.33
CA PRO A 41 -0.53 4.38 -20.15
C PRO A 41 -2.03 4.63 -20.37
N ASN A 42 -2.61 3.91 -21.30
CA ASN A 42 -4.03 4.06 -21.61
C ASN A 42 -4.85 4.15 -20.33
N LYS A 43 -4.49 3.35 -19.33
CA LYS A 43 -5.20 3.35 -18.06
C LYS A 43 -4.31 3.92 -16.95
N LEU A 44 -4.77 5.01 -16.34
CA LEU A 44 -4.02 5.66 -15.27
C LEU A 44 -4.48 5.13 -13.91
N HIS A 45 -5.78 5.09 -13.70
CA HIS A 45 -6.34 4.62 -12.44
C HIS A 45 -5.65 3.32 -12.00
N CYS A 46 -5.56 2.37 -12.92
CA CYS A 46 -4.92 1.09 -12.62
C CYS A 46 -3.44 1.11 -12.97
N PHE A 47 -2.60 1.00 -11.94
CA PHE A 47 -1.16 1.02 -12.14
C PHE A 47 -0.46 0.07 -11.17
N GLN A 48 0.82 -0.17 -11.40
CA GLN A 48 1.60 -1.06 -10.55
C GLN A 48 2.46 -0.27 -9.56
N LEU A 49 2.53 -0.76 -8.33
CA LEU A 49 3.32 -0.09 -7.29
C LEU A 49 4.13 -1.12 -6.49
N THR A 50 5.46 -1.00 -6.57
CA THR A 50 6.35 -1.90 -5.86
C THR A 50 6.91 -1.24 -4.60
N VAL A 51 6.47 -1.71 -3.44
CA VAL A 51 6.94 -1.15 -2.16
C VAL A 51 8.06 -2.01 -1.58
N THR A 52 9.22 -1.41 -1.40
CA THR A 52 10.38 -2.12 -0.84
C THR A 52 11.07 -1.27 0.21
N PRO A 53 10.73 -1.52 1.49
CA PRO A 53 11.32 -0.79 2.62
C PRO A 53 12.78 -1.16 2.84
N ASP A 54 13.67 -0.18 2.68
CA ASP A 54 15.10 -0.40 2.87
C ASP A 54 15.47 -0.29 4.34
N GLU A 55 14.52 -0.59 5.22
CA GLU A 55 14.75 -0.52 6.66
C GLU A 55 13.93 -1.56 7.39
N GLY A 56 14.08 -1.61 8.72
CA GLY A 56 13.34 -2.56 9.51
C GLY A 56 13.73 -4.00 9.21
N TYR A 57 12.77 -4.91 9.30
CA TYR A 57 13.03 -6.33 9.03
C TYR A 57 13.07 -6.60 7.53
N TYR A 58 12.07 -6.08 6.82
CA TYR A 58 11.99 -6.28 5.38
C TYR A 58 12.85 -5.25 4.64
N GLN A 59 14.09 -5.10 5.09
CA GLN A 59 15.02 -4.15 4.48
C GLN A 59 15.22 -4.46 3.00
N GLY A 60 15.16 -5.75 2.67
CA GLY A 60 15.33 -6.15 1.28
C GLY A 60 14.20 -7.03 0.79
N GLY A 61 12.96 -6.61 1.06
CA GLY A 61 11.81 -7.38 0.63
C GLY A 61 10.94 -6.62 -0.35
N LYS A 62 10.92 -7.09 -1.59
CA LYS A 62 10.13 -6.45 -2.64
C LYS A 62 8.69 -6.95 -2.60
N PHE A 63 7.75 -6.00 -2.50
CA PHE A 63 6.33 -6.35 -2.46
C PHE A 63 5.55 -5.52 -3.48
N GLN A 64 4.72 -6.21 -4.27
CA GLN A 64 3.91 -5.55 -5.28
C GLN A 64 2.55 -5.15 -4.73
N PHE A 65 1.93 -4.16 -5.35
CA PHE A 65 0.63 -3.67 -4.92
C PHE A 65 -0.20 -3.18 -6.10
N GLU A 66 -1.41 -3.73 -6.25
CA GLU A 66 -2.29 -3.35 -7.34
C GLU A 66 -3.35 -2.36 -6.86
N THR A 67 -3.18 -1.09 -7.21
CA THR A 67 -4.12 -0.05 -6.82
C THR A 67 -5.24 0.09 -7.84
N GLU A 68 -6.40 0.56 -7.38
CA GLU A 68 -7.56 0.74 -8.25
C GLU A 68 -8.36 1.97 -7.84
N VAL A 69 -8.26 3.03 -8.64
CA VAL A 69 -8.98 4.27 -8.36
C VAL A 69 -10.34 4.28 -9.05
N PRO A 70 -11.42 4.25 -8.25
CA PRO A 70 -12.79 4.26 -8.76
C PRO A 70 -13.17 5.60 -9.38
N ASP A 71 -14.43 5.73 -9.75
CA ASP A 71 -14.93 6.97 -10.36
C ASP A 71 -15.04 8.08 -9.31
N ALA A 72 -15.62 7.75 -8.16
CA ALA A 72 -15.78 8.72 -7.09
C ALA A 72 -14.53 9.57 -6.91
N TYR A 73 -13.37 8.92 -6.98
CA TYR A 73 -12.10 9.62 -6.83
C TYR A 73 -12.17 11.02 -7.42
N ASN A 74 -11.54 11.98 -6.74
CA ASN A 74 -10.83 11.69 -5.49
C ASN A 74 -11.78 11.74 -4.29
N MET A 75 -13.01 11.30 -4.51
CA MET A 75 -14.01 11.28 -3.45
C MET A 75 -13.80 10.12 -2.50
N VAL A 76 -13.51 8.94 -3.07
CA VAL A 76 -13.27 7.75 -2.27
C VAL A 76 -11.85 7.23 -2.46
N PRO A 77 -11.32 6.55 -1.42
CA PRO A 77 -9.97 6.00 -1.45
C PRO A 77 -9.84 4.83 -2.41
N PRO A 78 -8.71 4.78 -3.14
CA PRO A 78 -8.45 3.71 -4.10
C PRO A 78 -8.18 2.37 -3.43
N LYS A 79 -8.86 1.33 -3.91
CA LYS A 79 -8.70 -0.01 -3.35
C LYS A 79 -7.42 -0.67 -3.87
N VAL A 80 -6.48 -0.94 -2.98
CA VAL A 80 -5.22 -1.56 -3.34
C VAL A 80 -4.99 -2.84 -2.54
N LYS A 81 -4.73 -3.94 -3.24
CA LYS A 81 -4.47 -5.22 -2.59
C LYS A 81 -3.03 -5.66 -2.79
N CYS A 82 -2.53 -6.47 -1.87
CA CYS A 82 -1.16 -6.97 -1.95
C CYS A 82 -1.09 -8.23 -2.80
N LEU A 83 0.01 -8.39 -3.53
CA LEU A 83 0.19 -9.55 -4.39
C LEU A 83 1.27 -10.48 -3.83
N THR A 84 2.34 -9.88 -3.30
CA THR A 84 3.43 -10.65 -2.73
C THR A 84 3.07 -11.21 -1.36
N LYS A 85 3.68 -12.33 -0.99
CA LYS A 85 3.41 -12.97 0.29
C LYS A 85 4.42 -12.50 1.34
N ILE A 86 3.91 -11.93 2.43
CA ILE A 86 4.75 -11.45 3.52
C ILE A 86 4.19 -11.86 4.87
N TRP A 87 5.09 -12.09 5.83
CA TRP A 87 4.69 -12.50 7.17
C TRP A 87 4.29 -11.28 8.00
N HIS A 88 3.60 -10.33 7.37
CA HIS A 88 3.17 -9.12 8.05
C HIS A 88 1.85 -9.37 8.79
N PRO A 89 1.75 -8.84 10.02
CA PRO A 89 0.56 -8.99 10.85
C PRO A 89 -0.62 -8.19 10.32
N ASN A 90 -0.38 -7.39 9.29
CA ASN A 90 -1.42 -6.57 8.68
C ASN A 90 -1.71 -7.04 7.26
N ILE A 91 -0.66 -7.24 6.48
CA ILE A 91 -0.79 -7.68 5.09
C ILE A 91 -0.85 -9.21 5.01
N THR A 92 -2.03 -9.76 5.28
CA THR A 92 -2.22 -11.21 5.24
C THR A 92 -1.63 -11.79 3.96
N GLU A 93 -0.97 -12.94 4.10
CA GLU A 93 -0.35 -13.62 2.97
C GLU A 93 -1.23 -13.51 1.73
N THR A 94 -2.51 -13.82 1.89
CA THR A 94 -3.46 -13.76 0.79
C THR A 94 -3.30 -12.46 -0.01
N GLY A 95 -3.63 -11.34 0.62
CA GLY A 95 -3.52 -10.06 -0.03
C GLY A 95 -4.51 -9.03 0.50
N GLU A 96 -4.53 -8.87 1.82
CA GLU A 96 -5.44 -7.92 2.45
C GLU A 96 -4.66 -6.87 3.25
N ILE A 97 -4.94 -5.61 2.97
CA ILE A 97 -4.28 -4.51 3.66
C ILE A 97 -5.27 -3.69 4.49
N CYS A 98 -4.82 -3.24 5.65
CA CYS A 98 -5.67 -2.45 6.54
C CYS A 98 -5.03 -1.09 6.83
N LEU A 99 -5.27 -0.13 5.96
CA LEU A 99 -4.71 1.21 6.12
C LEU A 99 -5.80 2.20 6.54
N SER A 100 -5.59 2.85 7.69
CA SER A 100 -6.54 3.82 8.21
C SER A 100 -6.91 4.84 7.13
N LEU A 101 -5.92 5.57 6.65
CA LEU A 101 -6.14 6.58 5.62
C LEU A 101 -6.90 6.00 4.44
N LEU A 102 -6.78 4.68 4.25
CA LEU A 102 -7.46 4.01 3.16
C LEU A 102 -8.79 3.42 3.63
N ARG A 103 -9.46 4.11 4.53
CA ARG A 103 -10.74 3.67 5.07
C ARG A 103 -11.85 4.62 4.65
N GLU A 104 -12.98 4.05 4.23
CA GLU A 104 -14.13 4.84 3.81
C GLU A 104 -14.90 5.37 5.01
N HIS A 105 -15.07 4.52 6.02
CA HIS A 105 -15.79 4.91 7.23
C HIS A 105 -15.50 6.36 7.59
N SER A 106 -14.23 6.65 7.89
CA SER A 106 -13.82 8.01 8.25
C SER A 106 -13.54 8.85 7.01
N ILE A 107 -14.02 10.09 7.03
CA ILE A 107 -13.82 11.00 5.90
C ILE A 107 -13.01 12.22 6.32
N ASP A 108 -13.28 12.71 7.53
CA ASP A 108 -12.58 13.88 8.05
C ASP A 108 -11.81 13.53 9.33
N GLY A 109 -10.50 13.37 9.19
CA GLY A 109 -9.67 13.03 10.34
C GLY A 109 -8.51 12.14 9.96
N THR A 110 -8.67 10.84 10.19
CA THR A 110 -7.62 9.87 9.88
C THR A 110 -7.96 9.08 8.63
N GLY A 111 -9.24 8.80 8.44
CA GLY A 111 -9.67 8.04 7.27
C GLY A 111 -9.28 8.71 5.97
N TRP A 112 -10.03 8.42 4.91
CA TRP A 112 -9.76 9.00 3.61
C TRP A 112 -10.33 10.41 3.50
N ALA A 113 -9.95 11.12 2.45
CA ALA A 113 -10.43 12.49 2.23
C ALA A 113 -10.02 13.00 0.86
N PRO A 114 -10.75 14.00 0.34
CA PRO A 114 -10.48 14.60 -0.96
C PRO A 114 -9.19 15.43 -0.96
N THR A 115 -8.49 15.41 0.17
CA THR A 115 -7.25 16.16 0.29
C THR A 115 -6.04 15.29 -0.07
N ARG A 116 -6.04 14.07 0.44
CA ARG A 116 -4.95 13.13 0.16
C ARG A 116 -5.06 12.55 -1.23
N THR A 117 -3.99 11.91 -1.70
CA THR A 117 -3.98 11.31 -3.03
C THR A 117 -3.10 10.06 -3.05
N LEU A 118 -2.94 9.48 -4.24
CA LEU A 118 -2.12 8.29 -4.39
C LEU A 118 -0.72 8.51 -3.84
N LYS A 119 -0.38 9.76 -3.58
CA LYS A 119 0.94 10.10 -3.04
C LYS A 119 1.00 9.84 -1.54
N ASP A 120 -0.15 9.95 -0.88
CA ASP A 120 -0.24 9.72 0.56
C ASP A 120 -0.52 8.25 0.85
N VAL A 121 -1.28 7.61 -0.02
CA VAL A 121 -1.63 6.20 0.15
C VAL A 121 -0.38 5.32 0.07
N VAL A 122 0.50 5.64 -0.88
CA VAL A 122 1.73 4.88 -1.06
C VAL A 122 2.71 5.13 0.08
N TRP A 123 2.70 6.35 0.61
CA TRP A 123 3.58 6.71 1.71
C TRP A 123 3.43 5.74 2.88
N GLY A 124 2.19 5.53 3.31
CA GLY A 124 1.93 4.63 4.41
C GLY A 124 2.32 3.20 4.09
N LEU A 125 2.12 2.79 2.84
CA LEU A 125 2.44 1.45 2.41
C LEU A 125 3.92 1.16 2.59
N ASN A 126 4.75 2.18 2.39
CA ASN A 126 6.20 2.04 2.54
C ASN A 126 6.59 1.93 4.01
N SER A 127 5.83 2.61 4.87
CA SER A 127 6.10 2.59 6.30
C SER A 127 5.37 1.43 6.97
N LEU A 128 4.48 0.79 6.24
CA LEU A 128 3.71 -0.34 6.75
C LEU A 128 4.64 -1.40 7.36
N PHE A 129 5.92 -1.30 7.04
CA PHE A 129 6.91 -2.25 7.55
C PHE A 129 8.02 -1.52 8.29
N THR A 130 7.66 -0.46 9.01
CA THR A 130 8.62 0.33 9.77
C THR A 130 8.15 0.56 11.19
N ASP A 131 7.21 1.49 11.34
CA ASP A 131 6.67 1.81 12.66
C ASP A 131 5.15 1.67 12.67
N LEU A 132 4.59 1.24 11.55
CA LEU A 132 3.16 1.06 11.43
C LEU A 132 2.72 -0.25 12.08
N LEU A 133 3.50 -1.30 11.88
CA LEU A 133 3.19 -2.61 12.46
C LEU A 133 2.42 -2.46 13.77
N ASN A 134 1.13 -2.76 13.73
CA ASN A 134 0.28 -2.66 14.90
C ASN A 134 0.23 -3.99 15.65
N PHE A 135 1.16 -4.19 16.57
CA PHE A 135 1.22 -5.42 17.35
C PHE A 135 0.22 -5.39 18.49
N ASP A 136 -0.97 -4.88 18.21
CA ASP A 136 -2.03 -4.79 19.22
C ASP A 136 -3.36 -5.25 18.64
N ASP A 137 -3.52 -6.56 18.47
CA ASP A 137 -4.74 -7.12 17.94
C ASP A 137 -4.86 -6.85 16.44
N PRO A 138 -3.78 -7.13 15.70
CA PRO A 138 -3.73 -6.92 14.24
C PRO A 138 -4.61 -7.91 13.49
N LEU A 139 -4.50 -7.91 12.17
CA LEU A 139 -5.29 -8.80 11.33
C LEU A 139 -4.88 -10.25 11.54
N ASN A 140 -3.57 -10.48 11.64
CA ASN A 140 -3.05 -11.82 11.85
C ASN A 140 -2.50 -11.99 13.26
N ILE A 141 -3.22 -12.76 14.07
CA ILE A 141 -2.82 -13.01 15.45
C ILE A 141 -1.45 -13.67 15.51
N GLU A 142 -1.31 -14.82 14.84
CA GLU A 142 -0.05 -15.54 14.83
C GLU A 142 1.13 -14.58 14.77
N ALA A 143 1.25 -13.86 13.66
CA ALA A 143 2.34 -12.90 13.49
C ALA A 143 2.62 -12.15 14.78
N ALA A 144 1.55 -11.75 15.48
CA ALA A 144 1.69 -11.03 16.73
C ALA A 144 2.34 -11.90 17.80
N GLU A 145 1.72 -13.04 18.07
CA GLU A 145 2.23 -13.97 19.07
C GLU A 145 3.71 -14.26 18.84
N HIS A 146 4.09 -14.40 17.58
CA HIS A 146 5.47 -14.70 17.22
C HIS A 146 6.38 -13.55 17.64
N HIS A 147 5.81 -12.36 17.81
CA HIS A 147 6.57 -11.19 18.21
C HIS A 147 6.74 -11.14 19.72
N LEU A 148 5.74 -11.63 20.45
CA LEU A 148 5.77 -11.65 21.91
C LEU A 148 6.61 -12.82 22.42
N ARG A 149 6.31 -14.02 21.93
CA ARG A 149 7.04 -15.21 22.34
C ARG A 149 8.55 -15.00 22.18
N ASP A 150 8.94 -14.38 21.07
CA ASP A 150 10.35 -14.12 20.79
C ASP A 150 10.51 -12.94 19.85
N LYS A 151 11.12 -11.87 20.33
CA LYS A 151 11.35 -10.68 19.53
C LYS A 151 12.30 -10.97 18.37
N GLU A 152 13.29 -11.82 18.63
CA GLU A 152 14.28 -12.17 17.61
C GLU A 152 13.66 -13.12 16.58
N ASP A 153 13.06 -14.21 17.06
CA ASP A 153 12.45 -15.19 16.18
C ASP A 153 11.58 -14.51 15.13
N PHE A 154 10.97 -13.39 15.51
CA PHE A 154 10.11 -12.64 14.60
C PHE A 154 10.86 -12.29 13.31
N ARG A 155 11.99 -11.61 13.46
CA ARG A 155 12.80 -11.21 12.32
C ARG A 155 13.41 -12.43 11.63
N ASN A 156 13.89 -13.37 12.43
CA ASN A 156 14.50 -14.59 11.90
C ASN A 156 13.68 -15.14 10.73
N LYS A 157 12.37 -15.23 10.93
CA LYS A 157 11.48 -15.74 9.88
C LYS A 157 11.35 -14.75 8.74
N VAL A 158 11.12 -13.48 9.08
CA VAL A 158 10.97 -12.44 8.08
C VAL A 158 12.01 -12.59 6.98
N ASP A 159 13.24 -12.89 7.38
CA ASP A 159 14.35 -13.06 6.43
C ASP A 159 14.00 -14.12 5.38
N ASP A 160 13.34 -15.18 5.83
CA ASP A 160 12.94 -16.26 4.93
C ASP A 160 11.71 -15.88 4.12
N TYR A 161 10.59 -15.69 4.81
CA TYR A 161 9.34 -15.32 4.16
C TYR A 161 9.60 -14.42 2.96
N ILE A 162 10.64 -13.59 3.05
CA ILE A 162 10.99 -12.68 1.97
C ILE A 162 11.61 -13.44 0.80
N LYS A 163 12.84 -13.91 0.98
CA LYS A 163 13.55 -14.64 -0.05
C LYS A 163 12.65 -15.72 -0.66
N ARG A 164 11.80 -16.31 0.18
CA ARG A 164 10.89 -17.36 -0.26
C ARG A 164 10.24 -16.98 -1.60
N TYR A 165 9.46 -15.92 -1.59
CA TYR A 165 8.77 -15.46 -2.79
C TYR A 165 8.96 -13.96 -2.98
N ALA A 166 10.10 -13.45 -2.53
CA ALA A 166 10.40 -12.02 -2.65
C ALA A 166 11.89 -11.76 -2.46
N ARG A 167 12.49 -11.07 -3.43
CA ARG A 167 13.91 -10.76 -3.39
C ARG A 167 14.17 -9.34 -3.89
N SER A 168 15.08 -8.63 -3.21
CA SER A 168 15.42 -7.27 -3.59
C SER A 168 16.88 -7.17 -4.02
N GLY A 169 17.14 -7.53 -5.28
CA GLY A 169 18.50 -7.47 -5.80
C GLY A 169 19.49 -8.17 -4.89
N PRO A 170 20.78 -8.12 -5.26
CA PRO A 170 21.86 -8.74 -4.48
C PRO A 170 22.11 -8.03 -3.17
N SER A 171 22.20 -8.80 -2.08
CA SER A 171 22.44 -8.23 -0.76
C SER A 171 23.92 -8.25 -0.42
N SER A 172 24.49 -9.46 -0.37
CA SER A 172 25.90 -9.61 -0.05
C SER A 172 26.58 -10.56 -1.04
N GLY A 173 27.90 -10.47 -1.13
CA GLY A 173 28.64 -11.33 -2.04
C GLY A 173 29.86 -11.95 -1.38
#